data_6YP5
#
_entry.id   6YP5
#
_entity_poly.entity_id   1
_entity_poly.type   'polypeptide(L)'
_entity_poly.pdbx_seq_one_letter_code
;GSGSGSGSTNDNITARLDRIDEKLSEILGMLHTLVVASAGPTSAR
;
_entity_poly.pdbx_strand_id   A,B,C,D
#
# COMPACT_ATOMS: atom_id res chain seq x y z
N GLY A 7 -4.49 -22.27 -19.01
CA GLY A 7 -3.83 -21.86 -20.27
C GLY A 7 -3.31 -20.44 -20.21
N SER A 8 -3.82 -19.59 -21.08
CA SER A 8 -3.40 -18.21 -21.14
C SER A 8 -4.07 -17.38 -20.04
N THR A 9 -3.49 -17.42 -18.85
CA THR A 9 -3.97 -16.63 -17.72
C THR A 9 -3.28 -15.28 -17.70
N ASN A 10 -2.46 -15.06 -18.70
CA ASN A 10 -1.61 -13.89 -18.77
C ASN A 10 -2.41 -12.59 -18.83
N ASP A 11 -3.55 -12.61 -19.52
CA ASP A 11 -4.43 -11.44 -19.53
C ASP A 11 -5.18 -11.34 -18.22
N ASN A 12 -5.37 -12.47 -17.56
CA ASN A 12 -6.02 -12.52 -16.27
C ASN A 12 -5.17 -11.76 -15.24
N ILE A 13 -3.85 -11.96 -15.28
CA ILE A 13 -2.94 -11.20 -14.41
C ILE A 13 -3.12 -9.71 -14.63
N THR A 14 -2.97 -9.29 -15.88
CA THR A 14 -3.13 -7.88 -16.26
C THR A 14 -4.47 -7.32 -15.81
N ALA A 15 -5.43 -8.21 -15.63
CA ALA A 15 -6.77 -7.85 -15.31
C ALA A 15 -6.95 -7.63 -13.80
N ARG A 16 -6.20 -8.39 -12.99
CA ARG A 16 -6.28 -8.25 -11.54
C ARG A 16 -5.22 -7.31 -11.01
N LEU A 17 -4.14 -7.17 -11.76
CA LEU A 17 -3.10 -6.22 -11.42
C LEU A 17 -3.61 -4.83 -11.69
N ASP A 18 -4.57 -4.73 -12.60
CA ASP A 18 -5.17 -3.45 -12.93
C ASP A 18 -6.07 -3.06 -11.79
N ARG A 19 -6.42 -4.07 -11.01
CA ARG A 19 -7.27 -3.92 -9.85
C ARG A 19 -6.41 -3.52 -8.67
N ILE A 20 -5.24 -4.13 -8.56
CA ILE A 20 -4.27 -3.78 -7.54
C ILE A 20 -3.86 -2.32 -7.66
N ASP A 21 -3.63 -1.87 -8.89
CA ASP A 21 -3.33 -0.46 -9.15
C ASP A 21 -4.52 0.41 -8.76
N GLU A 22 -5.72 -0.06 -9.07
CA GLU A 22 -6.94 0.61 -8.64
C GLU A 22 -7.00 0.72 -7.12
N LYS A 23 -6.47 -0.28 -6.44
CA LYS A 23 -6.47 -0.32 -4.99
C LYS A 23 -5.51 0.70 -4.40
N LEU A 24 -4.29 0.74 -4.92
CA LEU A 24 -3.30 1.70 -4.44
C LEU A 24 -3.68 3.11 -4.81
N SER A 25 -4.49 3.26 -5.85
CA SER A 25 -5.05 4.56 -6.19
C SER A 25 -5.91 5.07 -5.04
N GLU A 26 -6.38 4.16 -4.19
CA GLU A 26 -7.09 4.52 -2.99
C GLU A 26 -6.10 4.81 -1.88
N ILE A 27 -5.16 3.88 -1.74
CA ILE A 27 -4.17 3.94 -0.69
C ILE A 27 -3.36 5.22 -0.82
N LEU A 28 -2.78 5.40 -2.00
CA LEU A 28 -1.98 6.57 -2.33
C LEU A 28 -2.66 7.86 -1.88
N GLY A 29 -3.92 8.01 -2.27
CA GLY A 29 -4.64 9.22 -1.97
C GLY A 29 -5.01 9.30 -0.51
N MET A 30 -5.15 8.15 0.12
CA MET A 30 -5.51 8.08 1.51
C MET A 30 -4.32 8.35 2.41
N LEU A 31 -3.12 7.97 1.99
CA LEU A 31 -1.94 8.30 2.77
C LEU A 31 -1.58 9.73 2.50
N HIS A 32 -1.82 10.18 1.28
CA HIS A 32 -1.69 11.59 0.95
C HIS A 32 -2.50 12.37 1.95
N THR A 33 -3.68 11.83 2.20
CA THR A 33 -4.60 12.39 3.16
C THR A 33 -4.03 12.28 4.59
N LEU A 34 -3.38 11.17 4.86
CA LEU A 34 -2.78 10.91 6.16
C LEU A 34 -1.54 11.77 6.35
N VAL A 35 -0.66 11.81 5.37
CA VAL A 35 0.47 12.72 5.37
C VAL A 35 0.03 14.16 5.57
N VAL A 36 -1.20 14.47 5.17
CA VAL A 36 -1.76 15.80 5.43
C VAL A 36 -2.24 15.91 6.87
N ALA A 37 -3.05 14.95 7.30
CA ALA A 37 -3.60 14.96 8.64
C ALA A 37 -2.51 14.77 9.69
N SER A 38 -1.67 13.78 9.48
CA SER A 38 -0.55 13.49 10.37
C SER A 38 0.49 14.60 10.32
N ALA A 39 0.45 15.43 9.27
CA ALA A 39 1.34 16.58 9.17
C ALA A 39 1.03 17.59 10.26
N GLY A 40 -0.13 17.45 10.88
CA GLY A 40 -0.51 18.35 11.95
C GLY A 40 -1.86 18.97 11.73
N PRO A 41 -2.94 18.37 12.28
CA PRO A 41 -4.29 18.88 12.10
C PRO A 41 -4.71 19.86 13.19
N THR A 42 -4.13 19.70 14.38
CA THR A 42 -4.53 20.51 15.52
C THR A 42 -3.31 21.08 16.24
N SER A 43 -2.13 20.73 15.74
CA SER A 43 -0.88 21.15 16.33
C SER A 43 0.27 20.69 15.43
N ALA A 44 1.51 20.90 15.89
CA ALA A 44 2.72 20.48 15.16
C ALA A 44 2.93 21.29 13.89
N ARG A 45 4.02 21.00 13.19
CA ARG A 45 4.36 21.72 11.97
C ARG A 45 4.86 20.74 10.90
N GLY B 7 8.79 -22.98 -16.51
CA GLY B 7 7.77 -23.12 -17.57
C GLY B 7 6.60 -22.19 -17.37
N SER B 8 5.41 -22.76 -17.23
CA SER B 8 4.20 -21.96 -17.05
C SER B 8 4.09 -21.47 -15.60
N THR B 9 4.75 -20.35 -15.33
CA THR B 9 4.68 -19.73 -14.01
C THR B 9 3.55 -18.71 -13.99
N ASN B 10 2.84 -18.64 -15.08
CA ASN B 10 1.82 -17.64 -15.30
C ASN B 10 0.68 -17.75 -14.29
N ASP B 11 0.32 -18.98 -13.90
CA ASP B 11 -0.68 -19.17 -12.84
C ASP B 11 -0.08 -18.86 -11.48
N ASN B 12 1.22 -19.03 -11.39
CA ASN B 12 1.95 -18.73 -10.17
C ASN B 12 1.87 -17.23 -9.87
N ILE B 13 2.01 -16.40 -10.90
CA ILE B 13 1.84 -14.95 -10.75
C ILE B 13 0.46 -14.64 -10.19
N THR B 14 -0.56 -15.13 -10.89
CA THR B 14 -1.96 -14.94 -10.49
C THR B 14 -2.20 -15.40 -9.06
N ALA B 15 -1.35 -16.30 -8.61
CA ALA B 15 -1.50 -16.93 -7.31
C ALA B 15 -0.87 -16.08 -6.21
N ARG B 16 0.16 -15.31 -6.55
CA ARG B 16 0.82 -14.46 -5.55
C ARG B 16 0.34 -13.03 -5.66
N LEU B 17 -0.18 -12.68 -6.82
CA LEU B 17 -0.80 -11.38 -7.00
C LEU B 17 -2.13 -11.38 -6.29
N ASP B 18 -2.70 -12.57 -6.10
CA ASP B 18 -3.96 -12.69 -5.41
C ASP B 18 -3.70 -12.51 -3.94
N ARG B 19 -2.43 -12.66 -3.60
CA ARG B 19 -1.94 -12.50 -2.25
C ARG B 19 -1.65 -11.03 -1.99
N ILE B 20 -1.06 -10.38 -2.98
CA ILE B 20 -0.82 -8.95 -2.93
C ILE B 20 -2.13 -8.19 -2.75
N ASP B 21 -3.15 -8.59 -3.49
CA ASP B 21 -4.48 -8.00 -3.33
C ASP B 21 -5.03 -8.27 -1.94
N GLU B 22 -4.80 -9.48 -1.45
CA GLU B 22 -5.15 -9.83 -0.07
C GLU B 22 -4.44 -8.93 0.93
N LYS B 23 -3.23 -8.52 0.58
CA LYS B 23 -2.42 -7.67 1.44
C LYS B 23 -2.97 -6.25 1.49
N LEU B 24 -3.26 -5.68 0.33
CA LEU B 24 -3.82 -4.33 0.26
C LEU B 24 -5.23 -4.29 0.83
N SER B 25 -5.90 -5.43 0.84
CA SER B 25 -7.18 -5.53 1.51
C SER B 25 -7.02 -5.26 3.01
N GLU B 26 -5.79 -5.43 3.50
CA GLU B 26 -5.47 -5.06 4.87
C GLU B 26 -5.12 -3.60 4.93
N ILE B 27 -4.25 -3.20 4.02
CA ILE B 27 -3.74 -1.85 3.97
C ILE B 27 -4.89 -0.87 3.78
N LEU B 28 -5.67 -1.10 2.73
CA LEU B 28 -6.84 -0.29 2.40
C LEU B 28 -7.70 0.00 3.62
N GLY B 29 -8.03 -1.07 4.33
CA GLY B 29 -8.91 -0.95 5.48
C GLY B 29 -8.20 -0.29 6.65
N MET B 30 -6.90 -0.47 6.70
CA MET B 30 -6.10 0.09 7.77
C MET B 30 -5.84 1.57 7.57
N LEU B 31 -5.74 2.02 6.32
CA LEU B 31 -5.59 3.45 6.08
C LEU B 31 -6.94 4.08 6.18
N HIS B 32 -7.98 3.35 5.79
CA HIS B 32 -9.34 3.78 6.02
C HIS B 32 -9.48 4.11 7.49
N THR B 33 -8.91 3.22 8.28
CA THR B 33 -8.86 3.36 9.71
C THR B 33 -8.02 4.56 10.12
N LEU B 34 -6.93 4.77 9.41
CA LEU B 34 -6.03 5.88 9.67
C LEU B 34 -6.63 7.21 9.22
N VAL B 35 -7.18 7.23 8.02
CA VAL B 35 -7.95 8.38 7.55
C VAL B 35 -9.07 8.74 8.52
N VAL B 36 -9.56 7.75 9.28
CA VAL B 36 -10.55 8.01 10.32
C VAL B 36 -9.88 8.58 11.56
N ALA B 37 -8.86 7.90 12.04
CA ALA B 37 -8.14 8.32 13.24
C ALA B 37 -7.43 9.65 13.01
N SER B 38 -6.69 9.74 11.93
CA SER B 38 -5.97 10.95 11.57
C SER B 38 -6.92 12.08 11.20
N ALA B 39 -8.17 11.73 10.92
CA ALA B 39 -9.20 12.73 10.65
C ALA B 39 -9.49 13.56 11.90
N GLY B 40 -9.05 13.06 13.04
CA GLY B 40 -9.24 13.77 14.28
C GLY B 40 -9.90 12.91 15.34
N PRO B 41 -9.11 12.26 16.21
CA PRO B 41 -9.64 11.40 17.25
C PRO B 41 -9.89 12.12 18.57
N THR B 42 -9.12 13.18 18.82
CA THR B 42 -9.21 13.89 20.09
C THR B 42 -9.31 15.40 19.85
N SER B 43 -9.27 15.79 18.58
CA SER B 43 -9.30 17.20 18.21
C SER B 43 -9.38 17.30 16.69
N ALA B 44 -9.32 18.53 16.16
CA ALA B 44 -9.34 18.79 14.72
C ALA B 44 -10.70 18.48 14.10
N ARG B 45 -10.81 18.71 12.80
CA ARG B 45 -12.06 18.49 12.08
C ARG B 45 -11.79 17.82 10.74
N GLY C 7 10.91 -12.39 -24.59
CA GLY C 7 10.45 -13.81 -24.58
C GLY C 7 9.73 -14.15 -23.29
N SER C 8 10.27 -15.12 -22.56
CA SER C 8 9.67 -15.57 -21.32
C SER C 8 10.00 -14.60 -20.18
N THR C 9 9.23 -13.54 -20.07
CA THR C 9 9.39 -12.57 -19.00
C THR C 9 8.52 -12.96 -17.82
N ASN C 10 7.87 -14.09 -17.95
CA ASN C 10 6.90 -14.55 -16.99
C ASN C 10 7.51 -14.81 -15.62
N ASP C 11 8.75 -15.30 -15.57
CA ASP C 11 9.45 -15.46 -14.30
C ASP C 11 9.92 -14.10 -13.79
N ASN C 12 10.15 -13.18 -14.72
CA ASN C 12 10.54 -11.83 -14.37
C ASN C 12 9.42 -11.14 -13.58
N ILE C 13 8.17 -11.34 -14.01
CA ILE C 13 7.03 -10.81 -13.27
C ILE C 13 7.04 -11.34 -11.85
N THR C 14 7.06 -12.66 -11.72
CA THR C 14 7.09 -13.34 -10.42
C THR C 14 8.23 -12.84 -9.55
N ALA C 15 9.25 -12.31 -10.21
CA ALA C 15 10.47 -11.90 -9.55
C ALA C 15 10.34 -10.47 -9.02
N ARG C 16 9.53 -9.64 -9.67
CA ARG C 16 9.35 -8.26 -9.22
C ARG C 16 8.07 -8.10 -8.43
N LEU C 17 7.15 -9.03 -8.63
CA LEU C 17 5.94 -9.08 -7.84
C LEU C 17 6.30 -9.59 -6.45
N ASP C 18 7.40 -10.34 -6.38
CA ASP C 18 7.84 -10.88 -5.11
C ASP C 18 8.48 -9.74 -4.34
N ARG C 19 8.80 -8.70 -5.09
CA ARG C 19 9.39 -7.50 -4.55
C ARG C 19 8.30 -6.58 -4.06
N ILE C 20 7.21 -6.50 -4.84
CA ILE C 20 6.03 -5.74 -4.46
C ILE C 20 5.46 -6.27 -3.15
N ASP C 21 5.40 -7.59 -3.02
CA ASP C 21 4.96 -8.21 -1.77
C ASP C 21 5.92 -7.87 -0.64
N GLU C 22 7.21 -7.88 -0.94
CA GLU C 22 8.22 -7.46 0.01
C GLU C 22 8.00 -6.00 0.44
N LYS C 23 7.49 -5.19 -0.47
CA LYS C 23 7.24 -3.79 -0.21
C LYS C 23 6.05 -3.61 0.73
N LEU C 24 4.94 -4.28 0.43
CA LEU C 24 3.76 -4.20 1.29
C LEU C 24 4.01 -4.83 2.63
N SER C 25 4.96 -5.75 2.71
CA SER C 25 5.38 -6.29 3.98
C SER C 25 5.96 -5.19 4.87
N GLU C 26 6.36 -4.09 4.24
CA GLU C 26 6.81 -2.90 4.98
C GLU C 26 5.59 -2.07 5.30
N ILE C 27 4.79 -1.84 4.27
CA ILE C 27 3.62 -0.99 4.38
C ILE C 27 2.67 -1.54 5.44
N LEU C 28 2.29 -2.81 5.26
CA LEU C 28 1.41 -3.52 6.18
C LEU C 28 1.81 -3.28 7.63
N GLY C 29 3.08 -3.51 7.92
CA GLY C 29 3.57 -3.39 9.28
C GLY C 29 3.65 -1.96 9.72
N MET C 30 3.84 -1.06 8.77
CA MET C 30 3.96 0.35 9.06
C MET C 30 2.59 0.98 9.30
N LEU C 31 1.55 0.48 8.62
CA LEU C 31 0.22 0.98 8.90
C LEU C 31 -0.28 0.34 10.15
N HIS C 32 0.12 -0.91 10.37
CA HIS C 32 -0.16 -1.57 11.63
C HIS C 32 0.33 -0.67 12.74
N THR C 33 1.51 -0.13 12.49
CA THR C 33 2.16 0.80 13.38
C THR C 33 1.37 2.09 13.48
N LEU C 34 0.84 2.53 12.34
CA LEU C 34 0.04 3.75 12.27
C LEU C 34 -1.32 3.56 12.91
N VAL C 35 -1.99 2.47 12.58
CA VAL C 35 -3.23 2.09 13.26
C VAL C 35 -3.03 2.02 14.78
N VAL C 36 -1.81 1.74 15.21
CA VAL C 36 -1.50 1.75 16.64
C VAL C 36 -1.30 3.19 17.13
N ALA C 37 -0.46 3.93 16.44
CA ALA C 37 -0.17 5.30 16.81
C ALA C 37 -1.40 6.19 16.66
N SER C 38 -2.04 6.10 15.51
CA SER C 38 -3.25 6.86 15.23
C SER C 38 -4.42 6.41 16.10
N ALA C 39 -4.29 5.22 16.69
CA ALA C 39 -5.29 4.71 17.62
C ALA C 39 -5.33 5.56 18.88
N GLY C 40 -4.31 6.37 19.06
CA GLY C 40 -4.25 7.24 20.22
C GLY C 40 -2.97 7.07 21.01
N PRO C 41 -1.95 7.90 20.74
CA PRO C 41 -0.67 7.82 21.43
C PRO C 41 -0.59 8.70 22.67
N THR C 42 -1.34 9.78 22.67
CA THR C 42 -1.29 10.76 23.75
C THR C 42 -2.68 11.13 24.23
N SER C 43 -3.70 10.55 23.58
CA SER C 43 -5.09 10.85 23.89
C SER C 43 -5.98 9.92 23.06
N ALA C 44 -7.29 10.13 23.14
CA ALA C 44 -8.27 9.36 22.37
C ALA C 44 -8.36 7.91 22.84
N ARG C 45 -9.26 7.15 22.23
CA ARG C 45 -9.47 5.76 22.60
C ARG C 45 -9.62 4.90 21.35
N GLY D 7 -2.35 -11.69 -27.10
CA GLY D 7 -1.16 -12.56 -27.28
C GLY D 7 -0.19 -12.41 -26.13
N SER D 8 1.02 -11.97 -26.42
CA SER D 8 2.06 -11.82 -25.42
C SER D 8 1.84 -10.53 -24.62
N THR D 9 0.99 -10.62 -23.60
CA THR D 9 0.73 -9.49 -22.71
C THR D 9 1.68 -9.55 -21.52
N ASN D 10 2.56 -10.52 -21.57
CA ASN D 10 3.45 -10.81 -20.46
C ASN D 10 4.39 -9.66 -20.16
N ASP D 11 4.86 -8.95 -21.18
CA ASP D 11 5.67 -7.76 -20.96
C ASP D 11 4.80 -6.61 -20.49
N ASN D 12 3.54 -6.65 -20.88
CA ASN D 12 2.56 -5.64 -20.46
C ASN D 12 2.38 -5.70 -18.94
N ILE D 13 2.31 -6.91 -18.39
CA ILE D 13 2.23 -7.07 -16.93
C ILE D 13 3.44 -6.42 -16.26
N THR D 14 4.62 -6.84 -16.69
CA THR D 14 5.88 -6.30 -16.18
C THR D 14 5.94 -4.78 -16.28
N ALA D 15 5.17 -4.26 -17.21
CA ALA D 15 5.17 -2.84 -17.52
C ALA D 15 4.24 -2.07 -16.58
N ARG D 16 3.18 -2.72 -16.10
CA ARG D 16 2.24 -2.04 -15.19
C ARG D 16 2.52 -2.42 -13.75
N LEU D 17 3.19 -3.55 -13.56
CA LEU D 17 3.63 -3.94 -12.24
C LEU D 17 4.80 -3.07 -11.85
N ASP D 18 5.49 -2.53 -12.86
CA ASP D 18 6.62 -1.66 -12.60
C ASP D 18 6.07 -0.32 -12.17
N ARG D 19 4.80 -0.14 -12.47
CA ARG D 19 4.07 1.06 -12.13
C ARG D 19 3.53 0.92 -10.71
N ILE D 20 3.03 -0.27 -10.40
CA ILE D 20 2.59 -0.60 -9.05
C ILE D 20 3.72 -0.41 -8.05
N ASP D 21 4.90 -0.89 -8.41
CA ASP D 21 6.09 -0.70 -7.57
C ASP D 21 6.41 0.79 -7.44
N GLU D 22 6.28 1.52 -8.53
CA GLU D 22 6.43 2.96 -8.53
C GLU D 22 5.43 3.62 -7.58
N LYS D 23 4.25 3.02 -7.47
CA LYS D 23 3.19 3.53 -6.63
C LYS D 23 3.52 3.32 -5.15
N LEU D 24 3.92 2.12 -4.79
CA LEU D 24 4.28 1.82 -3.40
C LEU D 24 5.54 2.55 -2.99
N SER D 25 6.36 2.92 -3.97
CA SER D 25 7.51 3.77 -3.69
C SER D 25 7.04 5.13 -3.15
N GLU D 26 5.78 5.46 -3.43
CA GLU D 26 5.18 6.67 -2.86
C GLU D 26 4.62 6.32 -1.50
N ILE D 27 3.87 5.23 -1.46
CA ILE D 27 3.20 4.78 -0.27
C ILE D 27 4.21 4.54 0.84
N LEU D 28 5.18 3.69 0.55
CA LEU D 28 6.26 3.35 1.46
C LEU D 28 6.84 4.58 2.14
N GLY D 29 7.20 5.56 1.33
CA GLY D 29 7.83 6.76 1.84
C GLY D 29 6.85 7.62 2.59
N MET D 30 5.59 7.53 2.21
CA MET D 30 4.54 8.32 2.81
C MET D 30 4.11 7.73 4.15
N LEU D 31 4.16 6.42 4.30
CA LEU D 31 3.86 5.83 5.59
C LEU D 31 5.07 5.98 6.47
N HIS D 32 6.25 5.92 5.87
CA HIS D 32 7.48 6.22 6.59
C HIS D 32 7.30 7.58 7.23
N THR D 33 6.73 8.46 6.44
CA THR D 33 6.42 9.81 6.86
C THR D 33 5.35 9.80 7.96
N LEU D 34 4.39 8.92 7.81
CA LEU D 34 3.30 8.78 8.77
C LEU D 34 3.78 8.13 10.05
N VAL D 35 4.52 7.03 9.93
CA VAL D 35 5.19 6.41 11.07
C VAL D 35 6.05 7.43 11.83
N VAL D 36 6.54 8.45 11.12
CA VAL D 36 7.28 9.53 11.77
C VAL D 36 6.33 10.51 12.46
N ALA D 37 5.34 10.98 11.71
CA ALA D 37 4.37 11.93 12.23
C ALA D 37 3.54 11.31 13.35
N SER D 38 2.99 10.14 13.07
CA SER D 38 2.18 9.41 14.02
C SER D 38 3.01 8.92 15.20
N ALA D 39 4.34 8.92 15.04
CA ALA D 39 5.23 8.57 16.12
C ALA D 39 5.18 9.61 17.23
N GLY D 40 4.61 10.75 16.91
CA GLY D 40 4.47 11.82 17.88
C GLY D 40 5.05 13.12 17.39
N PRO D 41 4.23 14.00 16.81
CA PRO D 41 4.68 15.29 16.30
C PRO D 41 4.59 16.42 17.31
N THR D 42 3.65 16.30 18.24
CA THR D 42 3.41 17.36 19.20
C THR D 42 3.33 16.80 20.62
N SER D 43 3.46 15.49 20.74
CA SER D 43 3.36 14.79 22.02
C SER D 43 3.69 13.32 21.81
N ALA D 44 3.54 12.52 22.87
CA ALA D 44 3.78 11.07 22.81
C ALA D 44 5.26 10.73 22.63
N ARG D 45 5.56 9.45 22.61
CA ARG D 45 6.93 8.98 22.48
C ARG D 45 7.01 7.79 21.51
N GLY A 7 -5.17 -23.20 -22.95
CA GLY A 7 -5.62 -22.15 -22.00
C GLY A 7 -4.82 -20.88 -22.14
N SER A 8 -5.39 -19.88 -22.79
CA SER A 8 -4.74 -18.60 -22.96
C SER A 8 -4.76 -17.80 -21.66
N THR A 9 -3.82 -16.88 -21.52
CA THR A 9 -3.73 -16.08 -20.32
C THR A 9 -2.92 -14.82 -20.56
N ASN A 10 -3.38 -13.73 -19.98
CA ASN A 10 -2.70 -12.44 -20.02
C ASN A 10 -3.57 -11.40 -19.36
N ASP A 11 -4.77 -11.24 -19.89
CA ASP A 11 -5.76 -10.35 -19.29
C ASP A 11 -6.24 -10.95 -18.00
N ASN A 12 -6.04 -12.26 -17.87
CA ASN A 12 -6.25 -12.96 -16.62
C ASN A 12 -5.29 -12.44 -15.55
N ILE A 13 -4.12 -11.99 -15.99
CA ILE A 13 -3.13 -11.41 -15.11
C ILE A 13 -3.44 -9.95 -14.88
N THR A 14 -3.53 -9.23 -15.98
CA THR A 14 -3.78 -7.80 -15.96
C THR A 14 -5.10 -7.48 -15.26
N ALA A 15 -5.97 -8.48 -15.15
CA ALA A 15 -7.21 -8.37 -14.40
C ALA A 15 -6.93 -8.05 -12.95
N ARG A 16 -5.83 -8.60 -12.43
CA ARG A 16 -5.46 -8.39 -11.05
C ARG A 16 -4.65 -7.11 -10.94
N LEU A 17 -3.69 -7.00 -11.85
CA LEU A 17 -2.83 -5.84 -11.97
C LEU A 17 -3.63 -4.56 -12.10
N ASP A 18 -4.70 -4.62 -12.87
CA ASP A 18 -5.53 -3.44 -13.11
C ASP A 18 -6.21 -3.06 -11.82
N ARG A 19 -6.45 -4.07 -11.02
CA ARG A 19 -7.21 -3.93 -9.80
C ARG A 19 -6.29 -3.47 -8.67
N ILE A 20 -5.10 -4.05 -8.61
CA ILE A 20 -4.11 -3.69 -7.62
C ILE A 20 -3.76 -2.21 -7.73
N ASP A 21 -3.54 -1.76 -8.97
CA ASP A 21 -3.24 -0.35 -9.21
C ASP A 21 -4.44 0.52 -8.83
N GLU A 22 -5.63 0.02 -9.13
CA GLU A 22 -6.85 0.70 -8.70
C GLU A 22 -6.92 0.80 -7.18
N LYS A 23 -6.41 -0.23 -6.50
CA LYS A 23 -6.43 -0.27 -5.05
C LYS A 23 -5.47 0.74 -4.45
N LEU A 24 -4.24 0.76 -4.95
CA LEU A 24 -3.24 1.71 -4.46
C LEU A 24 -3.62 3.13 -4.82
N SER A 25 -4.41 3.29 -5.86
CA SER A 25 -4.95 4.60 -6.19
C SER A 25 -5.85 5.11 -5.06
N GLU A 26 -6.33 4.18 -4.23
CA GLU A 26 -7.07 4.56 -3.04
C GLU A 26 -6.09 4.83 -1.92
N ILE A 27 -5.16 3.90 -1.76
CA ILE A 27 -4.17 3.97 -0.70
C ILE A 27 -3.35 5.24 -0.83
N LEU A 28 -2.75 5.42 -2.00
CA LEU A 28 -1.95 6.60 -2.32
C LEU A 28 -2.63 7.89 -1.87
N GLY A 29 -3.87 8.04 -2.26
CA GLY A 29 -4.60 9.25 -1.95
C GLY A 29 -4.96 9.33 -0.48
N MET A 30 -5.15 8.17 0.13
CA MET A 30 -5.50 8.09 1.53
C MET A 30 -4.30 8.37 2.42
N LEU A 31 -3.10 7.99 1.98
CA LEU A 31 -1.93 8.32 2.77
C LEU A 31 -1.57 9.75 2.51
N HIS A 32 -1.83 10.22 1.30
CA HIS A 32 -1.70 11.65 0.99
C HIS A 32 -2.53 12.40 2.00
N THR A 33 -3.70 11.83 2.25
CA THR A 33 -4.64 12.36 3.22
C THR A 33 -4.06 12.25 4.64
N LEU A 34 -3.38 11.14 4.89
CA LEU A 34 -2.78 10.88 6.18
C LEU A 34 -1.54 11.74 6.39
N VAL A 35 -0.66 11.79 5.39
CA VAL A 35 0.47 12.71 5.41
C VAL A 35 0.00 14.15 5.67
N VAL A 36 -1.23 14.45 5.30
CA VAL A 36 -1.82 15.76 5.61
C VAL A 36 -2.32 15.80 7.05
N ALA A 37 -3.14 14.83 7.41
CA ALA A 37 -3.73 14.78 8.74
C ALA A 37 -2.65 14.55 9.80
N SER A 38 -1.81 13.56 9.58
CA SER A 38 -0.72 13.24 10.49
C SER A 38 0.31 14.36 10.54
N ALA A 39 0.32 15.21 9.51
CA ALA A 39 1.21 16.36 9.47
C ALA A 39 0.90 17.35 10.59
N GLY A 40 -0.23 17.14 11.27
CA GLY A 40 -0.62 17.96 12.38
C GLY A 40 -2.12 17.95 12.61
N PRO A 41 -2.66 16.87 13.18
CA PRO A 41 -4.11 16.70 13.33
C PRO A 41 -4.67 17.35 14.59
N THR A 42 -3.78 17.79 15.46
CA THR A 42 -4.20 18.36 16.71
C THR A 42 -3.30 19.54 17.08
N SER A 43 -2.01 19.38 16.82
CA SER A 43 -1.06 20.47 17.01
C SER A 43 -1.49 21.67 16.17
N ALA A 44 -1.74 21.44 14.89
CA ALA A 44 -2.26 22.48 14.02
C ALA A 44 -3.77 22.55 14.18
N ARG A 45 -4.27 23.75 14.37
CA ARG A 45 -5.69 23.96 14.59
C ARG A 45 -6.21 25.08 13.69
N GLY B 7 7.55 -26.08 -18.78
CA GLY B 7 7.16 -25.45 -17.50
C GLY B 7 6.02 -24.47 -17.67
N SER B 8 4.82 -24.89 -17.30
CA SER B 8 3.65 -24.05 -17.40
C SER B 8 3.65 -22.99 -16.31
N THR B 9 2.95 -21.89 -16.54
CA THR B 9 2.90 -20.81 -15.58
C THR B 9 1.70 -19.91 -15.84
N ASN B 10 1.08 -19.47 -14.76
CA ASN B 10 -0.03 -18.52 -14.79
C ASN B 10 -0.58 -18.36 -13.39
N ASP B 11 -1.00 -19.47 -12.80
CA ASP B 11 -1.44 -19.47 -11.41
C ASP B 11 -0.24 -19.27 -10.51
N ASN B 12 0.92 -19.53 -11.06
CA ASN B 12 2.18 -19.20 -10.41
C ASN B 12 2.32 -17.69 -10.25
N ILE B 13 1.69 -16.97 -11.18
CA ILE B 13 1.69 -15.52 -11.14
C ILE B 13 0.56 -15.05 -10.24
N THR B 14 -0.64 -15.50 -10.57
CA THR B 14 -1.84 -15.12 -9.86
C THR B 14 -1.77 -15.54 -8.38
N ALA B 15 -0.84 -16.43 -8.08
CA ALA B 15 -0.56 -16.83 -6.72
C ALA B 15 -0.06 -15.64 -5.90
N ARG B 16 0.68 -14.77 -6.57
CA ARG B 16 1.23 -13.59 -5.91
C ARG B 16 0.21 -12.47 -5.96
N LEU B 17 -0.35 -12.30 -7.15
CA LEU B 17 -1.40 -11.32 -7.40
C LEU B 17 -2.57 -11.48 -6.44
N ASP B 18 -2.92 -12.73 -6.16
CA ASP B 18 -4.06 -13.00 -5.30
C ASP B 18 -3.71 -12.57 -3.90
N ARG B 19 -2.42 -12.65 -3.61
CA ARG B 19 -1.91 -12.40 -2.29
C ARG B 19 -1.70 -10.91 -2.09
N ILE B 20 -1.16 -10.26 -3.11
CA ILE B 20 -0.94 -8.81 -3.08
C ILE B 20 -2.25 -8.08 -2.86
N ASP B 21 -3.29 -8.49 -3.58
CA ASP B 21 -4.61 -7.90 -3.42
C ASP B 21 -5.16 -8.20 -2.03
N GLU B 22 -4.91 -9.39 -1.54
CA GLU B 22 -5.27 -9.75 -0.17
C GLU B 22 -4.54 -8.86 0.84
N LYS B 23 -3.31 -8.47 0.50
CA LYS B 23 -2.50 -7.63 1.37
C LYS B 23 -3.05 -6.21 1.43
N LEU B 24 -3.32 -5.63 0.27
CA LEU B 24 -3.86 -4.28 0.22
C LEU B 24 -5.26 -4.23 0.78
N SER B 25 -5.96 -5.35 0.77
CA SER B 25 -7.25 -5.44 1.44
C SER B 25 -7.08 -5.21 2.95
N GLU B 26 -5.86 -5.39 3.44
CA GLU B 26 -5.56 -5.07 4.83
C GLU B 26 -5.20 -3.60 4.91
N ILE B 27 -4.31 -3.19 4.00
CA ILE B 27 -3.81 -1.83 3.96
C ILE B 27 -4.95 -0.85 3.78
N LEU B 28 -5.72 -1.07 2.72
CA LEU B 28 -6.88 -0.24 2.38
C LEU B 28 -7.74 0.04 3.61
N GLY B 29 -8.09 -1.03 4.32
CA GLY B 29 -8.96 -0.90 5.46
C GLY B 29 -8.25 -0.25 6.63
N MET B 30 -6.95 -0.45 6.71
CA MET B 30 -6.15 0.11 7.77
C MET B 30 -5.90 1.59 7.56
N LEU B 31 -5.80 2.04 6.31
CA LEU B 31 -5.66 3.47 6.08
C LEU B 31 -7.01 4.09 6.19
N HIS B 32 -8.05 3.37 5.82
CA HIS B 32 -9.41 3.81 6.08
C HIS B 32 -9.53 4.11 7.54
N THR B 33 -8.93 3.22 8.31
CA THR B 33 -8.87 3.34 9.75
C THR B 33 -8.03 4.55 10.15
N LEU B 34 -6.95 4.77 9.43
CA LEU B 34 -6.04 5.87 9.68
C LEU B 34 -6.65 7.20 9.24
N VAL B 35 -7.21 7.24 8.06
CA VAL B 35 -7.98 8.39 7.60
C VAL B 35 -9.07 8.76 8.61
N VAL B 36 -9.53 7.79 9.38
CA VAL B 36 -10.49 8.05 10.45
C VAL B 36 -9.77 8.57 11.70
N ALA B 37 -8.76 7.83 12.14
CA ALA B 37 -8.01 8.19 13.33
C ALA B 37 -7.26 9.51 13.12
N SER B 38 -6.52 9.60 12.04
CA SER B 38 -5.76 10.79 11.70
C SER B 38 -6.69 11.97 11.42
N ALA B 39 -7.95 11.68 11.09
CA ALA B 39 -8.95 12.73 10.88
C ALA B 39 -9.20 13.54 12.14
N GLY B 40 -8.67 13.06 13.26
CA GLY B 40 -8.80 13.76 14.51
C GLY B 40 -8.68 12.82 15.71
N PRO B 41 -7.45 12.39 16.04
CA PRO B 41 -7.23 11.39 17.09
C PRO B 41 -7.12 12.00 18.48
N THR B 42 -7.03 13.31 18.54
CA THR B 42 -6.87 13.99 19.80
C THR B 42 -7.66 15.28 19.83
N SER B 43 -7.66 15.99 18.69
CA SER B 43 -8.48 17.18 18.54
C SER B 43 -9.94 16.83 18.78
N ALA B 44 -10.42 15.79 18.10
CA ALA B 44 -11.76 15.29 18.33
C ALA B 44 -11.75 14.34 19.51
N ARG B 45 -12.68 14.56 20.43
CA ARG B 45 -12.75 13.76 21.64
C ARG B 45 -14.17 13.28 21.89
N GLY C 7 12.40 -15.87 -26.19
CA GLY C 7 12.53 -15.15 -24.91
C GLY C 7 11.59 -15.68 -23.85
N SER C 8 12.14 -16.47 -22.92
CA SER C 8 11.35 -17.03 -21.84
C SER C 8 11.02 -15.96 -20.81
N THR C 9 9.96 -16.18 -20.06
CA THR C 9 9.54 -15.22 -19.05
C THR C 9 8.62 -15.88 -18.04
N ASN C 10 8.81 -15.51 -16.78
CA ASN C 10 7.97 -15.94 -15.67
C ASN C 10 8.56 -15.43 -14.38
N ASP C 11 9.80 -15.80 -14.12
CA ASP C 11 10.54 -15.29 -12.97
C ASP C 11 10.86 -13.83 -13.19
N ASN C 12 10.81 -13.44 -14.45
CA ASN C 12 10.88 -12.03 -14.83
C ASN C 12 9.69 -11.26 -14.28
N ILE C 13 8.58 -11.97 -14.15
CA ILE C 13 7.36 -11.40 -13.58
C ILE C 13 7.43 -11.47 -12.07
N THR C 14 7.62 -12.69 -11.59
CA THR C 14 7.65 -12.96 -10.17
C THR C 14 8.78 -12.20 -9.48
N ALA C 15 9.71 -11.70 -10.27
CA ALA C 15 10.78 -10.84 -9.79
C ALA C 15 10.21 -9.55 -9.22
N ARG C 16 9.13 -9.09 -9.84
CA ARG C 16 8.48 -7.86 -9.41
C ARG C 16 7.49 -8.18 -8.31
N LEU C 17 6.71 -9.22 -8.56
CA LEU C 17 5.72 -9.74 -7.61
C LEU C 17 6.35 -10.04 -6.26
N ASP C 18 7.54 -10.62 -6.30
CA ASP C 18 8.22 -11.00 -5.07
C ASP C 18 8.60 -9.75 -4.31
N ARG C 19 8.83 -8.71 -5.08
CA ARG C 19 9.33 -7.46 -4.55
C ARG C 19 8.17 -6.62 -4.04
N ILE C 20 7.08 -6.59 -4.80
CA ILE C 20 5.88 -5.87 -4.42
C ILE C 20 5.35 -6.37 -3.09
N ASP C 21 5.30 -7.69 -2.94
CA ASP C 21 4.86 -8.30 -1.70
C ASP C 21 5.84 -7.98 -0.57
N GLU C 22 7.12 -7.96 -0.89
CA GLU C 22 8.14 -7.54 0.06
C GLU C 22 7.92 -6.09 0.49
N LYS C 23 7.44 -5.28 -0.44
CA LYS C 23 7.20 -3.86 -0.18
C LYS C 23 6.02 -3.67 0.74
N LEU C 24 4.90 -4.33 0.45
CA LEU C 24 3.71 -4.22 1.29
C LEU C 24 3.95 -4.85 2.64
N SER C 25 4.88 -5.78 2.72
CA SER C 25 5.29 -6.32 4.00
C SER C 25 5.89 -5.23 4.88
N GLU C 26 6.33 -4.13 4.26
CA GLU C 26 6.79 -2.97 4.99
C GLU C 26 5.60 -2.11 5.31
N ILE C 27 4.78 -1.86 4.29
CA ILE C 27 3.62 -1.01 4.41
C ILE C 27 2.68 -1.55 5.46
N LEU C 28 2.28 -2.81 5.28
CA LEU C 28 1.39 -3.51 6.20
C LEU C 28 1.79 -3.27 7.65
N GLY C 29 3.05 -3.51 7.94
CA GLY C 29 3.54 -3.39 9.30
C GLY C 29 3.60 -1.94 9.74
N MET C 30 3.83 -1.06 8.78
CA MET C 30 3.93 0.36 9.06
C MET C 30 2.58 0.98 9.30
N LEU C 31 1.53 0.47 8.64
CA LEU C 31 0.21 0.98 8.92
C LEU C 31 -0.30 0.34 10.18
N HIS C 32 0.11 -0.90 10.41
CA HIS C 32 -0.15 -1.53 11.70
C HIS C 32 0.37 -0.63 12.79
N THR C 33 1.54 -0.09 12.50
CA THR C 33 2.20 0.86 13.37
C THR C 33 1.39 2.17 13.46
N LEU C 34 0.84 2.57 12.32
CA LEU C 34 0.05 3.79 12.24
C LEU C 34 -1.31 3.61 12.87
N VAL C 35 -1.99 2.51 12.57
CA VAL C 35 -3.21 2.14 13.27
C VAL C 35 -3.01 2.12 14.78
N VAL C 36 -1.78 1.88 15.22
CA VAL C 36 -1.46 1.95 16.64
C VAL C 36 -1.23 3.40 17.08
N ALA C 37 -0.35 4.08 16.36
CA ALA C 37 -0.02 5.47 16.68
C ALA C 37 -1.24 6.37 16.51
N SER C 38 -1.86 6.29 15.35
CA SER C 38 -3.05 7.07 15.04
C SER C 38 -4.22 6.71 15.96
N ALA C 39 -4.17 5.52 16.55
CA ALA C 39 -5.19 5.08 17.50
C ALA C 39 -5.22 5.98 18.73
N GLY C 40 -4.22 6.83 18.86
CA GLY C 40 -4.15 7.76 19.96
C GLY C 40 -2.73 8.20 20.26
N PRO C 41 -2.15 9.09 19.44
CA PRO C 41 -0.75 9.49 19.56
C PRO C 41 -0.53 10.63 20.53
N THR C 42 -1.61 11.23 20.99
CA THR C 42 -1.51 12.36 21.88
C THR C 42 -2.61 12.30 22.94
N SER C 43 -3.80 11.90 22.50
CA SER C 43 -4.92 11.68 23.41
C SER C 43 -4.52 10.67 24.47
N ALA C 44 -4.01 9.53 24.03
CA ALA C 44 -3.49 8.52 24.93
C ALA C 44 -2.05 8.87 25.30
N ARG C 45 -1.76 8.85 26.59
CA ARG C 45 -0.46 9.22 27.08
C ARG C 45 0.06 8.19 28.07
N GLY D 7 -0.28 -12.97 -30.36
CA GLY D 7 -0.22 -11.84 -29.41
C GLY D 7 0.78 -12.07 -28.30
N SER D 8 1.95 -11.44 -28.42
CA SER D 8 2.99 -11.58 -27.41
C SER D 8 2.64 -10.77 -26.17
N THR D 9 3.20 -11.16 -25.04
CA THR D 9 2.92 -10.49 -23.78
C THR D 9 4.01 -10.78 -22.75
N ASN D 10 4.35 -9.76 -22.00
CA ASN D 10 5.30 -9.86 -20.89
C ASN D 10 5.57 -8.47 -20.34
N ASP D 11 6.03 -7.60 -21.21
CA ASP D 11 6.22 -6.19 -20.85
C ASP D 11 4.87 -5.54 -20.67
N ASN D 12 3.86 -6.16 -21.25
CA ASN D 12 2.47 -5.79 -21.03
C ASN D 12 2.10 -6.02 -19.57
N ILE D 13 2.76 -7.00 -18.95
CA ILE D 13 2.56 -7.29 -17.54
C ILE D 13 3.42 -6.38 -16.71
N THR D 14 4.71 -6.43 -16.99
CA THR D 14 5.70 -5.66 -16.26
C THR D 14 5.43 -4.16 -16.37
N ALA D 15 4.60 -3.79 -17.33
CA ALA D 15 4.14 -2.41 -17.48
C ALA D 15 3.34 -1.99 -16.26
N ARG D 16 2.62 -2.93 -15.69
CA ARG D 16 1.79 -2.66 -14.53
C ARG D 16 2.63 -2.83 -13.28
N LEU D 17 3.36 -3.93 -13.25
CA LEU D 17 4.29 -4.25 -12.17
C LEU D 17 5.27 -3.13 -11.92
N ASP D 18 5.76 -2.53 -12.99
CA ASP D 18 6.75 -1.47 -12.86
C ASP D 18 6.10 -0.27 -12.23
N ARG D 19 4.82 -0.16 -12.47
CA ARG D 19 4.05 0.98 -12.05
C ARG D 19 3.59 0.80 -10.62
N ILE D 20 3.14 -0.41 -10.30
CA ILE D 20 2.71 -0.75 -8.95
C ILE D 20 3.84 -0.53 -7.95
N ASP D 21 5.04 -0.99 -8.32
CA ASP D 21 6.21 -0.79 -7.47
C ASP D 21 6.55 0.70 -7.36
N GLU D 22 6.39 1.41 -8.46
CA GLU D 22 6.55 2.86 -8.46
C GLU D 22 5.54 3.52 -7.52
N LYS D 23 4.35 2.94 -7.44
CA LYS D 23 3.28 3.48 -6.60
C LYS D 23 3.60 3.27 -5.12
N LEU D 24 3.97 2.05 -4.76
CA LEU D 24 4.32 1.76 -3.37
C LEU D 24 5.57 2.48 -2.95
N SER D 25 6.42 2.83 -3.90
CA SER D 25 7.56 3.67 -3.61
C SER D 25 7.11 5.05 -3.12
N GLU D 26 5.86 5.40 -3.40
CA GLU D 26 5.27 6.61 -2.85
C GLU D 26 4.69 6.29 -1.50
N ILE D 27 3.94 5.20 -1.46
CA ILE D 27 3.25 4.78 -0.25
C ILE D 27 4.26 4.53 0.86
N LEU D 28 5.23 3.67 0.57
CA LEU D 28 6.29 3.32 1.50
C LEU D 28 6.87 4.55 2.18
N GLY D 29 7.24 5.53 1.38
CA GLY D 29 7.87 6.73 1.90
C GLY D 29 6.87 7.59 2.64
N MET D 30 5.62 7.52 2.22
CA MET D 30 4.57 8.31 2.84
C MET D 30 4.16 7.73 4.18
N LEU D 31 4.22 6.41 4.32
CA LEU D 31 3.91 5.83 5.62
C LEU D 31 5.11 5.98 6.50
N HIS D 32 6.30 5.94 5.91
CA HIS D 32 7.52 6.26 6.63
C HIS D 32 7.33 7.62 7.26
N THR D 33 6.75 8.48 6.46
CA THR D 33 6.41 9.84 6.86
C THR D 33 5.35 9.82 7.95
N LEU D 34 4.39 8.92 7.81
CA LEU D 34 3.29 8.78 8.75
C LEU D 34 3.77 8.13 10.05
N VAL D 35 4.54 7.06 9.94
CA VAL D 35 5.19 6.45 11.09
C VAL D 35 6.02 7.49 11.85
N VAL D 36 6.48 8.53 11.16
CA VAL D 36 7.18 9.62 11.81
C VAL D 36 6.19 10.60 12.44
N ALA D 37 5.23 11.06 11.65
CA ALA D 37 4.23 12.02 12.10
C ALA D 37 3.36 11.42 13.19
N SER D 38 2.81 10.25 12.91
CA SER D 38 1.96 9.53 13.85
C SER D 38 2.73 9.12 15.10
N ALA D 39 4.06 9.03 14.99
CA ALA D 39 4.92 8.71 16.12
C ALA D 39 4.82 9.77 17.21
N GLY D 40 4.18 10.89 16.88
CA GLY D 40 3.97 11.95 17.84
C GLY D 40 3.79 13.30 17.17
N PRO D 41 2.60 13.56 16.59
CA PRO D 41 2.35 14.77 15.82
C PRO D 41 1.91 15.96 16.67
N THR D 42 1.62 15.69 17.93
CA THR D 42 1.14 16.72 18.81
C THR D 42 1.73 16.56 20.21
N SER D 43 1.82 15.30 20.65
CA SER D 43 2.48 14.97 21.91
C SER D 43 3.91 15.50 21.89
N ALA D 44 4.64 15.14 20.84
CA ALA D 44 5.98 15.68 20.66
C ALA D 44 5.91 17.03 19.99
N ARG D 45 6.62 17.99 20.54
CA ARG D 45 6.58 19.35 20.05
C ARG D 45 8.00 19.90 19.90
N GLY A 7 -0.26 -21.56 -20.73
CA GLY A 7 -1.28 -21.56 -21.79
C GLY A 7 -1.66 -20.16 -22.22
N SER A 8 -2.85 -20.00 -22.77
CA SER A 8 -3.32 -18.69 -23.20
C SER A 8 -3.78 -17.88 -21.99
N THR A 9 -3.08 -16.78 -21.74
CA THR A 9 -3.36 -15.95 -20.59
C THR A 9 -2.59 -14.64 -20.67
N ASN A 10 -3.12 -13.61 -20.02
CA ASN A 10 -2.47 -12.31 -19.92
C ASN A 10 -3.40 -11.32 -19.24
N ASP A 11 -4.57 -11.11 -19.82
CA ASP A 11 -5.55 -10.18 -19.27
C ASP A 11 -6.12 -10.73 -17.98
N ASN A 12 -5.97 -12.02 -17.77
CA ASN A 12 -6.34 -12.65 -16.50
C ASN A 12 -5.39 -12.18 -15.41
N ILE A 13 -4.12 -12.02 -15.77
CA ILE A 13 -3.12 -11.52 -14.84
C ILE A 13 -3.39 -10.06 -14.55
N THR A 14 -3.44 -9.28 -15.61
CA THR A 14 -3.67 -7.85 -15.52
C THR A 14 -5.01 -7.56 -14.86
N ALA A 15 -5.94 -8.50 -14.95
CA ALA A 15 -7.24 -8.37 -14.31
C ALA A 15 -7.09 -8.31 -12.79
N ARG A 16 -6.06 -8.96 -12.28
CA ARG A 16 -5.86 -9.06 -10.85
C ARG A 16 -5.05 -7.87 -10.38
N LEU A 17 -4.06 -7.52 -11.19
CA LEU A 17 -3.09 -6.51 -10.83
C LEU A 17 -3.54 -5.12 -11.25
N ASP A 18 -4.49 -5.04 -12.19
CA ASP A 18 -5.03 -3.74 -12.56
C ASP A 18 -5.92 -3.29 -11.42
N ARG A 19 -6.29 -4.28 -10.62
CA ARG A 19 -7.12 -4.09 -9.47
C ARG A 19 -6.26 -3.55 -8.34
N ILE A 20 -5.07 -4.11 -8.21
CA ILE A 20 -4.09 -3.59 -7.26
C ILE A 20 -3.86 -2.12 -7.52
N ASP A 21 -3.59 -1.78 -8.78
CA ASP A 21 -3.38 -0.39 -9.18
C ASP A 21 -4.61 0.45 -8.83
N GLU A 22 -5.78 -0.07 -9.14
CA GLU A 22 -7.03 0.59 -8.78
C GLU A 22 -7.10 0.85 -7.28
N LYS A 23 -6.77 -0.16 -6.49
CA LYS A 23 -6.86 -0.07 -5.04
C LYS A 23 -5.76 0.77 -4.43
N LEU A 24 -4.55 0.68 -4.96
CA LEU A 24 -3.45 1.51 -4.47
C LEU A 24 -3.69 2.97 -4.80
N SER A 25 -4.47 3.21 -5.84
CA SER A 25 -4.93 4.55 -6.16
C SER A 25 -5.81 5.08 -5.02
N GLU A 26 -6.34 4.18 -4.20
CA GLU A 26 -7.08 4.57 -3.01
C GLU A 26 -6.08 4.83 -1.91
N ILE A 27 -5.18 3.87 -1.75
CA ILE A 27 -4.17 3.93 -0.72
C ILE A 27 -3.35 5.20 -0.85
N LEU A 28 -2.79 5.39 -2.04
CA LEU A 28 -1.98 6.56 -2.36
C LEU A 28 -2.65 7.85 -1.89
N GLY A 29 -3.89 8.00 -2.28
CA GLY A 29 -4.62 9.21 -1.97
C GLY A 29 -4.98 9.30 -0.51
N MET A 30 -5.13 8.14 0.11
CA MET A 30 -5.49 8.05 1.50
C MET A 30 -4.29 8.33 2.39
N LEU A 31 -3.09 7.95 1.95
CA LEU A 31 -1.91 8.29 2.73
C LEU A 31 -1.55 9.73 2.47
N HIS A 32 -1.84 10.20 1.26
CA HIS A 32 -1.71 11.62 0.97
C HIS A 32 -2.56 12.38 1.96
N THR A 33 -3.69 11.78 2.25
CA THR A 33 -4.62 12.28 3.23
C THR A 33 -4.03 12.18 4.64
N LEU A 34 -3.33 11.08 4.88
CA LEU A 34 -2.69 10.82 6.16
C LEU A 34 -1.45 11.67 6.36
N VAL A 35 -0.60 11.72 5.35
CA VAL A 35 0.53 12.65 5.35
C VAL A 35 0.07 14.08 5.62
N VAL A 36 -1.20 14.36 5.38
CA VAL A 36 -1.79 15.63 5.78
C VAL A 36 -2.32 15.56 7.22
N ALA A 37 -3.20 14.61 7.49
CA ALA A 37 -3.84 14.48 8.79
C ALA A 37 -2.84 14.18 9.90
N SER A 38 -1.92 13.26 9.62
CA SER A 38 -0.87 12.91 10.56
C SER A 38 0.10 14.07 10.72
N ALA A 39 0.25 14.86 9.67
CA ALA A 39 1.04 16.09 9.73
C ALA A 39 0.26 17.21 10.40
N GLY A 40 -0.95 16.88 10.82
CA GLY A 40 -1.90 17.89 11.26
C GLY A 40 -1.79 18.31 12.71
N PRO A 41 -1.92 17.38 13.69
CA PRO A 41 -1.97 17.69 15.11
C PRO A 41 -0.95 18.72 15.56
N THR A 42 -1.30 19.39 16.65
CA THR A 42 -0.48 20.44 17.20
C THR A 42 0.69 19.84 17.98
N SER A 43 1.66 19.37 17.22
CA SER A 43 2.78 18.61 17.73
C SER A 43 3.51 18.00 16.55
N ALA A 44 2.76 17.77 15.48
CA ALA A 44 3.28 17.17 14.27
C ALA A 44 4.17 18.15 13.52
N ARG A 45 5.36 17.70 13.18
CA ARG A 45 6.33 18.53 12.50
C ARG A 45 6.70 17.91 11.15
N GLY B 7 7.35 -20.77 -20.25
CA GLY B 7 6.77 -22.13 -20.14
C GLY B 7 5.35 -22.10 -19.64
N SER B 8 4.91 -23.21 -19.06
CA SER B 8 3.57 -23.31 -18.52
C SER B 8 3.50 -22.59 -17.18
N THR B 9 2.71 -21.53 -17.12
CA THR B 9 2.62 -20.72 -15.91
C THR B 9 1.47 -19.73 -16.03
N ASN B 10 0.93 -19.32 -14.88
CA ASN B 10 -0.12 -18.30 -14.81
C ASN B 10 -0.60 -18.17 -13.38
N ASP B 11 -1.10 -19.28 -12.83
CA ASP B 11 -1.62 -19.28 -11.46
C ASP B 11 -0.49 -19.14 -10.47
N ASN B 12 0.73 -19.39 -10.92
CA ASN B 12 1.92 -19.14 -10.13
C ASN B 12 2.12 -17.64 -9.96
N ILE B 13 1.81 -16.90 -11.02
CA ILE B 13 1.89 -15.44 -10.97
C ILE B 13 0.80 -14.90 -10.08
N THR B 14 -0.43 -15.28 -10.41
CA THR B 14 -1.59 -14.83 -9.66
C THR B 14 -1.50 -15.27 -8.21
N ALA B 15 -0.77 -16.34 -7.95
CA ALA B 15 -0.56 -16.82 -6.59
C ALA B 15 0.20 -15.81 -5.75
N ARG B 16 1.02 -15.01 -6.42
CA ARG B 16 1.87 -14.06 -5.72
C ARG B 16 1.14 -12.74 -5.60
N LEU B 17 0.39 -12.42 -6.63
CA LEU B 17 -0.24 -11.13 -6.74
C LEU B 17 -1.66 -11.15 -6.18
N ASP B 18 -2.23 -12.34 -6.04
CA ASP B 18 -3.54 -12.46 -5.41
C ASP B 18 -3.33 -12.25 -3.93
N ARG B 19 -2.07 -12.40 -3.55
CA ARG B 19 -1.64 -12.23 -2.18
C ARG B 19 -1.48 -10.74 -1.91
N ILE B 20 -0.93 -10.03 -2.88
CA ILE B 20 -0.85 -8.59 -2.82
C ILE B 20 -2.23 -8.02 -2.59
N ASP B 21 -3.17 -8.44 -3.43
CA ASP B 21 -4.56 -8.00 -3.30
C ASP B 21 -5.12 -8.33 -1.93
N GLU B 22 -4.86 -9.55 -1.48
CA GLU B 22 -5.24 -9.97 -0.14
C GLU B 22 -4.67 -9.03 0.92
N LYS B 23 -3.39 -8.70 0.79
CA LYS B 23 -2.70 -7.88 1.78
C LYS B 23 -3.08 -6.40 1.67
N LEU B 24 -3.27 -5.91 0.46
CA LEU B 24 -3.69 -4.52 0.29
C LEU B 24 -5.11 -4.33 0.78
N SER B 25 -5.87 -5.41 0.80
CA SER B 25 -7.17 -5.41 1.43
C SER B 25 -7.05 -5.16 2.92
N GLU B 26 -5.85 -5.39 3.46
CA GLU B 26 -5.57 -5.05 4.85
C GLU B 26 -5.20 -3.59 4.90
N ILE B 27 -4.28 -3.22 4.02
CA ILE B 27 -3.76 -1.87 3.95
C ILE B 27 -4.90 -0.89 3.76
N LEU B 28 -5.69 -1.12 2.71
CA LEU B 28 -6.83 -0.29 2.37
C LEU B 28 -7.69 0.01 3.59
N GLY B 29 -8.06 -1.05 4.30
CA GLY B 29 -8.93 -0.92 5.44
C GLY B 29 -8.22 -0.26 6.60
N MET B 30 -6.92 -0.45 6.66
CA MET B 30 -6.12 0.10 7.72
C MET B 30 -5.86 1.58 7.52
N LEU B 31 -5.75 2.03 6.27
CA LEU B 31 -5.61 3.45 6.04
C LEU B 31 -6.96 4.09 6.15
N HIS B 32 -8.01 3.36 5.79
CA HIS B 32 -9.36 3.81 6.04
C HIS B 32 -9.49 4.10 7.51
N THR B 33 -8.86 3.24 8.27
CA THR B 33 -8.79 3.36 9.71
C THR B 33 -7.94 4.57 10.10
N LEU B 34 -6.86 4.79 9.36
CA LEU B 34 -5.96 5.90 9.60
C LEU B 34 -6.55 7.22 9.15
N VAL B 35 -7.13 7.25 7.95
CA VAL B 35 -7.89 8.40 7.49
C VAL B 35 -8.97 8.79 8.50
N VAL B 36 -9.34 7.84 9.36
CA VAL B 36 -10.22 8.17 10.48
C VAL B 36 -9.42 8.63 11.71
N ALA B 37 -8.48 7.79 12.14
CA ALA B 37 -7.69 8.06 13.34
C ALA B 37 -6.83 9.30 13.19
N SER B 38 -6.19 9.43 12.04
CA SER B 38 -5.37 10.59 11.73
C SER B 38 -6.25 11.83 11.57
N ALA B 39 -7.49 11.61 11.11
CA ALA B 39 -8.49 12.68 11.03
C ALA B 39 -9.09 12.96 12.40
N GLY B 40 -8.62 12.23 13.39
CA GLY B 40 -9.24 12.20 14.70
C GLY B 40 -8.85 13.30 15.66
N PRO B 41 -7.54 13.43 16.00
CA PRO B 41 -7.04 14.36 17.01
C PRO B 41 -7.66 15.74 16.95
N THR B 42 -7.67 16.39 18.09
CA THR B 42 -8.26 17.71 18.23
C THR B 42 -7.31 18.76 17.66
N SER B 43 -7.30 18.82 16.34
CA SER B 43 -6.37 19.63 15.58
C SER B 43 -6.47 19.22 14.12
N ALA B 44 -6.84 17.96 13.92
CA ALA B 44 -6.96 17.39 12.60
C ALA B 44 -8.17 17.94 11.88
N ARG B 45 -7.95 18.41 10.66
CA ARG B 45 -9.01 18.99 9.86
C ARG B 45 -9.18 18.22 8.57
N GLY C 7 7.03 -14.80 -25.03
CA GLY C 7 8.23 -15.67 -25.06
C GLY C 7 8.46 -16.36 -23.73
N SER C 8 9.70 -16.75 -23.48
CA SER C 8 10.05 -17.41 -22.23
C SER C 8 10.16 -16.39 -21.12
N THR C 9 9.28 -16.51 -20.13
CA THR C 9 9.23 -15.55 -19.04
C THR C 9 8.30 -16.06 -17.94
N ASN C 10 8.57 -15.60 -16.72
CA ASN C 10 7.72 -15.90 -15.56
C ASN C 10 8.36 -15.34 -14.31
N ASP C 11 9.57 -15.79 -14.02
CA ASP C 11 10.29 -15.34 -12.83
C ASP C 11 10.71 -13.89 -12.98
N ASN C 12 10.70 -13.40 -14.21
CA ASN C 12 10.93 -11.99 -14.48
C ASN C 12 9.74 -11.18 -13.97
N ILE C 13 8.55 -11.74 -14.12
CA ILE C 13 7.33 -11.11 -13.62
C ILE C 13 7.34 -11.14 -12.10
N THR C 14 7.46 -12.34 -11.58
CA THR C 14 7.47 -12.56 -10.15
C THR C 14 8.61 -11.79 -9.48
N ALA C 15 9.67 -11.53 -10.23
CA ALA C 15 10.80 -10.75 -9.74
C ALA C 15 10.38 -9.33 -9.39
N ARG C 16 9.38 -8.84 -10.09
CA ARG C 16 8.94 -7.47 -9.93
C ARG C 16 7.88 -7.40 -8.84
N LEU C 17 7.04 -8.42 -8.82
CA LEU C 17 5.88 -8.45 -7.97
C LEU C 17 6.19 -9.12 -6.64
N ASP C 18 7.26 -9.90 -6.58
CA ASP C 18 7.68 -10.48 -5.32
C ASP C 18 8.29 -9.37 -4.50
N ARG C 19 8.63 -8.31 -5.22
CA ARG C 19 9.21 -7.13 -4.63
C ARG C 19 8.10 -6.29 -4.04
N ILE C 20 6.99 -6.20 -4.76
CA ILE C 20 5.79 -5.56 -4.24
C ILE C 20 5.42 -6.19 -2.92
N ASP C 21 5.31 -7.51 -2.92
CA ASP C 21 4.99 -8.26 -1.69
C ASP C 21 6.00 -7.95 -0.59
N GLU C 22 7.27 -7.96 -0.94
CA GLU C 22 8.33 -7.59 -0.02
C GLU C 22 8.09 -6.19 0.56
N LYS C 23 7.77 -5.24 -0.31
CA LYS C 23 7.60 -3.86 0.10
C LYS C 23 6.29 -3.62 0.85
N LEU C 24 5.22 -4.29 0.43
CA LEU C 24 3.95 -4.16 1.13
C LEU C 24 4.03 -4.80 2.50
N SER C 25 4.95 -5.74 2.66
CA SER C 25 5.26 -6.30 3.96
C SER C 25 5.83 -5.21 4.87
N GLU C 26 6.34 -4.13 4.27
CA GLU C 26 6.78 -2.97 5.03
C GLU C 26 5.57 -2.12 5.34
N ILE C 27 4.81 -1.86 4.28
CA ILE C 27 3.64 -1.03 4.37
C ILE C 27 2.68 -1.56 5.42
N LEU C 28 2.31 -2.84 5.26
CA LEU C 28 1.41 -3.53 6.16
C LEU C 28 1.80 -3.30 7.62
N GLY C 29 3.06 -3.53 7.91
CA GLY C 29 3.54 -3.42 9.27
C GLY C 29 3.62 -1.99 9.73
N MET C 30 3.82 -1.10 8.76
CA MET C 30 3.93 0.32 9.04
C MET C 30 2.57 0.94 9.27
N LEU C 31 1.52 0.44 8.61
CA LEU C 31 0.20 0.95 8.88
C LEU C 31 -0.30 0.30 10.14
N HIS C 32 0.11 -0.92 10.39
CA HIS C 32 -0.16 -1.56 11.68
C HIS C 32 0.38 -0.67 12.77
N THR C 33 1.52 -0.09 12.46
CA THR C 33 2.17 0.86 13.32
C THR C 33 1.36 2.16 13.39
N LEU C 34 0.79 2.55 12.27
CA LEU C 34 -0.01 3.76 12.17
C LEU C 34 -1.37 3.57 12.81
N VAL C 35 -2.04 2.48 12.50
CA VAL C 35 -3.27 2.10 13.18
C VAL C 35 -3.07 2.08 14.70
N VAL C 36 -1.83 1.98 15.14
CA VAL C 36 -1.52 2.14 16.56
C VAL C 36 -1.25 3.61 16.89
N ALA C 37 -0.31 4.21 16.19
CA ALA C 37 0.11 5.59 16.45
C ALA C 37 -1.01 6.58 16.21
N SER C 38 -1.72 6.40 15.11
CA SER C 38 -2.86 7.24 14.77
C SER C 38 -4.01 6.99 15.74
N ALA C 39 -4.08 5.77 16.26
CA ALA C 39 -5.03 5.41 17.31
C ALA C 39 -4.56 5.92 18.66
N GLY C 40 -3.41 6.56 18.66
CA GLY C 40 -2.71 6.89 19.88
C GLY C 40 -3.13 8.16 20.59
N PRO C 41 -3.04 9.33 19.92
CA PRO C 41 -3.29 10.64 20.52
C PRO C 41 -4.50 10.69 21.43
N THR C 42 -4.45 11.63 22.36
CA THR C 42 -5.50 11.79 23.33
C THR C 42 -6.69 12.52 22.72
N SER C 43 -7.43 11.76 21.92
CA SER C 43 -8.51 12.28 21.11
C SER C 43 -8.93 11.19 20.14
N ALA C 44 -7.98 10.32 19.83
CA ALA C 44 -8.19 9.22 18.90
C ALA C 44 -9.06 8.15 19.52
N ARG C 45 -10.09 7.75 18.80
CA ARG C 45 -11.03 6.76 19.29
C ARG C 45 -11.06 5.57 18.35
N GLY D 7 -0.57 -15.62 -25.53
CA GLY D 7 0.17 -15.12 -26.71
C GLY D 7 1.46 -14.43 -26.32
N SER D 8 1.96 -13.57 -27.19
CA SER D 8 3.17 -12.83 -26.93
C SER D 8 2.90 -11.69 -25.95
N THR D 9 3.50 -11.76 -24.78
CA THR D 9 3.26 -10.79 -23.73
C THR D 9 4.26 -10.97 -22.60
N ASN D 10 4.52 -9.89 -21.88
CA ASN D 10 5.38 -9.90 -20.68
C ASN D 10 5.58 -8.49 -20.17
N ASP D 11 6.12 -7.63 -21.03
CA ASP D 11 6.38 -6.25 -20.65
C ASP D 11 5.07 -5.48 -20.51
N ASN D 12 4.00 -6.04 -21.06
CA ASN D 12 2.67 -5.50 -20.88
C ASN D 12 2.23 -5.72 -19.43
N ILE D 13 2.62 -6.87 -18.88
CA ILE D 13 2.33 -7.19 -17.49
C ILE D 13 3.15 -6.29 -16.59
N THR D 14 4.46 -6.35 -16.79
CA THR D 14 5.39 -5.57 -16.01
C THR D 14 5.11 -4.08 -16.14
N ALA D 15 4.50 -3.68 -17.25
CA ALA D 15 4.12 -2.29 -17.47
C ALA D 15 3.09 -1.84 -16.45
N ARG D 16 2.30 -2.78 -15.96
CA ARG D 16 1.21 -2.46 -15.06
C ARG D 16 1.72 -2.54 -13.63
N LEU D 17 2.58 -3.51 -13.40
CA LEU D 17 3.03 -3.82 -12.07
C LEU D 17 4.32 -3.08 -11.72
N ASP D 18 5.02 -2.59 -12.74
CA ASP D 18 6.19 -1.76 -12.48
C ASP D 18 5.68 -0.42 -12.00
N ARG D 19 4.41 -0.20 -12.31
CA ARG D 19 3.73 1.01 -11.93
C ARG D 19 3.31 0.90 -10.48
N ILE D 20 2.85 -0.28 -10.10
CA ILE D 20 2.55 -0.57 -8.70
C ILE D 20 3.77 -0.29 -7.86
N ASP D 21 4.91 -0.86 -8.28
CA ASP D 21 6.18 -0.65 -7.58
C ASP D 21 6.51 0.84 -7.51
N GLU D 22 6.36 1.52 -8.63
CA GLU D 22 6.54 2.96 -8.68
C GLU D 22 5.65 3.68 -7.66
N LYS D 23 4.39 3.29 -7.61
CA LYS D 23 3.43 3.95 -6.73
C LYS D 23 3.60 3.55 -5.26
N LEU D 24 3.94 2.30 -5.00
CA LEU D 24 4.18 1.86 -3.63
C LEU D 24 5.45 2.50 -3.10
N SER D 25 6.34 2.88 -4.00
CA SER D 25 7.51 3.66 -3.63
C SER D 25 7.07 5.02 -3.09
N GLU D 26 5.84 5.43 -3.42
CA GLU D 26 5.27 6.64 -2.85
C GLU D 26 4.69 6.30 -1.50
N ILE D 27 3.90 5.23 -1.50
CA ILE D 27 3.22 4.77 -0.31
C ILE D 27 4.23 4.52 0.80
N LEU D 28 5.21 3.68 0.49
CA LEU D 28 6.27 3.32 1.43
C LEU D 28 6.85 4.54 2.13
N GLY D 29 7.23 5.53 1.32
CA GLY D 29 7.85 6.72 1.85
C GLY D 29 6.86 7.59 2.60
N MET D 30 5.61 7.49 2.19
CA MET D 30 4.56 8.28 2.80
C MET D 30 4.13 7.69 4.13
N LEU D 31 4.20 6.37 4.28
CA LEU D 31 3.89 5.79 5.57
C LEU D 31 5.09 5.94 6.45
N HIS D 32 6.27 5.91 5.86
CA HIS D 32 7.49 6.24 6.60
C HIS D 32 7.32 7.61 7.20
N THR D 33 6.68 8.45 6.43
CA THR D 33 6.33 9.79 6.83
C THR D 33 5.26 9.76 7.93
N LEU D 34 4.32 8.84 7.78
CA LEU D 34 3.24 8.67 8.74
C LEU D 34 3.72 8.02 10.02
N VAL D 35 4.48 6.95 9.90
CA VAL D 35 5.15 6.33 11.04
C VAL D 35 5.96 7.38 11.82
N VAL D 36 6.30 8.48 11.17
CA VAL D 36 6.91 9.60 11.87
C VAL D 36 5.85 10.55 12.42
N ALA D 37 4.98 11.04 11.53
CA ALA D 37 3.95 12.01 11.90
C ALA D 37 2.97 11.44 12.92
N SER D 38 2.52 10.22 12.68
CA SER D 38 1.62 9.53 13.59
C SER D 38 2.33 9.22 14.90
N ALA D 39 3.64 9.00 14.83
CA ALA D 39 4.48 8.82 16.01
C ALA D 39 4.78 10.16 16.67
N GLY D 40 4.25 11.21 16.09
CA GLY D 40 4.62 12.56 16.45
C GLY D 40 3.90 13.18 17.64
N PRO D 41 2.56 13.29 17.60
CA PRO D 41 1.76 13.96 18.63
C PRO D 41 2.17 13.66 20.05
N THR D 42 1.88 14.61 20.91
CA THR D 42 2.25 14.51 22.31
C THR D 42 1.29 13.58 23.04
N SER D 43 1.50 12.30 22.81
CA SER D 43 0.61 11.24 23.27
C SER D 43 1.03 9.95 22.59
N ALA D 44 1.62 10.11 21.40
CA ALA D 44 2.03 8.99 20.59
C ALA D 44 3.27 8.32 21.18
N ARG D 45 3.21 7.02 21.33
CA ARG D 45 4.31 6.26 21.93
C ARG D 45 4.82 5.22 20.94
N GLY A 7 -3.57 -21.34 -26.00
CA GLY A 7 -3.76 -20.90 -24.60
C GLY A 7 -3.05 -19.60 -24.31
N SER A 8 -3.43 -18.56 -25.02
CA SER A 8 -2.81 -17.25 -24.87
C SER A 8 -3.38 -16.51 -23.67
N THR A 9 -2.55 -15.69 -23.04
CA THR A 9 -2.96 -14.92 -21.89
C THR A 9 -2.07 -13.69 -21.73
N ASN A 10 -2.56 -12.70 -21.02
CA ASN A 10 -1.79 -11.52 -20.68
C ASN A 10 -2.69 -10.52 -19.97
N ASP A 11 -3.81 -10.21 -20.60
CA ASP A 11 -4.75 -9.25 -20.03
C ASP A 11 -5.50 -9.87 -18.87
N ASN A 12 -5.47 -11.19 -18.79
CA ASN A 12 -6.01 -11.90 -17.65
C ASN A 12 -5.13 -11.66 -16.43
N ILE A 13 -3.87 -11.36 -16.69
CA ILE A 13 -2.92 -11.02 -15.64
C ILE A 13 -3.10 -9.57 -15.25
N THR A 14 -2.98 -8.71 -16.25
CA THR A 14 -3.12 -7.27 -16.08
C THR A 14 -4.50 -6.91 -15.53
N ALA A 15 -5.45 -7.81 -15.71
CA ALA A 15 -6.80 -7.65 -15.19
C ALA A 15 -6.79 -7.59 -13.66
N ARG A 16 -5.92 -8.40 -13.07
CA ARG A 16 -5.91 -8.60 -11.65
C ARG A 16 -4.99 -7.58 -11.00
N LEU A 17 -3.95 -7.25 -11.74
CA LEU A 17 -2.94 -6.32 -11.28
C LEU A 17 -3.40 -4.89 -11.53
N ASP A 18 -4.38 -4.74 -12.41
CA ASP A 18 -4.99 -3.44 -12.62
C ASP A 18 -5.77 -3.09 -11.38
N ARG A 19 -6.23 -4.14 -10.71
CA ARG A 19 -7.01 -4.00 -9.52
C ARG A 19 -6.13 -3.59 -8.38
N ILE A 20 -4.96 -4.22 -8.33
CA ILE A 20 -3.93 -3.84 -7.39
C ILE A 20 -3.69 -2.35 -7.47
N ASP A 21 -3.34 -1.92 -8.66
CA ASP A 21 -2.99 -0.53 -8.92
C ASP A 21 -4.15 0.41 -8.61
N GLU A 22 -5.34 -0.07 -8.89
CA GLU A 22 -6.54 0.62 -8.44
C GLU A 22 -6.51 0.79 -6.92
N LYS A 23 -6.30 -0.31 -6.20
CA LYS A 23 -6.20 -0.27 -4.74
C LYS A 23 -5.06 0.65 -4.31
N LEU A 24 -3.93 0.57 -5.02
CA LEU A 24 -2.77 1.42 -4.75
C LEU A 24 -3.18 2.88 -4.72
N SER A 25 -3.91 3.26 -5.76
CA SER A 25 -4.40 4.62 -5.90
C SER A 25 -5.36 4.98 -4.76
N GLU A 26 -6.07 3.98 -4.26
CA GLU A 26 -6.93 4.14 -3.10
C GLU A 26 -6.09 4.44 -1.90
N ILE A 27 -5.08 3.59 -1.69
CA ILE A 27 -4.17 3.74 -0.59
C ILE A 27 -3.47 5.10 -0.67
N LEU A 28 -2.91 5.36 -1.85
CA LEU A 28 -2.22 6.62 -2.13
C LEU A 28 -3.03 7.81 -1.67
N GLY A 29 -4.30 7.82 -2.07
CA GLY A 29 -5.16 8.94 -1.75
C GLY A 29 -5.47 9.01 -0.28
N MET A 30 -5.52 7.86 0.36
CA MET A 30 -5.80 7.78 1.78
C MET A 30 -4.59 8.18 2.62
N LEU A 31 -3.39 7.88 2.16
CA LEU A 31 -2.22 8.33 2.91
C LEU A 31 -1.99 9.77 2.58
N HIS A 32 -2.31 10.16 1.35
CA HIS A 32 -2.28 11.57 0.98
C HIS A 32 -3.11 12.33 1.99
N THR A 33 -4.22 11.71 2.32
CA THR A 33 -5.15 12.21 3.30
C THR A 33 -4.52 12.20 4.70
N LEU A 34 -3.78 11.14 4.99
CA LEU A 34 -3.11 10.97 6.27
C LEU A 34 -1.90 11.89 6.39
N VAL A 35 -1.08 11.93 5.36
CA VAL A 35 0.03 12.88 5.28
C VAL A 35 -0.46 14.32 5.41
N VAL A 36 -1.73 14.56 5.11
CA VAL A 36 -2.33 15.87 5.34
C VAL A 36 -2.69 16.03 6.81
N ALA A 37 -3.43 15.06 7.34
CA ALA A 37 -3.87 15.11 8.73
C ALA A 37 -2.69 15.00 9.68
N SER A 38 -1.84 14.01 9.44
CA SER A 38 -0.68 13.76 10.24
C SER A 38 0.43 14.78 9.97
N ALA A 39 0.22 15.63 8.97
CA ALA A 39 1.17 16.70 8.67
C ALA A 39 1.31 17.63 9.87
N GLY A 40 0.30 17.61 10.72
CA GLY A 40 0.38 18.35 11.95
C GLY A 40 -0.70 19.40 12.09
N PRO A 41 -1.88 19.04 12.62
CA PRO A 41 -2.94 20.00 12.89
C PRO A 41 -2.84 20.61 14.29
N THR A 42 -2.09 19.95 15.16
CA THR A 42 -1.96 20.38 16.53
C THR A 42 -0.49 20.55 16.92
N SER A 43 0.37 19.89 16.16
CA SER A 43 1.80 19.87 16.45
C SER A 43 2.54 19.33 15.22
N ALA A 44 3.65 18.64 15.45
CA ALA A 44 4.44 18.03 14.36
C ALA A 44 5.07 19.12 13.49
N ARG A 45 6.28 19.51 13.84
CA ARG A 45 6.99 20.54 13.12
C ARG A 45 7.70 19.95 11.90
N GLY B 7 4.29 -26.18 -21.00
CA GLY B 7 4.66 -25.31 -19.86
C GLY B 7 3.71 -24.14 -19.71
N SER B 8 2.44 -24.44 -19.48
CA SER B 8 1.41 -23.41 -19.35
C SER B 8 1.43 -22.82 -17.95
N THR B 9 1.06 -21.55 -17.85
CA THR B 9 1.02 -20.85 -16.59
C THR B 9 0.07 -19.66 -16.68
N ASN B 10 -0.40 -19.21 -15.53
CA ASN B 10 -1.22 -18.01 -15.43
C ASN B 10 -1.70 -17.84 -14.01
N ASP B 11 -2.30 -18.89 -13.47
CA ASP B 11 -2.82 -18.85 -12.11
C ASP B 11 -1.69 -18.92 -11.11
N ASN B 12 -0.52 -19.35 -11.58
CA ASN B 12 0.67 -19.32 -10.77
C ASN B 12 1.12 -17.88 -10.57
N ILE B 13 0.74 -17.03 -11.51
CA ILE B 13 1.01 -15.60 -11.43
C ILE B 13 -0.02 -14.94 -10.53
N THR B 14 -1.27 -15.14 -10.89
CA THR B 14 -2.40 -14.58 -10.17
C THR B 14 -2.44 -15.10 -8.73
N ALA B 15 -1.74 -16.20 -8.49
CA ALA B 15 -1.62 -16.79 -7.15
C ALA B 15 -0.87 -15.85 -6.23
N ARG B 16 0.11 -15.17 -6.79
CA ARG B 16 1.04 -14.39 -6.00
C ARG B 16 0.54 -12.97 -5.91
N LEU B 17 -0.13 -12.55 -6.97
CA LEU B 17 -0.67 -11.21 -7.06
C LEU B 17 -2.01 -11.15 -6.37
N ASP B 18 -2.61 -12.32 -6.13
CA ASP B 18 -3.83 -12.37 -5.34
C ASP B 18 -3.47 -12.05 -3.92
N ARG B 19 -2.23 -12.37 -3.58
CA ARG B 19 -1.73 -12.16 -2.26
C ARG B 19 -1.46 -10.69 -2.05
N ILE B 20 -0.90 -10.07 -3.08
CA ILE B 20 -0.72 -8.64 -3.10
C ILE B 20 -2.02 -7.95 -2.78
N ASP B 21 -3.02 -8.26 -3.58
CA ASP B 21 -4.33 -7.64 -3.46
C ASP B 21 -4.96 -7.91 -2.11
N GLU B 22 -4.72 -9.09 -1.61
CA GLU B 22 -5.07 -9.43 -0.24
C GLU B 22 -4.41 -8.43 0.72
N LYS B 23 -3.10 -8.27 0.60
CA LYS B 23 -2.35 -7.31 1.41
C LYS B 23 -2.91 -5.90 1.21
N LEU B 24 -3.21 -5.55 -0.05
CA LEU B 24 -3.77 -4.25 -0.39
C LEU B 24 -5.00 -3.98 0.45
N SER B 25 -5.88 -4.95 0.49
CA SER B 25 -7.11 -4.89 1.25
C SER B 25 -6.82 -4.73 2.75
N GLU B 26 -5.71 -5.32 3.18
CA GLU B 26 -5.24 -5.16 4.55
C GLU B 26 -4.84 -3.72 4.79
N ILE B 27 -4.01 -3.22 3.89
CA ILE B 27 -3.55 -1.86 3.95
C ILE B 27 -4.74 -0.90 3.91
N LEU B 28 -5.58 -1.11 2.90
CA LEU B 28 -6.80 -0.31 2.71
C LEU B 28 -7.57 -0.17 4.00
N GLY B 29 -7.79 -1.29 4.66
CA GLY B 29 -8.58 -1.28 5.88
C GLY B 29 -7.86 -0.59 7.01
N MET B 30 -6.55 -0.68 7.00
CA MET B 30 -5.73 -0.06 8.01
C MET B 30 -5.61 1.44 7.82
N LEU B 31 -5.60 1.91 6.57
CA LEU B 31 -5.59 3.34 6.36
C LEU B 31 -6.98 3.86 6.52
N HIS B 32 -7.96 3.05 6.17
CA HIS B 32 -9.35 3.38 6.44
C HIS B 32 -9.47 3.68 7.91
N THR B 33 -8.77 2.88 8.67
CA THR B 33 -8.69 3.00 10.11
C THR B 33 -7.93 4.28 10.50
N LEU B 34 -6.88 4.57 9.76
CA LEU B 34 -6.04 5.73 9.99
C LEU B 34 -6.74 7.01 9.54
N VAL B 35 -7.32 7.00 8.36
CA VAL B 35 -8.17 8.09 7.88
C VAL B 35 -9.32 8.36 8.84
N VAL B 36 -9.69 7.37 9.64
CA VAL B 36 -10.69 7.60 10.69
C VAL B 36 -10.06 8.28 11.89
N ALA B 37 -8.96 7.71 12.38
CA ALA B 37 -8.26 8.24 13.54
C ALA B 37 -7.66 9.61 13.22
N SER B 38 -6.94 9.68 12.12
CA SER B 38 -6.28 10.89 11.68
C SER B 38 -7.29 11.90 11.12
N ALA B 39 -8.54 11.47 10.96
CA ALA B 39 -9.60 12.38 10.51
C ALA B 39 -9.75 13.54 11.48
N GLY B 40 -9.30 13.33 12.69
CA GLY B 40 -9.28 14.40 13.66
C GLY B 40 -10.10 14.12 14.88
N PRO B 41 -9.52 13.47 15.91
CA PRO B 41 -10.19 13.25 17.18
C PRO B 41 -9.98 14.38 18.17
N THR B 42 -8.95 15.19 17.92
CA THR B 42 -8.58 16.27 18.82
C THR B 42 -8.51 17.59 18.06
N SER B 43 -8.36 17.51 16.75
CA SER B 43 -8.18 18.68 15.91
C SER B 43 -8.36 18.25 14.45
N ALA B 44 -7.65 18.91 13.54
CA ALA B 44 -7.71 18.60 12.11
C ALA B 44 -9.09 18.93 11.53
N ARG B 45 -9.22 20.14 11.03
CA ARG B 45 -10.48 20.59 10.48
C ARG B 45 -10.61 20.13 9.02
N GLY C 7 11.16 -19.47 -25.33
CA GLY C 7 11.03 -18.21 -24.57
C GLY C 7 10.11 -18.34 -23.38
N SER C 8 10.46 -19.22 -22.45
CA SER C 8 9.64 -19.47 -21.28
C SER C 8 9.88 -18.40 -20.22
N THR C 9 8.85 -18.12 -19.43
CA THR C 9 8.93 -17.13 -18.38
C THR C 9 7.86 -17.39 -17.33
N ASN C 10 8.07 -16.86 -16.15
CA ASN C 10 7.09 -16.93 -15.07
C ASN C 10 7.70 -16.34 -13.81
N ASP C 11 8.86 -16.86 -13.44
CA ASP C 11 9.54 -16.40 -12.23
C ASP C 11 10.14 -15.04 -12.45
N ASN C 12 10.29 -14.66 -13.71
CA ASN C 12 10.71 -13.32 -14.06
C ASN C 12 9.60 -12.33 -13.73
N ILE C 13 8.38 -12.82 -13.72
CA ILE C 13 7.21 -12.04 -13.34
C ILE C 13 7.12 -11.98 -11.82
N THR C 14 7.07 -13.16 -11.24
CA THR C 14 6.95 -13.31 -9.80
C THR C 14 8.16 -12.69 -9.09
N ALA C 15 9.24 -12.48 -9.83
CA ALA C 15 10.44 -11.83 -9.32
C ALA C 15 10.15 -10.39 -8.95
N ARG C 16 9.29 -9.76 -9.74
CA ARG C 16 9.06 -8.33 -9.63
C ARG C 16 7.90 -8.10 -8.70
N LEU C 17 6.97 -9.04 -8.72
CA LEU C 17 5.78 -8.95 -7.91
C LEU C 17 6.06 -9.47 -6.51
N ASP C 18 7.17 -10.19 -6.37
CA ASP C 18 7.62 -10.61 -5.06
C ASP C 18 8.10 -9.40 -4.32
N ARG C 19 8.58 -8.44 -5.10
CA ARG C 19 9.11 -7.21 -4.59
C ARG C 19 7.98 -6.34 -4.11
N ILE C 20 6.92 -6.31 -4.91
CA ILE C 20 5.70 -5.65 -4.54
C ILE C 20 5.27 -6.12 -3.17
N ASP C 21 5.08 -7.41 -3.06
CA ASP C 21 4.59 -8.03 -1.84
C ASP C 21 5.53 -7.79 -0.67
N GLU C 22 6.81 -7.77 -0.97
CA GLU C 22 7.80 -7.33 0.00
C GLU C 22 7.47 -5.91 0.48
N LYS C 23 7.30 -4.99 -0.47
CA LYS C 23 6.93 -3.61 -0.16
C LYS C 23 5.62 -3.58 0.63
N LEU C 24 4.65 -4.41 0.20
CA LEU C 24 3.36 -4.52 0.87
C LEU C 24 3.55 -4.77 2.34
N SER C 25 4.39 -5.75 2.63
CA SER C 25 4.71 -6.14 3.99
C SER C 25 5.38 -4.99 4.75
N GLU C 26 6.12 -4.17 4.01
CA GLU C 26 6.72 -2.97 4.57
C GLU C 26 5.64 -1.99 4.96
N ILE C 27 4.75 -1.74 4.00
CA ILE C 27 3.63 -0.85 4.22
C ILE C 27 2.78 -1.36 5.37
N LEU C 28 2.41 -2.63 5.29
CA LEU C 28 1.60 -3.29 6.32
C LEU C 28 2.16 -3.02 7.70
N GLY C 29 3.46 -3.21 7.85
CA GLY C 29 4.08 -3.04 9.15
C GLY C 29 4.09 -1.60 9.58
N MET C 30 4.20 -0.71 8.61
CA MET C 30 4.23 0.71 8.87
C MET C 30 2.85 1.25 9.22
N LEU C 31 1.80 0.70 8.62
CA LEU C 31 0.46 1.14 9.01
C LEU C 31 0.09 0.45 10.28
N HIS C 32 0.57 -0.77 10.46
CA HIS C 32 0.42 -1.46 11.73
C HIS C 32 0.93 -0.55 12.81
N THR C 33 2.04 0.08 12.49
CA THR C 33 2.69 1.04 13.35
C THR C 33 1.83 2.29 13.52
N LEU C 34 1.20 2.71 12.43
CA LEU C 34 0.35 3.89 12.41
C LEU C 34 -0.98 3.61 13.10
N VAL C 35 -1.60 2.49 12.78
CA VAL C 35 -2.80 2.03 13.48
C VAL C 35 -2.54 1.89 14.98
N VAL C 36 -1.28 1.73 15.38
CA VAL C 36 -0.93 1.73 16.79
C VAL C 36 -0.87 3.16 17.33
N ALA C 37 -0.11 4.00 16.64
CA ALA C 37 0.06 5.38 17.03
C ALA C 37 -1.24 6.16 16.92
N SER C 38 -1.87 6.03 15.77
CA SER C 38 -3.13 6.70 15.48
C SER C 38 -4.29 6.04 16.21
N ALA C 39 -4.03 4.89 16.85
CA ALA C 39 -5.05 4.23 17.66
C ALA C 39 -5.53 5.14 18.78
N GLY C 40 -4.70 6.10 19.12
CA GLY C 40 -5.10 7.11 20.07
C GLY C 40 -4.22 7.15 21.30
N PRO C 41 -3.13 7.92 21.28
CA PRO C 41 -2.28 8.11 22.44
C PRO C 41 -2.72 9.28 23.30
N THR C 42 -3.51 10.16 22.71
CA THR C 42 -3.93 11.38 23.39
C THR C 42 -5.46 11.49 23.37
N SER C 43 -6.07 10.79 22.43
CA SER C 43 -7.51 10.87 22.22
C SER C 43 -7.93 9.72 21.32
N ALA C 44 -8.97 9.93 20.49
CA ALA C 44 -9.45 8.91 19.55
C ALA C 44 -10.05 7.73 20.30
N ARG C 45 -11.36 7.79 20.53
CA ARG C 45 -12.06 6.74 21.25
C ARG C 45 -12.44 5.62 20.31
N GLY D 7 3.33 -14.65 -30.33
CA GLY D 7 2.65 -13.81 -29.32
C GLY D 7 3.38 -13.80 -27.99
N SER D 8 4.61 -13.32 -28.01
CA SER D 8 5.44 -13.29 -26.82
C SER D 8 5.08 -12.08 -25.95
N THR D 9 5.25 -12.24 -24.64
CA THR D 9 4.96 -11.17 -23.69
C THR D 9 5.73 -11.41 -22.41
N ASN D 10 5.92 -10.34 -21.65
CA ASN D 10 6.54 -10.41 -20.34
C ASN D 10 6.71 -9.01 -19.78
N ASP D 11 7.35 -8.16 -20.56
CA ASP D 11 7.60 -6.78 -20.15
C ASP D 11 6.32 -5.98 -20.20
N ASN D 12 5.34 -6.48 -20.94
CA ASN D 12 4.01 -5.89 -20.95
C ASN D 12 3.34 -6.11 -19.59
N ILE D 13 3.77 -7.16 -18.90
CA ILE D 13 3.28 -7.46 -17.57
C ILE D 13 4.03 -6.60 -16.57
N THR D 14 5.35 -6.73 -16.60
CA THR D 14 6.23 -5.98 -15.72
C THR D 14 6.07 -4.48 -15.91
N ALA D 15 5.51 -4.08 -17.04
CA ALA D 15 5.23 -2.69 -17.34
C ALA D 15 4.20 -2.13 -16.39
N ARG D 16 3.26 -2.98 -16.02
CA ARG D 16 2.09 -2.54 -15.27
C ARG D 16 2.38 -2.72 -13.80
N LEU D 17 3.16 -3.74 -13.50
CA LEU D 17 3.52 -4.05 -12.14
C LEU D 17 4.69 -3.20 -11.69
N ASP D 18 5.38 -2.61 -12.65
CA ASP D 18 6.43 -1.67 -12.33
C ASP D 18 5.79 -0.43 -11.78
N ARG D 19 4.56 -0.21 -12.24
CA ARG D 19 3.79 0.93 -11.84
C ARG D 19 3.30 0.75 -10.44
N ILE D 20 2.85 -0.47 -10.15
CA ILE D 20 2.48 -0.86 -8.82
C ILE D 20 3.59 -0.51 -7.86
N ASP D 21 4.76 -1.06 -8.15
CA ASP D 21 5.92 -0.91 -7.29
C ASP D 21 6.33 0.54 -7.17
N GLU D 22 6.17 1.28 -8.24
CA GLU D 22 6.30 2.72 -8.20
C GLU D 22 5.35 3.31 -7.16
N LYS D 23 4.07 2.97 -7.26
CA LYS D 23 3.06 3.41 -6.30
C LYS D 23 3.44 2.96 -4.89
N LEU D 24 3.92 1.71 -4.77
CA LEU D 24 4.35 1.16 -3.49
C LEU D 24 5.35 2.09 -2.83
N SER D 25 6.34 2.48 -3.62
CA SER D 25 7.39 3.38 -3.16
C SER D 25 6.80 4.74 -2.76
N GLU D 26 5.72 5.12 -3.42
CA GLU D 26 5.00 6.34 -3.07
C GLU D 26 4.37 6.17 -1.71
N ILE D 27 3.65 5.06 -1.57
CA ILE D 27 3.00 4.74 -0.32
C ILE D 27 4.03 4.64 0.80
N LEU D 28 5.07 3.85 0.54
CA LEU D 28 6.18 3.64 1.48
C LEU D 28 6.67 4.97 2.03
N GLY D 29 6.93 5.91 1.13
CA GLY D 29 7.47 7.19 1.53
C GLY D 29 6.47 8.00 2.31
N MET D 30 5.20 7.82 1.98
CA MET D 30 4.13 8.53 2.65
C MET D 30 3.85 7.97 4.03
N LEU D 31 3.99 6.66 4.21
CA LEU D 31 3.82 6.11 5.55
C LEU D 31 5.08 6.35 6.32
N HIS D 32 6.21 6.34 5.64
CA HIS D 32 7.47 6.75 6.27
C HIS D 32 7.26 8.10 6.89
N THR D 33 6.56 8.92 6.14
CA THR D 33 6.20 10.25 6.55
C THR D 33 5.22 10.22 7.73
N LEU D 34 4.29 9.28 7.66
CA LEU D 34 3.27 9.11 8.69
C LEU D 34 3.86 8.48 9.95
N VAL D 35 4.65 7.42 9.79
CA VAL D 35 5.40 6.83 10.88
C VAL D 35 6.31 7.86 11.55
N VAL D 36 6.67 8.92 10.84
CA VAL D 36 7.41 10.02 11.44
C VAL D 36 6.47 10.91 12.24
N ALA D 37 5.41 11.36 11.60
CA ALA D 37 4.43 12.24 12.24
C ALA D 37 3.72 11.53 13.38
N SER D 38 3.21 10.35 13.09
CA SER D 38 2.48 9.54 14.05
C SER D 38 3.43 8.91 15.06
N ALA D 39 4.74 9.05 14.85
CA ALA D 39 5.72 8.56 15.81
C ALA D 39 5.53 9.23 17.16
N GLY D 40 4.89 10.39 17.14
CA GLY D 40 4.54 11.05 18.36
C GLY D 40 5.16 12.43 18.50
N PRO D 41 4.49 13.48 17.99
CA PRO D 41 4.95 14.85 18.16
C PRO D 41 4.40 15.49 19.42
N THR D 42 3.34 14.91 19.95
CA THR D 42 2.66 15.46 21.11
C THR D 42 2.55 14.42 22.21
N SER D 43 2.64 13.15 21.83
CA SER D 43 2.47 12.05 22.75
C SER D 43 2.98 10.77 22.07
N ALA D 44 2.36 9.63 22.39
CA ALA D 44 2.72 8.34 21.80
C ALA D 44 4.12 7.91 22.23
N ARG D 45 4.17 7.17 23.31
CA ARG D 45 5.44 6.70 23.85
C ARG D 45 5.89 5.43 23.13
N GLY A 7 -2.16 -23.60 -19.09
CA GLY A 7 -3.20 -22.95 -18.26
C GLY A 7 -3.56 -21.58 -18.79
N SER A 8 -4.78 -21.15 -18.52
CA SER A 8 -5.25 -19.83 -18.95
C SER A 8 -4.49 -18.74 -18.19
N THR A 9 -3.99 -17.76 -18.92
CA THR A 9 -3.20 -16.71 -18.31
C THR A 9 -3.31 -15.41 -19.13
N ASN A 10 -2.37 -14.50 -18.91
CA ASN A 10 -2.36 -13.18 -19.55
C ASN A 10 -3.45 -12.29 -18.94
N ASP A 11 -4.68 -12.47 -19.38
CA ASP A 11 -5.76 -11.57 -18.98
C ASP A 11 -6.18 -11.80 -17.54
N ASN A 12 -6.03 -13.03 -17.07
CA ASN A 12 -6.29 -13.33 -15.67
C ASN A 12 -5.18 -12.75 -14.79
N ILE A 13 -4.08 -12.34 -15.42
CA ILE A 13 -3.05 -11.59 -14.74
C ILE A 13 -3.47 -10.12 -14.66
N THR A 14 -3.64 -9.55 -15.84
CA THR A 14 -3.98 -8.14 -16.01
C THR A 14 -5.25 -7.75 -15.28
N ALA A 15 -6.07 -8.74 -14.97
CA ALA A 15 -7.32 -8.52 -14.27
C ALA A 15 -7.10 -8.34 -12.78
N ARG A 16 -5.99 -8.87 -12.27
CA ARG A 16 -5.73 -8.81 -10.84
C ARG A 16 -4.93 -7.56 -10.56
N LEU A 17 -3.94 -7.38 -11.41
CA LEU A 17 -2.98 -6.33 -11.28
C LEU A 17 -3.59 -4.98 -11.62
N ASP A 18 -4.65 -5.02 -12.41
CA ASP A 18 -5.32 -3.78 -12.79
C ASP A 18 -6.06 -3.27 -11.59
N ARG A 19 -6.45 -4.20 -10.73
CA ARG A 19 -7.22 -3.92 -9.55
C ARG A 19 -6.31 -3.45 -8.44
N ILE A 20 -5.15 -4.08 -8.34
CA ILE A 20 -4.14 -3.67 -7.38
C ILE A 20 -3.76 -2.21 -7.62
N ASP A 21 -3.58 -1.87 -8.90
CA ASP A 21 -3.34 -0.49 -9.31
C ASP A 21 -4.54 0.39 -8.93
N GLU A 22 -5.74 -0.14 -9.13
CA GLU A 22 -6.96 0.54 -8.69
C GLU A 22 -6.90 0.85 -7.20
N LYS A 23 -6.43 -0.13 -6.43
CA LYS A 23 -6.44 -0.05 -4.98
C LYS A 23 -5.40 0.92 -4.45
N LEU A 24 -4.19 0.90 -5.01
CA LEU A 24 -3.17 1.86 -4.59
C LEU A 24 -3.58 3.26 -4.93
N SER A 25 -4.39 3.42 -5.96
CA SER A 25 -4.94 4.71 -6.29
C SER A 25 -5.84 5.19 -5.15
N GLU A 26 -6.30 4.26 -4.32
CA GLU A 26 -7.04 4.60 -3.12
C GLU A 26 -6.06 4.88 -2.00
N ILE A 27 -5.12 3.94 -1.84
CA ILE A 27 -4.14 4.00 -0.76
C ILE A 27 -3.32 5.27 -0.87
N LEU A 28 -2.76 5.48 -2.05
CA LEU A 28 -1.98 6.68 -2.35
C LEU A 28 -2.75 7.93 -1.92
N GLY A 29 -4.01 7.97 -2.25
CA GLY A 29 -4.84 9.13 -1.92
C GLY A 29 -5.10 9.20 -0.44
N MET A 30 -5.20 8.04 0.19
CA MET A 30 -5.43 7.94 1.62
C MET A 30 -4.21 8.40 2.39
N LEU A 31 -3.01 8.02 1.95
CA LEU A 31 -1.82 8.44 2.66
C LEU A 31 -1.54 9.87 2.31
N HIS A 32 -1.79 10.26 1.08
CA HIS A 32 -1.67 11.67 0.70
C HIS A 32 -2.63 12.51 1.53
N THR A 33 -3.62 11.82 2.09
CA THR A 33 -4.54 12.41 3.05
C THR A 33 -3.94 12.34 4.47
N LEU A 34 -3.31 11.20 4.78
CA LEU A 34 -2.71 10.97 6.08
C LEU A 34 -1.43 11.80 6.26
N VAL A 35 -0.58 11.82 5.25
CA VAL A 35 0.57 12.72 5.23
C VAL A 35 0.15 14.17 5.42
N VAL A 36 -1.11 14.48 5.11
CA VAL A 36 -1.63 15.81 5.39
C VAL A 36 -2.10 15.91 6.84
N ALA A 37 -2.95 14.98 7.23
CA ALA A 37 -3.50 14.95 8.58
C ALA A 37 -2.41 14.75 9.62
N SER A 38 -1.48 13.87 9.32
CA SER A 38 -0.39 13.53 10.21
C SER A 38 0.75 14.54 10.08
N ALA A 39 0.69 15.39 9.07
CA ALA A 39 1.73 16.40 8.85
C ALA A 39 1.88 17.31 10.04
N GLY A 40 0.87 17.33 10.89
CA GLY A 40 0.98 18.04 12.14
C GLY A 40 -0.02 19.17 12.29
N PRO A 41 -1.28 18.87 12.65
CA PRO A 41 -2.24 19.87 13.02
C PRO A 41 -2.27 20.11 14.50
N THR A 42 -2.69 21.30 14.86
CA THR A 42 -2.80 21.72 16.25
C THR A 42 -1.44 21.73 16.97
N SER A 43 -0.89 20.54 17.17
CA SER A 43 0.35 20.36 17.90
C SER A 43 1.55 20.45 16.96
N ALA A 44 2.66 19.82 17.36
CA ALA A 44 3.90 19.85 16.59
C ALA A 44 4.41 21.28 16.47
N ARG A 45 4.58 21.92 17.62
CA ARG A 45 5.00 23.31 17.67
C ARG A 45 6.39 23.41 18.28
N GLY B 7 9.92 -21.91 -18.65
CA GLY B 7 9.79 -21.90 -17.17
C GLY B 7 8.35 -21.95 -16.74
N SER B 8 8.10 -22.48 -15.55
CA SER B 8 6.76 -22.56 -15.01
C SER B 8 6.23 -21.18 -14.68
N THR B 9 5.03 -20.88 -15.12
CA THR B 9 4.46 -19.55 -14.93
C THR B 9 2.94 -19.63 -14.87
N ASN B 10 2.29 -18.48 -15.07
CA ASN B 10 0.84 -18.35 -14.98
C ASN B 10 0.38 -18.42 -13.52
N ASP B 11 0.28 -19.61 -12.98
CA ASP B 11 -0.28 -19.80 -11.64
C ASP B 11 0.67 -19.32 -10.56
N ASN B 12 1.97 -19.40 -10.83
CA ASN B 12 2.96 -18.86 -9.91
C ASN B 12 2.95 -17.34 -9.96
N ILE B 13 2.27 -16.79 -10.96
CA ILE B 13 2.00 -15.36 -11.00
C ILE B 13 0.80 -15.06 -10.12
N THR B 14 -0.32 -15.66 -10.51
CA THR B 14 -1.61 -15.46 -9.85
C THR B 14 -1.56 -15.78 -8.36
N ALA B 15 -0.56 -16.55 -7.96
CA ALA B 15 -0.40 -16.94 -6.58
C ALA B 15 0.26 -15.84 -5.76
N ARG B 16 0.94 -14.92 -6.43
CA ARG B 16 1.66 -13.87 -5.72
C ARG B 16 0.78 -12.66 -5.68
N LEU B 17 0.19 -12.41 -6.81
CA LEU B 17 -0.63 -11.24 -7.04
C LEU B 17 -1.96 -11.36 -6.32
N ASP B 18 -2.35 -12.60 -6.05
CA ASP B 18 -3.61 -12.84 -5.35
C ASP B 18 -3.43 -12.44 -3.91
N ARG B 19 -2.19 -12.56 -3.48
CA ARG B 19 -1.81 -12.29 -2.11
C ARG B 19 -1.62 -10.81 -1.92
N ILE B 20 -1.01 -10.17 -2.90
CA ILE B 20 -0.84 -8.72 -2.88
C ILE B 20 -2.20 -8.05 -2.77
N ASP B 21 -3.16 -8.55 -3.54
CA ASP B 21 -4.54 -8.10 -3.44
C ASP B 21 -5.11 -8.39 -2.05
N GLU B 22 -4.78 -9.56 -1.52
CA GLU B 22 -5.14 -9.90 -0.14
C GLU B 22 -4.60 -8.85 0.83
N LYS B 23 -3.38 -8.43 0.60
CA LYS B 23 -2.67 -7.55 1.52
C LYS B 23 -3.20 -6.12 1.46
N LEU B 24 -3.47 -5.61 0.26
CA LEU B 24 -4.04 -4.28 0.14
C LEU B 24 -5.43 -4.23 0.73
N SER B 25 -6.12 -5.36 0.74
CA SER B 25 -7.40 -5.45 1.42
C SER B 25 -7.22 -5.23 2.92
N GLU B 26 -5.98 -5.40 3.39
CA GLU B 26 -5.66 -5.08 4.77
C GLU B 26 -5.27 -3.61 4.86
N ILE B 27 -4.39 -3.21 3.95
CA ILE B 27 -3.86 -1.86 3.93
C ILE B 27 -4.98 -0.85 3.74
N LEU B 28 -5.78 -1.08 2.71
CA LEU B 28 -6.94 -0.26 2.43
C LEU B 28 -7.78 -0.06 3.68
N GLY B 29 -8.02 -1.14 4.39
CA GLY B 29 -8.82 -1.09 5.59
C GLY B 29 -8.12 -0.36 6.71
N MET B 30 -6.80 -0.50 6.73
CA MET B 30 -5.97 0.14 7.72
C MET B 30 -5.93 1.65 7.49
N LEU B 31 -5.82 2.08 6.24
CA LEU B 31 -5.79 3.52 5.99
C LEU B 31 -7.19 4.06 6.09
N HIS B 32 -8.18 3.28 5.68
CA HIS B 32 -9.57 3.68 5.87
C HIS B 32 -9.86 3.79 7.36
N THR B 33 -8.98 3.21 8.15
CA THR B 33 -8.99 3.35 9.59
C THR B 33 -8.17 4.58 10.01
N LEU B 34 -7.04 4.78 9.33
CA LEU B 34 -6.14 5.89 9.60
C LEU B 34 -6.73 7.21 9.12
N VAL B 35 -7.27 7.23 7.90
CA VAL B 35 -8.03 8.36 7.40
C VAL B 35 -9.17 8.73 8.35
N VAL B 36 -9.61 7.78 9.17
CA VAL B 36 -10.61 8.09 10.20
C VAL B 36 -9.93 8.67 11.43
N ALA B 37 -8.94 7.94 11.93
CA ALA B 37 -8.21 8.34 13.12
C ALA B 37 -7.47 9.66 12.91
N SER B 38 -6.87 9.79 11.75
CA SER B 38 -6.10 10.96 11.40
C SER B 38 -7.01 12.08 10.88
N ALA B 39 -8.27 11.76 10.62
CA ALA B 39 -9.22 12.75 10.11
C ALA B 39 -9.38 13.92 11.08
N GLY B 40 -8.95 13.71 12.31
CA GLY B 40 -8.90 14.81 13.25
C GLY B 40 -9.79 14.61 14.46
N PRO B 41 -9.35 13.82 15.46
CA PRO B 41 -10.03 13.72 16.74
C PRO B 41 -9.46 14.68 17.75
N THR B 42 -10.29 15.10 18.69
CA THR B 42 -9.89 15.99 19.76
C THR B 42 -9.50 17.39 19.23
N SER B 43 -8.38 17.43 18.53
CA SER B 43 -7.83 18.67 18.03
C SER B 43 -8.39 18.98 16.63
N ALA B 44 -7.63 19.78 15.87
CA ALA B 44 -8.05 20.21 14.53
C ALA B 44 -9.32 21.05 14.62
N ARG B 45 -9.26 22.09 15.43
CA ARG B 45 -10.40 22.94 15.66
C ARG B 45 -10.13 24.33 15.09
N GLY C 7 8.89 -12.47 -26.30
CA GLY C 7 9.67 -11.68 -25.31
C GLY C 7 9.92 -12.47 -24.04
N SER C 8 11.00 -12.14 -23.35
CA SER C 8 11.34 -12.79 -22.10
C SER C 8 10.31 -12.44 -21.03
N THR C 9 9.80 -13.44 -20.32
CA THR C 9 8.78 -13.21 -19.33
C THR C 9 8.85 -14.28 -18.24
N ASN C 10 7.77 -14.42 -17.47
CA ASN C 10 7.69 -15.34 -16.35
C ASN C 10 8.50 -14.82 -15.17
N ASP C 11 9.81 -15.02 -15.21
CA ASP C 11 10.67 -14.70 -14.08
C ASP C 11 10.84 -13.21 -13.92
N ASN C 12 10.78 -12.48 -15.03
CA ASN C 12 10.83 -11.02 -14.97
C ASN C 12 9.51 -10.48 -14.44
N ILE C 13 8.50 -11.34 -14.37
CA ILE C 13 7.26 -11.01 -13.68
C ILE C 13 7.45 -11.22 -12.19
N THR C 14 7.75 -12.47 -11.85
CA THR C 14 7.90 -12.92 -10.47
C THR C 14 8.95 -12.11 -9.72
N ALA C 15 9.83 -11.47 -10.46
CA ALA C 15 10.90 -10.67 -9.88
C ALA C 15 10.41 -9.30 -9.44
N ARG C 16 9.29 -8.86 -10.01
CA ARG C 16 8.78 -7.53 -9.71
C ARG C 16 7.77 -7.66 -8.61
N LEU C 17 6.93 -8.67 -8.79
CA LEU C 17 5.82 -8.92 -7.92
C LEU C 17 6.29 -9.48 -6.60
N ASP C 18 7.46 -10.08 -6.60
CA ASP C 18 8.01 -10.64 -5.38
C ASP C 18 8.44 -9.51 -4.48
N ARG C 19 8.80 -8.42 -5.14
CA ARG C 19 9.29 -7.23 -4.49
C ARG C 19 8.15 -6.41 -3.96
N ILE C 20 7.10 -6.32 -4.76
CA ILE C 20 5.87 -5.64 -4.35
C ILE C 20 5.34 -6.27 -3.06
N ASP C 21 5.35 -7.60 -3.04
CA ASP C 21 4.99 -8.35 -1.83
C ASP C 21 5.96 -8.04 -0.69
N GLU C 22 7.25 -7.93 -1.02
CA GLU C 22 8.26 -7.49 -0.06
C GLU C 22 7.89 -6.14 0.53
N LYS C 23 7.42 -5.25 -0.33
CA LYS C 23 7.17 -3.86 0.06
C LYS C 23 5.93 -3.73 0.91
N LEU C 24 4.85 -4.43 0.56
CA LEU C 24 3.65 -4.39 1.38
C LEU C 24 3.90 -5.01 2.74
N SER C 25 4.85 -5.92 2.81
CA SER C 25 5.26 -6.46 4.09
C SER C 25 5.88 -5.35 4.95
N GLU C 26 6.30 -4.26 4.31
CA GLU C 26 6.76 -3.09 5.03
C GLU C 26 5.57 -2.21 5.34
N ILE C 27 4.76 -1.96 4.31
CA ILE C 27 3.61 -1.08 4.42
C ILE C 27 2.64 -1.60 5.46
N LEU C 28 2.27 -2.87 5.32
CA LEU C 28 1.41 -3.55 6.28
C LEU C 28 1.88 -3.32 7.70
N GLY C 29 3.18 -3.48 7.90
CA GLY C 29 3.76 -3.32 9.22
C GLY C 29 3.73 -1.86 9.66
N MET C 30 3.89 -0.98 8.69
CA MET C 30 3.87 0.45 8.93
C MET C 30 2.47 0.91 9.32
N LEU C 31 1.44 0.42 8.64
CA LEU C 31 0.10 0.84 8.99
C LEU C 31 -0.32 0.11 10.25
N HIS C 32 0.09 -1.12 10.41
CA HIS C 32 -0.16 -1.85 11.65
C HIS C 32 0.53 -1.11 12.81
N THR C 33 1.45 -0.24 12.44
CA THR C 33 2.10 0.65 13.37
C THR C 33 1.28 1.95 13.49
N LEU C 34 0.77 2.42 12.35
CA LEU C 34 -0.01 3.65 12.29
C LEU C 34 -1.40 3.45 12.89
N VAL C 35 -2.06 2.35 12.55
CA VAL C 35 -3.31 1.95 13.20
C VAL C 35 -3.13 1.86 14.71
N VAL C 36 -1.90 1.67 15.17
CA VAL C 36 -1.63 1.69 16.60
C VAL C 36 -1.46 3.13 17.09
N ALA C 37 -0.56 3.85 16.43
CA ALA C 37 -0.26 5.23 16.78
C ALA C 37 -1.48 6.12 16.61
N SER C 38 -2.19 5.90 15.53
CA SER C 38 -3.37 6.69 15.20
C SER C 38 -4.61 6.17 15.93
N ALA C 39 -4.49 5.00 16.54
CA ALA C 39 -5.60 4.41 17.28
C ALA C 39 -6.09 5.32 18.39
N GLY C 40 -5.26 6.28 18.76
CA GLY C 40 -5.69 7.28 19.70
C GLY C 40 -4.91 7.31 20.99
N PRO C 41 -3.70 7.90 21.00
CA PRO C 41 -2.95 8.15 22.21
C PRO C 41 -3.23 9.53 22.77
N THR C 42 -3.09 9.65 24.09
CA THR C 42 -3.27 10.92 24.77
C THR C 42 -4.73 11.41 24.68
N SER C 43 -5.13 11.80 23.49
CA SER C 43 -6.43 12.36 23.24
C SER C 43 -7.45 11.26 22.90
N ALA C 44 -8.51 11.65 22.20
CA ALA C 44 -9.59 10.73 21.84
C ALA C 44 -10.28 10.20 23.09
N ARG C 45 -10.72 11.13 23.92
CA ARG C 45 -11.35 10.79 25.18
C ARG C 45 -12.83 11.18 25.14
N GLY D 7 -3.24 -14.17 -26.72
CA GLY D 7 -3.37 -12.73 -26.39
C GLY D 7 -2.04 -12.11 -26.08
N SER D 8 -1.93 -10.81 -26.30
CA SER D 8 -0.71 -10.08 -26.03
C SER D 8 -0.46 -10.01 -24.52
N THR D 9 0.76 -10.34 -24.11
CA THR D 9 1.08 -10.38 -22.70
C THR D 9 2.57 -10.09 -22.49
N ASN D 10 3.08 -10.46 -21.31
CA ASN D 10 4.45 -10.20 -20.91
C ASN D 10 4.64 -8.71 -20.58
N ASP D 11 4.82 -7.90 -21.61
CA ASP D 11 5.16 -6.49 -21.41
C ASP D 11 3.97 -5.70 -20.90
N ASN D 12 2.77 -6.12 -21.26
CA ASN D 12 1.56 -5.50 -20.72
C ASN D 12 1.36 -5.91 -19.28
N ILE D 13 2.12 -6.90 -18.83
CA ILE D 13 2.19 -7.24 -17.42
C ILE D 13 3.16 -6.30 -16.73
N THR D 14 4.40 -6.37 -17.19
CA THR D 14 5.51 -5.61 -16.63
C THR D 14 5.25 -4.11 -16.62
N ALA D 15 4.32 -3.69 -17.46
CA ALA D 15 3.98 -2.28 -17.58
C ALA D 15 3.04 -1.85 -16.46
N ARG D 16 2.34 -2.80 -15.84
CA ARG D 16 1.37 -2.47 -14.83
C ARG D 16 2.05 -2.58 -13.49
N LEU D 17 2.79 -3.66 -13.37
CA LEU D 17 3.45 -4.03 -12.15
C LEU D 17 4.64 -3.12 -11.88
N ASP D 18 5.15 -2.53 -12.94
CA ASP D 18 6.29 -1.63 -12.80
C ASP D 18 5.80 -0.36 -12.15
N ARG D 19 4.53 -0.08 -12.40
CA ARG D 19 3.89 1.12 -11.93
C ARG D 19 3.45 0.94 -10.49
N ILE D 20 2.94 -0.24 -10.19
CA ILE D 20 2.56 -0.60 -8.83
C ILE D 20 3.77 -0.45 -7.91
N ASP D 21 4.91 -0.93 -8.39
CA ASP D 21 6.19 -0.77 -7.69
C ASP D 21 6.53 0.72 -7.57
N GLU D 22 6.29 1.46 -8.64
CA GLU D 22 6.45 2.91 -8.61
C GLU D 22 5.61 3.53 -7.50
N LYS D 23 4.38 3.04 -7.37
CA LYS D 23 3.41 3.62 -6.45
C LYS D 23 3.73 3.30 -5.00
N LEU D 24 4.13 2.06 -4.71
CA LEU D 24 4.52 1.72 -3.34
C LEU D 24 5.76 2.46 -2.93
N SER D 25 6.59 2.84 -3.89
CA SER D 25 7.73 3.68 -3.61
C SER D 25 7.25 5.05 -3.12
N GLU D 26 6.00 5.38 -3.41
CA GLU D 26 5.38 6.59 -2.87
C GLU D 26 4.78 6.27 -1.51
N ILE D 27 4.02 5.18 -1.47
CA ILE D 27 3.32 4.77 -0.27
C ILE D 27 4.30 4.51 0.86
N LEU D 28 5.29 3.68 0.57
CA LEU D 28 6.36 3.37 1.51
C LEU D 28 6.93 4.65 2.12
N GLY D 29 7.19 5.62 1.26
CA GLY D 29 7.75 6.88 1.71
C GLY D 29 6.75 7.67 2.52
N MET D 30 5.50 7.55 2.14
CA MET D 30 4.41 8.23 2.83
C MET D 30 4.19 7.66 4.22
N LEU D 31 4.26 6.34 4.36
CA LEU D 31 4.07 5.75 5.67
C LEU D 31 5.33 5.93 6.47
N HIS D 32 6.48 5.85 5.81
CA HIS D 32 7.75 6.13 6.48
C HIS D 32 7.74 7.58 6.96
N THR D 33 6.84 8.36 6.41
CA THR D 33 6.57 9.71 6.84
C THR D 33 5.52 9.70 7.97
N LEU D 34 4.52 8.85 7.81
CA LEU D 34 3.43 8.72 8.78
C LEU D 34 3.90 8.02 10.05
N VAL D 35 4.64 6.94 9.91
CA VAL D 35 5.30 6.29 11.03
C VAL D 35 6.18 7.27 11.79
N VAL D 36 6.61 8.34 11.13
CA VAL D 36 7.35 9.40 11.80
C VAL D 36 6.39 10.36 12.50
N ALA D 37 5.44 10.88 11.74
CA ALA D 37 4.47 11.83 12.23
C ALA D 37 3.60 11.21 13.32
N SER D 38 3.20 9.98 13.10
CA SER D 38 2.34 9.26 14.02
C SER D 38 3.16 8.63 15.15
N ALA D 39 4.48 8.62 15.01
CA ALA D 39 5.35 8.05 16.03
C ALA D 39 5.15 8.71 17.38
N GLY D 40 4.56 9.88 17.36
CA GLY D 40 4.19 10.52 18.60
C GLY D 40 4.87 11.85 18.83
N PRO D 41 4.39 12.94 18.20
CA PRO D 41 4.83 14.27 18.50
C PRO D 41 3.95 14.94 19.53
N THR D 42 4.53 15.88 20.23
CA THR D 42 3.84 16.65 21.26
C THR D 42 3.36 15.76 22.43
N SER D 43 2.38 14.91 22.14
CA SER D 43 1.75 14.06 23.12
C SER D 43 2.49 12.73 23.23
N ALA D 44 1.77 11.70 23.70
CA ALA D 44 2.36 10.38 23.91
C ALA D 44 3.46 10.44 24.96
N ARG D 45 3.10 10.97 26.12
CA ARG D 45 4.06 11.15 27.20
C ARG D 45 3.69 10.24 28.36
N GLY A 7 -1.98 -19.67 -23.93
CA GLY A 7 -1.53 -18.72 -24.98
C GLY A 7 -1.79 -17.29 -24.60
N SER A 8 -2.93 -16.76 -25.03
CA SER A 8 -3.34 -15.41 -24.68
C SER A 8 -3.72 -15.34 -23.21
N THR A 9 -2.83 -14.81 -22.39
CA THR A 9 -3.03 -14.81 -20.96
C THR A 9 -2.65 -13.47 -20.34
N ASN A 10 -1.92 -12.63 -21.08
CA ASN A 10 -1.41 -11.37 -20.55
C ASN A 10 -2.51 -10.55 -19.88
N ASP A 11 -3.64 -10.43 -20.55
CA ASP A 11 -4.75 -9.64 -20.05
C ASP A 11 -5.40 -10.30 -18.86
N ASN A 12 -5.10 -11.58 -18.67
CA ASN A 12 -5.58 -12.30 -17.51
C ASN A 12 -4.72 -11.96 -16.30
N ILE A 13 -3.51 -11.47 -16.57
CA ILE A 13 -2.64 -10.95 -15.53
C ILE A 13 -2.98 -9.49 -15.26
N THR A 14 -2.97 -8.72 -16.33
CA THR A 14 -3.20 -7.28 -16.25
C THR A 14 -4.59 -6.95 -15.70
N ALA A 15 -5.50 -7.91 -15.78
CA ALA A 15 -6.86 -7.75 -15.26
C ALA A 15 -6.84 -7.75 -13.73
N ARG A 16 -5.88 -8.45 -13.17
CA ARG A 16 -5.80 -8.66 -11.73
C ARG A 16 -4.98 -7.57 -11.10
N LEU A 17 -3.97 -7.16 -11.84
CA LEU A 17 -3.08 -6.12 -11.41
C LEU A 17 -3.73 -4.77 -11.67
N ASP A 18 -4.76 -4.78 -12.52
CA ASP A 18 -5.54 -3.58 -12.78
C ASP A 18 -6.25 -3.23 -11.48
N ARG A 19 -6.52 -4.29 -10.74
CA ARG A 19 -7.19 -4.20 -9.46
C ARG A 19 -6.24 -3.62 -8.43
N ILE A 20 -5.03 -4.17 -8.40
CA ILE A 20 -3.99 -3.72 -7.48
C ILE A 20 -3.77 -2.22 -7.63
N ASP A 21 -3.65 -1.76 -8.87
CA ASP A 21 -3.50 -0.34 -9.14
C ASP A 21 -4.74 0.43 -8.67
N GLU A 22 -5.90 -0.12 -8.98
CA GLU A 22 -7.15 0.46 -8.50
C GLU A 22 -7.16 0.60 -6.98
N LYS A 23 -6.58 -0.38 -6.30
CA LYS A 23 -6.54 -0.39 -4.84
C LYS A 23 -5.57 0.66 -4.32
N LEU A 24 -4.36 0.70 -4.86
CA LEU A 24 -3.37 1.68 -4.42
C LEU A 24 -3.80 3.10 -4.78
N SER A 25 -4.61 3.23 -5.80
CA SER A 25 -5.19 4.52 -6.14
C SER A 25 -6.07 5.02 -4.97
N GLU A 26 -6.49 4.08 -4.12
CA GLU A 26 -7.21 4.45 -2.91
C GLU A 26 -6.20 4.75 -1.82
N ILE A 27 -5.25 3.82 -1.68
CA ILE A 27 -4.23 3.91 -0.65
C ILE A 27 -3.44 5.20 -0.80
N LEU A 28 -2.87 5.37 -1.99
CA LEU A 28 -2.08 6.55 -2.34
C LEU A 28 -2.75 7.84 -1.87
N GLY A 29 -4.02 7.98 -2.23
CA GLY A 29 -4.75 9.18 -1.91
C GLY A 29 -5.08 9.25 -0.43
N MET A 30 -5.24 8.09 0.18
CA MET A 30 -5.56 8.01 1.58
C MET A 30 -4.36 8.32 2.45
N LEU A 31 -3.17 7.94 2.02
CA LEU A 31 -1.98 8.28 2.78
C LEU A 31 -1.65 9.72 2.53
N HIS A 32 -1.91 10.18 1.32
CA HIS A 32 -1.76 11.59 1.00
C HIS A 32 -2.61 12.37 1.98
N THR A 33 -3.77 11.80 2.24
CA THR A 33 -4.71 12.33 3.21
C THR A 33 -4.14 12.23 4.62
N LEU A 34 -3.45 11.13 4.88
CA LEU A 34 -2.84 10.88 6.18
C LEU A 34 -1.62 11.75 6.38
N VAL A 35 -0.74 11.80 5.38
CA VAL A 35 0.38 12.75 5.40
C VAL A 35 -0.12 14.18 5.66
N VAL A 36 -1.36 14.46 5.29
CA VAL A 36 -1.95 15.76 5.59
C VAL A 36 -2.45 15.81 7.03
N ALA A 37 -3.27 14.84 7.41
CA ALA A 37 -3.84 14.78 8.75
C ALA A 37 -2.76 14.59 9.80
N SER A 38 -1.88 13.63 9.56
CA SER A 38 -0.78 13.34 10.46
C SER A 38 0.23 14.49 10.48
N ALA A 39 0.20 15.32 9.44
CA ALA A 39 1.06 16.51 9.38
C ALA A 39 0.68 17.53 10.45
N GLY A 40 -0.36 17.21 11.21
CA GLY A 40 -0.76 18.06 12.29
C GLY A 40 -2.27 18.11 12.46
N PRO A 41 -2.84 17.16 13.22
CA PRO A 41 -4.29 17.12 13.47
C PRO A 41 -4.77 18.34 14.23
N THR A 42 -4.12 18.61 15.35
CA THR A 42 -4.47 19.74 16.17
C THR A 42 -3.85 21.03 15.64
N SER A 43 -2.53 21.02 15.54
CA SER A 43 -1.80 22.18 15.05
C SER A 43 -0.77 21.78 13.99
N ALA A 44 0.37 21.26 14.44
CA ALA A 44 1.46 20.90 13.53
C ALA A 44 2.36 19.86 14.17
N ARG A 45 3.53 19.65 13.55
CA ARG A 45 4.52 18.71 14.07
C ARG A 45 5.93 19.22 13.78
N GLY B 7 3.97 -23.26 -20.18
CA GLY B 7 2.63 -23.20 -20.80
C GLY B 7 1.60 -22.61 -19.86
N SER B 8 0.91 -23.47 -19.12
CA SER B 8 -0.05 -23.03 -18.13
C SER B 8 0.66 -22.39 -16.95
N THR B 9 0.65 -21.08 -16.89
CA THR B 9 1.40 -20.36 -15.88
C THR B 9 0.60 -19.20 -15.30
N ASN B 10 -0.49 -18.82 -15.95
CA ASN B 10 -1.26 -17.65 -15.54
C ASN B 10 -1.62 -17.71 -14.06
N ASP B 11 -2.08 -18.86 -13.62
CA ASP B 11 -2.52 -19.03 -12.23
C ASP B 11 -1.33 -19.04 -11.29
N ASN B 12 -0.15 -19.21 -11.85
CA ASN B 12 1.08 -19.14 -11.07
C ASN B 12 1.44 -17.68 -10.83
N ILE B 13 0.90 -16.80 -11.68
CA ILE B 13 1.02 -15.36 -11.48
C ILE B 13 -0.07 -14.88 -10.55
N THR B 14 -1.30 -15.21 -10.90
CA THR B 14 -2.47 -14.78 -10.18
C THR B 14 -2.48 -15.31 -8.73
N ALA B 15 -1.72 -16.36 -8.49
CA ALA B 15 -1.60 -16.94 -7.16
C ALA B 15 -0.78 -16.04 -6.24
N ARG B 16 0.09 -15.25 -6.86
CA ARG B 16 1.04 -14.45 -6.12
C ARG B 16 0.47 -13.07 -5.93
N LEU B 17 -0.25 -12.64 -6.93
CA LEU B 17 -0.90 -11.36 -6.92
C LEU B 17 -2.20 -11.45 -6.14
N ASP B 18 -2.64 -12.69 -5.90
CA ASP B 18 -3.81 -12.92 -5.08
C ASP B 18 -3.44 -12.53 -3.66
N ARG B 19 -2.14 -12.68 -3.40
CA ARG B 19 -1.55 -12.35 -2.13
C ARG B 19 -1.49 -10.85 -1.97
N ILE B 20 -0.99 -10.20 -3.00
CA ILE B 20 -0.86 -8.74 -3.02
C ILE B 20 -2.21 -8.09 -2.73
N ASP B 21 -3.26 -8.56 -3.40
CA ASP B 21 -4.60 -8.07 -3.14
C ASP B 21 -5.02 -8.37 -1.71
N GLU B 22 -4.74 -9.58 -1.26
CA GLU B 22 -4.99 -9.97 0.12
C GLU B 22 -4.30 -9.01 1.09
N LYS B 23 -3.11 -8.57 0.74
CA LYS B 23 -2.32 -7.67 1.58
C LYS B 23 -2.93 -6.27 1.60
N LEU B 24 -3.24 -5.73 0.43
CA LEU B 24 -3.81 -4.39 0.35
C LEU B 24 -5.20 -4.37 0.94
N SER B 25 -5.89 -5.50 0.96
CA SER B 25 -7.16 -5.61 1.64
C SER B 25 -6.97 -5.35 3.14
N GLU B 26 -5.74 -5.49 3.62
CA GLU B 26 -5.42 -5.13 4.99
C GLU B 26 -5.08 -3.66 5.03
N ILE B 27 -4.20 -3.26 4.11
CA ILE B 27 -3.72 -1.90 4.04
C ILE B 27 -4.87 -0.93 3.86
N LEU B 28 -5.65 -1.18 2.80
CA LEU B 28 -6.81 -0.37 2.46
C LEU B 28 -7.66 -0.07 3.68
N GLY B 29 -8.00 -1.12 4.41
CA GLY B 29 -8.86 -0.98 5.57
C GLY B 29 -8.15 -0.30 6.72
N MET B 30 -6.83 -0.50 6.77
CA MET B 30 -6.03 0.07 7.83
C MET B 30 -5.81 1.56 7.61
N LEU B 31 -5.71 2.00 6.36
CA LEU B 31 -5.57 3.42 6.12
C LEU B 31 -6.91 4.05 6.24
N HIS B 32 -7.96 3.32 5.87
CA HIS B 32 -9.31 3.78 6.09
C HIS B 32 -9.47 4.07 7.56
N THR B 33 -8.87 3.19 8.33
CA THR B 33 -8.81 3.30 9.78
C THR B 33 -7.97 4.52 10.19
N LEU B 34 -6.89 4.72 9.46
CA LEU B 34 -5.98 5.84 9.71
C LEU B 34 -6.60 7.15 9.28
N VAL B 35 -7.17 7.20 8.09
CA VAL B 35 -7.95 8.35 7.65
C VAL B 35 -9.01 8.72 8.67
N VAL B 36 -9.48 7.74 9.44
CA VAL B 36 -10.42 7.99 10.52
C VAL B 36 -9.71 8.52 11.76
N ALA B 37 -8.70 7.80 12.20
CA ALA B 37 -7.95 8.17 13.40
C ALA B 37 -7.21 9.49 13.20
N SER B 38 -6.51 9.59 12.09
CA SER B 38 -5.78 10.79 11.73
C SER B 38 -6.72 11.96 11.46
N ALA B 39 -7.97 11.64 11.15
CA ALA B 39 -9.00 12.66 10.94
C ALA B 39 -9.30 13.42 12.22
N GLY B 40 -8.66 13.01 13.30
CA GLY B 40 -8.81 13.71 14.56
C GLY B 40 -8.78 12.75 15.74
N PRO B 41 -7.58 12.44 16.26
CA PRO B 41 -7.43 11.56 17.42
C PRO B 41 -8.08 12.14 18.67
N THR B 42 -7.70 13.37 18.98
CA THR B 42 -8.23 14.05 20.15
C THR B 42 -9.59 14.67 19.84
N SER B 43 -9.63 15.54 18.84
CA SER B 43 -10.86 16.20 18.45
C SER B 43 -11.06 16.15 16.93
N ALA B 44 -10.36 17.01 16.20
CA ALA B 44 -10.52 17.09 14.76
C ALA B 44 -9.29 17.72 14.11
N ARG B 45 -9.42 18.10 12.85
CA ARG B 45 -8.34 18.74 12.11
C ARG B 45 -8.90 19.75 11.11
N GLY C 7 9.02 -18.08 -23.55
CA GLY C 7 8.63 -19.38 -22.96
C GLY C 7 8.62 -19.32 -21.45
N SER C 8 9.73 -19.67 -20.84
CA SER C 8 9.87 -19.61 -19.39
C SER C 8 9.97 -18.16 -18.95
N THR C 9 8.88 -17.63 -18.43
CA THR C 9 8.82 -16.22 -18.09
C THR C 9 8.14 -15.99 -16.73
N ASN C 10 7.46 -17.02 -16.22
CA ASN C 10 6.68 -16.88 -14.99
C ASN C 10 7.50 -16.27 -13.87
N ASP C 11 8.71 -16.78 -13.69
CA ASP C 11 9.59 -16.33 -12.62
C ASP C 11 10.10 -14.92 -12.90
N ASN C 12 9.96 -14.49 -14.14
CA ASN C 12 10.32 -13.13 -14.50
C ASN C 12 9.22 -12.17 -14.07
N ILE C 13 8.03 -12.73 -13.87
CA ILE C 13 6.91 -11.97 -13.31
C ILE C 13 6.99 -12.00 -11.79
N THR C 14 7.07 -13.21 -11.27
CA THR C 14 7.07 -13.44 -9.83
C THR C 14 8.28 -12.79 -9.16
N ALA C 15 9.32 -12.52 -9.93
CA ALA C 15 10.52 -11.85 -9.42
C ALA C 15 10.24 -10.39 -9.11
N ARG C 16 9.27 -9.84 -9.82
CA ARG C 16 8.98 -8.41 -9.75
C ARG C 16 7.91 -8.18 -8.73
N LEU C 17 7.00 -9.13 -8.66
CA LEU C 17 5.91 -9.08 -7.72
C LEU C 17 6.40 -9.58 -6.37
N ASP C 18 7.57 -10.22 -6.37
CA ASP C 18 8.19 -10.64 -5.13
C ASP C 18 8.61 -9.39 -4.40
N ARG C 19 8.89 -8.37 -5.20
CA ARG C 19 9.29 -7.08 -4.74
C ARG C 19 8.11 -6.36 -4.13
N ILE C 20 7.00 -6.37 -4.86
CA ILE C 20 5.77 -5.74 -4.43
C ILE C 20 5.36 -6.26 -3.06
N ASP C 21 5.40 -7.59 -2.91
CA ASP C 21 5.10 -8.21 -1.61
C ASP C 21 6.10 -7.75 -0.56
N GLU C 22 7.38 -7.76 -0.94
CA GLU C 22 8.43 -7.26 -0.07
C GLU C 22 8.14 -5.83 0.39
N LYS C 23 7.59 -5.02 -0.52
CA LYS C 23 7.29 -3.63 -0.22
C LYS C 23 6.11 -3.51 0.72
N LEU C 24 5.02 -4.21 0.44
CA LEU C 24 3.85 -4.17 1.29
C LEU C 24 4.12 -4.78 2.65
N SER C 25 5.09 -5.68 2.71
CA SER C 25 5.52 -6.21 3.98
C SER C 25 6.10 -5.10 4.86
N GLU C 26 6.49 -4.00 4.23
CA GLU C 26 6.91 -2.81 4.96
C GLU C 26 5.68 -1.99 5.28
N ILE C 27 4.88 -1.77 4.26
CA ILE C 27 3.68 -0.95 4.38
C ILE C 27 2.75 -1.51 5.44
N LEU C 28 2.40 -2.77 5.26
CA LEU C 28 1.52 -3.50 6.17
C LEU C 28 1.91 -3.25 7.62
N GLY C 29 3.18 -3.45 7.90
CA GLY C 29 3.67 -3.32 9.26
C GLY C 29 3.70 -1.87 9.70
N MET C 30 3.93 -0.99 8.75
CA MET C 30 4.00 0.43 9.02
C MET C 30 2.63 1.02 9.28
N LEU C 31 1.59 0.52 8.61
CA LEU C 31 0.26 1.01 8.89
C LEU C 31 -0.23 0.37 10.16
N HIS C 32 0.19 -0.86 10.40
CA HIS C 32 -0.10 -1.52 11.67
C HIS C 32 0.43 -0.64 12.77
N THR C 33 1.59 -0.09 12.49
CA THR C 33 2.26 0.85 13.36
C THR C 33 1.47 2.16 13.45
N LEU C 34 0.92 2.57 12.32
CA LEU C 34 0.11 3.79 12.25
C LEU C 34 -1.24 3.59 12.91
N VAL C 35 -1.91 2.50 12.60
CA VAL C 35 -3.13 2.12 13.31
C VAL C 35 -2.91 2.11 14.83
N VAL C 36 -1.67 1.87 15.25
CA VAL C 36 -1.33 1.94 16.67
C VAL C 36 -1.11 3.39 17.12
N ALA C 37 -0.26 4.09 16.39
CA ALA C 37 0.08 5.47 16.72
C ALA C 37 -1.13 6.38 16.56
N SER C 38 -1.81 6.25 15.43
CA SER C 38 -3.01 7.02 15.15
C SER C 38 -4.16 6.63 16.08
N ALA C 39 -4.06 5.44 16.67
CA ALA C 39 -5.04 4.98 17.64
C ALA C 39 -5.02 5.82 18.91
N GLY C 40 -4.09 6.76 18.96
CA GLY C 40 -4.01 7.66 20.08
C GLY C 40 -2.59 8.03 20.41
N PRO C 41 -2.03 9.07 19.76
CA PRO C 41 -0.66 9.52 20.03
C PRO C 41 -0.50 10.02 21.46
N THR C 42 -1.37 10.96 21.84
CA THR C 42 -1.34 11.54 23.17
C THR C 42 -2.04 10.62 24.17
N SER C 43 -3.30 10.33 23.91
CA SER C 43 -4.09 9.49 24.79
C SER C 43 -4.84 8.43 23.99
N ALA C 44 -5.96 8.81 23.38
CA ALA C 44 -6.80 7.87 22.66
C ALA C 44 -7.66 8.59 21.63
N ARG C 45 -8.66 7.89 21.09
CA ARG C 45 -9.58 8.46 20.12
C ARG C 45 -10.96 7.85 20.30
N GLY D 7 3.04 -14.51 -27.28
CA GLY D 7 4.46 -14.93 -27.12
C GLY D 7 5.21 -14.02 -26.17
N SER D 8 5.86 -13.00 -26.72
CA SER D 8 6.57 -12.02 -25.91
C SER D 8 5.57 -11.13 -25.18
N THR D 9 5.38 -11.38 -23.90
CA THR D 9 4.36 -10.69 -23.14
C THR D 9 4.86 -10.28 -21.76
N ASN D 10 5.99 -10.85 -21.34
CA ASN D 10 6.51 -10.62 -19.99
C ASN D 10 6.60 -9.13 -19.67
N ASP D 11 7.14 -8.37 -20.60
CA ASP D 11 7.35 -6.94 -20.40
C ASP D 11 6.02 -6.20 -20.43
N ASN D 12 4.99 -6.87 -20.92
CA ASN D 12 3.65 -6.31 -20.90
C ASN D 12 3.05 -6.48 -19.51
N ILE D 13 3.60 -7.41 -18.74
CA ILE D 13 3.23 -7.57 -17.34
C ILE D 13 4.07 -6.63 -16.50
N THR D 14 5.37 -6.73 -16.67
CA THR D 14 6.34 -5.96 -15.89
C THR D 14 6.16 -4.45 -16.10
N ALA D 15 5.52 -4.07 -17.19
CA ALA D 15 5.25 -2.67 -17.49
C ALA D 15 4.17 -2.13 -16.58
N ARG D 16 3.31 -3.02 -16.11
CA ARG D 16 2.13 -2.62 -15.35
C ARG D 16 2.46 -2.69 -13.89
N LEU D 17 3.28 -3.66 -13.56
CA LEU D 17 3.72 -3.86 -12.20
C LEU D 17 4.86 -2.91 -11.90
N ASP D 18 5.42 -2.32 -12.96
CA ASP D 18 6.45 -1.31 -12.80
C ASP D 18 5.78 -0.10 -12.19
N ARG D 19 4.50 0.01 -12.52
CA ARG D 19 3.65 1.07 -12.04
C ARG D 19 3.35 0.87 -10.58
N ILE D 20 2.94 -0.35 -10.24
CA ILE D 20 2.62 -0.72 -8.88
C ILE D 20 3.78 -0.41 -7.95
N ASP D 21 4.98 -0.79 -8.36
CA ASP D 21 6.18 -0.48 -7.59
C ASP D 21 6.37 1.03 -7.51
N GLU D 22 6.21 1.70 -8.63
CA GLU D 22 6.25 3.16 -8.66
C GLU D 22 5.28 3.78 -7.66
N LYS D 23 4.11 3.16 -7.53
CA LYS D 23 3.08 3.65 -6.64
C LYS D 23 3.46 3.43 -5.18
N LEU D 24 3.88 2.21 -4.85
CA LEU D 24 4.27 1.91 -3.47
C LEU D 24 5.52 2.67 -3.07
N SER D 25 6.33 3.04 -4.04
CA SER D 25 7.47 3.91 -3.77
C SER D 25 6.99 5.26 -3.24
N GLU D 26 5.72 5.58 -3.49
CA GLU D 26 5.11 6.76 -2.92
C GLU D 26 4.56 6.41 -1.56
N ILE D 27 3.82 5.32 -1.53
CA ILE D 27 3.16 4.86 -0.32
C ILE D 27 4.19 4.61 0.78
N LEU D 28 5.16 3.77 0.47
CA LEU D 28 6.24 3.42 1.38
C LEU D 28 6.80 4.64 2.08
N GLY D 29 7.15 5.64 1.28
CA GLY D 29 7.76 6.84 1.81
C GLY D 29 6.76 7.68 2.57
N MET D 30 5.52 7.60 2.16
CA MET D 30 4.46 8.37 2.79
C MET D 30 4.07 7.78 4.13
N LEU D 31 4.12 6.45 4.27
CA LEU D 31 3.83 5.86 5.55
C LEU D 31 5.03 6.02 6.44
N HIS D 32 6.21 5.99 5.85
CA HIS D 32 7.44 6.28 6.58
C HIS D 32 7.28 7.66 7.19
N THR D 33 6.68 8.52 6.40
CA THR D 33 6.36 9.87 6.80
C THR D 33 5.29 9.87 7.90
N LEU D 34 4.33 8.96 7.75
CA LEU D 34 3.24 8.81 8.71
C LEU D 34 3.74 8.18 10.00
N VAL D 35 4.50 7.10 9.90
CA VAL D 35 5.16 6.52 11.05
C VAL D 35 5.98 7.56 11.80
N VAL D 36 6.42 8.59 11.10
CA VAL D 36 7.12 9.71 11.75
C VAL D 36 6.14 10.68 12.39
N ALA D 37 5.17 11.13 11.60
CA ALA D 37 4.18 12.08 12.07
C ALA D 37 3.30 11.49 13.16
N SER D 38 2.80 10.28 12.90
CA SER D 38 1.97 9.56 13.85
C SER D 38 2.77 9.16 15.08
N ALA D 39 4.10 9.12 14.94
CA ALA D 39 4.99 8.81 16.06
C ALA D 39 4.94 9.91 17.12
N GLY D 40 4.18 10.96 16.84
CA GLY D 40 4.01 12.02 17.79
C GLY D 40 3.90 13.37 17.12
N PRO D 41 2.69 13.78 16.71
CA PRO D 41 2.47 15.09 16.07
C PRO D 41 2.79 16.24 17.00
N THR D 42 2.20 16.21 18.19
CA THR D 42 2.41 17.24 19.18
C THR D 42 3.70 16.99 19.96
N SER D 43 3.78 15.83 20.59
CA SER D 43 4.95 15.46 21.38
C SER D 43 5.43 14.05 21.03
N ALA D 44 4.76 13.05 21.59
CA ALA D 44 5.16 11.66 21.40
C ALA D 44 3.98 10.72 21.64
N ARG D 45 4.28 9.43 21.77
CA ARG D 45 3.26 8.42 22.03
C ARG D 45 3.84 7.31 22.91
N GLY A 7 -2.62 -19.91 -24.10
CA GLY A 7 -3.49 -18.92 -24.77
C GLY A 7 -3.31 -17.54 -24.21
N SER A 8 -4.34 -16.71 -24.31
CA SER A 8 -4.29 -15.35 -23.81
C SER A 8 -4.49 -15.33 -22.30
N THR A 9 -3.39 -15.35 -21.58
CA THR A 9 -3.43 -15.35 -20.13
C THR A 9 -3.12 -13.96 -19.58
N ASN A 10 -2.53 -13.11 -20.42
CA ASN A 10 -2.09 -11.78 -19.99
C ASN A 10 -3.19 -11.04 -19.23
N ASP A 11 -4.40 -11.01 -19.79
CA ASP A 11 -5.53 -10.29 -19.18
C ASP A 11 -5.94 -10.93 -17.86
N ASN A 12 -5.56 -12.17 -17.66
CA ASN A 12 -5.82 -12.86 -16.41
C ASN A 12 -4.91 -12.30 -15.33
N ILE A 13 -3.73 -11.89 -15.74
CA ILE A 13 -2.77 -11.26 -14.86
C ILE A 13 -3.17 -9.81 -14.64
N THR A 14 -3.29 -9.10 -15.76
CA THR A 14 -3.59 -7.68 -15.76
C THR A 14 -4.93 -7.38 -15.08
N ALA A 15 -5.76 -8.41 -14.97
CA ALA A 15 -7.02 -8.31 -14.26
C ALA A 15 -6.79 -8.00 -12.79
N ARG A 16 -5.71 -8.55 -12.25
CA ARG A 16 -5.37 -8.34 -10.84
C ARG A 16 -4.54 -7.06 -10.72
N LEU A 17 -3.57 -6.93 -11.63
CA LEU A 17 -2.74 -5.76 -11.74
C LEU A 17 -3.55 -4.49 -11.83
N ASP A 18 -4.60 -4.52 -12.65
CA ASP A 18 -5.39 -3.33 -12.88
C ASP A 18 -6.19 -3.02 -11.63
N ARG A 19 -6.44 -4.06 -10.88
CA ARG A 19 -7.18 -3.98 -9.64
C ARG A 19 -6.29 -3.38 -8.57
N ILE A 20 -5.08 -3.92 -8.46
CA ILE A 20 -4.08 -3.44 -7.53
C ILE A 20 -3.76 -1.96 -7.79
N ASP A 21 -3.63 -1.63 -9.07
CA ASP A 21 -3.40 -0.25 -9.49
C ASP A 21 -4.58 0.63 -9.06
N GLU A 22 -5.77 0.09 -9.22
CA GLU A 22 -6.98 0.75 -8.77
C GLU A 22 -6.98 0.92 -7.25
N LYS A 23 -6.41 -0.05 -6.55
CA LYS A 23 -6.39 -0.03 -5.09
C LYS A 23 -5.38 0.96 -4.55
N LEU A 24 -4.18 0.98 -5.13
CA LEU A 24 -3.17 1.94 -4.71
C LEU A 24 -3.62 3.35 -5.05
N SER A 25 -4.45 3.49 -6.07
CA SER A 25 -5.04 4.79 -6.36
C SER A 25 -5.91 5.24 -5.19
N GLU A 26 -6.34 4.28 -4.37
CA GLU A 26 -7.06 4.60 -3.16
C GLU A 26 -6.07 4.88 -2.05
N ILE A 27 -5.12 3.95 -1.89
CA ILE A 27 -4.14 4.02 -0.83
C ILE A 27 -3.30 5.29 -0.96
N LEU A 28 -2.75 5.49 -2.15
CA LEU A 28 -1.94 6.66 -2.43
C LEU A 28 -2.64 7.95 -1.99
N GLY A 29 -3.90 8.08 -2.38
CA GLY A 29 -4.66 9.27 -2.04
C GLY A 29 -5.05 9.27 -0.57
N MET A 30 -5.12 8.07 -0.03
CA MET A 30 -5.43 7.84 1.36
C MET A 30 -4.28 8.29 2.24
N LEU A 31 -3.06 7.98 1.82
CA LEU A 31 -1.92 8.39 2.59
C LEU A 31 -1.66 9.84 2.31
N HIS A 32 -1.94 10.27 1.10
CA HIS A 32 -1.90 11.71 0.79
C HIS A 32 -2.76 12.42 1.80
N THR A 33 -3.89 11.81 2.07
CA THR A 33 -4.84 12.29 3.04
C THR A 33 -4.26 12.20 4.46
N LEU A 34 -3.55 11.12 4.72
CA LEU A 34 -2.96 10.85 6.02
C LEU A 34 -1.72 11.70 6.25
N VAL A 35 -0.86 11.79 5.24
CA VAL A 35 0.25 12.74 5.26
C VAL A 35 -0.24 14.14 5.56
N VAL A 36 -1.48 14.45 5.15
CA VAL A 36 -2.08 15.74 5.49
C VAL A 36 -2.56 15.75 6.94
N ALA A 37 -3.38 14.77 7.29
CA ALA A 37 -3.93 14.68 8.63
C ALA A 37 -2.82 14.52 9.67
N SER A 38 -1.94 13.57 9.43
CA SER A 38 -0.82 13.29 10.30
C SER A 38 0.17 14.44 10.32
N ALA A 39 0.10 15.32 9.33
CA ALA A 39 0.94 16.51 9.28
C ALA A 39 0.54 17.51 10.36
N GLY A 40 -0.60 17.26 11.01
CA GLY A 40 -1.07 18.11 12.06
C GLY A 40 -2.53 17.88 12.39
N PRO A 41 -2.85 16.80 13.11
CA PRO A 41 -4.21 16.44 13.48
C PRO A 41 -4.60 16.88 14.88
N THR A 42 -3.69 17.58 15.53
CA THR A 42 -3.82 17.90 16.94
C THR A 42 -4.31 19.32 17.17
N SER A 43 -3.42 20.27 17.01
CA SER A 43 -3.72 21.65 17.34
C SER A 43 -2.93 22.57 16.43
N ALA A 44 -2.74 22.13 15.20
CA ALA A 44 -1.93 22.84 14.24
C ALA A 44 -2.29 22.41 12.83
N ARG A 45 -1.91 23.22 11.86
CA ARG A 45 -2.32 23.00 10.49
C ARG A 45 -1.10 22.68 9.62
N GLY B 7 4.11 -23.85 -19.96
CA GLY B 7 2.91 -24.51 -19.39
C GLY B 7 2.03 -23.51 -18.67
N SER B 8 1.26 -24.00 -17.70
CA SER B 8 0.38 -23.13 -16.93
C SER B 8 1.16 -22.36 -15.87
N THR B 9 1.58 -21.16 -16.23
CA THR B 9 2.34 -20.33 -15.31
C THR B 9 1.45 -19.25 -14.71
N ASN B 10 0.30 -19.00 -15.32
CA ASN B 10 -0.61 -17.94 -14.89
C ASN B 10 -0.85 -17.97 -13.38
N ASP B 11 -1.18 -19.14 -12.85
CA ASP B 11 -1.48 -19.29 -11.42
C ASP B 11 -0.26 -19.05 -10.56
N ASN B 12 0.91 -19.14 -11.16
CA ASN B 12 2.16 -18.84 -10.47
C ASN B 12 2.26 -17.34 -10.26
N ILE B 13 1.71 -16.59 -11.20
CA ILE B 13 1.65 -15.15 -11.11
C ILE B 13 0.53 -14.75 -10.17
N THR B 14 -0.66 -15.24 -10.50
CA THR B 14 -1.86 -14.89 -9.76
C THR B 14 -1.78 -15.33 -8.30
N ALA B 15 -0.85 -16.22 -8.02
CA ALA B 15 -0.58 -16.66 -6.66
C ALA B 15 -0.06 -15.50 -5.83
N ARG B 16 0.71 -14.62 -6.47
CA ARG B 16 1.26 -13.46 -5.78
C ARG B 16 0.26 -12.32 -5.83
N LEU B 17 -0.31 -12.14 -7.02
CA LEU B 17 -1.36 -11.16 -7.24
C LEU B 17 -2.50 -11.31 -6.26
N ASP B 18 -2.92 -12.54 -6.03
CA ASP B 18 -4.07 -12.78 -5.16
C ASP B 18 -3.68 -12.48 -3.73
N ARG B 19 -2.40 -12.61 -3.48
CA ARG B 19 -1.82 -12.35 -2.18
C ARG B 19 -1.75 -10.85 -1.95
N ILE B 20 -1.21 -10.15 -2.94
CA ILE B 20 -1.12 -8.70 -2.90
C ILE B 20 -2.51 -8.07 -2.75
N ASP B 21 -3.47 -8.61 -3.49
CA ASP B 21 -4.86 -8.17 -3.42
C ASP B 21 -5.38 -8.42 -2.00
N GLU B 22 -5.03 -9.56 -1.45
CA GLU B 22 -5.36 -9.90 -0.07
C GLU B 22 -4.71 -8.91 0.91
N LYS B 23 -3.51 -8.46 0.57
CA LYS B 23 -2.75 -7.58 1.45
C LYS B 23 -3.29 -6.16 1.42
N LEU B 24 -3.60 -5.66 0.23
CA LEU B 24 -4.19 -4.32 0.12
C LEU B 24 -5.56 -4.29 0.74
N SER B 25 -6.23 -5.44 0.77
CA SER B 25 -7.50 -5.54 1.48
C SER B 25 -7.27 -5.28 2.98
N GLU B 26 -6.03 -5.46 3.42
CA GLU B 26 -5.67 -5.13 4.78
C GLU B 26 -5.30 -3.66 4.84
N ILE B 27 -4.43 -3.25 3.93
CA ILE B 27 -3.91 -1.89 3.90
C ILE B 27 -5.04 -0.89 3.69
N LEU B 28 -5.84 -1.13 2.67
CA LEU B 28 -6.98 -0.29 2.34
C LEU B 28 -7.84 -0.02 3.57
N GLY B 29 -8.17 -1.09 4.28
CA GLY B 29 -9.01 -0.97 5.46
C GLY B 29 -8.24 -0.37 6.61
N MET B 30 -6.94 -0.57 6.56
CA MET B 30 -6.01 -0.03 7.54
C MET B 30 -5.92 1.48 7.41
N LEU B 31 -5.86 1.96 6.18
CA LEU B 31 -5.78 3.38 5.98
C LEU B 31 -7.14 3.95 6.17
N HIS B 32 -8.17 3.20 5.80
CA HIS B 32 -9.54 3.59 6.11
C HIS B 32 -9.62 3.87 7.59
N THR B 33 -8.98 2.99 8.32
CA THR B 33 -8.88 3.08 9.76
C THR B 33 -8.05 4.30 10.17
N LEU B 34 -6.99 4.55 9.43
CA LEU B 34 -6.06 5.64 9.70
C LEU B 34 -6.65 6.98 9.26
N VAL B 35 -7.24 7.02 8.08
CA VAL B 35 -8.03 8.17 7.64
C VAL B 35 -9.08 8.54 8.69
N VAL B 36 -9.57 7.54 9.44
CA VAL B 36 -10.49 7.81 10.54
C VAL B 36 -9.74 8.34 11.76
N ALA B 37 -8.74 7.60 12.20
CA ALA B 37 -7.95 7.98 13.35
C ALA B 37 -7.26 9.32 13.13
N SER B 38 -6.55 9.43 12.03
CA SER B 38 -5.84 10.64 11.66
C SER B 38 -6.80 11.80 11.39
N ALA B 39 -8.07 11.47 11.15
CA ALA B 39 -9.10 12.49 10.97
C ALA B 39 -9.39 13.24 12.27
N GLY B 40 -8.83 12.73 13.36
CA GLY B 40 -9.01 13.36 14.66
C GLY B 40 -8.65 12.44 15.81
N PRO B 41 -7.35 12.22 16.07
CA PRO B 41 -6.88 11.34 17.13
C PRO B 41 -6.51 12.07 18.40
N THR B 42 -6.76 13.38 18.41
CA THR B 42 -6.29 14.23 19.48
C THR B 42 -7.39 14.58 20.49
N SER B 43 -8.26 15.47 20.11
CA SER B 43 -9.26 16.00 21.02
C SER B 43 -10.51 16.37 20.25
N ALA B 44 -10.78 15.59 19.21
CA ALA B 44 -11.89 15.86 18.32
C ALA B 44 -12.26 14.60 17.55
N ARG B 45 -13.46 14.60 16.99
CA ARG B 45 -14.01 13.42 16.37
C ARG B 45 -14.18 13.66 14.87
N GLY C 7 9.68 -18.10 -23.71
CA GLY C 7 10.52 -18.85 -22.76
C GLY C 7 10.05 -18.66 -21.34
N SER C 8 10.97 -18.81 -20.39
CA SER C 8 10.63 -18.65 -18.98
C SER C 8 10.55 -17.17 -18.61
N THR C 9 9.35 -16.63 -18.68
CA THR C 9 9.13 -15.23 -18.35
C THR C 9 8.53 -15.09 -16.96
N ASN C 10 7.98 -16.18 -16.43
CA ASN C 10 7.30 -16.14 -15.14
C ASN C 10 8.12 -15.43 -14.07
N ASP C 11 9.39 -15.79 -13.95
CA ASP C 11 10.27 -15.22 -12.93
C ASP C 11 10.53 -13.75 -13.18
N ASN C 12 10.31 -13.31 -14.41
CA ASN C 12 10.44 -11.90 -14.77
C ASN C 12 9.28 -11.12 -14.16
N ILE C 13 8.14 -11.80 -14.08
CA ILE C 13 6.96 -11.24 -13.44
C ILE C 13 7.11 -11.32 -11.93
N THR C 14 7.33 -12.54 -11.46
CA THR C 14 7.41 -12.82 -10.04
C THR C 14 8.56 -12.06 -9.38
N ALA C 15 9.48 -11.58 -10.19
CA ALA C 15 10.57 -10.74 -9.72
C ALA C 15 10.04 -9.43 -9.16
N ARG C 16 8.96 -8.93 -9.76
CA ARG C 16 8.35 -7.70 -9.32
C ARG C 16 7.35 -8.00 -8.23
N LEU C 17 6.55 -9.03 -8.47
CA LEU C 17 5.59 -9.53 -7.50
C LEU C 17 6.22 -9.81 -6.15
N ASP C 18 7.39 -10.44 -6.18
CA ASP C 18 8.04 -10.83 -4.94
C ASP C 18 8.55 -9.59 -4.24
N ARG C 19 8.80 -8.58 -5.04
CA ARG C 19 9.28 -7.29 -4.57
C ARG C 19 8.14 -6.54 -3.93
N ILE C 20 7.02 -6.48 -4.63
CA ILE C 20 5.81 -5.84 -4.15
C ILE C 20 5.34 -6.48 -2.85
N ASP C 21 5.39 -7.82 -2.81
CA ASP C 21 5.04 -8.58 -1.62
C ASP C 21 6.00 -8.20 -0.48
N GLU C 22 7.27 -8.06 -0.83
CA GLU C 22 8.27 -7.60 0.12
C GLU C 22 7.97 -6.19 0.61
N LYS C 23 7.42 -5.36 -0.27
CA LYS C 23 7.15 -3.97 0.05
C LYS C 23 5.91 -3.83 0.93
N LEU C 24 4.85 -4.56 0.61
CA LEU C 24 3.66 -4.53 1.45
C LEU C 24 3.95 -5.13 2.81
N SER C 25 4.92 -6.02 2.89
CA SER C 25 5.38 -6.52 4.17
C SER C 25 5.93 -5.38 5.01
N GLU C 26 6.36 -4.31 4.34
CA GLU C 26 6.80 -3.11 5.01
C GLU C 26 5.59 -2.25 5.34
N ILE C 27 4.76 -2.02 4.31
CA ILE C 27 3.60 -1.16 4.43
C ILE C 27 2.64 -1.70 5.47
N LEU C 28 2.29 -2.96 5.32
CA LEU C 28 1.39 -3.64 6.24
C LEU C 28 1.81 -3.41 7.70
N GLY C 29 3.08 -3.63 7.97
CA GLY C 29 3.59 -3.48 9.31
C GLY C 29 3.71 -2.02 9.69
N MET C 30 3.85 -1.20 8.66
CA MET C 30 3.93 0.24 8.80
C MET C 30 2.59 0.80 9.20
N LEU C 31 1.52 0.31 8.60
CA LEU C 31 0.21 0.78 8.95
C LEU C 31 -0.18 0.15 10.24
N HIS C 32 0.25 -1.09 10.45
CA HIS C 32 0.06 -1.73 11.76
C HIS C 32 0.61 -0.80 12.81
N THR C 33 1.74 -0.23 12.48
CA THR C 33 2.43 0.72 13.31
C THR C 33 1.63 2.02 13.41
N LEU C 34 1.04 2.42 12.30
CA LEU C 34 0.27 3.65 12.22
C LEU C 34 -1.10 3.49 12.85
N VAL C 35 -1.77 2.39 12.58
CA VAL C 35 -2.99 2.02 13.30
C VAL C 35 -2.76 2.04 14.81
N VAL C 36 -1.53 1.76 15.24
CA VAL C 36 -1.17 1.86 16.65
C VAL C 36 -0.98 3.32 17.05
N ALA C 37 -0.10 4.00 16.34
CA ALA C 37 0.21 5.40 16.63
C ALA C 37 -1.05 6.26 16.49
N SER C 38 -1.72 6.15 15.36
CA SER C 38 -2.93 6.90 15.08
C SER C 38 -4.06 6.49 16.02
N ALA C 39 -3.93 5.33 16.67
CA ALA C 39 -4.91 4.88 17.65
C ALA C 39 -4.85 5.75 18.92
N GLY C 40 -3.83 6.59 19.00
CA GLY C 40 -3.68 7.47 20.13
C GLY C 40 -2.28 8.05 20.23
N PRO C 41 -1.95 9.06 19.40
CA PRO C 41 -0.64 9.68 19.37
C PRO C 41 -0.58 10.99 20.15
N THR C 42 -1.68 11.31 20.81
CA THR C 42 -1.85 12.61 21.44
C THR C 42 -1.60 12.57 22.94
N SER C 43 -2.57 12.06 23.66
CA SER C 43 -2.55 12.10 25.11
C SER C 43 -3.28 10.89 25.66
N ALA C 44 -3.18 9.79 24.95
CA ALA C 44 -3.89 8.58 25.30
C ALA C 44 -3.25 7.38 24.64
N ARG C 45 -3.55 6.20 25.15
CA ARG C 45 -2.89 5.00 24.71
C ARG C 45 -3.88 4.07 24.02
N GLY D 7 2.96 -14.17 -27.82
CA GLY D 7 4.11 -13.29 -28.11
C GLY D 7 4.70 -12.70 -26.85
N SER D 8 5.35 -11.55 -26.97
CA SER D 8 5.94 -10.89 -25.84
C SER D 8 4.88 -10.17 -25.01
N THR D 9 4.38 -10.85 -23.99
CA THR D 9 3.36 -10.28 -23.13
C THR D 9 3.96 -9.82 -21.81
N ASN D 10 5.16 -10.29 -21.51
CA ASN D 10 5.80 -10.00 -20.23
C ASN D 10 5.77 -8.51 -19.91
N ASP D 11 6.16 -7.68 -20.87
CA ASP D 11 6.22 -6.23 -20.66
C ASP D 11 4.84 -5.63 -20.46
N ASN D 12 3.82 -6.36 -20.89
CA ASN D 12 2.44 -5.95 -20.67
C ASN D 12 2.08 -6.12 -19.20
N ILE D 13 2.69 -7.12 -18.58
CA ILE D 13 2.54 -7.36 -17.17
C ILE D 13 3.40 -6.39 -16.38
N THR D 14 4.68 -6.42 -16.71
CA THR D 14 5.67 -5.62 -16.02
C THR D 14 5.39 -4.12 -16.13
N ALA D 15 4.57 -3.77 -17.11
CA ALA D 15 4.11 -2.40 -17.28
C ALA D 15 3.28 -1.95 -16.10
N ARG D 16 2.54 -2.88 -15.52
CA ARG D 16 1.71 -2.58 -14.35
C ARG D 16 2.53 -2.76 -13.10
N LEU D 17 3.29 -3.85 -13.06
CA LEU D 17 4.21 -4.15 -11.98
C LEU D 17 5.16 -3.00 -11.72
N ASP D 18 5.69 -2.42 -12.78
CA ASP D 18 6.69 -1.37 -12.64
C ASP D 18 6.02 -0.13 -12.12
N ARG D 19 4.73 -0.04 -12.42
CA ARG D 19 3.90 1.06 -12.00
C ARG D 19 3.58 0.92 -10.52
N ILE D 20 3.14 -0.27 -10.14
CA ILE D 20 2.85 -0.59 -8.76
C ILE D 20 4.08 -0.39 -7.88
N ASP D 21 5.22 -0.84 -8.38
CA ASP D 21 6.49 -0.66 -7.69
C ASP D 21 6.79 0.83 -7.54
N GLU D 22 6.50 1.58 -8.59
CA GLU D 22 6.62 3.02 -8.56
C GLU D 22 5.67 3.65 -7.53
N LYS D 23 4.50 3.04 -7.38
CA LYS D 23 3.48 3.57 -6.47
C LYS D 23 3.81 3.28 -5.02
N LEU D 24 4.27 2.07 -4.73
CA LEU D 24 4.67 1.73 -3.37
C LEU D 24 5.89 2.52 -2.97
N SER D 25 6.70 2.92 -3.94
CA SER D 25 7.81 3.80 -3.67
C SER D 25 7.28 5.15 -3.14
N GLU D 26 6.03 5.44 -3.45
CA GLU D 26 5.37 6.61 -2.90
C GLU D 26 4.80 6.27 -1.54
N ILE D 27 4.05 5.16 -1.50
CA ILE D 27 3.37 4.75 -0.29
C ILE D 27 4.36 4.48 0.82
N LEU D 28 5.36 3.66 0.52
CA LEU D 28 6.41 3.31 1.46
C LEU D 28 6.99 4.56 2.13
N GLY D 29 7.33 5.54 1.31
CA GLY D 29 7.92 6.77 1.82
C GLY D 29 6.88 7.63 2.50
N MET D 30 5.65 7.43 2.08
CA MET D 30 4.50 8.11 2.63
C MET D 30 4.21 7.62 4.04
N LEU D 31 4.30 6.32 4.23
CA LEU D 31 4.07 5.77 5.54
C LEU D 31 5.29 6.02 6.37
N HIS D 32 6.46 5.99 5.75
CA HIS D 32 7.68 6.40 6.43
C HIS D 32 7.46 7.76 7.03
N THR D 33 6.82 8.58 6.23
CA THR D 33 6.45 9.93 6.59
C THR D 33 5.39 9.92 7.71
N LEU D 34 4.46 8.99 7.59
CA LEU D 34 3.36 8.86 8.54
C LEU D 34 3.82 8.21 9.84
N VAL D 35 4.61 7.15 9.74
CA VAL D 35 5.29 6.57 10.90
C VAL D 35 6.07 7.64 11.66
N VAL D 36 6.54 8.66 10.95
CA VAL D 36 7.20 9.79 11.59
C VAL D 36 6.18 10.73 12.22
N ALA D 37 5.24 11.19 11.42
CA ALA D 37 4.20 12.10 11.89
C ALA D 37 3.39 11.47 13.01
N SER D 38 2.88 10.28 12.75
CA SER D 38 2.09 9.54 13.72
C SER D 38 2.91 9.14 14.95
N ALA D 39 4.24 9.17 14.82
CA ALA D 39 5.13 8.90 15.94
C ALA D 39 5.07 10.03 16.97
N GLY D 40 4.39 11.11 16.62
CA GLY D 40 4.26 12.23 17.52
C GLY D 40 3.82 13.50 16.80
N PRO D 41 2.53 13.62 16.43
CA PRO D 41 2.02 14.77 15.73
C PRO D 41 1.32 15.76 16.64
N THR D 42 1.38 15.50 17.93
CA THR D 42 0.60 16.26 18.90
C THR D 42 1.44 17.30 19.62
N SER D 43 2.23 16.86 20.56
CA SER D 43 2.97 17.75 21.43
C SER D 43 4.28 17.10 21.85
N ALA D 44 4.84 16.34 20.93
CA ALA D 44 6.04 15.58 21.20
C ALA D 44 6.72 15.19 19.91
N ARG D 45 7.98 14.83 20.00
CA ARG D 45 8.80 14.58 18.82
C ARG D 45 9.22 13.12 18.77
N GLY A 7 -4.62 -23.44 -17.40
CA GLY A 7 -3.58 -22.39 -17.22
C GLY A 7 -4.03 -21.04 -17.73
N SER A 8 -5.09 -20.52 -17.14
CA SER A 8 -5.62 -19.21 -17.54
C SER A 8 -4.71 -18.11 -16.99
N THR A 9 -4.11 -17.36 -17.90
CA THR A 9 -3.20 -16.29 -17.52
C THR A 9 -3.44 -15.05 -18.40
N ASN A 10 -2.45 -14.16 -18.46
CA ASN A 10 -2.55 -12.93 -19.24
C ASN A 10 -3.59 -11.97 -18.65
N ASP A 11 -4.85 -12.15 -19.02
CA ASP A 11 -5.91 -11.25 -18.57
C ASP A 11 -6.32 -11.60 -17.16
N ASN A 12 -6.17 -12.88 -16.81
CA ASN A 12 -6.34 -13.30 -15.42
C ASN A 12 -5.33 -12.57 -14.55
N ILE A 13 -4.20 -12.23 -15.16
CA ILE A 13 -3.19 -11.45 -14.49
C ILE A 13 -3.61 -10.00 -14.38
N THR A 14 -3.86 -9.38 -15.53
CA THR A 14 -4.21 -7.98 -15.58
C THR A 14 -5.50 -7.68 -14.83
N ALA A 15 -6.29 -8.72 -14.62
CA ALA A 15 -7.50 -8.63 -13.82
C ALA A 15 -7.16 -8.28 -12.36
N ARG A 16 -6.00 -8.75 -11.91
CA ARG A 16 -5.55 -8.46 -10.56
C ARG A 16 -4.76 -7.16 -10.57
N LEU A 17 -3.85 -7.07 -11.54
CA LEU A 17 -3.04 -5.88 -11.74
C LEU A 17 -3.89 -4.63 -11.86
N ASP A 18 -5.00 -4.73 -12.59
CA ASP A 18 -5.87 -3.58 -12.80
C ASP A 18 -6.50 -3.21 -11.49
N ARG A 19 -6.72 -4.22 -10.68
CA ARG A 19 -7.36 -4.07 -9.40
C ARG A 19 -6.40 -3.47 -8.39
N ILE A 20 -5.21 -4.06 -8.32
CA ILE A 20 -4.16 -3.59 -7.43
C ILE A 20 -3.87 -2.11 -7.69
N ASP A 21 -3.79 -1.76 -8.97
CA ASP A 21 -3.58 -0.38 -9.39
C ASP A 21 -4.75 0.50 -8.92
N GLU A 22 -5.95 -0.05 -9.05
CA GLU A 22 -7.15 0.63 -8.57
C GLU A 22 -7.13 0.78 -7.06
N LYS A 23 -6.57 -0.22 -6.37
CA LYS A 23 -6.53 -0.22 -4.93
C LYS A 23 -5.50 0.76 -4.40
N LEU A 24 -4.31 0.81 -5.02
CA LEU A 24 -3.30 1.77 -4.62
C LEU A 24 -3.74 3.18 -4.96
N SER A 25 -4.58 3.32 -5.96
CA SER A 25 -5.18 4.60 -6.26
C SER A 25 -6.04 5.08 -5.08
N GLU A 26 -6.46 4.12 -4.25
CA GLU A 26 -7.17 4.45 -3.01
C GLU A 26 -6.15 4.73 -1.93
N ILE A 27 -5.21 3.80 -1.79
CA ILE A 27 -4.21 3.87 -0.75
C ILE A 27 -3.41 5.16 -0.89
N LEU A 28 -2.85 5.37 -2.07
CA LEU A 28 -2.06 6.55 -2.39
C LEU A 28 -2.75 7.83 -1.93
N GLY A 29 -4.02 7.96 -2.29
CA GLY A 29 -4.76 9.16 -1.96
C GLY A 29 -5.10 9.21 -0.49
N MET A 30 -5.24 8.05 0.11
CA MET A 30 -5.57 7.95 1.52
C MET A 30 -4.38 8.22 2.39
N LEU A 31 -3.18 7.87 1.95
CA LEU A 31 -2.00 8.22 2.71
C LEU A 31 -1.67 9.66 2.44
N HIS A 32 -1.94 10.11 1.24
CA HIS A 32 -1.81 11.54 0.92
C HIS A 32 -2.64 12.31 1.90
N THR A 33 -3.80 11.76 2.17
CA THR A 33 -4.73 12.29 3.13
C THR A 33 -4.11 12.25 4.54
N LEU A 34 -3.40 11.16 4.80
CA LEU A 34 -2.75 10.93 6.07
C LEU A 34 -1.49 11.77 6.22
N VAL A 35 -0.66 11.79 5.19
CA VAL A 35 0.50 12.68 5.12
C VAL A 35 0.10 14.14 5.33
N VAL A 36 -1.16 14.46 5.14
CA VAL A 36 -1.63 15.81 5.40
C VAL A 36 -1.85 16.04 6.90
N ALA A 37 -2.55 15.12 7.53
CA ALA A 37 -2.84 15.23 8.96
C ALA A 37 -1.66 14.77 9.79
N SER A 38 -1.11 13.63 9.40
CA SER A 38 0.08 13.08 10.01
C SER A 38 1.32 13.81 9.48
N ALA A 39 1.09 14.94 8.80
CA ALA A 39 2.16 15.87 8.51
C ALA A 39 2.63 16.50 9.83
N GLY A 40 1.82 16.28 10.87
CA GLY A 40 2.17 16.73 12.19
C GLY A 40 0.95 16.86 13.08
N PRO A 41 0.56 15.76 13.77
CA PRO A 41 -0.59 15.75 14.69
C PRO A 41 -0.61 16.94 15.62
N THR A 42 0.45 17.10 16.41
CA THR A 42 0.55 18.21 17.35
C THR A 42 1.87 18.13 18.14
N SER A 43 2.18 16.96 18.67
CA SER A 43 3.37 16.76 19.48
C SER A 43 4.37 15.91 18.73
N ALA A 44 4.56 16.22 17.47
CA ALA A 44 5.31 15.36 16.60
C ALA A 44 6.25 16.15 15.70
N ARG A 45 7.33 15.53 15.29
CA ARG A 45 8.34 16.19 14.47
C ARG A 45 8.72 15.33 13.27
N GLY B 7 10.63 -22.63 -15.79
CA GLY B 7 9.86 -21.39 -16.04
C GLY B 7 8.43 -21.49 -15.54
N SER B 8 8.27 -21.69 -14.24
CA SER B 8 6.95 -21.78 -13.64
C SER B 8 6.31 -20.40 -13.55
N THR B 9 5.21 -20.21 -14.25
CA THR B 9 4.53 -18.93 -14.28
C THR B 9 3.02 -19.14 -14.19
N ASN B 10 2.24 -18.14 -14.61
CA ASN B 10 0.78 -18.18 -14.58
C ASN B 10 0.26 -18.21 -13.14
N ASP B 11 0.18 -19.40 -12.54
CA ASP B 11 -0.36 -19.53 -11.20
C ASP B 11 0.68 -19.13 -10.17
N ASN B 12 1.94 -19.30 -10.52
CA ASN B 12 3.03 -18.77 -9.72
C ASN B 12 2.90 -17.26 -9.63
N ILE B 13 2.31 -16.68 -10.67
CA ILE B 13 2.02 -15.26 -10.70
C ILE B 13 0.84 -14.93 -9.81
N THR B 14 -0.29 -15.56 -10.09
CA THR B 14 -1.53 -15.30 -9.38
C THR B 14 -1.40 -15.65 -7.90
N ALA B 15 -0.42 -16.48 -7.59
CA ALA B 15 -0.11 -16.83 -6.22
C ALA B 15 0.38 -15.60 -5.46
N ARG B 16 1.03 -14.69 -6.16
CA ARG B 16 1.51 -13.46 -5.55
C ARG B 16 0.42 -12.40 -5.66
N LEU B 17 -0.15 -12.30 -6.84
CA LEU B 17 -1.26 -11.39 -7.11
C LEU B 17 -2.39 -11.58 -6.13
N ASP B 18 -2.71 -12.82 -5.83
CA ASP B 18 -3.82 -13.13 -4.93
C ASP B 18 -3.46 -12.66 -3.54
N ARG B 19 -2.18 -12.72 -3.26
CA ARG B 19 -1.64 -12.37 -1.98
C ARG B 19 -1.59 -10.86 -1.83
N ILE B 20 -1.03 -10.20 -2.83
CA ILE B 20 -0.94 -8.74 -2.87
C ILE B 20 -2.33 -8.12 -2.69
N ASP B 21 -3.30 -8.68 -3.40
CA ASP B 21 -4.69 -8.25 -3.30
C ASP B 21 -5.21 -8.47 -1.88
N GLU B 22 -4.85 -9.61 -1.30
CA GLU B 22 -5.19 -9.91 0.08
C GLU B 22 -4.51 -8.94 1.03
N LYS B 23 -3.30 -8.53 0.69
CA LYS B 23 -2.52 -7.64 1.55
C LYS B 23 -3.07 -6.21 1.50
N LEU B 24 -3.40 -5.74 0.31
CA LEU B 24 -3.99 -4.40 0.18
C LEU B 24 -5.37 -4.37 0.79
N SER B 25 -6.04 -5.51 0.83
CA SER B 25 -7.30 -5.62 1.54
C SER B 25 -7.09 -5.35 3.03
N GLU B 26 -5.85 -5.51 3.49
CA GLU B 26 -5.50 -5.17 4.85
C GLU B 26 -5.14 -3.70 4.89
N ILE B 27 -4.25 -3.31 3.99
CA ILE B 27 -3.75 -1.95 3.93
C ILE B 27 -4.90 -0.97 3.76
N LEU B 28 -5.69 -1.20 2.71
CA LEU B 28 -6.84 -0.37 2.40
C LEU B 28 -7.69 -0.09 3.63
N GLY B 29 -8.02 -1.15 4.34
CA GLY B 29 -8.88 -1.03 5.50
C GLY B 29 -8.16 -0.38 6.66
N MET B 30 -6.85 -0.55 6.70
CA MET B 30 -6.03 -0.01 7.76
C MET B 30 -5.78 1.48 7.55
N LEU B 31 -5.68 1.92 6.30
CA LEU B 31 -5.55 3.35 6.06
C LEU B 31 -6.91 3.98 6.17
N HIS B 32 -7.94 3.23 5.81
CA HIS B 32 -9.31 3.70 6.04
C HIS B 32 -9.47 3.98 7.50
N THR B 33 -8.88 3.10 8.27
CA THR B 33 -8.85 3.23 9.72
C THR B 33 -8.06 4.48 10.12
N LEU B 34 -6.99 4.71 9.38
CA LEU B 34 -6.09 5.83 9.62
C LEU B 34 -6.71 7.14 9.13
N VAL B 35 -7.27 7.12 7.92
CA VAL B 35 -8.02 8.25 7.39
C VAL B 35 -9.17 8.65 8.31
N VAL B 36 -9.55 7.77 9.21
CA VAL B 36 -10.57 8.12 10.19
C VAL B 36 -9.98 8.94 11.33
N ALA B 37 -8.87 8.46 11.89
CA ALA B 37 -8.22 9.14 12.99
C ALA B 37 -7.38 10.29 12.49
N SER B 38 -6.60 10.00 11.46
CA SER B 38 -5.79 11.01 10.80
C SER B 38 -6.67 11.82 9.84
N ALA B 39 -7.97 11.73 10.03
CA ALA B 39 -8.90 12.68 9.43
C ALA B 39 -8.72 14.02 10.13
N GLY B 40 -8.01 13.99 11.24
CA GLY B 40 -7.68 15.18 11.97
C GLY B 40 -7.35 14.89 13.42
N PRO B 41 -6.07 14.59 13.72
CA PRO B 41 -5.60 14.32 15.09
C PRO B 41 -6.11 15.32 16.11
N THR B 42 -5.80 16.60 15.89
CA THR B 42 -6.25 17.66 16.78
C THR B 42 -5.74 19.03 16.31
N SER B 43 -4.45 19.10 16.00
CA SER B 43 -3.83 20.34 15.58
C SER B 43 -3.50 20.28 14.10
N ALA B 44 -4.42 19.79 13.31
CA ALA B 44 -4.12 19.48 11.93
C ALA B 44 -5.26 19.91 11.02
N ARG B 45 -4.91 20.20 9.78
CA ARG B 45 -5.89 20.69 8.81
C ARG B 45 -5.76 19.92 7.50
N GLY C 7 10.95 -10.56 -25.35
CA GLY C 7 9.76 -10.77 -24.48
C GLY C 7 10.09 -11.52 -23.21
N SER C 8 10.95 -10.93 -22.39
CA SER C 8 11.34 -11.53 -21.13
C SER C 8 10.21 -11.40 -20.10
N THR C 9 9.68 -12.54 -19.68
CA THR C 9 8.57 -12.55 -18.74
C THR C 9 8.79 -13.65 -17.69
N ASN C 10 7.72 -14.06 -17.02
CA ASN C 10 7.77 -15.09 -15.99
C ASN C 10 8.54 -14.60 -14.77
N ASP C 11 9.86 -14.74 -14.78
CA ASP C 11 10.68 -14.36 -13.64
C ASP C 11 10.88 -12.87 -13.61
N ASN C 12 10.85 -12.25 -14.78
CA ASN C 12 10.83 -10.79 -14.87
C ASN C 12 9.59 -10.27 -14.18
N ILE C 13 8.54 -11.09 -14.17
CA ILE C 13 7.33 -10.78 -13.46
C ILE C 13 7.51 -10.95 -11.96
N THR C 14 7.88 -12.16 -11.57
CA THR C 14 8.03 -12.50 -10.16
C THR C 14 9.11 -11.66 -9.49
N ALA C 15 9.97 -11.08 -10.31
CA ALA C 15 11.00 -10.18 -9.84
C ALA C 15 10.37 -8.92 -9.26
N ARG C 16 9.22 -8.53 -9.82
CA ARG C 16 8.51 -7.36 -9.34
C ARG C 16 7.55 -7.80 -8.24
N LEU C 17 6.83 -8.87 -8.50
CA LEU C 17 5.91 -9.47 -7.56
C LEU C 17 6.58 -9.76 -6.22
N ASP C 18 7.79 -10.28 -6.27
CA ASP C 18 8.52 -10.63 -5.06
C ASP C 18 8.86 -9.37 -4.31
N ARG C 19 9.06 -8.31 -5.07
CA ARG C 19 9.44 -7.03 -4.55
C ARG C 19 8.23 -6.34 -3.94
N ILE C 20 7.14 -6.30 -4.70
CA ILE C 20 5.89 -5.71 -4.25
C ILE C 20 5.46 -6.34 -2.93
N ASP C 21 5.56 -7.67 -2.88
CA ASP C 21 5.23 -8.43 -1.68
C ASP C 21 6.16 -8.01 -0.53
N GLU C 22 7.43 -7.85 -0.86
CA GLU C 22 8.42 -7.37 0.09
C GLU C 22 8.11 -5.95 0.55
N LYS C 23 7.57 -5.14 -0.36
CA LYS C 23 7.27 -3.75 -0.07
C LYS C 23 6.03 -3.63 0.81
N LEU C 24 4.99 -4.40 0.50
CA LEU C 24 3.79 -4.39 1.33
C LEU C 24 4.09 -4.97 2.69
N SER C 25 5.07 -5.85 2.77
CA SER C 25 5.52 -6.37 4.05
C SER C 25 6.07 -5.22 4.90
N GLU C 26 6.46 -4.13 4.24
CA GLU C 26 6.89 -2.93 4.94
C GLU C 26 5.67 -2.10 5.25
N ILE C 27 4.87 -1.87 4.22
CA ILE C 27 3.68 -1.04 4.34
C ILE C 27 2.75 -1.58 5.40
N LEU C 28 2.39 -2.85 5.25
CA LEU C 28 1.51 -3.55 6.19
C LEU C 28 1.92 -3.31 7.63
N GLY C 29 3.20 -3.50 7.91
CA GLY C 29 3.69 -3.36 9.26
C GLY C 29 3.75 -1.91 9.68
N MET C 30 3.94 -1.05 8.71
CA MET C 30 4.04 0.37 8.96
C MET C 30 2.67 1.00 9.20
N LEU C 31 1.63 0.47 8.55
CA LEU C 31 0.29 0.96 8.84
C LEU C 31 -0.18 0.30 10.10
N HIS C 32 0.25 -0.92 10.34
CA HIS C 32 -0.04 -1.57 11.62
C HIS C 32 0.49 -0.70 12.72
N THR C 33 1.65 -0.15 12.44
CA THR C 33 2.30 0.79 13.33
C THR C 33 1.45 2.06 13.46
N LEU C 34 0.87 2.46 12.35
CA LEU C 34 0.04 3.66 12.28
C LEU C 34 -1.33 3.42 12.89
N VAL C 35 -1.95 2.29 12.56
CA VAL C 35 -3.20 1.86 13.18
C VAL C 35 -3.06 1.76 14.71
N VAL C 36 -1.83 1.70 15.20
CA VAL C 36 -1.62 1.69 16.64
C VAL C 36 -1.70 3.11 17.21
N ALA C 37 -1.01 4.04 16.58
CA ALA C 37 -0.99 5.43 17.03
C ALA C 37 -2.23 6.15 16.55
N SER C 38 -2.52 5.98 15.28
CA SER C 38 -3.71 6.53 14.67
C SER C 38 -4.92 5.65 15.02
N ALA C 39 -4.75 4.80 16.03
CA ALA C 39 -5.88 4.15 16.67
C ALA C 39 -6.66 5.19 17.46
N GLY C 40 -6.04 6.35 17.62
CA GLY C 40 -6.67 7.47 18.26
C GLY C 40 -5.65 8.47 18.79
N PRO C 41 -5.23 9.44 17.96
CA PRO C 41 -4.29 10.49 18.34
C PRO C 41 -4.59 11.12 19.68
N THR C 42 -5.79 11.68 19.81
CA THR C 42 -6.23 12.30 21.06
C THR C 42 -7.63 12.90 20.91
N SER C 43 -7.87 13.64 19.84
CA SER C 43 -9.14 14.30 19.60
C SER C 43 -9.87 13.62 18.45
N ALA C 44 -9.85 12.32 18.45
CA ALA C 44 -10.32 11.57 17.30
C ALA C 44 -11.18 10.40 17.72
N ARG C 45 -12.08 9.99 16.84
CA ARG C 45 -13.00 8.91 17.12
C ARG C 45 -13.03 7.91 15.97
N GLY D 7 -4.32 -11.38 -26.94
CA GLY D 7 -3.70 -11.80 -25.66
C GLY D 7 -2.38 -11.09 -25.41
N SER D 8 -2.43 -9.77 -25.28
CA SER D 8 -1.25 -8.97 -25.02
C SER D 8 -0.84 -9.13 -23.56
N THR D 9 0.34 -9.69 -23.34
CA THR D 9 0.83 -9.91 -21.99
C THR D 9 2.32 -9.57 -21.92
N ASN D 10 3.00 -10.08 -20.89
CA ASN D 10 4.43 -9.82 -20.67
C ASN D 10 4.68 -8.37 -20.30
N ASP D 11 4.80 -7.50 -21.30
CA ASP D 11 5.10 -6.09 -21.05
C ASP D 11 3.86 -5.36 -20.62
N ASN D 12 2.71 -5.83 -21.10
CA ASN D 12 1.43 -5.34 -20.60
C ASN D 12 1.33 -5.61 -19.11
N ILE D 13 2.01 -6.65 -18.67
CA ILE D 13 2.11 -6.98 -17.26
C ILE D 13 3.05 -6.02 -16.55
N THR D 14 4.29 -5.99 -17.01
CA THR D 14 5.33 -5.18 -16.39
C THR D 14 4.98 -3.70 -16.45
N ALA D 15 4.09 -3.35 -17.35
CA ALA D 15 3.58 -1.99 -17.45
C ALA D 15 2.80 -1.61 -16.20
N ARG D 16 2.16 -2.61 -15.59
CA ARG D 16 1.42 -2.38 -14.36
C ARG D 16 2.34 -2.57 -13.18
N LEU D 17 3.11 -3.65 -13.22
CA LEU D 17 4.10 -3.96 -12.20
C LEU D 17 5.06 -2.81 -11.98
N ASP D 18 5.49 -2.19 -13.07
CA ASP D 18 6.45 -1.09 -12.98
C ASP D 18 5.78 0.09 -12.29
N ARG D 19 4.49 0.18 -12.53
CA ARG D 19 3.67 1.26 -12.00
C ARG D 19 3.40 1.03 -10.53
N ILE D 20 2.94 -0.16 -10.20
CA ILE D 20 2.67 -0.55 -8.83
C ILE D 20 3.89 -0.33 -7.95
N ASP D 21 5.05 -0.74 -8.47
CA ASP D 21 6.32 -0.55 -7.79
C ASP D 21 6.59 0.95 -7.60
N GLU D 22 6.29 1.71 -8.64
CA GLU D 22 6.42 3.16 -8.59
C GLU D 22 5.45 3.76 -7.57
N LYS D 23 4.28 3.15 -7.46
CA LYS D 23 3.24 3.66 -6.56
C LYS D 23 3.58 3.35 -5.11
N LEU D 24 4.06 2.14 -4.84
CA LEU D 24 4.47 1.79 -3.48
C LEU D 24 5.69 2.57 -3.08
N SER D 25 6.50 2.97 -4.05
CA SER D 25 7.62 3.86 -3.77
C SER D 25 7.10 5.19 -3.24
N GLU D 26 5.84 5.49 -3.53
CA GLU D 26 5.20 6.67 -2.96
C GLU D 26 4.64 6.32 -1.61
N ILE D 27 3.88 5.23 -1.58
CA ILE D 27 3.22 4.78 -0.37
C ILE D 27 4.22 4.55 0.74
N LEU D 28 5.22 3.72 0.44
CA LEU D 28 6.29 3.37 1.37
C LEU D 28 6.85 4.62 2.04
N GLY D 29 7.19 5.61 1.23
CA GLY D 29 7.80 6.82 1.76
C GLY D 29 6.80 7.67 2.50
N MET D 30 5.54 7.56 2.09
CA MET D 30 4.47 8.32 2.70
C MET D 30 4.05 7.74 4.04
N LEU D 31 4.14 6.42 4.18
CA LEU D 31 3.84 5.83 5.48
C LEU D 31 5.06 5.99 6.35
N HIS D 32 6.24 5.97 5.75
CA HIS D 32 7.46 6.27 6.47
C HIS D 32 7.32 7.65 7.08
N THR D 33 6.72 8.51 6.30
CA THR D 33 6.40 9.86 6.71
C THR D 33 5.39 9.83 7.85
N LEU D 34 4.44 8.91 7.74
CA LEU D 34 3.38 8.74 8.72
C LEU D 34 3.88 8.05 9.97
N VAL D 35 4.65 6.97 9.80
CA VAL D 35 5.33 6.30 10.92
C VAL D 35 6.21 7.26 11.70
N VAL D 36 6.55 8.40 11.10
CA VAL D 36 7.32 9.40 11.83
C VAL D 36 6.42 10.22 12.75
N ALA D 37 5.31 10.71 12.21
CA ALA D 37 4.38 11.51 12.98
C ALA D 37 3.49 10.64 13.84
N SER D 38 2.97 9.61 13.21
CA SER D 38 2.15 8.61 13.88
C SER D 38 3.06 7.63 14.63
N ALA D 39 4.32 8.02 14.80
CA ALA D 39 5.19 7.35 15.75
C ALA D 39 4.71 7.68 17.16
N GLY D 40 3.82 8.65 17.24
CA GLY D 40 3.20 9.02 18.48
C GLY D 40 2.66 10.45 18.45
N PRO D 41 1.39 10.61 18.00
CA PRO D 41 0.72 11.91 17.94
C PRO D 41 0.90 12.74 19.20
N THR D 42 0.46 12.19 20.33
CA THR D 42 0.58 12.86 21.62
C THR D 42 -0.01 12.01 22.74
N SER D 43 -1.22 11.51 22.53
CA SER D 43 -1.92 10.71 23.53
C SER D 43 -1.98 9.26 23.09
N ALA D 44 -0.87 8.76 22.61
CA ALA D 44 -0.86 7.45 21.97
C ALA D 44 0.34 6.64 22.41
N ARG D 45 0.20 5.33 22.36
CA ARG D 45 1.25 4.43 22.79
C ARG D 45 1.50 3.33 21.76
N GLY A 7 -0.33 -21.54 -22.32
CA GLY A 7 -1.79 -21.33 -22.40
C GLY A 7 -2.14 -19.89 -22.72
N SER A 8 -3.41 -19.64 -23.01
CA SER A 8 -3.87 -18.29 -23.31
C SER A 8 -4.09 -17.50 -22.03
N THR A 9 -3.20 -16.54 -21.80
CA THR A 9 -3.25 -15.75 -20.57
C THR A 9 -2.53 -14.42 -20.78
N ASN A 10 -3.07 -13.38 -20.17
CA ASN A 10 -2.44 -12.06 -20.14
C ASN A 10 -3.34 -11.09 -19.43
N ASP A 11 -4.55 -10.91 -19.94
CA ASP A 11 -5.53 -10.08 -19.26
C ASP A 11 -5.98 -10.78 -17.99
N ASN A 12 -5.71 -12.08 -17.93
CA ASN A 12 -5.89 -12.85 -16.72
C ASN A 12 -4.95 -12.35 -15.62
N ILE A 13 -3.81 -11.82 -16.06
CA ILE A 13 -2.83 -11.24 -15.16
C ILE A 13 -3.20 -9.81 -14.87
N THR A 14 -3.30 -9.03 -15.93
CA THR A 14 -3.61 -7.63 -15.84
C THR A 14 -4.96 -7.38 -15.16
N ALA A 15 -5.78 -8.42 -15.10
CA ALA A 15 -7.03 -8.41 -14.36
C ALA A 15 -6.79 -8.11 -12.88
N ARG A 16 -5.69 -8.64 -12.35
CA ARG A 16 -5.35 -8.44 -10.95
C ARG A 16 -4.57 -7.15 -10.81
N LEU A 17 -3.61 -6.98 -11.72
CA LEU A 17 -2.79 -5.78 -11.80
C LEU A 17 -3.63 -4.53 -11.95
N ASP A 18 -4.75 -4.66 -12.64
CA ASP A 18 -5.64 -3.52 -12.85
C ASP A 18 -6.28 -3.16 -11.53
N ARG A 19 -6.53 -4.20 -10.76
CA ARG A 19 -7.15 -4.07 -9.47
C ARG A 19 -6.19 -3.47 -8.47
N ILE A 20 -4.99 -4.01 -8.44
CA ILE A 20 -3.95 -3.57 -7.52
C ILE A 20 -3.69 -2.07 -7.69
N ASP A 21 -3.56 -1.63 -8.94
CA ASP A 21 -3.39 -0.21 -9.21
C ASP A 21 -4.61 0.58 -8.76
N GLU A 22 -5.78 0.03 -9.04
CA GLU A 22 -7.02 0.63 -8.58
C GLU A 22 -7.07 0.74 -7.05
N LYS A 23 -6.49 -0.24 -6.38
CA LYS A 23 -6.48 -0.27 -4.92
C LYS A 23 -5.49 0.74 -4.36
N LEU A 24 -4.30 0.81 -4.92
CA LEU A 24 -3.31 1.79 -4.48
C LEU A 24 -3.76 3.19 -4.85
N SER A 25 -4.58 3.31 -5.88
CA SER A 25 -5.18 4.60 -6.21
C SER A 25 -6.06 5.05 -5.03
N GLU A 26 -6.46 4.10 -4.20
CA GLU A 26 -7.19 4.43 -2.98
C GLU A 26 -6.18 4.75 -1.90
N ILE A 27 -5.24 3.83 -1.74
CA ILE A 27 -4.23 3.93 -0.69
C ILE A 27 -3.43 5.22 -0.84
N LEU A 28 -2.90 5.42 -2.03
CA LEU A 28 -2.15 6.63 -2.37
C LEU A 28 -2.88 7.89 -1.91
N GLY A 29 -4.18 7.92 -2.20
CA GLY A 29 -4.99 9.08 -1.85
C GLY A 29 -5.27 9.14 -0.37
N MET A 30 -5.36 7.97 0.24
CA MET A 30 -5.60 7.85 1.67
C MET A 30 -4.39 8.29 2.46
N LEU A 31 -3.19 7.97 1.96
CA LEU A 31 -1.99 8.38 2.66
C LEU A 31 -1.72 9.82 2.35
N HIS A 32 -2.07 10.23 1.14
CA HIS A 32 -2.00 11.65 0.79
C HIS A 32 -2.78 12.42 1.84
N THR A 33 -3.91 11.84 2.17
CA THR A 33 -4.82 12.36 3.17
C THR A 33 -4.19 12.28 4.56
N LEU A 34 -3.53 11.16 4.82
CA LEU A 34 -2.88 10.92 6.10
C LEU A 34 -1.62 11.78 6.25
N VAL A 35 -0.79 11.80 5.23
CA VAL A 35 0.34 12.71 5.17
C VAL A 35 -0.11 14.17 5.35
N VAL A 36 -1.36 14.47 5.03
CA VAL A 36 -1.91 15.79 5.31
C VAL A 36 -2.31 15.91 6.77
N ALA A 37 -3.13 14.97 7.22
CA ALA A 37 -3.63 14.97 8.59
C ALA A 37 -2.48 14.81 9.59
N SER A 38 -1.65 13.83 9.34
CA SER A 38 -0.52 13.52 10.20
C SER A 38 0.60 14.53 10.01
N ALA A 39 0.50 15.38 8.97
CA ALA A 39 1.49 16.42 8.74
C ALA A 39 1.59 17.36 9.94
N GLY A 40 0.55 17.37 10.75
CA GLY A 40 0.59 18.12 11.98
C GLY A 40 -0.45 19.21 12.05
N PRO A 41 -1.66 18.92 12.57
CA PRO A 41 -2.66 19.94 12.85
C PRO A 41 -2.18 20.88 13.94
N THR A 42 -1.83 20.28 15.08
CA THR A 42 -1.25 20.99 16.19
C THR A 42 -0.13 20.14 16.79
N SER A 43 0.56 20.69 17.79
CA SER A 43 1.53 19.94 18.59
C SER A 43 2.82 19.65 17.82
N ALA A 44 2.70 19.17 16.58
CA ALA A 44 3.84 18.84 15.76
C ALA A 44 4.72 20.06 15.54
N ARG A 45 6.03 19.82 15.48
CA ARG A 45 6.99 20.90 15.37
C ARG A 45 7.21 21.27 13.91
N GLY B 7 6.46 -21.79 -21.14
CA GLY B 7 6.23 -22.79 -20.07
C GLY B 7 4.84 -22.67 -19.49
N SER B 8 4.46 -23.64 -18.66
CA SER B 8 3.15 -23.63 -18.03
C SER B 8 3.15 -22.72 -16.81
N THR B 9 2.47 -21.58 -16.94
CA THR B 9 2.44 -20.58 -15.89
C THR B 9 1.21 -19.70 -16.03
N ASN B 10 0.64 -19.32 -14.90
CA ASN B 10 -0.45 -18.36 -14.85
C ASN B 10 -0.92 -18.18 -13.42
N ASP B 11 -1.34 -19.29 -12.80
CA ASP B 11 -1.70 -19.25 -11.40
C ASP B 11 -0.44 -19.08 -10.57
N ASN B 12 0.70 -19.35 -11.20
CA ASN B 12 2.00 -19.04 -10.63
C ASN B 12 2.16 -17.53 -10.46
N ILE B 13 1.48 -16.79 -11.33
CA ILE B 13 1.48 -15.34 -11.27
C ILE B 13 0.41 -14.87 -10.31
N THR B 14 -0.81 -15.30 -10.59
CA THR B 14 -1.97 -14.92 -9.79
C THR B 14 -1.83 -15.39 -8.35
N ALA B 15 -0.89 -16.29 -8.12
CA ALA B 15 -0.55 -16.74 -6.77
C ALA B 15 -0.02 -15.57 -5.95
N ARG B 16 0.72 -14.68 -6.60
CA ARG B 16 1.30 -13.53 -5.91
C ARG B 16 0.28 -12.40 -5.92
N LEU B 17 -0.33 -12.20 -7.07
CA LEU B 17 -1.38 -11.22 -7.27
C LEU B 17 -2.52 -11.41 -6.30
N ASP B 18 -2.79 -12.67 -5.98
CA ASP B 18 -3.88 -12.99 -5.06
C ASP B 18 -3.49 -12.51 -3.68
N ARG B 19 -2.22 -12.63 -3.42
CA ARG B 19 -1.64 -12.25 -2.15
C ARG B 19 -1.62 -10.75 -2.01
N ILE B 20 -1.12 -10.08 -3.05
CA ILE B 20 -1.01 -8.63 -3.06
C ILE B 20 -2.36 -7.98 -2.80
N ASP B 21 -3.40 -8.46 -3.48
CA ASP B 21 -4.75 -7.97 -3.25
C ASP B 21 -5.19 -8.26 -1.83
N GLU B 22 -4.90 -9.47 -1.36
CA GLU B 22 -5.16 -9.84 0.01
C GLU B 22 -4.45 -8.91 1.00
N LYS B 23 -3.26 -8.48 0.65
CA LYS B 23 -2.47 -7.61 1.51
C LYS B 23 -3.02 -6.19 1.53
N LEU B 24 -3.36 -5.66 0.35
CA LEU B 24 -3.94 -4.33 0.29
C LEU B 24 -5.33 -4.32 0.89
N SER B 25 -5.98 -5.47 0.90
CA SER B 25 -7.25 -5.60 1.60
C SER B 25 -7.03 -5.34 3.09
N GLU B 26 -5.80 -5.50 3.54
CA GLU B 26 -5.43 -5.15 4.90
C GLU B 26 -5.11 -3.68 4.96
N ILE B 27 -4.25 -3.26 4.04
CA ILE B 27 -3.76 -1.89 4.00
C ILE B 27 -4.93 -0.92 3.82
N LEU B 28 -5.73 -1.18 2.80
CA LEU B 28 -6.92 -0.39 2.50
C LEU B 28 -7.75 -0.17 3.76
N GLY B 29 -7.95 -1.24 4.52
CA GLY B 29 -8.75 -1.16 5.72
C GLY B 29 -8.03 -0.44 6.83
N MET B 30 -6.71 -0.60 6.84
CA MET B 30 -5.87 0.05 7.83
C MET B 30 -5.81 1.55 7.60
N LEU B 31 -5.78 1.97 6.35
CA LEU B 31 -5.75 3.39 6.07
C LEU B 31 -7.13 3.93 6.21
N HIS B 32 -8.14 3.14 5.87
CA HIS B 32 -9.51 3.51 6.15
C HIS B 32 -9.62 3.87 7.61
N THR B 33 -8.96 3.05 8.39
CA THR B 33 -8.90 3.22 9.84
C THR B 33 -8.07 4.46 10.20
N LEU B 34 -6.99 4.66 9.47
CA LEU B 34 -6.09 5.79 9.70
C LEU B 34 -6.72 7.09 9.21
N VAL B 35 -7.29 7.07 8.01
CA VAL B 35 -8.08 8.19 7.50
C VAL B 35 -9.21 8.54 8.47
N VAL B 36 -9.66 7.58 9.27
CA VAL B 36 -10.64 7.85 10.32
C VAL B 36 -9.96 8.49 11.52
N ALA B 37 -8.95 7.82 12.04
CA ALA B 37 -8.23 8.29 13.21
C ALA B 37 -7.56 9.63 12.95
N SER B 38 -6.83 9.70 11.84
CA SER B 38 -6.12 10.89 11.45
C SER B 38 -7.07 11.96 10.91
N ALA B 39 -8.33 11.59 10.67
CA ALA B 39 -9.33 12.55 10.20
C ALA B 39 -9.49 13.69 11.20
N GLY B 40 -9.08 13.43 12.43
CA GLY B 40 -9.07 14.49 13.42
C GLY B 40 -9.96 14.22 14.60
N PRO B 41 -9.46 13.56 15.66
CA PRO B 41 -10.18 13.40 16.91
C PRO B 41 -10.40 14.76 17.57
N THR B 42 -9.29 15.45 17.79
CA THR B 42 -9.30 16.81 18.31
C THR B 42 -8.25 17.63 17.57
N SER B 43 -8.18 18.92 17.88
CA SER B 43 -7.10 19.80 17.39
C SER B 43 -7.25 20.14 15.90
N ALA B 44 -7.51 19.13 15.09
CA ALA B 44 -7.65 19.31 13.66
C ALA B 44 -8.79 20.27 13.33
N ARG B 45 -8.60 21.08 12.30
CA ARG B 45 -9.57 22.09 11.94
C ARG B 45 -10.64 21.50 11.04
N GLY C 7 7.38 -16.35 -25.31
CA GLY C 7 8.79 -16.26 -24.85
C GLY C 7 8.98 -16.86 -23.48
N SER C 8 10.23 -17.02 -23.07
CA SER C 8 10.54 -17.56 -21.75
C SER C 8 10.40 -16.49 -20.68
N THR C 9 9.37 -16.60 -19.88
CA THR C 9 9.08 -15.61 -18.85
C THR C 9 8.23 -16.23 -17.75
N ASN C 10 8.49 -15.81 -16.52
CA ASN C 10 7.68 -16.18 -15.37
C ASN C 10 8.29 -15.60 -14.11
N ASP C 11 9.54 -15.96 -13.84
CA ASP C 11 10.25 -15.36 -12.72
C ASP C 11 10.57 -13.92 -13.06
N ASN C 12 10.48 -13.60 -14.33
CA ASN C 12 10.54 -12.21 -14.79
C ASN C 12 9.36 -11.42 -14.26
N ILE C 13 8.25 -12.12 -14.03
CA ILE C 13 7.05 -11.54 -13.47
C ILE C 13 7.15 -11.54 -11.96
N THR C 14 7.35 -12.74 -11.42
CA THR C 14 7.43 -12.93 -9.98
C THR C 14 8.60 -12.17 -9.37
N ALA C 15 9.51 -11.71 -10.22
CA ALA C 15 10.60 -10.83 -9.82
C ALA C 15 10.05 -9.52 -9.27
N ARG C 16 8.98 -9.04 -9.87
CA ARG C 16 8.37 -7.79 -9.43
C ARG C 16 7.40 -8.07 -8.30
N LEU C 17 6.60 -9.12 -8.51
CA LEU C 17 5.65 -9.60 -7.53
C LEU C 17 6.31 -9.90 -6.20
N ASP C 18 7.55 -10.39 -6.27
CA ASP C 18 8.28 -10.74 -5.06
C ASP C 18 8.62 -9.47 -4.33
N ARG C 19 8.88 -8.44 -5.11
CA ARG C 19 9.24 -7.14 -4.62
C ARG C 19 8.04 -6.46 -3.99
N ILE C 20 6.94 -6.47 -4.72
CA ILE C 20 5.69 -5.84 -4.29
C ILE C 20 5.26 -6.38 -2.93
N ASP C 21 5.30 -7.70 -2.79
CA ASP C 21 4.97 -8.34 -1.51
C ASP C 21 5.97 -7.92 -0.44
N GLU C 22 7.24 -7.89 -0.81
CA GLU C 22 8.29 -7.41 0.08
C GLU C 22 8.02 -5.97 0.51
N LYS C 23 7.49 -5.16 -0.40
CA LYS C 23 7.23 -3.76 -0.12
C LYS C 23 6.02 -3.59 0.79
N LEU C 24 4.95 -4.33 0.53
CA LEU C 24 3.78 -4.26 1.38
C LEU C 24 4.07 -4.89 2.73
N SER C 25 5.04 -5.79 2.77
CA SER C 25 5.49 -6.32 4.05
C SER C 25 6.08 -5.18 4.90
N GLU C 26 6.46 -4.09 4.23
CA GLU C 26 6.90 -2.90 4.93
C GLU C 26 5.68 -2.08 5.28
N ILE C 27 4.86 -1.84 4.26
CA ILE C 27 3.69 -1.00 4.39
C ILE C 27 2.75 -1.55 5.46
N LEU C 28 2.41 -2.83 5.32
CA LEU C 28 1.56 -3.54 6.27
C LEU C 28 2.03 -3.30 7.70
N GLY C 29 3.33 -3.40 7.91
CA GLY C 29 3.89 -3.23 9.23
C GLY C 29 3.89 -1.77 9.66
N MET C 30 4.04 -0.90 8.67
CA MET C 30 4.04 0.54 8.91
C MET C 30 2.65 1.03 9.27
N LEU C 31 1.62 0.46 8.65
CA LEU C 31 0.28 0.86 8.98
C LEU C 31 -0.13 0.18 10.24
N HIS C 32 0.35 -1.03 10.46
CA HIS C 32 0.15 -1.71 11.74
C HIS C 32 0.62 -0.78 12.82
N THR C 33 1.75 -0.16 12.54
CA THR C 33 2.37 0.80 13.42
C THR C 33 1.52 2.08 13.51
N LEU C 34 0.98 2.50 12.37
CA LEU C 34 0.16 3.70 12.30
C LEU C 34 -1.21 3.47 12.92
N VAL C 35 -1.85 2.35 12.59
CA VAL C 35 -3.06 1.92 13.25
C VAL C 35 -2.87 1.82 14.76
N VAL C 36 -1.64 1.61 15.21
CA VAL C 36 -1.34 1.64 16.64
C VAL C 36 -1.23 3.08 17.12
N ALA C 37 -0.38 3.85 16.48
CA ALA C 37 -0.14 5.24 16.85
C ALA C 37 -1.40 6.07 16.69
N SER C 38 -2.03 5.95 15.55
CA SER C 38 -3.23 6.68 15.23
C SER C 38 -4.44 6.11 15.97
N ALA C 39 -4.28 4.94 16.58
CA ALA C 39 -5.35 4.32 17.36
C ALA C 39 -5.79 5.24 18.49
N GLY C 40 -4.92 6.16 18.86
CA GLY C 40 -5.29 7.16 19.83
C GLY C 40 -4.44 7.12 21.09
N PRO C 41 -3.32 7.86 21.12
CA PRO C 41 -2.53 8.03 22.34
C PRO C 41 -3.33 8.79 23.38
N THR C 42 -3.80 9.97 22.98
CA THR C 42 -4.66 10.79 23.80
C THR C 42 -5.73 11.40 22.92
N SER C 43 -6.66 12.14 23.52
CA SER C 43 -7.64 12.95 22.78
C SER C 43 -8.72 12.09 22.11
N ALA C 44 -8.30 11.04 21.43
CA ALA C 44 -9.23 10.15 20.73
C ALA C 44 -10.22 9.53 21.68
N ARG C 45 -11.45 9.35 21.21
CA ARG C 45 -12.52 8.86 22.06
C ARG C 45 -12.53 7.34 22.08
N GLY D 7 0.58 -16.08 -26.51
CA GLY D 7 0.76 -14.79 -27.21
C GLY D 7 2.00 -14.06 -26.73
N SER D 8 2.36 -12.98 -27.42
CA SER D 8 3.52 -12.20 -27.05
C SER D 8 3.17 -11.23 -25.92
N THR D 9 3.69 -11.53 -24.74
CA THR D 9 3.39 -10.75 -23.55
C THR D 9 4.49 -10.93 -22.51
N ASN D 10 4.80 -9.85 -21.80
CA ASN D 10 5.71 -9.88 -20.67
C ASN D 10 5.88 -8.47 -20.13
N ASP D 11 6.35 -7.57 -20.97
CA ASP D 11 6.44 -6.17 -20.59
C ASP D 11 5.04 -5.60 -20.47
N ASN D 12 4.08 -6.29 -21.07
CA ASN D 12 2.67 -6.00 -20.88
C ASN D 12 2.27 -6.23 -19.42
N ILE D 13 2.97 -7.14 -18.77
CA ILE D 13 2.75 -7.42 -17.36
C ILE D 13 3.56 -6.46 -16.53
N THR D 14 4.86 -6.45 -16.78
CA THR D 14 5.78 -5.61 -16.03
C THR D 14 5.47 -4.13 -16.22
N ALA D 15 4.63 -3.83 -17.20
CA ALA D 15 4.12 -2.47 -17.41
C ALA D 15 3.30 -2.03 -16.20
N ARG D 16 2.56 -2.97 -15.62
CA ARG D 16 1.72 -2.67 -14.48
C ARG D 16 2.55 -2.79 -13.22
N LEU D 17 3.31 -3.87 -13.16
CA LEU D 17 4.23 -4.14 -12.06
C LEU D 17 5.21 -3.00 -11.84
N ASP D 18 5.60 -2.35 -12.94
CA ASP D 18 6.53 -1.24 -12.85
C ASP D 18 5.84 -0.08 -12.18
N ARG D 19 4.56 0.02 -12.47
CA ARG D 19 3.73 1.07 -11.94
C ARG D 19 3.47 0.85 -10.47
N ILE D 20 3.07 -0.37 -10.13
CA ILE D 20 2.76 -0.75 -8.76
C ILE D 20 3.94 -0.46 -7.83
N ASP D 21 5.13 -0.85 -8.26
CA ASP D 21 6.35 -0.56 -7.49
C ASP D 21 6.56 0.95 -7.39
N GLU D 22 6.36 1.63 -8.51
CA GLU D 22 6.43 3.08 -8.53
C GLU D 22 5.42 3.71 -7.56
N LYS D 23 4.26 3.09 -7.43
CA LYS D 23 3.21 3.61 -6.56
C LYS D 23 3.55 3.37 -5.09
N LEU D 24 4.01 2.16 -4.77
CA LEU D 24 4.40 1.87 -3.39
C LEU D 24 5.65 2.64 -3.02
N SER D 25 6.44 3.02 -4.00
CA SER D 25 7.57 3.90 -3.75
C SER D 25 7.06 5.25 -3.25
N GLU D 26 5.79 5.54 -3.51
CA GLU D 26 5.15 6.71 -2.96
C GLU D 26 4.62 6.37 -1.58
N ILE D 27 3.87 5.28 -1.53
CA ILE D 27 3.22 4.84 -0.31
C ILE D 27 4.25 4.60 0.79
N LEU D 28 5.25 3.80 0.47
CA LEU D 28 6.35 3.50 1.39
C LEU D 28 6.90 4.77 2.01
N GLY D 29 7.10 5.77 1.18
CA GLY D 29 7.67 7.03 1.64
C GLY D 29 6.66 7.82 2.44
N MET D 30 5.39 7.68 2.06
CA MET D 30 4.31 8.36 2.73
C MET D 30 4.07 7.78 4.12
N LEU D 31 4.22 6.47 4.25
CA LEU D 31 4.03 5.87 5.55
C LEU D 31 5.27 6.07 6.35
N HIS D 32 6.41 6.08 5.70
CA HIS D 32 7.66 6.45 6.36
C HIS D 32 7.45 7.79 7.03
N THR D 33 6.80 8.65 6.29
CA THR D 33 6.45 9.97 6.73
C THR D 33 5.40 9.92 7.86
N LEU D 34 4.45 9.02 7.71
CA LEU D 34 3.37 8.84 8.68
C LEU D 34 3.90 8.16 9.94
N VAL D 35 4.65 7.09 9.77
CA VAL D 35 5.36 6.45 10.89
C VAL D 35 6.25 7.46 11.63
N VAL D 36 6.67 8.51 10.94
CA VAL D 36 7.40 9.60 11.61
C VAL D 36 6.44 10.51 12.36
N ALA D 37 5.45 11.02 11.64
CA ALA D 37 4.47 11.93 12.20
C ALA D 37 3.67 11.27 13.31
N SER D 38 3.16 10.09 13.02
CA SER D 38 2.36 9.32 13.95
C SER D 38 3.23 8.68 15.04
N ALA D 39 4.55 8.73 14.86
CA ALA D 39 5.47 8.20 15.87
C ALA D 39 5.28 8.91 17.19
N GLY D 40 4.70 10.09 17.14
CA GLY D 40 4.36 10.80 18.35
C GLY D 40 5.07 12.12 18.51
N PRO D 41 4.48 13.22 18.00
CA PRO D 41 4.98 14.57 18.25
C PRO D 41 4.87 14.92 19.72
N THR D 42 3.66 14.79 20.24
CA THR D 42 3.39 14.98 21.65
C THR D 42 2.39 13.92 22.10
N SER D 43 2.07 13.91 23.39
CA SER D 43 0.99 13.07 23.94
C SER D 43 1.35 11.60 23.99
N ALA D 44 1.89 11.08 22.89
CA ALA D 44 2.26 9.68 22.79
C ALA D 44 3.28 9.31 23.86
N ARG D 45 3.18 8.10 24.37
CA ARG D 45 4.04 7.65 25.45
C ARG D 45 5.33 7.08 24.90
N GLY A 7 -1.68 -22.83 -18.53
CA GLY A 7 -3.10 -22.55 -18.85
C GLY A 7 -3.31 -21.16 -19.38
N SER A 8 -4.56 -20.77 -19.62
CA SER A 8 -4.88 -19.45 -20.11
C SER A 8 -4.44 -18.38 -19.11
N THR A 9 -3.69 -17.40 -19.58
CA THR A 9 -3.16 -16.39 -18.69
C THR A 9 -3.17 -15.01 -19.35
N ASN A 10 -2.34 -14.12 -18.82
CA ASN A 10 -2.26 -12.72 -19.22
C ASN A 10 -3.40 -11.93 -18.62
N ASP A 11 -4.59 -12.01 -19.22
CA ASP A 11 -5.72 -11.19 -18.79
C ASP A 11 -6.16 -11.58 -17.40
N ASN A 12 -6.02 -12.85 -17.08
CA ASN A 12 -6.24 -13.35 -15.73
C ASN A 12 -5.32 -12.62 -14.75
N ILE A 13 -4.09 -12.40 -15.18
CA ILE A 13 -3.09 -11.72 -14.36
C ILE A 13 -3.42 -10.25 -14.23
N THR A 14 -3.61 -9.60 -15.37
CA THR A 14 -3.94 -8.19 -15.41
C THR A 14 -5.28 -7.92 -14.72
N ALA A 15 -6.09 -8.97 -14.60
CA ALA A 15 -7.38 -8.87 -13.95
C ALA A 15 -7.22 -8.59 -12.45
N ARG A 16 -6.30 -9.28 -11.81
CA ARG A 16 -6.11 -9.13 -10.38
C ARG A 16 -5.10 -8.06 -10.06
N LEU A 17 -4.20 -7.82 -11.00
CA LEU A 17 -3.16 -6.82 -10.80
C LEU A 17 -3.68 -5.45 -11.16
N ASP A 18 -4.73 -5.39 -11.97
CA ASP A 18 -5.34 -4.12 -12.30
C ASP A 18 -6.11 -3.66 -11.09
N ARG A 19 -6.47 -4.64 -10.27
CA ARG A 19 -7.19 -4.39 -9.04
C ARG A 19 -6.25 -3.76 -8.06
N ILE A 20 -5.07 -4.36 -7.91
CA ILE A 20 -4.02 -3.83 -7.07
C ILE A 20 -3.72 -2.38 -7.43
N ASP A 21 -3.58 -2.13 -8.72
CA ASP A 21 -3.38 -0.76 -9.24
C ASP A 21 -4.57 0.13 -8.86
N GLU A 22 -5.76 -0.38 -9.04
CA GLU A 22 -6.98 0.32 -8.66
C GLU A 22 -6.99 0.64 -7.16
N LYS A 23 -6.39 -0.24 -6.37
CA LYS A 23 -6.42 -0.11 -4.92
C LYS A 23 -5.40 0.87 -4.39
N LEU A 24 -4.20 0.84 -4.96
CA LEU A 24 -3.18 1.82 -4.57
C LEU A 24 -3.62 3.22 -4.92
N SER A 25 -4.43 3.35 -5.94
CA SER A 25 -5.01 4.64 -6.28
C SER A 25 -5.91 5.13 -5.14
N GLU A 26 -6.34 4.21 -4.29
CA GLU A 26 -7.06 4.57 -3.07
C GLU A 26 -6.05 4.87 -1.98
N ILE A 27 -5.15 3.92 -1.78
CA ILE A 27 -4.16 3.99 -0.73
C ILE A 27 -3.35 5.28 -0.85
N LEU A 28 -2.78 5.47 -2.03
CA LEU A 28 -1.99 6.65 -2.35
C LEU A 28 -2.67 7.93 -1.89
N GLY A 29 -3.94 8.07 -2.24
CA GLY A 29 -4.68 9.27 -1.92
C GLY A 29 -5.04 9.33 -0.45
N MET A 30 -5.19 8.15 0.14
CA MET A 30 -5.53 8.04 1.54
C MET A 30 -4.32 8.32 2.43
N LEU A 31 -3.13 7.98 1.98
CA LEU A 31 -1.95 8.34 2.74
C LEU A 31 -1.62 9.77 2.45
N HIS A 32 -1.89 10.23 1.24
CA HIS A 32 -1.77 11.66 0.94
C HIS A 32 -2.58 12.43 1.95
N THR A 33 -3.73 11.86 2.22
CA THR A 33 -4.65 12.40 3.20
C THR A 33 -4.03 12.32 4.61
N LEU A 34 -3.34 11.24 4.86
CA LEU A 34 -2.70 10.99 6.15
C LEU A 34 -1.43 11.81 6.29
N VAL A 35 -0.61 11.85 5.25
CA VAL A 35 0.56 12.72 5.18
C VAL A 35 0.17 14.18 5.39
N VAL A 36 -1.09 14.52 5.16
CA VAL A 36 -1.55 15.86 5.46
C VAL A 36 -1.76 16.06 6.96
N ALA A 37 -2.50 15.15 7.58
CA ALA A 37 -2.76 15.22 9.01
C ALA A 37 -1.53 14.85 9.80
N SER A 38 -0.94 13.75 9.44
CA SER A 38 0.27 13.25 10.04
C SER A 38 1.50 14.01 9.51
N ALA A 39 1.25 15.10 8.79
CA ALA A 39 2.32 16.01 8.43
C ALA A 39 2.86 16.67 9.69
N GLY A 40 1.99 16.75 10.67
CA GLY A 40 2.38 17.23 11.97
C GLY A 40 1.91 18.64 12.27
N PRO A 41 0.62 18.86 12.52
CA PRO A 41 0.09 20.17 12.88
C PRO A 41 0.14 20.42 14.39
N THR A 42 0.19 19.34 15.15
CA THR A 42 0.19 19.41 16.60
C THR A 42 1.58 19.11 17.16
N SER A 43 2.37 18.37 16.39
CA SER A 43 3.68 17.92 16.81
C SER A 43 4.40 17.25 15.64
N ALA A 44 5.14 16.18 15.93
CA ALA A 44 5.88 15.41 14.93
C ALA A 44 7.11 16.17 14.46
N ARG A 45 8.26 15.81 15.03
CA ARG A 45 9.51 16.47 14.72
C ARG A 45 10.65 15.45 14.69
N GLY B 7 9.54 -21.00 -18.34
CA GLY B 7 9.12 -22.07 -17.42
C GLY B 7 7.64 -21.99 -17.10
N SER B 8 7.17 -22.87 -16.23
CA SER B 8 5.78 -22.88 -15.82
C SER B 8 5.42 -21.56 -15.13
N THR B 9 4.36 -20.93 -15.59
CA THR B 9 3.98 -19.63 -15.06
C THR B 9 2.46 -19.50 -14.96
N ASN B 10 2.01 -18.25 -14.90
CA ASN B 10 0.61 -17.90 -14.69
C ASN B 10 0.22 -18.04 -13.23
N ASP B 11 -0.05 -19.27 -12.79
CA ASP B 11 -0.55 -19.50 -11.44
C ASP B 11 0.52 -19.15 -10.42
N ASN B 12 1.77 -19.35 -10.78
CA ASN B 12 2.90 -18.90 -9.98
C ASN B 12 2.82 -17.38 -9.77
N ILE B 13 2.43 -16.68 -10.82
CA ILE B 13 2.31 -15.24 -10.77
C ILE B 13 1.12 -14.82 -9.94
N THR B 14 -0.03 -15.39 -10.26
CA THR B 14 -1.26 -15.10 -9.53
C THR B 14 -1.15 -15.54 -8.08
N ALA B 15 -0.21 -16.42 -7.81
CA ALA B 15 0.02 -16.92 -6.46
C ALA B 15 0.58 -15.84 -5.56
N ARG B 16 1.51 -15.03 -6.08
CA ARG B 16 2.15 -14.02 -5.27
C ARG B 16 1.45 -12.68 -5.43
N LEU B 17 0.76 -12.51 -6.54
CA LEU B 17 0.04 -11.27 -6.79
C LEU B 17 -1.34 -11.33 -6.14
N ASP B 18 -1.82 -12.53 -5.87
CA ASP B 18 -3.10 -12.66 -5.18
C ASP B 18 -2.86 -12.31 -3.74
N ARG B 19 -1.61 -12.47 -3.33
CA ARG B 19 -1.18 -12.15 -2.00
C ARG B 19 -1.17 -10.65 -1.82
N ILE B 20 -0.56 -9.97 -2.79
CA ILE B 20 -0.55 -8.52 -2.82
C ILE B 20 -1.96 -7.97 -2.73
N ASP B 21 -2.86 -8.53 -3.54
CA ASP B 21 -4.27 -8.17 -3.48
C ASP B 21 -4.87 -8.44 -2.09
N GLU B 22 -4.55 -9.60 -1.55
CA GLU B 22 -4.97 -9.96 -0.20
C GLU B 22 -4.45 -8.96 0.84
N LYS B 23 -3.28 -8.39 0.58
CA LYS B 23 -2.62 -7.53 1.54
C LYS B 23 -3.15 -6.11 1.48
N LEU B 24 -3.40 -5.60 0.28
CA LEU B 24 -4.00 -4.27 0.14
C LEU B 24 -5.38 -4.25 0.75
N SER B 25 -6.05 -5.38 0.76
CA SER B 25 -7.33 -5.49 1.43
C SER B 25 -7.16 -5.27 2.94
N GLU B 26 -5.93 -5.41 3.42
CA GLU B 26 -5.62 -5.07 4.80
C GLU B 26 -5.27 -3.60 4.86
N ILE B 27 -4.34 -3.21 4.00
CA ILE B 27 -3.83 -1.85 3.97
C ILE B 27 -4.97 -0.86 3.79
N LEU B 28 -5.74 -1.08 2.73
CA LEU B 28 -6.90 -0.24 2.41
C LEU B 28 -7.76 0.03 3.63
N GLY B 29 -8.09 -1.02 4.36
CA GLY B 29 -8.95 -0.89 5.52
C GLY B 29 -8.23 -0.25 6.68
N MET B 30 -6.92 -0.47 6.72
CA MET B 30 -6.09 0.07 7.78
C MET B 30 -5.84 1.56 7.58
N LEU B 31 -5.76 2.01 6.33
CA LEU B 31 -5.64 3.43 6.09
C LEU B 31 -7.00 4.06 6.20
N HIS B 32 -8.03 3.32 5.83
CA HIS B 32 -9.40 3.78 6.07
C HIS B 32 -9.53 4.10 7.54
N THR B 33 -8.93 3.23 8.32
CA THR B 33 -8.89 3.36 9.76
C THR B 33 -8.07 4.60 10.15
N LEU B 34 -7.00 4.82 9.42
CA LEU B 34 -6.10 5.93 9.65
C LEU B 34 -6.70 7.24 9.15
N VAL B 35 -7.25 7.22 7.95
CA VAL B 35 -8.01 8.35 7.40
C VAL B 35 -9.16 8.75 8.32
N VAL B 36 -9.56 7.87 9.21
CA VAL B 36 -10.58 8.24 10.20
C VAL B 36 -9.95 9.05 11.34
N ALA B 37 -8.87 8.53 11.90
CA ALA B 37 -8.17 9.22 12.98
C ALA B 37 -7.43 10.43 12.45
N SER B 38 -6.64 10.19 11.42
CA SER B 38 -5.89 11.23 10.76
C SER B 38 -6.79 12.04 9.83
N ALA B 39 -8.10 11.89 9.97
CA ALA B 39 -9.04 12.79 9.33
C ALA B 39 -8.92 14.16 9.95
N GLY B 40 -8.48 14.16 11.19
CA GLY B 40 -8.19 15.39 11.89
C GLY B 40 -9.25 15.78 12.89
N PRO B 41 -9.33 15.09 14.05
CA PRO B 41 -10.26 15.45 15.11
C PRO B 41 -9.67 16.47 16.08
N THR B 42 -8.35 16.53 16.13
CA THR B 42 -7.65 17.42 17.03
C THR B 42 -7.06 18.62 16.28
N SER B 43 -6.83 18.43 14.99
CA SER B 43 -6.19 19.44 14.17
C SER B 43 -6.24 19.01 12.71
N ALA B 44 -5.15 19.28 11.97
CA ALA B 44 -5.02 18.92 10.56
C ALA B 44 -5.88 19.82 9.68
N ARG B 45 -5.24 20.81 9.08
CA ARG B 45 -5.93 21.77 8.24
C ARG B 45 -5.06 22.17 7.06
N GLY C 7 8.21 -12.20 -25.53
CA GLY C 7 9.61 -12.36 -25.06
C GLY C 7 9.69 -13.17 -23.79
N SER C 8 10.89 -13.32 -23.25
CA SER C 8 11.11 -14.06 -22.02
C SER C 8 10.35 -13.41 -20.87
N THR C 9 9.55 -14.19 -20.16
CA THR C 9 8.74 -13.65 -19.09
C THR C 9 8.67 -14.61 -17.91
N ASN C 10 7.64 -14.42 -17.09
CA ASN C 10 7.44 -15.16 -15.85
C ASN C 10 8.32 -14.60 -14.75
N ASP C 11 9.59 -14.99 -14.73
CA ASP C 11 10.51 -14.62 -13.66
C ASP C 11 10.75 -13.12 -13.67
N ASN C 12 10.74 -12.54 -14.85
CA ASN C 12 10.78 -11.08 -15.01
C ASN C 12 9.61 -10.45 -14.26
N ILE C 13 8.45 -11.08 -14.37
CA ILE C 13 7.25 -10.60 -13.71
C ILE C 13 7.32 -10.78 -12.21
N THR C 14 7.64 -11.99 -11.80
CA THR C 14 7.76 -12.33 -10.39
C THR C 14 8.91 -11.54 -9.75
N ALA C 15 9.80 -11.04 -10.58
CA ALA C 15 10.95 -10.27 -10.11
C ALA C 15 10.50 -8.91 -9.57
N ARG C 16 9.55 -8.29 -10.25
CA ARG C 16 9.11 -6.95 -9.83
C ARG C 16 7.89 -7.04 -8.93
N LEU C 17 7.16 -8.13 -9.06
CA LEU C 17 5.96 -8.32 -8.25
C LEU C 17 6.34 -8.92 -6.90
N ASP C 18 7.51 -9.56 -6.84
CA ASP C 18 7.98 -10.09 -5.57
C ASP C 18 8.45 -8.92 -4.74
N ARG C 19 8.80 -7.86 -5.44
CA ARG C 19 9.24 -6.64 -4.83
C ARG C 19 8.04 -5.97 -4.17
N ILE C 20 6.97 -5.86 -4.93
CA ILE C 20 5.71 -5.32 -4.43
C ILE C 20 5.28 -6.05 -3.17
N ASP C 21 5.34 -7.38 -3.22
CA ASP C 21 5.04 -8.21 -2.06
C ASP C 21 6.01 -7.90 -0.90
N GLU C 22 7.28 -7.78 -1.23
CA GLU C 22 8.29 -7.41 -0.24
C GLU C 22 7.99 -6.05 0.38
N LYS C 23 7.38 -5.16 -0.40
CA LYS C 23 7.16 -3.79 0.03
C LYS C 23 5.92 -3.66 0.89
N LEU C 24 4.85 -4.36 0.53
CA LEU C 24 3.65 -4.36 1.37
C LEU C 24 3.94 -4.97 2.72
N SER C 25 4.90 -5.86 2.79
CA SER C 25 5.34 -6.41 4.05
C SER C 25 5.95 -5.31 4.92
N GLU C 26 6.33 -4.21 4.29
CA GLU C 26 6.78 -3.03 5.03
C GLU C 26 5.56 -2.18 5.36
N ILE C 27 4.77 -1.90 4.32
CA ILE C 27 3.61 -1.04 4.44
C ILE C 27 2.66 -1.59 5.50
N LEU C 28 2.28 -2.84 5.34
CA LEU C 28 1.41 -3.54 6.27
C LEU C 28 1.81 -3.30 7.71
N GLY C 29 3.09 -3.49 8.00
CA GLY C 29 3.58 -3.36 9.35
C GLY C 29 3.65 -1.91 9.78
N MET C 30 3.87 -1.05 8.80
CA MET C 30 3.97 0.37 9.05
C MET C 30 2.60 0.99 9.30
N LEU C 31 1.56 0.46 8.65
CA LEU C 31 0.22 0.94 8.95
C LEU C 31 -0.26 0.29 10.21
N HIS C 32 0.16 -0.95 10.45
CA HIS C 32 -0.10 -1.59 11.72
C HIS C 32 0.40 -0.69 12.82
N THR C 33 1.55 -0.12 12.55
CA THR C 33 2.19 0.83 13.43
C THR C 33 1.37 2.11 13.54
N LEU C 34 0.79 2.50 12.42
CA LEU C 34 -0.02 3.71 12.33
C LEU C 34 -1.41 3.47 12.93
N VAL C 35 -2.03 2.35 12.61
CA VAL C 35 -3.28 1.91 13.22
C VAL C 35 -3.14 1.80 14.74
N VAL C 36 -1.92 1.72 15.25
CA VAL C 36 -1.72 1.74 16.69
C VAL C 36 -1.80 3.17 17.23
N ALA C 37 -1.07 4.07 16.61
CA ALA C 37 -1.08 5.47 17.02
C ALA C 37 -2.37 6.13 16.62
N SER C 38 -2.71 5.98 15.36
CA SER C 38 -3.95 6.51 14.81
C SER C 38 -5.13 5.62 15.18
N ALA C 39 -4.93 4.73 16.15
CA ALA C 39 -6.05 4.02 16.75
C ALA C 39 -6.89 4.99 17.55
N GLY C 40 -6.22 6.06 17.98
CA GLY C 40 -6.90 7.13 18.65
C GLY C 40 -6.70 7.14 20.15
N PRO C 41 -5.51 7.52 20.64
CA PRO C 41 -5.26 7.62 22.07
C PRO C 41 -5.61 9.01 22.62
N THR C 42 -5.63 9.99 21.73
CA THR C 42 -5.91 11.37 22.11
C THR C 42 -7.31 11.78 21.69
N SER C 43 -7.84 11.11 20.68
CA SER C 43 -9.12 11.45 20.09
C SER C 43 -9.52 10.37 19.08
N ALA C 44 -10.14 10.80 17.97
CA ALA C 44 -10.57 9.91 16.89
C ALA C 44 -11.81 9.11 17.31
N ARG C 45 -12.96 9.58 16.87
CA ARG C 45 -14.23 8.95 17.21
C ARG C 45 -15.19 9.00 16.03
N GLY D 7 -3.03 -14.05 -25.72
CA GLY D 7 -2.62 -12.84 -26.49
C GLY D 7 -1.26 -12.35 -26.07
N SER D 8 -0.83 -11.23 -26.65
CA SER D 8 0.45 -10.63 -26.33
C SER D 8 0.49 -10.23 -24.86
N THR D 9 1.52 -10.67 -24.16
CA THR D 9 1.61 -10.40 -22.73
C THR D 9 3.05 -10.12 -22.31
N ASN D 10 3.31 -10.30 -21.02
CA ASN D 10 4.58 -9.98 -20.38
C ASN D 10 4.72 -8.48 -20.15
N ASP D 11 5.07 -7.73 -21.18
CA ASP D 11 5.35 -6.30 -21.03
C ASP D 11 4.08 -5.56 -20.67
N ASN D 12 2.95 -6.05 -21.17
CA ASN D 12 1.64 -5.55 -20.77
C ASN D 12 1.47 -5.69 -19.25
N ILE D 13 1.94 -6.81 -18.73
CA ILE D 13 1.84 -7.08 -17.30
C ILE D 13 2.79 -6.21 -16.52
N THR D 14 4.05 -6.22 -16.92
CA THR D 14 5.07 -5.41 -16.27
C THR D 14 4.77 -3.93 -16.42
N ALA D 15 3.92 -3.60 -17.38
CA ALA D 15 3.53 -2.21 -17.62
C ALA D 15 2.67 -1.69 -16.48
N ARG D 16 1.76 -2.52 -15.99
CA ARG D 16 0.83 -2.07 -14.95
C ARG D 16 1.36 -2.43 -13.57
N LEU D 17 2.21 -3.44 -13.52
CA LEU D 17 2.78 -3.87 -12.26
C LEU D 17 4.01 -3.05 -11.93
N ASP D 18 4.61 -2.42 -12.94
CA ASP D 18 5.74 -1.54 -12.70
C ASP D 18 5.20 -0.27 -12.10
N ARG D 19 3.93 -0.03 -12.39
CA ARG D 19 3.23 1.12 -11.88
C ARG D 19 2.98 0.93 -10.41
N ILE D 20 2.47 -0.24 -10.06
CA ILE D 20 2.24 -0.62 -8.68
C ILE D 20 3.53 -0.46 -7.88
N ASP D 21 4.62 -0.97 -8.42
CA ASP D 21 5.94 -0.80 -7.81
C ASP D 21 6.31 0.69 -7.68
N GLU D 22 6.06 1.44 -8.73
CA GLU D 22 6.29 2.88 -8.72
C GLU D 22 5.45 3.57 -7.64
N LYS D 23 4.28 3.01 -7.36
CA LYS D 23 3.33 3.63 -6.44
C LYS D 23 3.66 3.32 -4.99
N LEU D 24 4.06 2.08 -4.71
CA LEU D 24 4.47 1.73 -3.36
C LEU D 24 5.70 2.50 -2.95
N SER D 25 6.52 2.87 -3.93
CA SER D 25 7.66 3.72 -3.67
C SER D 25 7.19 5.09 -3.17
N GLU D 26 5.93 5.42 -3.42
CA GLU D 26 5.33 6.61 -2.86
C GLU D 26 4.77 6.29 -1.50
N ILE D 27 3.96 5.22 -1.47
CA ILE D 27 3.28 4.80 -0.26
C ILE D 27 4.28 4.56 0.85
N LEU D 28 5.26 3.71 0.57
CA LEU D 28 6.32 3.36 1.50
C LEU D 28 6.89 4.60 2.19
N GLY D 29 7.23 5.60 1.38
CA GLY D 29 7.84 6.80 1.90
C GLY D 29 6.84 7.66 2.64
N MET D 30 5.60 7.57 2.20
CA MET D 30 4.52 8.33 2.80
C MET D 30 4.11 7.75 4.14
N LEU D 31 4.19 6.43 4.29
CA LEU D 31 3.92 5.85 5.59
C LEU D 31 5.13 6.00 6.45
N HIS D 32 6.31 5.97 5.86
CA HIS D 32 7.53 6.30 6.59
C HIS D 32 7.35 7.65 7.23
N THR D 33 6.75 8.52 6.44
CA THR D 33 6.42 9.86 6.86
C THR D 33 5.39 9.83 7.99
N LEU D 34 4.45 8.92 7.86
CA LEU D 34 3.37 8.75 8.82
C LEU D 34 3.85 8.04 10.08
N VAL D 35 4.62 6.98 9.91
CA VAL D 35 5.29 6.29 11.02
C VAL D 35 6.19 7.25 11.80
N VAL D 36 6.56 8.37 11.21
CA VAL D 36 7.30 9.38 11.96
C VAL D 36 6.37 10.19 12.86
N ALA D 37 5.30 10.70 12.28
CA ALA D 37 4.32 11.47 13.05
C ALA D 37 3.52 10.58 13.96
N SER D 38 2.99 9.52 13.38
CA SER D 38 2.22 8.54 14.11
C SER D 38 3.16 7.57 14.85
N ALA D 39 4.42 7.94 14.98
CA ALA D 39 5.33 7.25 15.87
C ALA D 39 4.91 7.51 17.30
N GLY D 40 4.25 8.64 17.48
CA GLY D 40 3.67 8.96 18.76
C GLY D 40 4.45 10.00 19.54
N PRO D 41 4.42 11.28 19.12
CA PRO D 41 5.09 12.35 19.86
C PRO D 41 4.21 12.96 20.93
N THR D 42 2.90 12.80 20.76
CA THR D 42 1.92 13.36 21.69
C THR D 42 1.33 12.27 22.58
N SER D 43 1.35 11.04 22.09
CA SER D 43 0.74 9.92 22.78
C SER D 43 1.11 8.62 22.06
N ALA D 44 0.15 7.69 21.98
CA ALA D 44 0.32 6.41 21.30
C ALA D 44 1.20 5.47 22.13
N ARG D 45 0.54 4.58 22.86
CA ARG D 45 1.23 3.64 23.73
C ARG D 45 0.53 2.28 23.72
N GLY A 7 -1.54 -21.97 -21.39
CA GLY A 7 -2.56 -21.46 -22.33
C GLY A 7 -2.34 -19.99 -22.65
N SER A 8 -3.27 -19.40 -23.36
CA SER A 8 -3.15 -17.99 -23.74
C SER A 8 -3.65 -17.09 -22.63
N THR A 9 -2.98 -17.15 -21.50
CA THR A 9 -3.28 -16.31 -20.36
C THR A 9 -2.65 -14.94 -20.54
N ASN A 10 -3.22 -13.94 -19.88
CA ASN A 10 -2.68 -12.60 -19.84
C ASN A 10 -3.64 -11.67 -19.11
N ASP A 11 -4.88 -11.64 -19.58
CA ASP A 11 -5.90 -10.79 -18.97
C ASP A 11 -6.28 -11.31 -17.60
N ASN A 12 -5.97 -12.57 -17.35
CA ASN A 12 -6.15 -13.16 -16.02
C ASN A 12 -5.15 -12.55 -15.05
N ILE A 13 -4.00 -12.18 -15.58
CA ILE A 13 -2.98 -11.50 -14.80
C ILE A 13 -3.38 -10.04 -14.64
N THR A 14 -3.56 -9.38 -15.77
CA THR A 14 -3.90 -7.97 -15.80
C THR A 14 -5.21 -7.70 -15.07
N ALA A 15 -6.02 -8.73 -14.90
CA ALA A 15 -7.25 -8.64 -14.12
C ALA A 15 -6.94 -8.27 -12.67
N ARG A 16 -5.81 -8.76 -12.18
CA ARG A 16 -5.39 -8.51 -10.81
C ARG A 16 -4.61 -7.20 -10.76
N LEU A 17 -3.71 -7.06 -11.72
CA LEU A 17 -2.92 -5.85 -11.90
C LEU A 17 -3.80 -4.62 -12.05
N ASP A 18 -4.93 -4.79 -12.70
CA ASP A 18 -5.86 -3.69 -12.90
C ASP A 18 -6.44 -3.31 -11.57
N ARG A 19 -6.64 -4.32 -10.76
CA ARG A 19 -7.24 -4.18 -9.45
C ARG A 19 -6.26 -3.55 -8.48
N ILE A 20 -5.04 -4.09 -8.47
CA ILE A 20 -3.99 -3.61 -7.57
C ILE A 20 -3.77 -2.12 -7.74
N ASP A 21 -3.66 -1.67 -8.99
CA ASP A 21 -3.51 -0.25 -9.29
C ASP A 21 -4.74 0.53 -8.82
N GLU A 22 -5.90 -0.04 -9.08
CA GLU A 22 -7.15 0.53 -8.60
C GLU A 22 -7.15 0.66 -7.07
N LYS A 23 -6.52 -0.29 -6.40
CA LYS A 23 -6.48 -0.31 -4.94
C LYS A 23 -5.51 0.73 -4.40
N LEU A 24 -4.30 0.78 -4.97
CA LEU A 24 -3.31 1.75 -4.52
C LEU A 24 -3.75 3.16 -4.85
N SER A 25 -4.57 3.32 -5.87
CA SER A 25 -5.15 4.61 -6.17
C SER A 25 -6.03 5.08 -5.02
N GLU A 26 -6.46 4.15 -4.17
CA GLU A 26 -7.16 4.49 -2.95
C GLU A 26 -6.14 4.78 -1.87
N ILE A 27 -5.21 3.84 -1.70
CA ILE A 27 -4.21 3.92 -0.67
C ILE A 27 -3.41 5.21 -0.81
N LEU A 28 -2.85 5.40 -2.00
CA LEU A 28 -2.07 6.59 -2.33
C LEU A 28 -2.76 7.87 -1.87
N GLY A 29 -4.03 7.98 -2.22
CA GLY A 29 -4.78 9.18 -1.90
C GLY A 29 -5.14 9.24 -0.43
N MET A 30 -5.26 8.08 0.17
CA MET A 30 -5.60 7.97 1.58
C MET A 30 -4.41 8.27 2.47
N LEU A 31 -3.21 7.94 2.01
CA LEU A 31 -2.03 8.31 2.78
C LEU A 31 -1.73 9.75 2.49
N HIS A 32 -2.02 10.20 1.28
CA HIS A 32 -1.93 11.63 0.97
C HIS A 32 -2.77 12.38 1.98
N THR A 33 -3.91 11.79 2.24
CA THR A 33 -4.85 12.29 3.22
C THR A 33 -4.24 12.26 4.63
N LEU A 34 -3.47 11.20 4.87
CA LEU A 34 -2.83 10.99 6.16
C LEU A 34 -1.58 11.83 6.30
N VAL A 35 -0.77 11.90 5.25
CA VAL A 35 0.37 12.81 5.18
C VAL A 35 -0.07 14.26 5.37
N VAL A 36 -1.34 14.56 5.15
CA VAL A 36 -1.84 15.90 5.42
C VAL A 36 -2.06 16.10 6.91
N ALA A 37 -2.75 15.16 7.55
CA ALA A 37 -3.00 15.24 8.97
C ALA A 37 -1.74 14.94 9.76
N SER A 38 -1.10 13.84 9.41
CA SER A 38 0.15 13.43 10.02
C SER A 38 1.31 14.25 9.48
N ALA A 39 1.00 15.30 8.73
CA ALA A 39 2.00 16.29 8.38
C ALA A 39 2.45 17.01 9.63
N GLY A 40 1.54 17.04 10.60
CA GLY A 40 1.89 17.50 11.92
C GLY A 40 1.24 18.82 12.30
N PRO A 41 0.02 18.79 12.86
CA PRO A 41 -0.59 19.98 13.44
C PRO A 41 -0.26 20.12 14.93
N THR A 42 -0.61 21.28 15.48
CA THR A 42 -0.55 21.56 16.93
C THR A 42 0.69 21.01 17.62
N SER A 43 0.61 19.75 18.03
CA SER A 43 1.63 19.07 18.79
C SER A 43 2.99 19.06 18.08
N ALA A 44 2.94 18.96 16.76
CA ALA A 44 4.15 18.82 15.97
C ALA A 44 5.00 20.09 16.02
N ARG A 45 6.24 19.98 15.59
CA ARG A 45 7.19 21.07 15.68
C ARG A 45 6.91 22.11 14.61
N GLY B 7 7.32 -22.32 -19.82
CA GLY B 7 6.36 -23.39 -19.47
C GLY B 7 4.96 -22.86 -19.28
N SER B 8 4.05 -23.72 -18.83
CA SER B 8 2.67 -23.33 -18.63
C SER B 8 2.48 -22.67 -17.27
N THR B 9 3.13 -21.54 -17.10
CA THR B 9 3.03 -20.76 -15.88
C THR B 9 1.77 -19.89 -15.94
N ASN B 10 1.28 -19.52 -14.77
CA ASN B 10 0.16 -18.59 -14.65
C ASN B 10 -0.26 -18.48 -13.19
N ASP B 11 -0.55 -19.63 -12.58
CA ASP B 11 -0.97 -19.65 -11.18
C ASP B 11 0.20 -19.30 -10.28
N ASN B 12 1.41 -19.42 -10.80
CA ASN B 12 2.60 -18.99 -10.09
C ASN B 12 2.62 -17.47 -9.98
N ILE B 13 2.03 -16.82 -10.98
CA ILE B 13 1.88 -15.38 -10.98
C ILE B 13 0.73 -15.00 -10.08
N THR B 14 -0.43 -15.56 -10.38
CA THR B 14 -1.65 -15.27 -9.65
C THR B 14 -1.53 -15.67 -8.19
N ALA B 15 -0.54 -16.50 -7.88
CA ALA B 15 -0.22 -16.88 -6.51
C ALA B 15 0.25 -15.66 -5.73
N ARG B 16 0.92 -14.76 -6.42
CA ARG B 16 1.43 -13.54 -5.78
C ARG B 16 0.36 -12.48 -5.84
N LEU B 17 -0.26 -12.35 -7.00
CA LEU B 17 -1.37 -11.43 -7.23
C LEU B 17 -2.50 -11.67 -6.25
N ASP B 18 -2.72 -12.93 -5.90
CA ASP B 18 -3.77 -13.28 -4.95
C ASP B 18 -3.40 -12.74 -3.59
N ARG B 19 -2.11 -12.79 -3.34
CA ARG B 19 -1.55 -12.38 -2.08
C ARG B 19 -1.56 -10.86 -1.95
N ILE B 20 -1.07 -10.20 -3.00
CA ILE B 20 -0.98 -8.74 -3.04
C ILE B 20 -2.35 -8.12 -2.76
N ASP B 21 -3.37 -8.62 -3.42
CA ASP B 21 -4.74 -8.14 -3.19
C ASP B 21 -5.16 -8.44 -1.76
N GLU B 22 -4.83 -9.63 -1.29
CA GLU B 22 -5.09 -10.00 0.10
C GLU B 22 -4.39 -9.04 1.06
N LYS B 23 -3.22 -8.55 0.67
CA LYS B 23 -2.43 -7.67 1.52
C LYS B 23 -3.01 -6.26 1.53
N LEU B 24 -3.33 -5.73 0.36
CA LEU B 24 -3.91 -4.39 0.27
C LEU B 24 -5.28 -4.34 0.90
N SER B 25 -5.97 -5.47 0.92
CA SER B 25 -7.24 -5.57 1.62
C SER B 25 -7.04 -5.32 3.12
N GLU B 26 -5.80 -5.46 3.58
CA GLU B 26 -5.46 -5.10 4.95
C GLU B 26 -5.12 -3.63 4.99
N ILE B 27 -4.21 -3.24 4.08
CA ILE B 27 -3.73 -1.88 4.02
C ILE B 27 -4.88 -0.92 3.84
N LEU B 28 -5.67 -1.15 2.79
CA LEU B 28 -6.84 -0.34 2.48
C LEU B 28 -7.69 -0.07 3.71
N GLY B 29 -7.98 -1.13 4.44
CA GLY B 29 -8.84 -1.01 5.61
C GLY B 29 -8.12 -0.35 6.76
N MET B 30 -6.82 -0.53 6.80
CA MET B 30 -5.99 0.02 7.85
C MET B 30 -5.76 1.51 7.64
N LEU B 31 -5.69 1.96 6.40
CA LEU B 31 -5.59 3.39 6.15
C LEU B 31 -6.95 3.99 6.29
N HIS B 32 -7.99 3.23 5.93
CA HIS B 32 -9.36 3.65 6.20
C HIS B 32 -9.47 3.95 7.68
N THR B 33 -8.85 3.08 8.44
CA THR B 33 -8.77 3.20 9.88
C THR B 33 -7.99 4.45 10.27
N LEU B 34 -6.96 4.73 9.49
CA LEU B 34 -6.08 5.86 9.73
C LEU B 34 -6.71 7.16 9.25
N VAL B 35 -7.31 7.13 8.06
CA VAL B 35 -8.11 8.24 7.55
C VAL B 35 -9.25 8.60 8.49
N VAL B 36 -9.62 7.69 9.38
CA VAL B 36 -10.62 8.02 10.39
C VAL B 36 -10.01 8.83 11.52
N ALA B 37 -8.89 8.36 12.05
CA ALA B 37 -8.19 9.07 13.11
C ALA B 37 -7.52 10.32 12.56
N SER B 38 -6.75 10.12 11.52
CA SER B 38 -6.07 11.21 10.84
C SER B 38 -7.04 12.00 9.97
N ALA B 39 -8.33 11.77 10.15
CA ALA B 39 -9.34 12.65 9.59
C ALA B 39 -9.26 13.99 10.29
N GLY B 40 -8.80 13.93 11.52
CA GLY B 40 -8.49 15.13 12.24
C GLY B 40 -9.41 15.42 13.41
N PRO B 41 -9.11 14.89 14.61
CA PRO B 41 -9.82 15.25 15.82
C PRO B 41 -9.15 16.42 16.53
N THR B 42 -9.84 16.95 17.54
CA THR B 42 -9.32 17.97 18.47
C THR B 42 -8.46 19.06 17.81
N SER B 43 -7.18 18.74 17.66
CA SER B 43 -6.18 19.66 17.13
C SER B 43 -6.54 20.18 15.75
N ALA B 44 -7.15 19.33 14.94
CA ALA B 44 -7.44 19.66 13.56
C ALA B 44 -8.47 20.77 13.45
N ARG B 45 -8.59 21.34 12.27
CA ARG B 45 -9.47 22.49 12.05
C ARG B 45 -10.91 22.04 11.96
N GLY C 7 8.42 -15.15 -25.34
CA GLY C 7 9.51 -16.04 -24.86
C GLY C 7 9.14 -16.72 -23.56
N SER C 8 10.09 -17.43 -22.97
CA SER C 8 9.85 -18.14 -21.72
C SER C 8 10.01 -17.21 -20.53
N THR C 9 9.15 -16.21 -20.47
CA THR C 9 9.13 -15.26 -19.38
C THR C 9 8.35 -15.84 -18.20
N ASN C 10 8.66 -15.37 -17.00
CA ASN C 10 7.92 -15.72 -15.80
C ASN C 10 8.60 -15.11 -14.58
N ASP C 11 9.88 -15.39 -14.43
CA ASP C 11 10.64 -14.86 -13.31
C ASP C 11 10.85 -13.36 -13.45
N ASN C 12 10.69 -12.88 -14.67
CA ASN C 12 10.71 -11.44 -14.91
C ASN C 12 9.48 -10.79 -14.31
N ILE C 13 8.39 -11.54 -14.27
CA ILE C 13 7.17 -11.10 -13.62
C ILE C 13 7.32 -11.22 -12.13
N THR C 14 7.61 -12.44 -11.70
CA THR C 14 7.74 -12.75 -10.29
C THR C 14 8.87 -11.95 -9.63
N ALA C 15 9.74 -11.40 -10.45
CA ALA C 15 10.79 -10.51 -9.99
C ALA C 15 10.19 -9.24 -9.40
N ARG C 16 9.06 -8.82 -9.96
CA ARG C 16 8.38 -7.63 -9.49
C ARG C 16 7.43 -8.00 -8.37
N LEU C 17 6.69 -9.08 -8.59
CA LEU C 17 5.79 -9.65 -7.61
C LEU C 17 6.49 -9.96 -6.30
N ASP C 18 7.74 -10.39 -6.40
CA ASP C 18 8.52 -10.72 -5.21
C ASP C 18 8.79 -9.43 -4.46
N ARG C 19 9.00 -8.39 -5.23
CA ARG C 19 9.32 -7.08 -4.72
C ARG C 19 8.10 -6.43 -4.08
N ILE C 20 7.00 -6.46 -4.81
CA ILE C 20 5.75 -5.86 -4.36
C ILE C 20 5.34 -6.41 -3.00
N ASP C 21 5.40 -7.73 -2.86
CA ASP C 21 5.10 -8.37 -1.57
C ASP C 21 6.10 -7.93 -0.51
N GLU C 22 7.36 -7.88 -0.91
CA GLU C 22 8.41 -7.39 -0.02
C GLU C 22 8.12 -5.94 0.42
N LYS C 23 7.53 -5.16 -0.47
CA LYS C 23 7.23 -3.76 -0.18
C LYS C 23 6.04 -3.63 0.75
N LEU C 24 4.96 -4.34 0.47
CA LEU C 24 3.78 -4.28 1.32
C LEU C 24 4.06 -4.87 2.68
N SER C 25 5.02 -5.78 2.76
CA SER C 25 5.45 -6.29 4.05
C SER C 25 6.04 -5.17 4.91
N GLU C 26 6.43 -4.07 4.25
CA GLU C 26 6.85 -2.88 4.97
C GLU C 26 5.63 -2.05 5.28
N ILE C 27 4.84 -1.80 4.25
CA ILE C 27 3.65 -0.96 4.37
C ILE C 27 2.72 -1.52 5.44
N LEU C 28 2.35 -2.78 5.27
CA LEU C 28 1.48 -3.49 6.20
C LEU C 28 1.90 -3.26 7.65
N GLY C 29 3.18 -3.43 7.91
CA GLY C 29 3.69 -3.31 9.27
C GLY C 29 3.76 -1.86 9.70
N MET C 30 3.94 -0.99 8.73
CA MET C 30 4.05 0.43 8.99
C MET C 30 2.69 1.05 9.25
N LEU C 31 1.64 0.53 8.61
CA LEU C 31 0.30 1.01 8.92
C LEU C 31 -0.15 0.35 10.19
N HIS C 32 0.28 -0.88 10.42
CA HIS C 32 0.05 -1.52 11.71
C HIS C 32 0.58 -0.62 12.78
N THR C 33 1.73 -0.06 12.48
CA THR C 33 2.40 0.89 13.34
C THR C 33 1.54 2.15 13.49
N LEU C 34 0.92 2.54 12.39
CA LEU C 34 0.10 3.74 12.33
C LEU C 34 -1.27 3.50 12.97
N VAL C 35 -1.88 2.36 12.67
CA VAL C 35 -3.10 1.92 13.32
C VAL C 35 -2.92 1.81 14.83
N VAL C 36 -1.69 1.73 15.30
CA VAL C 36 -1.44 1.73 16.74
C VAL C 36 -1.52 3.16 17.28
N ALA C 37 -0.82 4.08 16.63
CA ALA C 37 -0.85 5.47 17.05
C ALA C 37 -2.18 6.11 16.70
N SER C 38 -2.56 5.96 15.45
CA SER C 38 -3.83 6.45 14.96
C SER C 38 -4.98 5.56 15.41
N ALA C 39 -4.71 4.66 16.35
CA ALA C 39 -5.77 3.96 17.05
C ALA C 39 -6.53 4.94 17.91
N GLY C 40 -5.81 5.98 18.30
CA GLY C 40 -6.43 7.09 18.96
C GLY C 40 -6.06 7.24 20.42
N PRO C 41 -4.98 7.96 20.74
CA PRO C 41 -4.67 8.32 22.10
C PRO C 41 -5.27 9.66 22.48
N THR C 42 -5.17 9.97 23.77
CA THR C 42 -5.53 11.27 24.36
C THR C 42 -6.79 11.90 23.76
N SER C 43 -6.60 12.61 22.64
CA SER C 43 -7.63 13.36 21.96
C SER C 43 -8.82 12.49 21.56
N ALA C 44 -8.54 11.26 21.19
CA ALA C 44 -9.55 10.36 20.68
C ALA C 44 -10.57 9.99 21.76
N ARG C 45 -11.68 9.43 21.34
CA ARG C 45 -12.78 9.13 22.25
C ARG C 45 -12.46 7.88 23.07
N GLY D 7 -0.40 -14.81 -26.91
CA GLY D 7 0.62 -14.10 -27.71
C GLY D 7 1.88 -13.85 -26.90
N SER D 8 2.81 -13.09 -27.46
CA SER D 8 4.07 -12.80 -26.79
C SER D 8 3.92 -11.63 -25.84
N THR D 9 3.08 -11.81 -24.84
CA THR D 9 2.85 -10.82 -23.82
C THR D 9 3.95 -10.90 -22.76
N ASN D 10 4.18 -9.79 -22.08
CA ASN D 10 5.11 -9.74 -20.95
C ASN D 10 5.25 -8.30 -20.47
N ASP D 11 5.59 -7.40 -21.38
CA ASP D 11 5.75 -5.99 -21.04
C ASP D 11 4.41 -5.37 -20.73
N ASN D 12 3.34 -6.02 -21.17
CA ASN D 12 2.00 -5.59 -20.83
C ASN D 12 1.74 -5.85 -19.35
N ILE D 13 2.39 -6.88 -18.82
CA ILE D 13 2.32 -7.20 -17.41
C ILE D 13 3.23 -6.27 -16.65
N THR D 14 4.49 -6.26 -17.04
CA THR D 14 5.51 -5.46 -16.38
C THR D 14 5.20 -3.97 -16.48
N ALA D 15 4.30 -3.62 -17.41
CA ALA D 15 3.81 -2.26 -17.54
C ALA D 15 3.04 -1.86 -16.30
N ARG D 16 2.37 -2.82 -15.69
CA ARG D 16 1.58 -2.57 -14.49
C ARG D 16 2.48 -2.72 -13.27
N LEU D 17 3.26 -3.78 -13.29
CA LEU D 17 4.25 -4.06 -12.25
C LEU D 17 5.22 -2.91 -12.06
N ASP D 18 5.55 -2.25 -13.16
CA ASP D 18 6.46 -1.11 -13.11
C ASP D 18 5.78 0.01 -12.37
N ARG D 19 4.50 0.10 -12.61
CA ARG D 19 3.66 1.13 -12.05
C ARG D 19 3.43 0.89 -10.57
N ILE D 20 3.05 -0.33 -10.23
CA ILE D 20 2.76 -0.72 -8.87
C ILE D 20 3.94 -0.41 -7.95
N ASP D 21 5.13 -0.80 -8.39
CA ASP D 21 6.35 -0.49 -7.63
C ASP D 21 6.55 1.02 -7.54
N GLU D 22 6.32 1.71 -8.64
CA GLU D 22 6.38 3.16 -8.66
C GLU D 22 5.40 3.77 -7.66
N LYS D 23 4.25 3.12 -7.50
CA LYS D 23 3.21 3.61 -6.61
C LYS D 23 3.57 3.38 -5.14
N LEU D 24 4.01 2.16 -4.82
CA LEU D 24 4.39 1.85 -3.45
C LEU D 24 5.61 2.64 -3.04
N SER D 25 6.44 3.02 -3.99
CA SER D 25 7.56 3.89 -3.70
C SER D 25 7.07 5.24 -3.19
N GLU D 26 5.81 5.55 -3.45
CA GLU D 26 5.17 6.73 -2.89
C GLU D 26 4.62 6.38 -1.53
N ILE D 27 3.85 5.29 -1.50
CA ILE D 27 3.19 4.84 -0.29
C ILE D 27 4.20 4.60 0.81
N LEU D 28 5.18 3.76 0.50
CA LEU D 28 6.26 3.42 1.42
C LEU D 28 6.83 4.66 2.10
N GLY D 29 7.14 5.66 1.29
CA GLY D 29 7.75 6.86 1.80
C GLY D 29 6.76 7.73 2.54
N MET D 30 5.50 7.62 2.14
CA MET D 30 4.44 8.39 2.74
C MET D 30 4.03 7.82 4.09
N LEU D 31 4.12 6.50 4.24
CA LEU D 31 3.85 5.91 5.54
C LEU D 31 5.07 6.09 6.40
N HIS D 32 6.25 6.06 5.79
CA HIS D 32 7.48 6.42 6.50
C HIS D 32 7.28 7.78 7.11
N THR D 33 6.67 8.63 6.32
CA THR D 33 6.33 9.98 6.72
C THR D 33 5.32 9.95 7.88
N LEU D 34 4.40 9.01 7.78
CA LEU D 34 3.34 8.85 8.77
C LEU D 34 3.85 8.16 10.02
N VAL D 35 4.65 7.11 9.86
CA VAL D 35 5.35 6.46 10.97
C VAL D 35 6.25 7.45 11.71
N VAL D 36 6.59 8.56 11.09
CA VAL D 36 7.34 9.60 11.79
C VAL D 36 6.42 10.40 12.70
N ALA D 37 5.31 10.87 12.16
CA ALA D 37 4.34 11.64 12.93
C ALA D 37 3.60 10.73 13.89
N SER D 38 3.05 9.65 13.35
CA SER D 38 2.35 8.66 14.13
C SER D 38 3.34 7.77 14.89
N ALA D 39 4.59 8.18 14.93
CA ALA D 39 5.54 7.56 15.86
C ALA D 39 5.15 7.92 17.26
N GLY D 40 4.48 9.05 17.38
CA GLY D 40 3.86 9.43 18.62
C GLY D 40 4.53 10.60 19.31
N PRO D 41 4.12 11.84 19.00
CA PRO D 41 4.54 13.01 19.73
C PRO D 41 3.59 13.33 20.89
N THR D 42 4.02 14.27 21.74
CA THR D 42 3.19 14.86 22.81
C THR D 42 2.32 13.86 23.55
N SER D 43 1.15 13.60 22.99
CA SER D 43 0.13 12.74 23.58
C SER D 43 0.64 11.33 23.86
N ALA D 44 1.50 10.85 22.98
CA ALA D 44 1.97 9.48 23.06
C ALA D 44 2.84 9.26 24.31
N ARG D 45 3.08 8.00 24.62
CA ARG D 45 3.79 7.64 25.84
C ARG D 45 5.29 7.87 25.67
N GLY A 7 -3.16 -22.44 -20.15
CA GLY A 7 -2.49 -21.94 -21.37
C GLY A 7 -3.23 -20.77 -21.98
N SER A 8 -2.49 -19.89 -22.65
CA SER A 8 -3.05 -18.70 -23.28
C SER A 8 -3.67 -17.76 -22.24
N THR A 9 -2.85 -16.84 -21.75
CA THR A 9 -3.25 -15.96 -20.67
C THR A 9 -2.51 -14.64 -20.76
N ASN A 10 -3.03 -13.62 -20.09
CA ASN A 10 -2.40 -12.32 -19.98
C ASN A 10 -3.32 -11.33 -19.30
N ASP A 11 -4.48 -11.11 -19.90
CA ASP A 11 -5.46 -10.17 -19.36
C ASP A 11 -6.06 -10.70 -18.08
N ASN A 12 -5.90 -12.01 -17.86
CA ASN A 12 -6.28 -12.62 -16.60
C ASN A 12 -5.36 -12.14 -15.49
N ILE A 13 -4.07 -12.02 -15.82
CA ILE A 13 -3.08 -11.52 -14.88
C ILE A 13 -3.35 -10.06 -14.57
N THR A 14 -3.38 -9.28 -15.65
CA THR A 14 -3.60 -7.85 -15.56
C THR A 14 -4.96 -7.54 -14.93
N ALA A 15 -5.89 -8.47 -15.03
CA ALA A 15 -7.20 -8.32 -14.42
C ALA A 15 -7.09 -8.28 -12.90
N ARG A 16 -6.08 -8.95 -12.38
CA ARG A 16 -5.89 -9.04 -10.95
C ARG A 16 -5.07 -7.86 -10.47
N LEU A 17 -4.08 -7.52 -11.29
CA LEU A 17 -3.09 -6.53 -10.92
C LEU A 17 -3.53 -5.12 -11.30
N ASP A 18 -4.44 -5.00 -12.25
CA ASP A 18 -4.96 -3.69 -12.60
C ASP A 18 -5.88 -3.25 -11.49
N ARG A 19 -6.28 -4.25 -10.71
CA ARG A 19 -7.13 -4.04 -9.57
C ARG A 19 -6.29 -3.55 -8.42
N ILE A 20 -5.11 -4.14 -8.26
CA ILE A 20 -4.12 -3.68 -7.30
C ILE A 20 -3.86 -2.20 -7.51
N ASP A 21 -3.53 -1.86 -8.75
CA ASP A 21 -3.27 -0.48 -9.12
C ASP A 21 -4.44 0.41 -8.75
N GLU A 22 -5.64 -0.07 -9.05
CA GLU A 22 -6.87 0.61 -8.64
C GLU A 22 -6.90 0.82 -7.13
N LYS A 23 -6.43 -0.17 -6.38
CA LYS A 23 -6.45 -0.13 -4.92
C LYS A 23 -5.37 0.78 -4.37
N LEU A 24 -4.17 0.72 -4.94
CA LEU A 24 -3.08 1.55 -4.46
C LEU A 24 -3.31 2.99 -4.85
N SER A 25 -4.06 3.21 -5.92
CA SER A 25 -4.53 4.54 -6.26
C SER A 25 -5.47 5.07 -5.17
N GLU A 26 -6.02 4.14 -4.37
CA GLU A 26 -6.81 4.52 -3.21
C GLU A 26 -5.88 4.86 -2.08
N ILE A 27 -4.95 3.94 -1.84
CA ILE A 27 -4.01 4.06 -0.75
C ILE A 27 -3.18 5.33 -0.90
N LEU A 28 -2.64 5.54 -2.09
CA LEU A 28 -1.81 6.71 -2.37
C LEU A 28 -2.50 7.98 -1.92
N GLY A 29 -3.75 8.14 -2.34
CA GLY A 29 -4.50 9.33 -2.01
C GLY A 29 -4.91 9.33 -0.56
N MET A 30 -5.05 8.13 -0.03
CA MET A 30 -5.39 7.90 1.35
C MET A 30 -4.27 8.33 2.27
N LEU A 31 -3.03 8.06 1.86
CA LEU A 31 -1.91 8.46 2.68
C LEU A 31 -1.66 9.92 2.42
N HIS A 32 -1.91 10.37 1.19
CA HIS A 32 -1.87 11.79 0.92
C HIS A 32 -2.75 12.49 1.93
N THR A 33 -3.90 11.87 2.14
CA THR A 33 -4.87 12.34 3.10
C THR A 33 -4.31 12.27 4.53
N LEU A 34 -3.62 11.17 4.81
CA LEU A 34 -3.01 10.94 6.11
C LEU A 34 -1.80 11.85 6.33
N VAL A 35 -0.89 11.89 5.36
CA VAL A 35 0.22 12.83 5.36
C VAL A 35 -0.26 14.27 5.54
N VAL A 36 -1.51 14.56 5.17
CA VAL A 36 -2.09 15.86 5.43
C VAL A 36 -2.52 15.99 6.89
N ALA A 37 -3.33 15.04 7.33
CA ALA A 37 -3.81 15.02 8.71
C ALA A 37 -2.66 14.90 9.70
N SER A 38 -1.77 13.97 9.43
CA SER A 38 -0.63 13.72 10.27
C SER A 38 0.43 14.82 10.14
N ALA A 39 0.28 15.67 9.12
CA ALA A 39 1.19 16.79 8.93
C ALA A 39 1.03 17.82 10.02
N GLY A 40 -0.03 17.69 10.79
CA GLY A 40 -0.22 18.57 11.92
C GLY A 40 -1.35 19.56 11.71
N PRO A 41 -2.57 19.23 12.16
CA PRO A 41 -3.71 20.13 12.09
C PRO A 41 -3.65 21.22 13.15
N THR A 42 -3.04 20.87 14.29
CA THR A 42 -2.95 21.80 15.40
C THR A 42 -1.59 21.66 16.10
N SER A 43 -0.67 20.97 15.43
CA SER A 43 0.61 20.63 16.04
C SER A 43 1.58 20.14 14.97
N ALA A 44 2.52 19.28 15.40
CA ALA A 44 3.54 18.68 14.53
C ALA A 44 4.68 19.68 14.28
N ARG A 45 5.82 19.14 13.87
CA ARG A 45 7.00 19.95 13.65
C ARG A 45 7.12 20.33 12.19
N GLY B 7 8.38 -22.82 -18.13
CA GLY B 7 7.33 -22.90 -19.17
C GLY B 7 6.00 -23.33 -18.60
N SER B 8 4.91 -22.86 -19.21
CA SER B 8 3.55 -23.17 -18.75
C SER B 8 3.30 -22.62 -17.35
N THR B 9 2.79 -21.41 -17.29
CA THR B 9 2.61 -20.71 -16.03
C THR B 9 1.45 -19.74 -16.14
N ASN B 10 0.94 -19.32 -14.98
CA ASN B 10 -0.11 -18.31 -14.90
C ASN B 10 -0.60 -18.18 -13.46
N ASP B 11 -1.12 -19.27 -12.93
CA ASP B 11 -1.66 -19.28 -11.57
C ASP B 11 -0.53 -19.15 -10.57
N ASN B 12 0.69 -19.40 -11.01
CA ASN B 12 1.87 -19.16 -10.21
C ASN B 12 2.06 -17.66 -10.01
N ILE B 13 1.81 -16.90 -11.07
CA ILE B 13 1.89 -15.45 -11.02
C ILE B 13 0.80 -14.91 -10.12
N THR B 14 -0.42 -15.27 -10.47
CA THR B 14 -1.58 -14.82 -9.74
C THR B 14 -1.55 -15.29 -8.28
N ALA B 15 -0.81 -16.35 -8.02
CA ALA B 15 -0.65 -16.87 -6.67
C ALA B 15 0.13 -15.88 -5.81
N ARG B 16 0.97 -15.09 -6.45
CA ARG B 16 1.82 -14.15 -5.75
C ARG B 16 1.09 -12.83 -5.62
N LEU B 17 0.36 -12.49 -6.67
CA LEU B 17 -0.25 -11.20 -6.79
C LEU B 17 -1.66 -11.20 -6.22
N ASP B 18 -2.27 -12.36 -6.10
CA ASP B 18 -3.58 -12.42 -5.47
C ASP B 18 -3.38 -12.27 -3.99
N ARG B 19 -2.13 -12.45 -3.59
CA ARG B 19 -1.71 -12.30 -2.23
C ARG B 19 -1.51 -10.82 -1.94
N ILE B 20 -0.90 -10.13 -2.89
CA ILE B 20 -0.78 -8.68 -2.84
C ILE B 20 -2.14 -8.06 -2.61
N ASP B 21 -3.07 -8.42 -3.47
CA ASP B 21 -4.44 -7.93 -3.39
C ASP B 21 -5.02 -8.21 -2.00
N GLU B 22 -4.80 -9.41 -1.52
CA GLU B 22 -5.17 -9.78 -0.15
C GLU B 22 -4.55 -8.82 0.87
N LYS B 23 -3.30 -8.43 0.63
CA LYS B 23 -2.56 -7.56 1.54
C LYS B 23 -3.03 -6.12 1.44
N LEU B 24 -3.26 -5.63 0.23
CA LEU B 24 -3.70 -4.26 0.06
C LEU B 24 -5.13 -4.09 0.50
N SER B 25 -5.89 -5.17 0.47
CA SER B 25 -7.20 -5.19 1.07
C SER B 25 -7.09 -5.01 2.58
N GLU B 26 -5.90 -5.28 3.11
CA GLU B 26 -5.62 -5.01 4.52
C GLU B 26 -5.30 -3.55 4.67
N ILE B 27 -4.37 -3.10 3.83
CA ILE B 27 -3.89 -1.75 3.87
C ILE B 27 -5.02 -0.75 3.66
N LEU B 28 -5.82 -1.00 2.63
CA LEU B 28 -6.95 -0.14 2.29
C LEU B 28 -7.82 0.12 3.52
N GLY B 29 -8.19 -0.94 4.20
CA GLY B 29 -9.04 -0.82 5.38
C GLY B 29 -8.28 -0.25 6.54
N MET B 30 -6.99 -0.49 6.52
CA MET B 30 -6.06 0.00 7.52
C MET B 30 -5.93 1.51 7.44
N LEU B 31 -5.88 2.03 6.22
CA LEU B 31 -5.78 3.47 6.06
C LEU B 31 -7.15 4.05 6.26
N HIS B 32 -8.18 3.32 5.87
CA HIS B 32 -9.54 3.72 6.18
C HIS B 32 -9.61 3.97 7.66
N THR B 33 -8.99 3.05 8.38
CA THR B 33 -8.89 3.10 9.82
C THR B 33 -8.07 4.33 10.26
N LEU B 34 -6.98 4.57 9.55
CA LEU B 34 -6.10 5.69 9.83
C LEU B 34 -6.73 7.01 9.44
N VAL B 35 -7.26 7.09 8.22
CA VAL B 35 -8.04 8.24 7.77
C VAL B 35 -9.18 8.56 8.74
N VAL B 36 -9.63 7.56 9.51
CA VAL B 36 -10.62 7.81 10.56
C VAL B 36 -9.96 8.43 11.78
N ALA B 37 -8.92 7.76 12.27
CA ALA B 37 -8.20 8.22 13.45
C ALA B 37 -7.55 9.58 13.20
N SER B 38 -6.89 9.69 12.07
CA SER B 38 -6.21 10.90 11.68
C SER B 38 -7.20 11.99 11.25
N ALA B 39 -8.46 11.61 11.06
CA ALA B 39 -9.50 12.56 10.69
C ALA B 39 -9.80 13.50 11.84
N GLY B 40 -9.30 13.15 13.02
CA GLY B 40 -9.47 14.02 14.15
C GLY B 40 -10.43 13.47 15.19
N PRO B 41 -9.92 12.75 16.20
CA PRO B 41 -10.75 12.26 17.29
C PRO B 41 -11.10 13.35 18.29
N THR B 42 -10.21 14.32 18.42
CA THR B 42 -10.40 15.40 19.37
C THR B 42 -9.89 16.73 18.78
N SER B 43 -9.64 16.73 17.48
CA SER B 43 -9.01 17.86 16.82
C SER B 43 -9.14 17.72 15.30
N ALA B 44 -8.16 18.30 14.58
CA ALA B 44 -8.11 18.29 13.11
C ALA B 44 -9.06 19.31 12.52
N ARG B 45 -8.82 19.67 11.27
CA ARG B 45 -9.59 20.70 10.60
C ARG B 45 -10.68 20.05 9.76
N GLY C 7 9.85 -13.69 -25.23
CA GLY C 7 9.35 -15.07 -25.11
C GLY C 7 10.01 -15.82 -23.99
N SER C 8 9.29 -16.78 -23.40
CA SER C 8 9.78 -17.58 -22.29
C SER C 8 10.07 -16.70 -21.07
N THR C 9 9.06 -16.57 -20.23
CA THR C 9 9.13 -15.68 -19.09
C THR C 9 8.24 -16.19 -17.96
N ASN C 10 8.49 -15.70 -16.75
CA ASN C 10 7.66 -16.00 -15.58
C ASN C 10 8.30 -15.44 -14.33
N ASP C 11 9.51 -15.90 -14.03
CA ASP C 11 10.23 -15.45 -12.85
C ASP C 11 10.66 -14.01 -13.00
N ASN C 12 10.64 -13.51 -14.22
CA ASN C 12 10.87 -12.10 -14.49
C ASN C 12 9.70 -11.29 -13.96
N ILE C 13 8.50 -11.82 -14.14
CA ILE C 13 7.29 -11.18 -13.63
C ILE C 13 7.30 -11.20 -12.11
N THR C 14 7.42 -12.40 -11.59
CA THR C 14 7.42 -12.62 -10.15
C THR C 14 8.57 -11.89 -9.48
N ALA C 15 9.62 -11.62 -10.24
CA ALA C 15 10.78 -10.88 -9.73
C ALA C 15 10.39 -9.45 -9.40
N ARG C 16 9.39 -8.94 -10.11
CA ARG C 16 8.97 -7.57 -9.93
C ARG C 16 7.91 -7.51 -8.86
N LEU C 17 7.07 -8.53 -8.85
CA LEU C 17 5.89 -8.54 -8.00
C LEU C 17 6.19 -9.18 -6.65
N ASP C 18 7.24 -9.99 -6.58
CA ASP C 18 7.62 -10.56 -5.29
C ASP C 18 8.27 -9.46 -4.48
N ARG C 19 8.63 -8.42 -5.21
CA ARG C 19 9.24 -7.23 -4.62
C ARG C 19 8.13 -6.37 -4.05
N ILE C 20 7.04 -6.25 -4.80
CA ILE C 20 5.84 -5.59 -4.32
C ILE C 20 5.42 -6.16 -2.99
N ASP C 21 5.28 -7.48 -2.99
CA ASP C 21 4.89 -8.21 -1.78
C ASP C 21 5.85 -7.88 -0.64
N GLU C 22 7.13 -7.90 -0.95
CA GLU C 22 8.15 -7.47 0.00
C GLU C 22 7.89 -6.07 0.53
N LYS C 23 7.44 -5.19 -0.36
CA LYS C 23 7.18 -3.79 -0.01
C LYS C 23 5.90 -3.63 0.79
N LEU C 24 4.85 -4.34 0.40
CA LEU C 24 3.59 -4.23 1.11
C LEU C 24 3.67 -4.91 2.46
N SER C 25 4.57 -5.87 2.57
CA SER C 25 4.90 -6.44 3.86
C SER C 25 5.55 -5.38 4.75
N GLU C 26 6.06 -4.32 4.14
CA GLU C 26 6.58 -3.19 4.88
C GLU C 26 5.41 -2.32 5.29
N ILE C 27 4.60 -2.00 4.28
CA ILE C 27 3.47 -1.11 4.46
C ILE C 27 2.50 -1.67 5.51
N LEU C 28 2.16 -2.94 5.36
CA LEU C 28 1.25 -3.61 6.28
C LEU C 28 1.67 -3.38 7.73
N GLY C 29 2.93 -3.64 8.00
CA GLY C 29 3.44 -3.49 9.37
C GLY C 29 3.58 -2.03 9.73
N MET C 30 3.78 -1.24 8.71
CA MET C 30 3.90 0.20 8.83
C MET C 30 2.57 0.81 9.25
N LEU C 31 1.48 0.31 8.68
CA LEU C 31 0.18 0.83 9.04
C LEU C 31 -0.22 0.21 10.34
N HIS C 32 0.19 -1.03 10.57
CA HIS C 32 0.01 -1.64 11.87
C HIS C 32 0.57 -0.70 12.91
N THR C 33 1.73 -0.19 12.56
CA THR C 33 2.46 0.77 13.37
C THR C 33 1.65 2.07 13.50
N LEU C 34 1.08 2.51 12.39
CA LEU C 34 0.28 3.72 12.34
C LEU C 34 -1.06 3.53 13.04
N VAL C 35 -1.76 2.46 12.72
CA VAL C 35 -2.99 2.08 13.43
C VAL C 35 -2.75 1.98 14.93
N VAL C 36 -1.50 1.74 15.35
CA VAL C 36 -1.17 1.77 16.77
C VAL C 36 -1.04 3.21 17.25
N ALA C 37 -0.20 3.98 16.58
CA ALA C 37 0.03 5.37 16.94
C ALA C 37 -1.25 6.18 16.83
N SER C 38 -1.94 6.01 15.72
CA SER C 38 -3.18 6.72 15.45
C SER C 38 -4.33 6.17 16.29
N ALA C 39 -4.12 5.03 16.93
CA ALA C 39 -5.12 4.43 17.80
C ALA C 39 -5.32 5.27 19.06
N GLY C 40 -4.40 6.19 19.28
CA GLY C 40 -4.55 7.09 20.40
C GLY C 40 -3.54 6.83 21.49
N PRO C 41 -2.40 7.52 21.48
CA PRO C 41 -1.39 7.41 22.54
C PRO C 41 -1.80 8.17 23.79
N THR C 42 -2.55 9.25 23.59
CA THR C 42 -2.97 10.10 24.70
C THR C 42 -4.39 10.59 24.47
N SER C 43 -5.08 9.98 23.51
CA SER C 43 -6.39 10.46 23.09
C SER C 43 -7.08 9.41 22.21
N ALA C 44 -7.94 9.88 21.31
CA ALA C 44 -8.71 9.04 20.38
C ALA C 44 -9.90 8.40 21.08
N ARG C 45 -10.86 7.96 20.28
CA ARG C 45 -12.09 7.39 20.80
C ARG C 45 -11.99 5.87 20.83
N GLY D 7 -1.67 -13.26 -27.23
CA GLY D 7 -0.44 -14.08 -27.33
C GLY D 7 0.80 -13.23 -27.38
N SER D 8 1.91 -13.77 -26.86
CA SER D 8 3.19 -13.08 -26.83
C SER D 8 3.11 -11.81 -25.97
N THR D 9 3.42 -11.97 -24.70
CA THR D 9 3.27 -10.90 -23.73
C THR D 9 4.28 -11.07 -22.60
N ASN D 10 4.51 -9.98 -21.87
CA ASN D 10 5.38 -9.98 -20.69
C ASN D 10 5.58 -8.57 -20.18
N ASP D 11 6.15 -7.72 -21.02
CA ASP D 11 6.42 -6.34 -20.65
C ASP D 11 5.12 -5.56 -20.52
N ASN D 12 4.05 -6.11 -21.08
CA ASN D 12 2.72 -5.56 -20.88
C ASN D 12 2.28 -5.75 -19.44
N ILE D 13 2.61 -6.92 -18.88
CA ILE D 13 2.33 -7.22 -17.49
C ILE D 13 3.14 -6.33 -16.59
N THR D 14 4.44 -6.39 -16.79
CA THR D 14 5.39 -5.64 -16.00
C THR D 14 5.16 -4.13 -16.14
N ALA D 15 4.55 -3.73 -17.25
CA ALA D 15 4.21 -2.34 -17.49
C ALA D 15 3.16 -1.85 -16.50
N ARG D 16 2.34 -2.78 -16.03
CA ARG D 16 1.26 -2.45 -15.13
C ARG D 16 1.76 -2.53 -13.70
N LEU D 17 2.61 -3.52 -13.47
CA LEU D 17 3.05 -3.85 -12.13
C LEU D 17 4.31 -3.09 -11.76
N ASP D 18 5.06 -2.62 -12.75
CA ASP D 18 6.23 -1.81 -12.45
C ASP D 18 5.74 -0.45 -12.03
N ARG D 19 4.48 -0.22 -12.33
CA ARG D 19 3.80 1.02 -11.98
C ARG D 19 3.36 0.91 -10.53
N ILE D 20 2.83 -0.26 -10.18
CA ILE D 20 2.50 -0.57 -8.80
C ILE D 20 3.69 -0.30 -7.90
N ASP D 21 4.80 -0.91 -8.27
CA ASP D 21 6.04 -0.75 -7.53
C ASP D 21 6.40 0.73 -7.41
N GLU D 22 6.27 1.45 -8.50
CA GLU D 22 6.44 2.90 -8.50
C GLU D 22 5.52 3.57 -7.48
N LYS D 23 4.30 3.07 -7.38
CA LYS D 23 3.29 3.63 -6.48
C LYS D 23 3.56 3.26 -5.03
N LEU D 24 3.92 2.02 -4.78
CA LEU D 24 4.19 1.59 -3.41
C LEU D 24 5.48 2.19 -2.90
N SER D 25 6.37 2.52 -3.82
CA SER D 25 7.56 3.29 -3.48
C SER D 25 7.14 4.69 -3.01
N GLU D 26 5.92 5.10 -3.36
CA GLU D 26 5.36 6.34 -2.87
C GLU D 26 4.81 6.10 -1.48
N ILE D 27 4.00 5.05 -1.40
CA ILE D 27 3.33 4.69 -0.16
C ILE D 27 4.33 4.42 0.94
N LEU D 28 5.33 3.60 0.63
CA LEU D 28 6.36 3.24 1.59
C LEU D 28 6.95 4.47 2.26
N GLY D 29 7.35 5.44 1.44
CA GLY D 29 7.95 6.66 1.95
C GLY D 29 6.92 7.54 2.60
N MET D 30 5.69 7.39 2.13
CA MET D 30 4.55 8.09 2.66
C MET D 30 4.21 7.65 4.07
N LEU D 31 4.32 6.35 4.31
CA LEU D 31 4.05 5.84 5.64
C LEU D 31 5.25 6.09 6.48
N HIS D 32 6.43 6.04 5.88
CA HIS D 32 7.65 6.44 6.57
C HIS D 32 7.41 7.82 7.14
N THR D 33 6.81 8.63 6.30
CA THR D 33 6.44 9.99 6.63
C THR D 33 5.40 10.00 7.75
N LEU D 34 4.43 9.11 7.63
CA LEU D 34 3.36 8.98 8.61
C LEU D 34 3.86 8.39 9.92
N VAL D 35 4.58 7.28 9.83
CA VAL D 35 5.25 6.69 10.98
C VAL D 35 6.15 7.71 11.69
N VAL D 36 6.58 8.74 10.98
CA VAL D 36 7.34 9.83 11.61
C VAL D 36 6.37 10.77 12.34
N ALA D 37 5.38 11.26 11.62
CA ALA D 37 4.40 12.18 12.18
C ALA D 37 3.63 11.53 13.32
N SER D 38 3.17 10.31 13.07
CA SER D 38 2.39 9.55 14.03
C SER D 38 3.29 9.03 15.17
N ALA D 39 4.60 9.10 14.98
CA ALA D 39 5.54 8.69 16.01
C ALA D 39 5.49 9.61 17.21
N GLY D 40 4.84 10.75 17.03
CA GLY D 40 4.68 11.67 18.13
C GLY D 40 5.51 12.92 18.00
N PRO D 41 4.93 13.99 17.42
CA PRO D 41 5.61 15.28 17.32
C PRO D 41 5.62 16.04 18.64
N THR D 42 4.59 15.80 19.44
CA THR D 42 4.45 16.49 20.72
C THR D 42 3.87 15.53 21.77
N SER D 43 3.88 14.25 21.46
CA SER D 43 3.22 13.26 22.30
C SER D 43 3.63 11.85 21.86
N ALA D 44 2.74 10.89 22.11
CA ALA D 44 2.94 9.47 21.78
C ALA D 44 3.83 8.79 22.82
N ARG D 45 3.76 7.47 22.85
CA ARG D 45 4.49 6.69 23.83
C ARG D 45 5.79 6.18 23.23
N GLY A 7 -1.69 -22.91 -18.07
CA GLY A 7 -3.14 -22.60 -18.18
C GLY A 7 -3.38 -21.27 -18.85
N SER A 8 -4.64 -20.93 -19.05
CA SER A 8 -5.02 -19.66 -19.65
C SER A 8 -4.62 -18.51 -18.74
N THR A 9 -3.76 -17.63 -19.24
CA THR A 9 -3.20 -16.58 -18.41
C THR A 9 -3.30 -15.22 -19.11
N ASN A 10 -2.41 -14.30 -18.71
CA ASN A 10 -2.39 -12.92 -19.22
C ASN A 10 -3.48 -12.08 -18.56
N ASP A 11 -4.69 -12.13 -19.08
CA ASP A 11 -5.77 -11.31 -18.55
C ASP A 11 -6.18 -11.80 -17.18
N ASN A 12 -5.96 -13.08 -16.94
CA ASN A 12 -6.13 -13.66 -15.61
C ASN A 12 -5.20 -12.99 -14.62
N ILE A 13 -4.04 -12.56 -15.12
CA ILE A 13 -3.05 -11.90 -14.30
C ILE A 13 -3.41 -10.45 -14.07
N THR A 14 -3.65 -9.74 -15.16
CA THR A 14 -4.06 -8.35 -15.10
C THR A 14 -5.39 -8.21 -14.36
N ALA A 15 -6.16 -9.28 -14.32
CA ALA A 15 -7.44 -9.28 -13.64
C ALA A 15 -7.28 -8.92 -12.17
N ARG A 16 -6.24 -9.47 -11.55
CA ARG A 16 -6.02 -9.25 -10.13
C ARG A 16 -5.16 -8.03 -9.93
N LEU A 17 -4.23 -7.83 -10.84
CA LEU A 17 -3.21 -6.82 -10.71
C LEU A 17 -3.71 -5.48 -11.23
N ASP A 18 -4.75 -5.50 -12.04
CA ASP A 18 -5.38 -4.25 -12.48
C ASP A 18 -6.09 -3.67 -11.28
N ARG A 19 -6.46 -4.57 -10.38
CA ARG A 19 -7.21 -4.22 -9.19
C ARG A 19 -6.29 -3.63 -8.16
N ILE A 20 -5.12 -4.26 -8.01
CA ILE A 20 -4.10 -3.77 -7.11
C ILE A 20 -3.76 -2.32 -7.43
N ASP A 21 -3.54 -2.05 -8.71
CA ASP A 21 -3.29 -0.68 -9.19
C ASP A 21 -4.48 0.23 -8.85
N GLU A 22 -5.68 -0.26 -9.09
CA GLU A 22 -6.89 0.46 -8.73
C GLU A 22 -6.93 0.77 -7.24
N LYS A 23 -6.44 -0.17 -6.43
CA LYS A 23 -6.50 -0.05 -4.98
C LYS A 23 -5.46 0.92 -4.43
N LEU A 24 -4.26 0.87 -4.96
CA LEU A 24 -3.23 1.82 -4.53
C LEU A 24 -3.61 3.23 -4.91
N SER A 25 -4.42 3.38 -5.95
CA SER A 25 -4.95 4.67 -6.30
C SER A 25 -5.85 5.19 -5.17
N GLU A 26 -6.32 4.27 -4.33
CA GLU A 26 -7.06 4.65 -3.14
C GLU A 26 -6.07 4.92 -2.02
N ILE A 27 -5.16 3.97 -1.84
CA ILE A 27 -4.18 4.02 -0.77
C ILE A 27 -3.34 5.29 -0.87
N LEU A 28 -2.77 5.49 -2.06
CA LEU A 28 -1.98 6.68 -2.35
C LEU A 28 -2.69 7.95 -1.89
N GLY A 29 -3.96 8.05 -2.23
CA GLY A 29 -4.72 9.24 -1.89
C GLY A 29 -5.04 9.29 -0.41
N MET A 30 -5.18 8.12 0.18
CA MET A 30 -5.48 8.00 1.60
C MET A 30 -4.27 8.35 2.44
N LEU A 31 -3.08 7.99 1.97
CA LEU A 31 -1.89 8.34 2.72
C LEU A 31 -1.56 9.77 2.43
N HIS A 32 -1.84 10.22 1.21
CA HIS A 32 -1.69 11.64 0.89
C HIS A 32 -2.51 12.43 1.88
N THR A 33 -3.67 11.89 2.16
CA THR A 33 -4.59 12.44 3.14
C THR A 33 -3.97 12.38 4.54
N LEU A 34 -3.30 11.28 4.81
CA LEU A 34 -2.67 11.03 6.10
C LEU A 34 -1.40 11.85 6.25
N VAL A 35 -0.56 11.85 5.22
CA VAL A 35 0.62 12.71 5.15
C VAL A 35 0.26 14.18 5.33
N VAL A 36 -1.01 14.52 5.10
CA VAL A 36 -1.45 15.89 5.35
C VAL A 36 -1.68 16.13 6.84
N ALA A 37 -2.44 15.24 7.46
CA ALA A 37 -2.74 15.37 8.88
C ALA A 37 -1.55 14.95 9.72
N SER A 38 -1.01 13.80 9.38
CA SER A 38 0.17 13.26 10.04
C SER A 38 1.43 13.96 9.52
N ALA A 39 1.25 15.05 8.77
CA ALA A 39 2.35 15.92 8.42
C ALA A 39 2.92 16.55 9.68
N GLY A 40 2.06 16.62 10.69
CA GLY A 40 2.48 17.12 11.98
C GLY A 40 1.80 18.43 12.34
N PRO A 41 0.57 18.37 12.88
CA PRO A 41 -0.14 19.58 13.32
C PRO A 41 0.51 20.19 14.56
N THR A 42 0.74 19.36 15.55
CA THR A 42 1.33 19.79 16.79
C THR A 42 2.19 18.67 17.37
N SER A 43 3.26 19.06 18.09
CA SER A 43 4.17 18.12 18.74
C SER A 43 5.04 17.36 17.74
N ALA A 44 4.41 16.72 16.76
CA ALA A 44 5.12 15.93 15.76
C ALA A 44 5.68 16.84 14.67
N ARG A 45 7.00 16.97 14.64
CA ARG A 45 7.66 17.77 13.63
C ARG A 45 9.04 17.18 13.31
N GLY B 7 9.86 -20.74 -18.09
CA GLY B 7 9.51 -21.71 -17.04
C GLY B 7 8.02 -21.77 -16.79
N SER B 8 7.61 -22.65 -15.88
CA SER B 8 6.21 -22.79 -15.51
C SER B 8 5.72 -21.51 -14.83
N THR B 9 4.73 -20.88 -15.42
CA THR B 9 4.29 -19.58 -14.93
C THR B 9 2.76 -19.54 -14.77
N ASN B 10 2.20 -18.33 -14.83
CA ASN B 10 0.77 -18.09 -14.65
C ASN B 10 0.39 -18.13 -13.18
N ASP B 11 0.14 -19.33 -12.66
CA ASP B 11 -0.31 -19.46 -11.27
C ASP B 11 0.84 -19.13 -10.33
N ASN B 12 2.05 -19.32 -10.81
CA ASN B 12 3.24 -18.88 -10.10
C ASN B 12 3.22 -17.36 -9.92
N ILE B 13 2.60 -16.68 -10.87
CA ILE B 13 2.50 -15.23 -10.84
C ILE B 13 1.38 -14.80 -9.90
N THR B 14 0.20 -15.35 -10.14
CA THR B 14 -0.95 -15.07 -9.31
C THR B 14 -0.70 -15.51 -7.87
N ALA B 15 0.21 -16.45 -7.69
CA ALA B 15 0.55 -16.95 -6.37
C ALA B 15 1.04 -15.82 -5.47
N ARG B 16 1.82 -14.92 -6.04
CA ARG B 16 2.40 -13.84 -5.25
C ARG B 16 1.50 -12.63 -5.29
N LEU B 17 0.85 -12.45 -6.43
CA LEU B 17 0.08 -11.25 -6.69
C LEU B 17 -1.35 -11.41 -6.18
N ASP B 18 -1.77 -12.64 -5.92
CA ASP B 18 -3.06 -12.88 -5.29
C ASP B 18 -2.94 -12.45 -3.85
N ARG B 19 -1.70 -12.49 -3.38
CA ARG B 19 -1.38 -12.20 -2.00
C ARG B 19 -1.32 -10.70 -1.82
N ILE B 20 -0.69 -10.03 -2.77
CA ILE B 20 -0.62 -8.58 -2.78
C ILE B 20 -2.02 -7.98 -2.68
N ASP B 21 -2.91 -8.48 -3.51
CA ASP B 21 -4.32 -8.07 -3.46
C ASP B 21 -4.94 -8.36 -2.10
N GLU B 22 -4.65 -9.53 -1.57
CA GLU B 22 -5.10 -9.90 -0.24
C GLU B 22 -4.57 -8.92 0.81
N LYS B 23 -3.35 -8.45 0.60
CA LYS B 23 -2.68 -7.59 1.57
C LYS B 23 -3.20 -6.16 1.53
N LEU B 24 -3.42 -5.63 0.34
CA LEU B 24 -3.98 -4.29 0.21
C LEU B 24 -5.39 -4.24 0.77
N SER B 25 -6.06 -5.37 0.77
CA SER B 25 -7.36 -5.46 1.41
C SER B 25 -7.21 -5.24 2.91
N GLU B 26 -6.00 -5.41 3.42
CA GLU B 26 -5.70 -5.08 4.81
C GLU B 26 -5.32 -3.61 4.88
N ILE B 27 -4.41 -3.23 4.00
CA ILE B 27 -3.87 -1.88 3.96
C ILE B 27 -4.98 -0.88 3.77
N LEU B 28 -5.77 -1.09 2.73
CA LEU B 28 -6.93 -0.25 2.42
C LEU B 28 -7.76 0.02 3.67
N GLY B 29 -8.06 -1.04 4.39
CA GLY B 29 -8.90 -0.92 5.57
C GLY B 29 -8.16 -0.25 6.72
N MET B 30 -6.86 -0.46 6.75
CA MET B 30 -6.01 0.12 7.78
C MET B 30 -5.84 1.62 7.56
N LEU B 31 -5.76 2.05 6.30
CA LEU B 31 -5.65 3.47 6.04
C LEU B 31 -7.02 4.07 6.15
N HIS B 32 -8.04 3.33 5.79
CA HIS B 32 -9.42 3.78 6.00
C HIS B 32 -9.58 4.09 7.46
N THR B 33 -8.99 3.23 8.25
CA THR B 33 -8.95 3.37 9.69
C THR B 33 -8.16 4.62 10.08
N LEU B 34 -7.07 4.83 9.37
CA LEU B 34 -6.16 5.95 9.62
C LEU B 34 -6.77 7.25 9.09
N VAL B 35 -7.30 7.23 7.88
CA VAL B 35 -8.03 8.37 7.33
C VAL B 35 -9.22 8.76 8.22
N VAL B 36 -9.63 7.88 9.12
CA VAL B 36 -10.66 8.24 10.08
C VAL B 36 -10.08 9.04 11.23
N ALA B 37 -9.01 8.54 11.82
CA ALA B 37 -8.37 9.22 12.93
C ALA B 37 -7.55 10.40 12.44
N SER B 38 -6.73 10.14 11.44
CA SER B 38 -5.93 11.16 10.81
C SER B 38 -6.77 12.00 9.84
N ALA B 39 -8.09 11.85 9.94
CA ALA B 39 -9.00 12.77 9.26
C ALA B 39 -8.86 14.14 9.86
N GLY B 40 -8.40 14.17 11.09
CA GLY B 40 -8.14 15.43 11.76
C GLY B 40 -9.05 15.67 12.94
N PRO B 41 -8.75 15.08 14.12
CA PRO B 41 -9.54 15.32 15.32
C PRO B 41 -9.41 16.74 15.83
N THR B 42 -8.16 17.17 15.97
CA THR B 42 -7.86 18.50 16.46
C THR B 42 -6.61 19.02 15.79
N SER B 43 -6.54 20.34 15.60
CA SER B 43 -5.38 21.01 15.02
C SER B 43 -5.25 20.74 13.52
N ALA B 44 -5.22 19.47 13.15
CA ALA B 44 -5.08 19.08 11.75
C ALA B 44 -6.42 19.17 11.03
N ARG B 45 -6.53 20.14 10.13
CA ARG B 45 -7.73 20.32 9.33
C ARG B 45 -7.37 20.86 7.95
N GLY C 7 8.12 -11.72 -25.49
CA GLY C 7 9.51 -11.69 -24.97
C GLY C 7 9.68 -12.61 -23.78
N SER C 8 10.90 -12.71 -23.27
CA SER C 8 11.19 -13.53 -22.12
C SER C 8 10.47 -12.99 -20.89
N THR C 9 9.61 -13.80 -20.30
CA THR C 9 8.76 -13.33 -19.22
C THR C 9 8.79 -14.29 -18.02
N ASN C 10 7.73 -14.26 -17.22
CA ASN C 10 7.60 -15.08 -16.02
C ASN C 10 8.41 -14.49 -14.87
N ASP C 11 9.70 -14.81 -14.81
CA ASP C 11 10.53 -14.34 -13.71
C ASP C 11 10.76 -12.85 -13.83
N ASN C 12 10.68 -12.35 -15.05
CA ASN C 12 10.70 -10.91 -15.30
C ASN C 12 9.51 -10.25 -14.62
N ILE C 13 8.43 -10.99 -14.51
CA ILE C 13 7.20 -10.50 -13.88
C ILE C 13 7.33 -10.56 -12.37
N THR C 14 7.65 -11.75 -11.87
CA THR C 14 7.85 -11.96 -10.45
C THR C 14 8.98 -11.09 -9.93
N ALA C 15 9.88 -10.70 -10.81
CA ALA C 15 11.00 -9.84 -10.44
C ALA C 15 10.53 -8.55 -9.83
N ARG C 16 9.48 -7.99 -10.39
CA ARG C 16 8.98 -6.70 -9.93
C ARG C 16 7.92 -6.91 -8.87
N LEU C 17 7.17 -7.98 -9.04
CA LEU C 17 6.00 -8.22 -8.21
C LEU C 17 6.39 -8.99 -6.94
N ASP C 18 7.57 -9.59 -6.95
CA ASP C 18 8.08 -10.22 -5.73
C ASP C 18 8.48 -9.11 -4.79
N ARG C 19 8.79 -7.98 -5.40
CA ARG C 19 9.27 -6.81 -4.69
C ARG C 19 8.09 -6.09 -4.07
N ILE C 20 7.03 -5.96 -4.85
CA ILE C 20 5.79 -5.36 -4.37
C ILE C 20 5.32 -6.06 -3.10
N ASP C 21 5.29 -7.38 -3.15
CA ASP C 21 4.95 -8.19 -1.98
C ASP C 21 5.91 -7.92 -0.82
N GLU C 22 7.19 -7.86 -1.14
CA GLU C 22 8.21 -7.51 -0.15
C GLU C 22 7.93 -6.15 0.47
N LYS C 23 7.44 -5.22 -0.34
CA LYS C 23 7.22 -3.85 0.08
C LYS C 23 5.98 -3.70 0.94
N LEU C 24 4.90 -4.36 0.57
CA LEU C 24 3.69 -4.31 1.40
C LEU C 24 3.93 -4.96 2.74
N SER C 25 4.88 -5.87 2.80
CA SER C 25 5.29 -6.44 4.07
C SER C 25 5.90 -5.36 4.96
N GLU C 26 6.32 -4.26 4.34
CA GLU C 26 6.78 -3.10 5.10
C GLU C 26 5.58 -2.23 5.41
N ILE C 27 4.79 -1.96 4.37
CA ILE C 27 3.63 -1.08 4.47
C ILE C 27 2.67 -1.61 5.51
N LEU C 28 2.29 -2.87 5.36
CA LEU C 28 1.40 -3.54 6.30
C LEU C 28 1.83 -3.30 7.74
N GLY C 29 3.11 -3.48 7.99
CA GLY C 29 3.63 -3.32 9.35
C GLY C 29 3.66 -1.87 9.76
N MET C 30 3.87 -1.00 8.78
CA MET C 30 3.92 0.43 9.01
C MET C 30 2.54 0.99 9.30
N LEU C 31 1.51 0.47 8.65
CA LEU C 31 0.17 0.92 8.94
C LEU C 31 -0.30 0.26 10.20
N HIS C 32 0.12 -0.96 10.43
CA HIS C 32 -0.15 -1.64 11.69
C HIS C 32 0.35 -0.76 12.81
N THR C 33 1.51 -0.20 12.55
CA THR C 33 2.14 0.74 13.45
C THR C 33 1.30 2.01 13.58
N LEU C 34 0.76 2.44 12.45
CA LEU C 34 -0.05 3.64 12.38
C LEU C 34 -1.44 3.41 12.96
N VAL C 35 -2.06 2.29 12.61
CA VAL C 35 -3.33 1.87 13.20
C VAL C 35 -3.21 1.71 14.72
N VAL C 36 -1.99 1.63 15.23
CA VAL C 36 -1.80 1.61 16.67
C VAL C 36 -1.86 3.02 17.25
N ALA C 37 -1.11 3.93 16.67
CA ALA C 37 -1.09 5.31 17.13
C ALA C 37 -2.36 6.04 16.70
N SER C 38 -2.66 5.92 15.42
CA SER C 38 -3.84 6.50 14.83
C SER C 38 -5.07 5.64 15.16
N ALA C 39 -4.92 4.72 16.10
CA ALA C 39 -6.05 4.02 16.67
C ALA C 39 -6.92 4.99 17.44
N GLY C 40 -6.28 6.07 17.87
CA GLY C 40 -6.98 7.13 18.54
C GLY C 40 -6.58 7.27 20.00
N PRO C 41 -5.46 7.97 20.28
CA PRO C 41 -5.03 8.22 21.65
C PRO C 41 -5.96 9.16 22.38
N THR C 42 -6.24 10.29 21.75
CA THR C 42 -7.10 11.30 22.32
C THR C 42 -7.89 11.99 21.21
N SER C 43 -9.10 12.43 21.54
CA SER C 43 -9.98 13.16 20.61
C SER C 43 -10.54 12.23 19.52
N ALA C 44 -9.66 11.55 18.81
CA ALA C 44 -10.07 10.67 17.72
C ALA C 44 -10.54 9.32 18.26
N ARG C 45 -11.84 9.08 18.15
CA ARG C 45 -12.42 7.83 18.59
C ARG C 45 -13.60 7.45 17.70
N GLY D 7 -3.39 -13.93 -25.48
CA GLY D 7 -3.12 -12.63 -26.13
C GLY D 7 -1.71 -12.15 -25.87
N SER D 8 -1.35 -11.02 -26.45
CA SER D 8 -0.03 -10.44 -26.27
C SER D 8 0.15 -10.01 -24.81
N THR D 9 1.13 -10.58 -24.14
CA THR D 9 1.29 -10.35 -22.72
C THR D 9 2.75 -10.00 -22.38
N ASN D 10 3.13 -10.25 -21.13
CA ASN D 10 4.46 -9.93 -20.59
C ASN D 10 4.57 -8.45 -20.26
N ASP D 11 4.88 -7.62 -21.26
CA ASP D 11 5.08 -6.20 -21.02
C ASP D 11 3.76 -5.55 -20.71
N ASN D 12 2.68 -6.13 -21.21
CA ASN D 12 1.33 -5.73 -20.85
C ASN D 12 1.11 -5.90 -19.34
N ILE D 13 1.79 -6.89 -18.77
CA ILE D 13 1.68 -7.19 -17.36
C ILE D 13 2.54 -6.23 -16.55
N THR D 14 3.80 -6.16 -16.92
CA THR D 14 4.74 -5.26 -16.27
C THR D 14 4.30 -3.81 -16.44
N ALA D 15 3.51 -3.56 -17.47
CA ALA D 15 3.00 -2.21 -17.73
C ALA D 15 2.21 -1.68 -16.54
N ARG D 16 1.42 -2.55 -15.93
CA ARG D 16 0.57 -2.13 -14.84
C ARG D 16 1.29 -2.34 -13.52
N LEU D 17 2.10 -3.37 -13.47
CA LEU D 17 2.72 -3.79 -12.24
C LEU D 17 4.05 -3.06 -12.03
N ASP D 18 4.57 -2.46 -13.09
CA ASP D 18 5.76 -1.61 -12.94
C ASP D 18 5.32 -0.34 -12.25
N ARG D 19 4.04 -0.05 -12.42
CA ARG D 19 3.43 1.15 -11.90
C ARG D 19 3.12 0.96 -10.43
N ILE D 20 2.60 -0.22 -10.10
CA ILE D 20 2.32 -0.57 -8.72
C ILE D 20 3.57 -0.40 -7.87
N ASP D 21 4.67 -0.96 -8.38
CA ASP D 21 5.97 -0.81 -7.71
C ASP D 21 6.36 0.66 -7.59
N GLU D 22 6.17 1.40 -8.66
CA GLU D 22 6.41 2.84 -8.66
C GLU D 22 5.57 3.54 -7.59
N LYS D 23 4.34 3.05 -7.40
CA LYS D 23 3.40 3.67 -6.49
C LYS D 23 3.71 3.37 -5.03
N LEU D 24 4.07 2.14 -4.74
CA LEU D 24 4.45 1.79 -3.37
C LEU D 24 5.71 2.51 -2.96
N SER D 25 6.53 2.87 -3.93
CA SER D 25 7.69 3.70 -3.66
C SER D 25 7.24 5.07 -3.15
N GLU D 26 5.98 5.42 -3.42
CA GLU D 26 5.40 6.63 -2.86
C GLU D 26 4.81 6.30 -1.52
N ILE D 27 4.03 5.23 -1.49
CA ILE D 27 3.32 4.80 -0.29
C ILE D 27 4.30 4.54 0.84
N LEU D 28 5.28 3.70 0.55
CA LEU D 28 6.34 3.37 1.49
C LEU D 28 6.90 4.63 2.17
N GLY D 29 7.21 5.62 1.35
CA GLY D 29 7.79 6.86 1.86
C GLY D 29 6.78 7.68 2.61
N MET D 30 5.52 7.57 2.19
CA MET D 30 4.43 8.29 2.82
C MET D 30 4.09 7.71 4.18
N LEU D 31 4.19 6.39 4.32
CA LEU D 31 3.93 5.79 5.60
C LEU D 31 5.15 5.95 6.46
N HIS D 32 6.32 5.92 5.84
CA HIS D 32 7.56 6.22 6.56
C HIS D 32 7.41 7.58 7.20
N THR D 33 6.80 8.45 6.44
CA THR D 33 6.50 9.80 6.87
C THR D 33 5.47 9.77 8.01
N LEU D 34 4.50 8.87 7.87
CA LEU D 34 3.43 8.71 8.84
C LEU D 34 3.92 8.00 10.08
N VAL D 35 4.66 6.91 9.90
CA VAL D 35 5.33 6.21 11.01
C VAL D 35 6.26 7.15 11.78
N VAL D 36 6.61 8.28 11.19
CA VAL D 36 7.40 9.27 11.93
C VAL D 36 6.50 10.10 12.84
N ALA D 37 5.43 10.63 12.29
CA ALA D 37 4.51 11.45 13.06
C ALA D 37 3.65 10.57 13.96
N SER D 38 3.07 9.56 13.35
CA SER D 38 2.25 8.59 14.05
C SER D 38 3.14 7.59 14.80
N ALA D 39 4.42 7.91 14.93
CA ALA D 39 5.29 7.17 15.82
C ALA D 39 4.85 7.39 17.25
N GLY D 40 4.18 8.51 17.46
CA GLY D 40 3.63 8.82 18.75
C GLY D 40 4.27 10.03 19.39
N PRO D 41 3.85 11.26 19.02
CA PRO D 41 4.37 12.48 19.63
C PRO D 41 3.94 12.61 21.08
N THR D 42 2.65 12.45 21.31
CA THR D 42 2.08 12.57 22.64
C THR D 42 0.90 11.63 22.78
N SER D 43 0.68 11.12 24.00
CA SER D 43 -0.43 10.23 24.32
C SER D 43 -0.24 8.83 23.71
N ALA D 44 -0.01 8.77 22.41
CA ALA D 44 0.16 7.50 21.71
C ALA D 44 1.57 6.97 21.88
N ARG D 45 1.70 5.90 22.65
CA ARG D 45 3.00 5.27 22.87
C ARG D 45 2.83 3.76 23.03
N GLY A 7 -3.65 -22.06 -20.75
CA GLY A 7 -2.90 -21.67 -21.97
C GLY A 7 -3.02 -20.18 -22.25
N SER A 8 -4.18 -19.76 -22.74
CA SER A 8 -4.43 -18.36 -23.01
C SER A 8 -4.55 -17.57 -21.71
N THR A 9 -3.70 -16.57 -21.56
CA THR A 9 -3.67 -15.78 -20.35
C THR A 9 -2.85 -14.51 -20.57
N ASN A 10 -3.34 -13.41 -20.00
CA ASN A 10 -2.63 -12.14 -20.00
C ASN A 10 -3.49 -11.08 -19.34
N ASP A 11 -4.69 -10.87 -19.88
CA ASP A 11 -5.64 -9.97 -19.24
C ASP A 11 -6.17 -10.62 -17.98
N ASN A 12 -6.00 -11.92 -17.90
CA ASN A 12 -6.26 -12.67 -16.67
C ASN A 12 -5.29 -12.21 -15.58
N ILE A 13 -4.11 -11.76 -16.00
CA ILE A 13 -3.12 -11.23 -15.08
C ILE A 13 -3.42 -9.77 -14.80
N THR A 14 -3.50 -9.00 -15.88
CA THR A 14 -3.72 -7.57 -15.81
C THR A 14 -5.04 -7.24 -15.11
N ALA A 15 -5.93 -8.22 -15.06
CA ALA A 15 -7.19 -8.12 -14.33
C ALA A 15 -6.91 -7.89 -12.84
N ARG A 16 -5.83 -8.49 -12.37
CA ARG A 16 -5.46 -8.38 -10.96
C ARG A 16 -4.62 -7.12 -10.78
N LEU A 17 -3.68 -6.94 -11.69
CA LEU A 17 -2.83 -5.76 -11.75
C LEU A 17 -3.63 -4.48 -11.80
N ASP A 18 -4.75 -4.53 -12.51
CA ASP A 18 -5.58 -3.35 -12.66
C ASP A 18 -6.33 -3.13 -11.37
N ARG A 19 -6.71 -4.23 -10.76
CA ARG A 19 -7.35 -4.24 -9.46
C ARG A 19 -6.42 -3.69 -8.41
N ILE A 20 -5.20 -4.21 -8.40
CA ILE A 20 -4.15 -3.76 -7.51
C ILE A 20 -4.03 -2.25 -7.57
N ASP A 21 -3.86 -1.74 -8.79
CA ASP A 21 -3.72 -0.30 -9.00
C ASP A 21 -4.96 0.47 -8.60
N GLU A 22 -6.11 -0.14 -8.85
CA GLU A 22 -7.37 0.38 -8.34
C GLU A 22 -7.30 0.54 -6.83
N LYS A 23 -6.62 -0.39 -6.17
CA LYS A 23 -6.43 -0.31 -4.73
C LYS A 23 -5.33 0.71 -4.41
N LEU A 24 -4.24 0.64 -5.18
CA LEU A 24 -3.11 1.56 -5.04
C LEU A 24 -3.59 2.99 -4.99
N SER A 25 -4.41 3.33 -5.97
CA SER A 25 -4.97 4.67 -6.09
C SER A 25 -5.70 5.09 -4.82
N GLU A 26 -6.31 4.13 -4.14
CA GLU A 26 -7.03 4.42 -2.91
C GLU A 26 -6.02 4.68 -1.81
N ILE A 27 -5.10 3.73 -1.65
CA ILE A 27 -4.07 3.84 -0.65
C ILE A 27 -3.31 5.14 -0.80
N LEU A 28 -2.77 5.35 -1.99
CA LEU A 28 -2.00 6.55 -2.32
C LEU A 28 -2.72 7.81 -1.87
N GLY A 29 -3.99 7.88 -2.20
CA GLY A 29 -4.77 9.07 -1.90
C GLY A 29 -5.11 9.16 -0.43
N MET A 30 -5.20 8.01 0.20
CA MET A 30 -5.55 7.93 1.61
C MET A 30 -4.36 8.24 2.50
N LEU A 31 -3.16 7.89 2.05
CA LEU A 31 -1.98 8.28 2.81
C LEU A 31 -1.69 9.72 2.50
N HIS A 32 -1.98 10.13 1.27
CA HIS A 32 -1.88 11.54 0.91
C HIS A 32 -2.70 12.32 1.90
N THR A 33 -3.86 11.74 2.20
CA THR A 33 -4.79 12.29 3.16
C THR A 33 -4.17 12.27 4.57
N LEU A 34 -3.47 11.18 4.86
CA LEU A 34 -2.84 10.98 6.16
C LEU A 34 -1.59 11.84 6.31
N VAL A 35 -0.76 11.87 5.29
CA VAL A 35 0.38 12.78 5.23
C VAL A 35 -0.05 14.23 5.35
N VAL A 36 -1.30 14.53 5.03
CA VAL A 36 -1.83 15.87 5.25
C VAL A 36 -2.16 16.09 6.73
N ALA A 37 -2.89 15.14 7.30
CA ALA A 37 -3.28 15.22 8.69
C ALA A 37 -2.08 15.05 9.61
N SER A 38 -1.31 14.00 9.34
CA SER A 38 -0.12 13.69 10.09
C SER A 38 1.02 14.64 9.75
N ALA A 39 0.77 15.55 8.81
CA ALA A 39 1.74 16.59 8.50
C ALA A 39 1.92 17.49 9.70
N GLY A 40 0.93 17.47 10.57
CA GLY A 40 1.04 18.18 11.82
C GLY A 40 0.07 19.33 11.93
N PRO A 41 -1.12 19.11 12.51
CA PRO A 41 -2.08 20.17 12.78
C PRO A 41 -1.66 21.00 13.99
N THR A 42 -0.93 20.37 14.88
CA THR A 42 -0.50 21.00 16.11
C THR A 42 1.02 20.86 16.27
N SER A 43 1.47 19.62 16.41
CA SER A 43 2.88 19.31 16.54
C SER A 43 3.33 18.48 15.34
N ALA A 44 4.42 17.73 15.51
CA ALA A 44 4.95 16.83 14.48
C ALA A 44 5.59 17.59 13.32
N ARG A 45 6.10 18.78 13.63
CA ARG A 45 6.81 19.62 12.67
C ARG A 45 6.00 19.85 11.40
N GLY B 7 7.76 -23.32 -18.04
CA GLY B 7 6.79 -23.37 -19.16
C GLY B 7 5.38 -23.06 -18.70
N SER B 8 4.75 -24.00 -18.02
CA SER B 8 3.40 -23.82 -17.51
C SER B 8 3.41 -22.83 -16.35
N THR B 9 2.65 -21.76 -16.49
CA THR B 9 2.62 -20.71 -15.49
C THR B 9 1.44 -19.77 -15.74
N ASN B 10 0.81 -19.36 -14.65
CA ASN B 10 -0.28 -18.38 -14.69
C ASN B 10 -0.83 -18.19 -13.29
N ASP B 11 -1.31 -19.27 -12.69
CA ASP B 11 -1.76 -19.23 -11.30
C ASP B 11 -0.55 -19.09 -10.41
N ASN B 12 0.61 -19.42 -10.95
CA ASN B 12 1.88 -19.16 -10.31
C ASN B 12 2.09 -17.65 -10.15
N ILE B 13 1.51 -16.90 -11.08
CA ILE B 13 1.54 -15.45 -11.03
C ILE B 13 0.44 -14.95 -10.12
N THR B 14 -0.78 -15.35 -10.44
CA THR B 14 -1.94 -14.91 -9.71
C THR B 14 -1.90 -15.33 -8.24
N ALA B 15 -1.03 -16.27 -7.94
CA ALA B 15 -0.76 -16.69 -6.56
C ALA B 15 -0.17 -15.52 -5.77
N ARG B 16 0.62 -14.71 -6.46
CA ARG B 16 1.26 -13.56 -5.84
C ARG B 16 0.31 -12.38 -5.87
N LEU B 17 -0.31 -12.19 -7.01
CA LEU B 17 -1.33 -11.18 -7.22
C LEU B 17 -2.46 -11.30 -6.23
N ASP B 18 -2.79 -12.53 -5.86
CA ASP B 18 -3.90 -12.75 -4.95
C ASP B 18 -3.42 -12.42 -3.55
N ARG B 19 -2.16 -12.75 -3.32
CA ARG B 19 -1.49 -12.42 -2.08
C ARG B 19 -1.39 -10.92 -1.90
N ILE B 20 -0.91 -10.26 -2.94
CA ILE B 20 -0.83 -8.82 -2.98
C ILE B 20 -2.14 -8.20 -2.56
N ASP B 21 -3.21 -8.61 -3.22
CA ASP B 21 -4.53 -8.08 -2.93
C ASP B 21 -5.00 -8.44 -1.54
N GLU B 22 -4.63 -9.62 -1.10
CA GLU B 22 -4.83 -10.02 0.29
C GLU B 22 -4.17 -9.01 1.22
N LYS B 23 -3.01 -8.49 0.80
CA LYS B 23 -2.31 -7.47 1.57
C LYS B 23 -3.00 -6.12 1.36
N LEU B 24 -3.33 -5.83 0.09
CA LEU B 24 -4.02 -4.59 -0.29
C LEU B 24 -5.21 -4.35 0.60
N SER B 25 -6.03 -5.38 0.72
CA SER B 25 -7.25 -5.35 1.52
C SER B 25 -6.94 -4.94 2.96
N GLU B 26 -5.78 -5.34 3.46
CA GLU B 26 -5.38 -5.00 4.81
C GLU B 26 -5.00 -3.53 4.87
N ILE B 27 -4.11 -3.15 3.96
CA ILE B 27 -3.65 -1.78 3.88
C ILE B 27 -4.83 -0.84 3.74
N LEU B 28 -5.62 -1.09 2.70
CA LEU B 28 -6.80 -0.29 2.39
C LEU B 28 -7.64 -0.04 3.64
N GLY B 29 -7.91 -1.11 4.37
CA GLY B 29 -8.76 -1.03 5.53
C GLY B 29 -8.07 -0.36 6.69
N MET B 30 -6.76 -0.48 6.72
CA MET B 30 -5.97 0.08 7.79
C MET B 30 -5.74 1.56 7.60
N LEU B 31 -5.66 2.02 6.36
CA LEU B 31 -5.58 3.44 6.12
C LEU B 31 -6.95 4.01 6.26
N HIS B 32 -7.96 3.24 5.87
CA HIS B 32 -9.34 3.63 6.10
C HIS B 32 -9.49 3.94 7.57
N THR B 33 -8.87 3.08 8.35
CA THR B 33 -8.83 3.20 9.78
C THR B 33 -8.06 4.46 10.19
N LEU B 34 -6.98 4.72 9.47
CA LEU B 34 -6.12 5.86 9.75
C LEU B 34 -6.75 7.16 9.27
N VAL B 35 -7.29 7.15 8.07
CA VAL B 35 -8.08 8.27 7.57
C VAL B 35 -9.26 8.61 8.47
N VAL B 36 -9.70 7.63 9.27
CA VAL B 36 -10.74 7.90 10.26
C VAL B 36 -10.15 8.63 11.48
N ALA B 37 -9.05 8.09 11.99
CA ALA B 37 -8.38 8.68 13.14
C ALA B 37 -7.74 10.01 12.78
N SER B 38 -6.98 9.98 11.70
CA SER B 38 -6.29 11.16 11.20
C SER B 38 -7.27 12.11 10.53
N ALA B 39 -8.55 11.74 10.47
CA ALA B 39 -9.58 12.63 9.98
C ALA B 39 -9.72 13.82 10.91
N GLY B 40 -9.24 13.63 12.12
CA GLY B 40 -9.19 14.73 13.06
C GLY B 40 -10.12 14.55 14.23
N PRO B 41 -9.64 13.96 15.34
CA PRO B 41 -10.42 13.85 16.57
C PRO B 41 -10.49 15.18 17.30
N THR B 42 -9.46 15.98 17.10
CA THR B 42 -9.34 17.26 17.77
C THR B 42 -9.11 18.38 16.76
N SER B 43 -7.98 18.29 16.07
CA SER B 43 -7.63 19.26 15.04
C SER B 43 -7.55 18.55 13.68
N ALA B 44 -6.81 19.14 12.75
CA ALA B 44 -6.58 18.56 11.42
C ALA B 44 -7.83 18.62 10.54
N ARG B 45 -8.67 19.61 10.81
CA ARG B 45 -9.88 19.86 10.02
C ARG B 45 -10.76 18.62 9.92
N GLY C 7 10.42 -14.21 -24.89
CA GLY C 7 9.86 -15.58 -24.90
C GLY C 7 9.81 -16.19 -23.51
N SER C 8 10.97 -16.59 -23.00
CA SER C 8 11.06 -17.16 -21.67
C SER C 8 10.82 -16.08 -20.62
N THR C 9 9.83 -16.29 -19.77
CA THR C 9 9.46 -15.31 -18.77
C THR C 9 8.53 -15.93 -17.74
N ASN C 10 8.74 -15.58 -16.48
CA ASN C 10 7.88 -15.99 -15.38
C ASN C 10 8.44 -15.47 -14.08
N ASP C 11 9.67 -15.88 -13.77
CA ASP C 11 10.35 -15.34 -12.60
C ASP C 11 10.74 -13.90 -12.86
N ASN C 12 10.75 -13.54 -14.14
CA ASN C 12 10.88 -12.15 -14.54
C ASN C 12 9.68 -11.34 -14.05
N ILE C 13 8.55 -12.02 -13.92
CA ILE C 13 7.33 -11.41 -13.39
C ILE C 13 7.37 -11.44 -11.87
N THR C 14 7.54 -12.65 -11.36
CA THR C 14 7.53 -12.87 -9.92
C THR C 14 8.66 -12.13 -9.22
N ALA C 15 9.64 -11.68 -10.00
CA ALA C 15 10.72 -10.83 -9.51
C ALA C 15 10.15 -9.50 -9.03
N ARG C 16 9.11 -9.05 -9.70
CA ARG C 16 8.47 -7.79 -9.37
C ARG C 16 7.45 -8.02 -8.28
N LEU C 17 6.66 -9.07 -8.47
CA LEU C 17 5.68 -9.53 -7.50
C LEU C 17 6.29 -9.78 -6.13
N ASP C 18 7.52 -10.26 -6.13
CA ASP C 18 8.18 -10.58 -4.88
C ASP C 18 8.64 -9.29 -4.25
N ARG C 19 9.06 -8.38 -5.11
CA ARG C 19 9.45 -7.05 -4.73
C ARG C 19 8.27 -6.30 -4.15
N ILE C 20 7.16 -6.33 -4.88
CA ILE C 20 5.92 -5.74 -4.44
C ILE C 20 5.59 -6.18 -3.02
N ASP C 21 5.58 -7.48 -2.81
CA ASP C 21 5.27 -8.04 -1.50
C ASP C 21 6.29 -7.67 -0.46
N GLU C 22 7.54 -7.61 -0.89
CA GLU C 22 8.61 -7.06 -0.06
C GLU C 22 8.25 -5.66 0.41
N LYS C 23 7.60 -4.90 -0.47
CA LYS C 23 7.16 -3.56 -0.13
C LYS C 23 5.88 -3.65 0.71
N LEU C 24 4.96 -4.52 0.29
CA LEU C 24 3.70 -4.77 1.00
C LEU C 24 3.96 -4.98 2.47
N SER C 25 4.88 -5.90 2.75
CA SER C 25 5.26 -6.26 4.10
C SER C 25 5.68 -5.03 4.90
N GLU C 26 6.29 -4.06 4.23
CA GLU C 26 6.72 -2.85 4.90
C GLU C 26 5.52 -1.99 5.20
N ILE C 27 4.72 -1.75 4.17
CA ILE C 27 3.53 -0.95 4.28
C ILE C 27 2.64 -1.50 5.37
N LEU C 28 2.28 -2.77 5.22
CA LEU C 28 1.43 -3.48 6.16
C LEU C 28 1.86 -3.24 7.60
N GLY C 29 3.15 -3.41 7.84
CA GLY C 29 3.68 -3.28 9.18
C GLY C 29 3.75 -1.84 9.63
N MET C 30 3.87 -0.95 8.68
CA MET C 30 3.98 0.46 8.96
C MET C 30 2.62 1.07 9.24
N LEU C 31 1.58 0.57 8.58
CA LEU C 31 0.24 1.03 8.90
C LEU C 31 -0.19 0.35 10.16
N HIS C 32 0.25 -0.88 10.36
CA HIS C 32 0.01 -1.57 11.62
C HIS C 32 0.54 -0.69 12.73
N THR C 33 1.68 -0.10 12.45
CA THR C 33 2.33 0.83 13.34
C THR C 33 1.50 2.11 13.50
N LEU C 34 0.91 2.53 12.39
CA LEU C 34 0.11 3.74 12.35
C LEU C 34 -1.26 3.50 12.99
N VAL C 35 -1.90 2.40 12.65
CA VAL C 35 -3.13 1.98 13.31
C VAL C 35 -2.94 1.81 14.81
N VAL C 36 -1.71 1.61 15.26
CA VAL C 36 -1.43 1.57 16.69
C VAL C 36 -1.40 2.98 17.27
N ALA C 37 -0.66 3.86 16.60
CA ALA C 37 -0.54 5.24 17.03
C ALA C 37 -1.85 5.99 16.84
N SER C 38 -2.39 5.87 15.64
CA SER C 38 -3.64 6.51 15.29
C SER C 38 -4.82 5.79 15.93
N ALA C 39 -4.55 4.71 16.65
CA ALA C 39 -5.58 4.02 17.41
C ALA C 39 -6.10 4.94 18.50
N GLY C 40 -5.30 5.92 18.83
CA GLY C 40 -5.73 6.93 19.76
C GLY C 40 -4.97 6.91 21.07
N PRO C 41 -3.87 7.69 21.18
CA PRO C 41 -3.14 7.83 22.44
C PRO C 41 -3.88 8.73 23.41
N THR C 42 -4.67 9.64 22.86
CA THR C 42 -5.39 10.61 23.65
C THR C 42 -6.88 10.59 23.27
N SER C 43 -7.15 10.95 22.03
CA SER C 43 -8.51 10.95 21.51
C SER C 43 -8.62 9.93 20.37
N ALA C 44 -9.61 10.12 19.50
CA ALA C 44 -9.81 9.27 18.31
C ALA C 44 -10.34 7.89 18.69
N ARG C 45 -11.05 7.84 19.81
CA ARG C 45 -11.69 6.60 20.27
C ARG C 45 -10.71 5.44 20.38
N GLY D 7 -1.03 -12.91 -27.59
CA GLY D 7 0.11 -13.85 -27.71
C GLY D 7 1.37 -13.29 -27.05
N SER D 8 1.99 -12.33 -27.71
CA SER D 8 3.18 -11.70 -27.17
C SER D 8 2.83 -10.82 -25.99
N THR D 9 3.45 -11.11 -24.85
CA THR D 9 3.15 -10.39 -23.63
C THR D 9 4.21 -10.68 -22.56
N ASN D 10 4.57 -9.64 -21.83
CA ASN D 10 5.49 -9.75 -20.71
C ASN D 10 5.76 -8.38 -20.13
N ASP D 11 6.28 -7.48 -20.96
CA ASP D 11 6.46 -6.10 -20.54
C ASP D 11 5.11 -5.43 -20.45
N ASN D 12 4.12 -6.04 -21.09
CA ASN D 12 2.73 -5.65 -20.92
C ASN D 12 2.29 -5.89 -19.48
N ILE D 13 2.91 -6.87 -18.84
CA ILE D 13 2.66 -7.18 -17.44
C ILE D 13 3.49 -6.26 -16.58
N THR D 14 4.79 -6.30 -16.81
CA THR D 14 5.74 -5.55 -16.02
C THR D 14 5.50 -4.04 -16.12
N ALA D 15 4.74 -3.65 -17.14
CA ALA D 15 4.29 -2.27 -17.29
C ALA D 15 3.42 -1.87 -16.11
N ARG D 16 2.65 -2.83 -15.61
CA ARG D 16 1.75 -2.59 -14.50
C ARG D 16 2.51 -2.76 -13.20
N LEU D 17 3.28 -3.82 -13.13
CA LEU D 17 4.17 -4.12 -12.02
C LEU D 17 5.11 -2.98 -11.72
N ASP D 18 5.56 -2.31 -12.76
CA ASP D 18 6.49 -1.20 -12.60
C ASP D 18 5.74 -0.01 -12.08
N ARG D 19 4.51 0.12 -12.57
CA ARG D 19 3.61 1.15 -12.13
C ARG D 19 3.25 0.95 -10.67
N ILE D 20 2.88 -0.28 -10.34
CA ILE D 20 2.59 -0.67 -8.97
C ILE D 20 3.70 -0.23 -8.04
N ASP D 21 4.92 -0.62 -8.38
CA ASP D 21 6.09 -0.28 -7.57
C ASP D 21 6.33 1.21 -7.54
N GLU D 22 6.08 1.86 -8.65
CA GLU D 22 6.08 3.31 -8.71
C GLU D 22 5.13 3.89 -7.67
N LYS D 23 4.01 3.20 -7.46
CA LYS D 23 3.05 3.60 -6.44
C LYS D 23 3.56 3.17 -5.06
N LEU D 24 4.05 1.93 -4.99
CA LEU D 24 4.61 1.37 -3.76
C LEU D 24 5.59 2.34 -3.13
N SER D 25 6.51 2.80 -3.95
CA SER D 25 7.55 3.74 -3.53
C SER D 25 6.94 4.99 -2.89
N GLU D 26 5.78 5.39 -3.37
CA GLU D 26 5.10 6.57 -2.84
C GLU D 26 4.52 6.22 -1.49
N ILE D 27 3.75 5.14 -1.48
CA ILE D 27 3.11 4.67 -0.26
C ILE D 27 4.14 4.47 0.84
N LEU D 28 5.14 3.65 0.52
CA LEU D 28 6.23 3.33 1.44
C LEU D 28 6.80 4.58 2.09
N GLY D 29 7.08 5.58 1.26
CA GLY D 29 7.70 6.79 1.75
C GLY D 29 6.73 7.66 2.50
N MET D 30 5.46 7.53 2.15
CA MET D 30 4.42 8.32 2.77
C MET D 30 4.03 7.76 4.12
N LEU D 31 4.09 6.44 4.27
CA LEU D 31 3.85 5.87 5.59
C LEU D 31 5.09 6.04 6.41
N HIS D 32 6.24 5.99 5.76
CA HIS D 32 7.49 6.32 6.43
C HIS D 32 7.33 7.68 7.06
N THR D 33 6.71 8.54 6.29
CA THR D 33 6.40 9.89 6.71
C THR D 33 5.40 9.89 7.86
N LEU D 34 4.43 8.99 7.77
CA LEU D 34 3.38 8.86 8.76
C LEU D 34 3.90 8.18 10.02
N VAL D 35 4.65 7.11 9.87
CA VAL D 35 5.33 6.46 10.98
C VAL D 35 6.27 7.42 11.70
N VAL D 36 6.70 8.48 11.02
CA VAL D 36 7.49 9.52 11.67
C VAL D 36 6.60 10.42 12.51
N ALA D 37 5.52 10.90 11.91
CA ALA D 37 4.59 11.78 12.59
C ALA D 37 3.83 11.02 13.67
N SER D 38 3.28 9.88 13.29
CA SER D 38 2.53 9.04 14.19
C SER D 38 3.48 8.30 15.15
N ALA D 39 4.77 8.51 14.99
CA ALA D 39 5.73 7.97 15.94
C ALA D 39 5.53 8.59 17.30
N GLY D 40 4.89 9.75 17.29
CA GLY D 40 4.51 10.38 18.52
C GLY D 40 5.23 11.68 18.77
N PRO D 41 4.66 12.82 18.34
CA PRO D 41 5.22 14.14 18.64
C PRO D 41 4.96 14.55 20.09
N THR D 42 3.89 14.02 20.64
CA THR D 42 3.47 14.34 21.98
C THR D 42 3.26 13.07 22.80
N SER D 43 2.30 12.27 22.38
CA SER D 43 2.00 11.00 23.02
C SER D 43 2.25 9.86 22.04
N ALA D 44 1.62 8.71 22.28
CA ALA D 44 1.71 7.54 21.40
C ALA D 44 3.06 6.86 21.49
N ARG D 45 3.70 7.00 22.65
CA ARG D 45 4.97 6.35 22.95
C ARG D 45 6.03 6.66 21.90
N GLY A 7 -3.90 -21.95 -20.26
CA GLY A 7 -4.68 -21.49 -21.43
C GLY A 7 -4.29 -20.10 -21.85
N SER A 8 -5.24 -19.36 -22.42
CA SER A 8 -4.99 -17.99 -22.83
C SER A 8 -4.88 -17.10 -21.60
N THR A 9 -3.66 -16.67 -21.29
CA THR A 9 -3.43 -15.88 -20.10
C THR A 9 -3.09 -14.43 -20.46
N ASN A 10 -2.25 -13.79 -19.64
CA ASN A 10 -1.93 -12.37 -19.74
C ASN A 10 -3.08 -11.55 -19.20
N ASP A 11 -4.23 -11.65 -19.85
CA ASP A 11 -5.43 -10.93 -19.41
C ASP A 11 -5.88 -11.47 -18.07
N ASN A 12 -5.44 -12.66 -17.74
CA ASN A 12 -5.76 -13.25 -16.45
C ASN A 12 -4.90 -12.60 -15.37
N ILE A 13 -3.78 -12.01 -15.78
CA ILE A 13 -2.93 -11.25 -14.88
C ILE A 13 -3.43 -9.81 -14.79
N THR A 14 -3.56 -9.21 -15.97
CA THR A 14 -3.97 -7.83 -16.12
C THR A 14 -5.36 -7.58 -15.52
N ALA A 15 -6.11 -8.65 -15.32
CA ALA A 15 -7.42 -8.59 -14.68
C ALA A 15 -7.27 -8.40 -13.18
N ARG A 16 -6.21 -8.96 -12.64
CA ARG A 16 -5.99 -9.02 -11.21
C ARG A 16 -5.18 -7.81 -10.77
N LEU A 17 -4.19 -7.51 -11.58
CA LEU A 17 -3.33 -6.38 -11.34
C LEU A 17 -4.11 -5.09 -11.56
N ASP A 18 -5.21 -5.21 -12.31
CA ASP A 18 -6.07 -4.06 -12.55
C ASP A 18 -6.68 -3.64 -11.23
N ARG A 19 -6.87 -4.64 -10.40
CA ARG A 19 -7.50 -4.47 -9.11
C ARG A 19 -6.50 -3.84 -8.15
N ILE A 20 -5.30 -4.41 -8.13
CA ILE A 20 -4.22 -3.93 -7.29
C ILE A 20 -3.93 -2.44 -7.53
N ASP A 21 -3.82 -2.07 -8.81
CA ASP A 21 -3.59 -0.68 -9.18
C ASP A 21 -4.78 0.19 -8.77
N GLU A 22 -5.96 -0.33 -8.99
CA GLU A 22 -7.19 0.33 -8.56
C GLU A 22 -7.20 0.57 -7.05
N LYS A 23 -6.49 -0.28 -6.31
CA LYS A 23 -6.49 -0.20 -4.86
C LYS A 23 -5.47 0.81 -4.37
N LEU A 24 -4.26 0.78 -4.91
CA LEU A 24 -3.23 1.74 -4.51
C LEU A 24 -3.64 3.16 -4.86
N SER A 25 -4.46 3.30 -5.89
CA SER A 25 -4.99 4.60 -6.24
C SER A 25 -5.88 5.13 -5.10
N GLU A 26 -6.34 4.23 -4.24
CA GLU A 26 -7.05 4.62 -3.03
C GLU A 26 -6.05 4.90 -1.95
N ILE A 27 -5.14 3.93 -1.76
CA ILE A 27 -4.15 4.00 -0.71
C ILE A 27 -3.33 5.27 -0.83
N LEU A 28 -2.73 5.44 -2.01
CA LEU A 28 -1.92 6.60 -2.33
C LEU A 28 -2.57 7.90 -1.87
N GLY A 29 -3.82 8.09 -2.28
CA GLY A 29 -4.51 9.31 -1.97
C GLY A 29 -4.86 9.40 -0.51
N MET A 30 -5.06 8.26 0.10
CA MET A 30 -5.43 8.18 1.50
C MET A 30 -4.23 8.44 2.40
N LEU A 31 -3.04 8.05 1.98
CA LEU A 31 -1.85 8.34 2.77
C LEU A 31 -1.47 9.76 2.51
N HIS A 32 -1.70 10.22 1.29
CA HIS A 32 -1.53 11.63 0.96
C HIS A 32 -2.30 12.43 1.98
N THR A 33 -3.51 11.96 2.22
CA THR A 33 -4.41 12.54 3.18
C THR A 33 -3.86 12.39 4.61
N LEU A 34 -3.22 11.27 4.85
CA LEU A 34 -2.63 10.97 6.15
C LEU A 34 -1.36 11.79 6.36
N VAL A 35 -0.49 11.81 5.36
CA VAL A 35 0.68 12.70 5.37
C VAL A 35 0.26 14.16 5.60
N VAL A 36 -0.93 14.52 5.18
CA VAL A 36 -1.45 15.86 5.43
C VAL A 36 -1.93 16.00 6.87
N ALA A 37 -2.73 15.03 7.30
CA ALA A 37 -3.28 15.05 8.65
C ALA A 37 -2.22 14.81 9.70
N SER A 38 -1.41 13.79 9.47
CA SER A 38 -0.32 13.43 10.36
C SER A 38 0.81 14.46 10.28
N ALA A 39 0.74 15.34 9.29
CA ALA A 39 1.70 16.43 9.16
C ALA A 39 1.62 17.39 10.33
N GLY A 40 0.69 17.13 11.24
CA GLY A 40 0.56 17.91 12.43
C GLY A 40 -0.56 17.44 13.31
N PRO A 41 -0.36 16.33 14.04
CA PRO A 41 -1.37 15.76 14.90
C PRO A 41 -1.59 16.57 16.18
N THR A 42 -0.59 17.37 16.54
CA THR A 42 -0.68 18.23 17.71
C THR A 42 -0.98 19.66 17.26
N SER A 43 -2.10 19.82 16.54
CA SER A 43 -2.47 21.07 15.90
C SER A 43 -1.55 21.35 14.71
N ALA A 44 -0.26 21.45 14.99
CA ALA A 44 0.75 21.63 13.97
C ALA A 44 2.12 21.29 14.56
N ARG A 45 3.09 21.04 13.70
CA ARG A 45 4.44 20.74 14.15
C ARG A 45 5.11 22.00 14.70
N GLY B 7 7.83 -23.24 -17.50
CA GLY B 7 6.80 -24.31 -17.50
C GLY B 7 5.40 -23.74 -17.51
N SER B 8 4.47 -24.47 -16.92
CA SER B 8 3.08 -24.01 -16.83
C SER B 8 3.00 -22.86 -15.85
N THR B 9 2.81 -21.66 -16.36
CA THR B 9 2.77 -20.49 -15.52
C THR B 9 1.35 -19.90 -15.45
N ASN B 10 1.27 -18.57 -15.32
CA ASN B 10 0.01 -17.87 -15.09
C ASN B 10 -0.42 -18.03 -13.64
N ASP B 11 -0.70 -19.28 -13.26
CA ASP B 11 -1.08 -19.59 -11.89
C ASP B 11 0.07 -19.30 -10.94
N ASN B 12 1.27 -19.27 -11.49
CA ASN B 12 2.44 -18.95 -10.71
C ASN B 12 2.49 -17.45 -10.44
N ILE B 13 1.75 -16.68 -11.24
CA ILE B 13 1.61 -15.25 -11.03
C ILE B 13 0.43 -15.00 -10.10
N THR B 14 -0.69 -15.57 -10.50
CA THR B 14 -1.95 -15.41 -9.78
C THR B 14 -1.88 -15.97 -8.36
N ALA B 15 -0.84 -16.76 -8.09
CA ALA B 15 -0.59 -17.29 -6.76
C ALA B 15 0.06 -16.23 -5.88
N ARG B 16 0.79 -15.34 -6.52
CA ARG B 16 1.61 -14.36 -5.81
C ARG B 16 0.86 -13.06 -5.70
N LEU B 17 0.18 -12.73 -6.77
CA LEU B 17 -0.65 -11.55 -6.82
C LEU B 17 -1.86 -11.74 -5.93
N ASP B 18 -2.17 -13.01 -5.64
CA ASP B 18 -3.29 -13.33 -4.76
C ASP B 18 -2.95 -12.82 -3.39
N ARG B 19 -1.67 -12.84 -3.11
CA ARG B 19 -1.14 -12.45 -1.84
C ARG B 19 -1.16 -10.93 -1.73
N ILE B 20 -0.65 -10.28 -2.77
CA ILE B 20 -0.59 -8.83 -2.85
C ILE B 20 -1.98 -8.21 -2.66
N ASP B 21 -2.96 -8.74 -3.36
CA ASP B 21 -4.34 -8.27 -3.24
C ASP B 21 -4.88 -8.53 -1.84
N GLU B 22 -4.57 -9.70 -1.32
CA GLU B 22 -4.92 -10.06 0.04
C GLU B 22 -4.32 -9.08 1.06
N LYS B 23 -3.20 -8.47 0.69
CA LYS B 23 -2.50 -7.57 1.58
C LYS B 23 -3.08 -6.16 1.53
N LEU B 24 -3.32 -5.65 0.34
CA LEU B 24 -3.91 -4.31 0.20
C LEU B 24 -5.30 -4.27 0.80
N SER B 25 -5.99 -5.40 0.80
CA SER B 25 -7.28 -5.49 1.45
C SER B 25 -7.14 -5.24 2.95
N GLU B 26 -5.93 -5.39 3.48
CA GLU B 26 -5.64 -5.03 4.85
C GLU B 26 -5.28 -3.56 4.90
N ILE B 27 -4.35 -3.19 4.03
CA ILE B 27 -3.83 -1.84 3.99
C ILE B 27 -4.96 -0.84 3.78
N LEU B 28 -5.72 -1.05 2.72
CA LEU B 28 -6.87 -0.23 2.37
C LEU B 28 -7.72 0.09 3.58
N GLY B 29 -8.13 -0.96 4.28
CA GLY B 29 -9.02 -0.80 5.42
C GLY B 29 -8.32 -0.15 6.59
N MET B 30 -7.02 -0.37 6.67
CA MET B 30 -6.23 0.18 7.75
C MET B 30 -5.95 1.67 7.54
N LEU B 31 -5.82 2.10 6.29
CA LEU B 31 -5.64 3.52 6.04
C LEU B 31 -6.98 4.19 6.12
N HIS B 32 -8.02 3.47 5.73
CA HIS B 32 -9.38 3.94 5.92
C HIS B 32 -9.53 4.31 7.38
N THR B 33 -9.03 3.42 8.19
CA THR B 33 -9.02 3.57 9.64
C THR B 33 -8.13 4.76 10.05
N LEU B 34 -7.04 4.92 9.35
CA LEU B 34 -6.09 6.00 9.60
C LEU B 34 -6.65 7.33 9.12
N VAL B 35 -7.18 7.37 7.92
CA VAL B 35 -7.92 8.53 7.42
C VAL B 35 -9.03 8.93 8.39
N VAL B 36 -9.58 7.97 9.10
CA VAL B 36 -10.60 8.27 10.11
C VAL B 36 -9.96 8.84 11.37
N ALA B 37 -8.93 8.17 11.85
CA ALA B 37 -8.24 8.57 13.06
C ALA B 37 -7.47 9.87 12.86
N SER B 38 -6.71 9.91 11.78
CA SER B 38 -5.92 11.08 11.41
C SER B 38 -6.82 12.22 10.94
N ALA B 39 -8.09 11.91 10.71
CA ALA B 39 -9.07 12.94 10.34
C ALA B 39 -9.27 13.95 11.47
N GLY B 40 -8.57 13.73 12.58
CA GLY B 40 -8.61 14.65 13.67
C GLY B 40 -7.75 14.19 14.83
N PRO B 41 -6.43 14.34 14.71
CA PRO B 41 -5.49 13.94 15.75
C PRO B 41 -5.52 14.85 16.97
N THR B 42 -5.99 16.08 16.77
CA THR B 42 -6.10 17.03 17.86
C THR B 42 -7.55 17.11 18.32
N SER B 43 -8.08 15.95 18.74
CA SER B 43 -9.49 15.78 19.07
C SER B 43 -10.35 15.83 17.81
N ALA B 44 -10.26 16.95 17.10
CA ALA B 44 -10.94 17.13 15.83
C ALA B 44 -10.32 18.30 15.09
N ARG B 45 -10.55 18.39 13.79
CA ARG B 45 -10.05 19.50 13.00
C ARG B 45 -10.80 20.78 13.33
N GLY C 7 10.53 -13.76 -24.63
CA GLY C 7 11.43 -14.89 -24.30
C GLY C 7 10.93 -15.67 -23.11
N SER C 8 11.86 -16.25 -22.36
CA SER C 8 11.50 -17.01 -21.17
C SER C 8 11.04 -16.05 -20.09
N THR C 9 9.75 -16.02 -19.82
CA THR C 9 9.19 -15.10 -18.86
C THR C 9 8.72 -15.84 -17.59
N ASN C 10 7.66 -15.32 -16.97
CA ASN C 10 7.17 -15.80 -15.67
C ASN C 10 8.08 -15.29 -14.56
N ASP C 11 9.33 -15.73 -14.60
CA ASP C 11 10.32 -15.31 -13.61
C ASP C 11 10.58 -13.83 -13.75
N ASN C 12 10.27 -13.29 -14.92
CA ASN C 12 10.42 -11.87 -15.15
C ASN C 12 9.30 -11.11 -14.47
N ILE C 13 8.21 -11.82 -14.16
CA ILE C 13 7.12 -11.24 -13.40
C ILE C 13 7.37 -11.43 -11.92
N THR C 14 7.64 -12.68 -11.56
CA THR C 14 7.87 -13.09 -10.18
C THR C 14 9.10 -12.39 -9.58
N ALA C 15 9.92 -11.80 -10.45
CA ALA C 15 11.07 -11.02 -10.02
C ALA C 15 10.65 -9.64 -9.55
N ARG C 16 9.56 -9.16 -10.13
CA ARG C 16 9.11 -7.80 -9.94
C ARG C 16 8.07 -7.77 -8.85
N LEU C 17 7.20 -8.76 -8.90
CA LEU C 17 6.17 -8.93 -7.91
C LEU C 17 6.80 -9.33 -6.58
N ASP C 18 8.02 -9.85 -6.66
CA ASP C 18 8.74 -10.24 -5.46
C ASP C 18 9.04 -8.98 -4.66
N ARG C 19 9.21 -7.92 -5.42
CA ARG C 19 9.55 -6.63 -4.87
C ARG C 19 8.33 -6.00 -4.24
N ILE C 20 7.23 -6.03 -5.00
CA ILE C 20 5.96 -5.48 -4.56
C ILE C 20 5.51 -6.11 -3.23
N ASP C 21 5.60 -7.44 -3.15
CA ASP C 21 5.24 -8.16 -1.93
C ASP C 21 6.20 -7.80 -0.80
N GLU C 22 7.47 -7.71 -1.13
CA GLU C 22 8.49 -7.28 -0.19
C GLU C 22 8.19 -5.87 0.35
N LYS C 23 7.49 -5.07 -0.44
CA LYS C 23 7.21 -3.70 -0.07
C LYS C 23 5.98 -3.60 0.84
N LEU C 24 4.91 -4.30 0.48
CA LEU C 24 3.71 -4.29 1.30
C LEU C 24 3.97 -4.89 2.66
N SER C 25 4.93 -5.79 2.74
CA SER C 25 5.34 -6.36 4.01
C SER C 25 5.92 -5.27 4.91
N GLU C 26 6.33 -4.16 4.30
CA GLU C 26 6.75 -2.99 5.07
C GLU C 26 5.54 -2.16 5.38
N ILE C 27 4.77 -1.87 4.34
CA ILE C 27 3.59 -1.03 4.43
C ILE C 27 2.64 -1.57 5.48
N LEU C 28 2.25 -2.82 5.29
CA LEU C 28 1.35 -3.53 6.20
C LEU C 28 1.72 -3.29 7.66
N GLY C 29 2.98 -3.55 7.98
CA GLY C 29 3.43 -3.44 9.34
C GLY C 29 3.50 -2.01 9.79
N MET C 30 3.75 -1.12 8.86
CA MET C 30 3.85 0.29 9.14
C MET C 30 2.49 0.93 9.37
N LEU C 31 1.46 0.44 8.68
CA LEU C 31 0.12 0.95 8.93
C LEU C 31 -0.41 0.31 10.17
N HIS C 32 -0.02 -0.94 10.40
CA HIS C 32 -0.33 -1.60 11.66
C HIS C 32 0.13 -0.70 12.78
N THR C 33 1.32 -0.19 12.58
CA THR C 33 1.94 0.73 13.51
C THR C 33 1.17 2.06 13.57
N LEU C 34 0.66 2.47 12.42
CA LEU C 34 -0.10 3.70 12.30
C LEU C 34 -1.49 3.53 12.90
N VAL C 35 -2.16 2.44 12.57
CA VAL C 35 -3.42 2.07 13.22
C VAL C 35 -3.27 2.01 14.73
N VAL C 36 -2.07 1.68 15.20
CA VAL C 36 -1.80 1.68 16.64
C VAL C 36 -1.61 3.11 17.16
N ALA C 37 -0.78 3.87 16.47
CA ALA C 37 -0.48 5.24 16.86
C ALA C 37 -1.69 6.15 16.67
N SER C 38 -2.29 6.06 15.50
CA SER C 38 -3.46 6.83 15.14
C SER C 38 -4.69 6.35 15.91
N ALA C 39 -4.56 5.20 16.57
CA ALA C 39 -5.64 4.68 17.41
C ALA C 39 -5.90 5.59 18.60
N GLY C 40 -5.13 6.66 18.69
CA GLY C 40 -5.33 7.64 19.72
C GLY C 40 -4.32 8.77 19.65
N PRO C 41 -4.50 9.68 18.70
CA PRO C 41 -3.59 10.81 18.51
C PRO C 41 -3.73 11.87 19.60
N THR C 42 -4.87 11.88 20.27
CA THR C 42 -5.12 12.82 21.35
C THR C 42 -4.95 12.10 22.69
N SER C 43 -3.75 11.54 22.88
CA SER C 43 -3.44 10.68 24.03
C SER C 43 -4.17 9.33 23.88
N ALA C 44 -5.49 9.39 23.80
CA ALA C 44 -6.31 8.21 23.59
C ALA C 44 -7.70 8.66 23.13
N ARG C 45 -8.45 7.75 22.55
CA ARG C 45 -9.80 8.06 22.13
C ARG C 45 -10.73 8.18 23.34
N GLY D 7 -1.19 -12.47 -27.40
CA GLY D 7 -0.04 -12.06 -28.24
C GLY D 7 1.24 -12.00 -27.45
N SER D 8 2.16 -11.14 -27.86
CA SER D 8 3.42 -10.97 -27.16
C SER D 8 3.17 -10.28 -25.83
N THR D 9 3.28 -11.03 -24.74
CA THR D 9 2.98 -10.49 -23.43
C THR D 9 4.27 -10.36 -22.60
N ASN D 10 4.15 -10.54 -21.28
CA ASN D 10 5.22 -10.30 -20.32
C ASN D 10 5.41 -8.82 -20.10
N ASP D 11 5.79 -8.12 -21.17
CA ASP D 11 5.97 -6.68 -21.11
C ASP D 11 4.64 -5.98 -20.85
N ASN D 12 3.56 -6.69 -21.15
CA ASN D 12 2.22 -6.19 -20.89
C ASN D 12 1.92 -6.27 -19.40
N ILE D 13 2.67 -7.12 -18.70
CA ILE D 13 2.56 -7.24 -17.25
C ILE D 13 3.52 -6.25 -16.60
N THR D 14 4.77 -6.33 -17.04
CA THR D 14 5.84 -5.50 -16.50
C THR D 14 5.59 -4.01 -16.76
N ALA D 15 4.65 -3.72 -17.64
CA ALA D 15 4.24 -2.34 -17.93
C ALA D 15 3.29 -1.83 -16.84
N ARG D 16 2.58 -2.77 -16.24
CA ARG D 16 1.52 -2.44 -15.31
C ARG D 16 2.04 -2.53 -13.91
N LEU D 17 2.85 -3.55 -13.68
CA LEU D 17 3.49 -3.75 -12.40
C LEU D 17 4.54 -2.67 -12.19
N ASP D 18 4.98 -2.06 -13.29
CA ASP D 18 5.95 -0.98 -13.22
C ASP D 18 5.31 0.17 -12.50
N ARG D 19 4.02 0.26 -12.69
CA ARG D 19 3.22 1.33 -12.14
C ARG D 19 2.98 1.07 -10.66
N ILE D 20 2.59 -0.15 -10.35
CA ILE D 20 2.34 -0.58 -8.98
C ILE D 20 3.56 -0.35 -8.09
N ASP D 21 4.73 -0.75 -8.58
CA ASP D 21 5.98 -0.55 -7.85
C ASP D 21 6.29 0.93 -7.71
N GLU D 22 6.06 1.66 -8.79
CA GLU D 22 6.21 3.11 -8.78
C GLU D 22 5.32 3.76 -7.73
N LYS D 23 4.20 3.11 -7.42
CA LYS D 23 3.22 3.66 -6.49
C LYS D 23 3.60 3.37 -5.04
N LEU D 24 3.98 2.13 -4.76
CA LEU D 24 4.38 1.77 -3.40
C LEU D 24 5.62 2.53 -2.99
N SER D 25 6.45 2.89 -3.94
CA SER D 25 7.61 3.73 -3.66
C SER D 25 7.17 5.10 -3.14
N GLU D 26 5.91 5.45 -3.39
CA GLU D 26 5.34 6.66 -2.80
C GLU D 26 4.76 6.30 -1.45
N ILE D 27 3.97 5.25 -1.44
CA ILE D 27 3.28 4.81 -0.24
C ILE D 27 4.27 4.55 0.87
N LEU D 28 5.22 3.67 0.58
CA LEU D 28 6.28 3.30 1.52
C LEU D 28 6.87 4.52 2.22
N GLY D 29 7.28 5.49 1.43
CA GLY D 29 7.93 6.68 1.97
C GLY D 29 6.95 7.53 2.72
N MET D 30 5.70 7.50 2.30
CA MET D 30 4.66 8.29 2.92
C MET D 30 4.21 7.70 4.24
N LEU D 31 4.24 6.38 4.38
CA LEU D 31 3.91 5.78 5.66
C LEU D 31 5.09 5.89 6.56
N HIS D 32 6.28 5.82 5.97
CA HIS D 32 7.51 6.11 6.71
C HIS D 32 7.35 7.43 7.40
N THR D 33 6.83 8.36 6.62
CA THR D 33 6.55 9.71 7.07
C THR D 33 5.44 9.70 8.13
N LEU D 34 4.48 8.82 7.94
CA LEU D 34 3.36 8.68 8.86
C LEU D 34 3.79 8.00 10.14
N VAL D 35 4.52 6.90 10.02
CA VAL D 35 5.16 6.26 11.17
C VAL D 35 6.02 7.24 11.96
N VAL D 36 6.56 8.24 11.28
CA VAL D 36 7.33 9.28 11.96
C VAL D 36 6.41 10.28 12.66
N ALA D 37 5.41 10.75 11.92
CA ALA D 37 4.47 11.71 12.45
C ALA D 37 3.56 11.10 13.52
N SER D 38 3.02 9.94 13.19
CA SER D 38 2.14 9.22 14.09
C SER D 38 2.93 8.61 15.26
N ALA D 39 4.25 8.65 15.14
CA ALA D 39 5.13 8.19 16.23
C ALA D 39 4.98 9.06 17.48
N GLY D 40 4.14 10.08 17.37
CA GLY D 40 3.84 10.92 18.49
C GLY D 40 2.87 12.03 18.14
N PRO D 41 1.58 11.69 18.02
CA PRO D 41 0.55 12.65 17.68
C PRO D 41 0.22 13.62 18.81
N THR D 42 0.54 13.21 20.03
CA THR D 42 0.32 14.03 21.20
C THR D 42 1.64 14.67 21.63
N SER D 43 2.24 15.42 20.69
CA SER D 43 3.58 15.98 20.86
C SER D 43 4.63 14.86 20.79
N ALA D 44 4.52 13.91 21.70
CA ALA D 44 5.39 12.74 21.73
C ALA D 44 4.75 11.67 22.61
N ARG D 45 5.19 10.42 22.45
CA ARG D 45 4.67 9.35 23.26
C ARG D 45 5.17 9.47 24.69
N GLY A 7 -2.06 -20.54 -22.34
CA GLY A 7 -2.47 -20.12 -23.70
C GLY A 7 -2.73 -18.63 -23.77
N SER A 8 -3.99 -18.25 -23.93
CA SER A 8 -4.35 -16.85 -24.00
C SER A 8 -4.34 -16.24 -22.61
N THR A 9 -3.36 -15.41 -22.34
CA THR A 9 -3.23 -14.77 -21.04
C THR A 9 -2.63 -13.37 -21.19
N ASN A 10 -1.80 -12.98 -20.23
CA ASN A 10 -1.25 -11.61 -20.13
C ASN A 10 -2.35 -10.67 -19.65
N ASP A 11 -3.39 -10.52 -20.46
CA ASP A 11 -4.51 -9.67 -20.13
C ASP A 11 -5.24 -10.20 -18.91
N ASN A 12 -5.07 -11.48 -18.65
CA ASN A 12 -5.65 -12.08 -17.46
C ASN A 12 -4.95 -11.48 -16.23
N ILE A 13 -3.67 -11.23 -16.37
CA ILE A 13 -2.86 -10.69 -15.30
C ILE A 13 -3.10 -9.20 -15.18
N THR A 14 -3.04 -8.55 -16.32
CA THR A 14 -3.22 -7.10 -16.39
C THR A 14 -4.62 -6.69 -15.94
N ALA A 15 -5.54 -7.65 -15.95
CA ALA A 15 -6.89 -7.44 -15.44
C ALA A 15 -6.93 -7.57 -13.92
N ARG A 16 -5.93 -8.27 -13.38
CA ARG A 16 -5.83 -8.54 -11.96
C ARG A 16 -5.05 -7.44 -11.29
N LEU A 17 -3.97 -7.07 -11.96
CA LEU A 17 -3.08 -6.05 -11.50
C LEU A 17 -3.72 -4.69 -11.72
N ASP A 18 -4.74 -4.66 -12.56
CA ASP A 18 -5.49 -3.43 -12.78
C ASP A 18 -6.27 -3.14 -11.52
N ARG A 19 -6.57 -4.22 -10.80
CA ARG A 19 -7.33 -4.15 -9.59
C ARG A 19 -6.43 -3.67 -8.47
N ILE A 20 -5.21 -4.21 -8.44
CA ILE A 20 -4.20 -3.81 -7.48
C ILE A 20 -3.89 -2.32 -7.61
N ASP A 21 -3.73 -1.84 -8.84
CA ASP A 21 -3.49 -0.43 -9.08
C ASP A 21 -4.71 0.39 -8.65
N GLU A 22 -5.89 -0.13 -8.95
CA GLU A 22 -7.13 0.49 -8.50
C GLU A 22 -7.17 0.59 -6.96
N LYS A 23 -6.57 -0.40 -6.31
CA LYS A 23 -6.54 -0.42 -4.85
C LYS A 23 -5.58 0.62 -4.30
N LEU A 24 -4.37 0.67 -4.84
CA LEU A 24 -3.39 1.66 -4.38
C LEU A 24 -3.82 3.06 -4.75
N SER A 25 -4.63 3.19 -5.78
CA SER A 25 -5.22 4.48 -6.11
C SER A 25 -6.09 4.96 -4.94
N GLU A 26 -6.53 4.02 -4.10
CA GLU A 26 -7.27 4.38 -2.90
C GLU A 26 -6.28 4.66 -1.79
N ILE A 27 -5.31 3.77 -1.66
CA ILE A 27 -4.30 3.87 -0.63
C ILE A 27 -3.52 5.16 -0.77
N LEU A 28 -2.96 5.36 -1.97
CA LEU A 28 -2.20 6.56 -2.30
C LEU A 28 -2.91 7.82 -1.84
N GLY A 29 -4.18 7.93 -2.20
CA GLY A 29 -4.95 9.11 -1.89
C GLY A 29 -5.27 9.19 -0.41
N MET A 30 -5.37 8.04 0.21
CA MET A 30 -5.68 7.96 1.63
C MET A 30 -4.47 8.27 2.49
N LEU A 31 -3.28 7.91 2.04
CA LEU A 31 -2.09 8.28 2.80
C LEU A 31 -1.77 9.71 2.50
N HIS A 32 -2.06 10.15 1.29
CA HIS A 32 -1.97 11.57 0.96
C HIS A 32 -2.79 12.33 1.98
N THR A 33 -3.93 11.75 2.27
CA THR A 33 -4.85 12.27 3.26
C THR A 33 -4.24 12.19 4.66
N LEU A 34 -3.54 11.10 4.92
CA LEU A 34 -2.89 10.87 6.21
C LEU A 34 -1.67 11.76 6.37
N VAL A 35 -0.83 11.81 5.34
CA VAL A 35 0.28 12.76 5.30
C VAL A 35 -0.21 14.19 5.52
N VAL A 36 -1.47 14.46 5.19
CA VAL A 36 -2.07 15.76 5.47
C VAL A 36 -2.52 15.85 6.92
N ALA A 37 -3.29 14.86 7.35
CA ALA A 37 -3.84 14.84 8.70
C ALA A 37 -2.74 14.67 9.74
N SER A 38 -1.89 13.70 9.51
CA SER A 38 -0.77 13.40 10.39
C SER A 38 0.33 14.44 10.27
N ALA A 39 0.26 15.27 9.22
CA ALA A 39 1.24 16.34 9.02
C ALA A 39 1.37 17.24 10.24
N GLY A 40 0.33 17.23 11.06
CA GLY A 40 0.39 17.96 12.30
C GLY A 40 -0.87 18.73 12.62
N PRO A 41 -1.79 18.13 13.38
CA PRO A 41 -2.95 18.84 13.93
C PRO A 41 -2.50 19.95 14.87
N THR A 42 -1.64 19.57 15.81
CA THR A 42 -1.09 20.50 16.77
C THR A 42 0.16 19.88 17.41
N SER A 43 1.07 20.74 17.89
CA SER A 43 2.28 20.28 18.57
C SER A 43 3.14 19.46 17.62
N ALA A 44 3.17 19.84 16.36
CA ALA A 44 3.85 19.04 15.36
C ALA A 44 4.57 19.92 14.34
N ARG A 45 5.04 19.30 13.26
CA ARG A 45 5.82 20.00 12.25
C ARG A 45 4.93 20.84 11.34
N GLY B 7 5.64 -22.56 -19.60
CA GLY B 7 4.57 -23.50 -19.98
C GLY B 7 3.26 -23.16 -19.30
N SER B 8 2.83 -24.00 -18.37
CA SER B 8 1.60 -23.77 -17.64
C SER B 8 1.82 -22.70 -16.57
N THR B 9 1.26 -21.53 -16.80
CA THR B 9 1.41 -20.43 -15.87
C THR B 9 0.15 -19.55 -15.87
N ASN B 10 0.33 -18.24 -15.73
CA ASN B 10 -0.77 -17.29 -15.56
C ASN B 10 -1.33 -17.41 -14.16
N ASP B 11 -1.89 -18.58 -13.86
CA ASP B 11 -2.46 -18.84 -12.55
C ASP B 11 -1.38 -18.85 -11.49
N ASN B 12 -0.14 -19.06 -11.92
CA ASN B 12 0.99 -18.97 -11.01
C ASN B 12 1.13 -17.54 -10.54
N ILE B 13 0.86 -16.61 -11.45
CA ILE B 13 0.97 -15.19 -11.16
C ILE B 13 -0.24 -14.74 -10.38
N THR B 14 -1.40 -15.13 -10.87
CA THR B 14 -2.66 -14.74 -10.26
C THR B 14 -2.80 -15.32 -8.85
N ALA B 15 -1.97 -16.31 -8.54
CA ALA B 15 -1.91 -16.90 -7.20
C ALA B 15 -0.99 -16.07 -6.31
N ARG B 16 -0.12 -15.30 -6.94
CA ARG B 16 0.87 -14.49 -6.25
C ARG B 16 0.30 -13.12 -6.00
N LEU B 17 -0.35 -12.62 -7.03
CA LEU B 17 -0.96 -11.32 -7.00
C LEU B 17 -2.25 -11.38 -6.20
N ASP B 18 -2.73 -12.59 -5.97
CA ASP B 18 -3.89 -12.79 -5.12
C ASP B 18 -3.49 -12.48 -3.70
N ARG B 19 -2.20 -12.67 -3.45
CA ARG B 19 -1.62 -12.46 -2.15
C ARG B 19 -1.43 -10.98 -1.93
N ILE B 20 -0.94 -10.31 -2.97
CA ILE B 20 -0.76 -8.87 -2.96
C ILE B 20 -2.09 -8.16 -2.70
N ASP B 21 -3.13 -8.59 -3.40
CA ASP B 21 -4.47 -8.04 -3.19
C ASP B 21 -4.95 -8.32 -1.77
N GLU B 22 -4.69 -9.53 -1.30
CA GLU B 22 -4.98 -9.91 0.07
C GLU B 22 -4.26 -8.99 1.05
N LYS B 23 -3.07 -8.54 0.67
CA LYS B 23 -2.27 -7.66 1.52
C LYS B 23 -2.86 -6.26 1.57
N LEU B 24 -3.17 -5.71 0.40
CA LEU B 24 -3.75 -4.37 0.35
C LEU B 24 -5.14 -4.35 0.93
N SER B 25 -5.81 -5.50 0.94
CA SER B 25 -7.08 -5.62 1.63
C SER B 25 -6.89 -5.36 3.12
N GLU B 26 -5.66 -5.53 3.60
CA GLU B 26 -5.34 -5.20 4.97
C GLU B 26 -4.98 -3.73 5.05
N ILE B 27 -4.13 -3.31 4.12
CA ILE B 27 -3.66 -1.94 4.08
C ILE B 27 -4.83 -0.98 3.91
N LEU B 28 -5.62 -1.21 2.86
CA LEU B 28 -6.80 -0.42 2.56
C LEU B 28 -7.63 -0.16 3.81
N GLY B 29 -7.94 -1.24 4.51
CA GLY B 29 -8.79 -1.14 5.69
C GLY B 29 -8.08 -0.47 6.83
N MET B 30 -6.77 -0.60 6.86
CA MET B 30 -5.96 -0.02 7.91
C MET B 30 -5.76 1.48 7.69
N LEU B 31 -5.67 1.92 6.44
CA LEU B 31 -5.57 3.34 6.19
C LEU B 31 -6.94 3.95 6.32
N HIS B 32 -7.95 3.18 5.95
CA HIS B 32 -9.33 3.60 6.21
C HIS B 32 -9.45 3.91 7.67
N THR B 33 -8.82 3.05 8.45
CA THR B 33 -8.77 3.19 9.89
C THR B 33 -7.94 4.42 10.28
N LEU B 34 -6.87 4.66 9.55
CA LEU B 34 -5.99 5.79 9.79
C LEU B 34 -6.64 7.09 9.34
N VAL B 35 -7.20 7.10 8.15
CA VAL B 35 -8.02 8.22 7.68
C VAL B 35 -9.12 8.55 8.68
N VAL B 36 -9.55 7.56 9.47
CA VAL B 36 -10.52 7.81 10.53
C VAL B 36 -9.83 8.38 11.78
N ALA B 37 -8.78 7.71 12.21
CA ALA B 37 -8.04 8.11 13.40
C ALA B 37 -7.36 9.46 13.20
N SER B 38 -6.62 9.55 12.10
CA SER B 38 -5.90 10.75 11.74
C SER B 38 -6.83 11.84 11.27
N ALA B 39 -8.09 11.49 10.98
CA ALA B 39 -9.09 12.48 10.55
C ALA B 39 -9.20 13.62 11.54
N GLY B 40 -8.77 13.38 12.78
CA GLY B 40 -8.74 14.44 13.74
C GLY B 40 -9.24 14.04 15.12
N PRO B 41 -8.35 13.61 16.01
CA PRO B 41 -8.67 13.39 17.42
C PRO B 41 -9.11 14.68 18.08
N THR B 42 -8.29 15.71 17.90
CA THR B 42 -8.56 17.03 18.43
C THR B 42 -7.68 18.05 17.71
N SER B 43 -8.14 19.31 17.68
CA SER B 43 -7.38 20.40 17.07
C SER B 43 -7.17 20.13 15.58
N ALA B 44 -8.16 19.56 14.93
CA ALA B 44 -8.01 19.12 13.55
C ALA B 44 -9.28 19.36 12.75
N ARG B 45 -9.31 18.82 11.54
CA ARG B 45 -10.43 19.03 10.63
C ARG B 45 -11.64 18.18 11.01
N GLY C 7 8.91 -16.37 -24.06
CA GLY C 7 9.48 -17.73 -23.86
C GLY C 7 9.52 -18.10 -22.40
N SER C 8 10.72 -18.17 -21.84
CA SER C 8 10.89 -18.51 -20.44
C SER C 8 10.56 -17.32 -19.56
N THR C 9 9.43 -17.39 -18.87
CA THR C 9 8.98 -16.32 -18.03
C THR C 9 8.22 -16.87 -16.82
N ASN C 10 7.19 -16.15 -16.38
CA ASN C 10 6.45 -16.45 -15.15
C ASN C 10 7.29 -16.06 -13.95
N ASP C 11 8.42 -16.73 -13.80
CA ASP C 11 9.34 -16.46 -12.70
C ASP C 11 9.91 -15.06 -12.83
N ASN C 12 9.89 -14.52 -14.04
CA ASN C 12 10.31 -13.15 -14.26
C ASN C 12 9.35 -12.21 -13.55
N ILE C 13 8.08 -12.60 -13.58
CA ILE C 13 7.02 -11.80 -12.97
C ILE C 13 7.02 -12.01 -11.47
N THR C 14 7.09 -13.27 -11.08
CA THR C 14 7.06 -13.65 -9.68
C THR C 14 8.29 -13.12 -8.95
N ALA C 15 9.32 -12.75 -9.70
CA ALA C 15 10.52 -12.13 -9.15
C ALA C 15 10.31 -10.62 -8.96
N ARG C 16 9.33 -10.10 -9.68
CA ARG C 16 9.03 -8.67 -9.67
C ARG C 16 7.98 -8.40 -8.62
N LEU C 17 7.00 -9.28 -8.60
CA LEU C 17 5.90 -9.20 -7.68
C LEU C 17 6.35 -9.65 -6.30
N ASP C 18 7.51 -10.31 -6.26
CA ASP C 18 8.11 -10.71 -4.99
C ASP C 18 8.60 -9.46 -4.31
N ARG C 19 8.92 -8.48 -5.13
CA ARG C 19 9.44 -7.22 -4.69
C ARG C 19 8.29 -6.38 -4.14
N ILE C 20 7.18 -6.40 -4.88
CA ILE C 20 5.97 -5.71 -4.48
C ILE C 20 5.47 -6.21 -3.12
N ASP C 21 5.46 -7.53 -2.97
CA ASP C 21 5.07 -8.13 -1.69
C ASP C 21 6.06 -7.75 -0.60
N GLU C 22 7.34 -7.75 -0.95
CA GLU C 22 8.38 -7.28 -0.03
C GLU C 22 8.13 -5.84 0.38
N LYS C 23 7.57 -5.05 -0.53
CA LYS C 23 7.29 -3.65 -0.26
C LYS C 23 6.12 -3.49 0.68
N LEU C 24 5.02 -4.19 0.41
CA LEU C 24 3.85 -4.12 1.27
C LEU C 24 4.12 -4.74 2.62
N SER C 25 5.09 -5.66 2.68
CA SER C 25 5.53 -6.19 3.95
C SER C 25 6.10 -5.07 4.82
N GLU C 26 6.51 -3.97 4.17
CA GLU C 26 6.97 -2.79 4.89
C GLU C 26 5.77 -1.94 5.23
N ILE C 27 4.93 -1.74 4.21
CA ILE C 27 3.75 -0.91 4.34
C ILE C 27 2.83 -1.46 5.42
N LEU C 28 2.46 -2.73 5.26
CA LEU C 28 1.61 -3.44 6.21
C LEU C 28 2.04 -3.20 7.65
N GLY C 29 3.32 -3.40 7.90
CA GLY C 29 3.85 -3.26 9.25
C GLY C 29 3.89 -1.82 9.68
N MET C 30 4.05 -0.92 8.72
CA MET C 30 4.11 0.50 9.00
C MET C 30 2.74 1.08 9.26
N LEU C 31 1.70 0.56 8.61
CA LEU C 31 0.36 1.03 8.91
C LEU C 31 -0.11 0.38 10.17
N HIS C 32 0.33 -0.85 10.39
CA HIS C 32 0.09 -1.51 11.67
C HIS C 32 0.60 -0.60 12.76
N THR C 33 1.74 -0.02 12.47
CA THR C 33 2.39 0.93 13.34
C THR C 33 1.56 2.21 13.45
N LEU C 34 0.99 2.63 12.32
CA LEU C 34 0.17 3.82 12.26
C LEU C 34 -1.18 3.59 12.93
N VAL C 35 -1.83 2.49 12.61
CA VAL C 35 -3.04 2.07 13.32
C VAL C 35 -2.80 2.00 14.82
N VAL C 36 -1.55 1.80 15.23
CA VAL C 36 -1.21 1.85 16.65
C VAL C 36 -1.04 3.29 17.13
N ALA C 37 -0.21 4.04 16.40
CA ALA C 37 0.08 5.42 16.75
C ALA C 37 -1.15 6.30 16.62
N SER C 38 -1.81 6.20 15.48
CA SER C 38 -3.00 6.95 15.18
C SER C 38 -4.20 6.43 15.96
N ALA C 39 -4.07 5.24 16.55
CA ALA C 39 -5.14 4.66 17.35
C ALA C 39 -5.61 5.61 18.45
N GLY C 40 -4.74 6.54 18.80
CA GLY C 40 -5.13 7.56 19.75
C GLY C 40 -4.07 7.86 20.79
N PRO C 41 -3.21 8.87 20.53
CA PRO C 41 -2.29 9.38 21.55
C PRO C 41 -3.05 9.96 22.73
N THR C 42 -3.99 10.84 22.40
CA THR C 42 -4.84 11.47 23.39
C THR C 42 -6.08 12.05 22.72
N SER C 43 -7.16 12.20 23.47
CA SER C 43 -8.40 12.78 22.96
C SER C 43 -8.95 11.94 21.80
N ALA C 44 -8.82 10.63 21.92
CA ALA C 44 -9.18 9.75 20.82
C ALA C 44 -9.82 8.47 21.32
N ARG C 45 -10.01 7.53 20.42
CA ARG C 45 -10.70 6.27 20.74
C ARG C 45 -9.78 5.32 21.51
N GLY D 7 1.22 -14.30 -26.82
CA GLY D 7 2.49 -14.29 -27.59
C GLY D 7 3.58 -13.54 -26.88
N SER D 8 3.98 -12.40 -27.43
CA SER D 8 5.01 -11.58 -26.82
C SER D 8 4.46 -10.82 -25.62
N THR D 9 4.87 -11.24 -24.44
CA THR D 9 4.39 -10.64 -23.21
C THR D 9 5.49 -10.68 -22.14
N ASN D 10 5.10 -10.87 -20.88
CA ASN D 10 5.98 -10.78 -19.73
C ASN D 10 6.32 -9.32 -19.45
N ASP D 11 6.98 -8.68 -20.41
CA ASP D 11 7.35 -7.28 -20.29
C ASP D 11 6.10 -6.41 -20.26
N ASN D 12 5.01 -6.94 -20.79
CA ASN D 12 3.73 -6.24 -20.73
C ASN D 12 3.30 -6.14 -19.27
N ILE D 13 3.58 -7.19 -18.52
CA ILE D 13 3.22 -7.27 -17.12
C ILE D 13 4.20 -6.46 -16.30
N THR D 14 5.47 -6.68 -16.55
CA THR D 14 6.53 -6.01 -15.83
C THR D 14 6.49 -4.50 -16.07
N ALA D 15 5.79 -4.08 -17.11
CA ALA D 15 5.58 -2.67 -17.41
C ALA D 15 4.41 -2.13 -16.60
N ARG D 16 3.56 -3.04 -16.14
CA ARG D 16 2.35 -2.70 -15.40
C ARG D 16 2.67 -2.70 -13.92
N LEU D 17 3.40 -3.72 -13.54
CA LEU D 17 3.80 -3.92 -12.18
C LEU D 17 4.93 -2.96 -11.82
N ASP D 18 5.53 -2.36 -12.86
CA ASP D 18 6.54 -1.35 -12.67
C ASP D 18 5.85 -0.11 -12.14
N ARG D 19 4.59 -0.01 -12.51
CA ARG D 19 3.76 1.12 -12.14
C ARG D 19 3.32 0.95 -10.71
N ILE D 20 2.93 -0.28 -10.37
CA ILE D 20 2.54 -0.63 -9.02
C ILE D 20 3.68 -0.37 -8.04
N ASP D 21 4.89 -0.79 -8.42
CA ASP D 21 6.07 -0.54 -7.58
C ASP D 21 6.33 0.96 -7.48
N GLU D 22 6.18 1.66 -8.60
CA GLU D 22 6.28 3.11 -8.61
C GLU D 22 5.26 3.74 -7.66
N LYS D 23 4.10 3.11 -7.52
CA LYS D 23 3.05 3.61 -6.65
C LYS D 23 3.41 3.40 -5.18
N LEU D 24 3.84 2.19 -4.84
CA LEU D 24 4.22 1.91 -3.46
C LEU D 24 5.46 2.66 -3.07
N SER D 25 6.27 3.02 -4.04
CA SER D 25 7.41 3.89 -3.78
C SER D 25 6.94 5.23 -3.25
N GLU D 26 5.68 5.56 -3.53
CA GLU D 26 5.07 6.77 -2.99
C GLU D 26 4.50 6.46 -1.63
N ILE D 27 3.78 5.34 -1.58
CA ILE D 27 3.12 4.90 -0.36
C ILE D 27 4.14 4.68 0.74
N LEU D 28 5.13 3.84 0.45
CA LEU D 28 6.22 3.52 1.36
C LEU D 28 6.79 4.77 2.01
N GLY D 29 7.10 5.76 1.19
CA GLY D 29 7.71 6.98 1.68
C GLY D 29 6.72 7.82 2.44
N MET D 30 5.46 7.71 2.08
CA MET D 30 4.41 8.46 2.71
C MET D 30 4.03 7.87 4.06
N LEU D 31 4.10 6.56 4.21
CA LEU D 31 3.84 5.96 5.50
C LEU D 31 5.05 6.13 6.36
N HIS D 32 6.22 6.09 5.74
CA HIS D 32 7.46 6.43 6.44
C HIS D 32 7.27 7.79 7.08
N THR D 33 6.65 8.65 6.30
CA THR D 33 6.31 10.00 6.72
C THR D 33 5.27 9.97 7.84
N LEU D 34 4.32 9.06 7.71
CA LEU D 34 3.25 8.90 8.69
C LEU D 34 3.77 8.26 9.96
N VAL D 35 4.54 7.18 9.83
CA VAL D 35 5.25 6.58 10.95
C VAL D 35 6.09 7.62 11.68
N VAL D 36 6.52 8.67 10.97
CA VAL D 36 7.23 9.78 11.61
C VAL D 36 6.27 10.74 12.29
N ALA D 37 5.26 11.18 11.55
CA ALA D 37 4.27 12.12 12.05
C ALA D 37 3.44 11.51 13.18
N SER D 38 2.92 10.33 12.90
CA SER D 38 2.09 9.60 13.83
C SER D 38 2.93 9.02 14.97
N ALA D 39 4.25 9.00 14.80
CA ALA D 39 5.15 8.49 15.83
C ALA D 39 4.92 9.19 17.16
N GLY D 40 4.34 10.37 17.11
CA GLY D 40 3.96 11.05 18.33
C GLY D 40 4.27 12.53 18.32
N PRO D 41 3.31 13.37 17.92
CA PRO D 41 3.42 14.83 18.07
C PRO D 41 3.54 15.22 19.53
N THR D 42 2.62 14.69 20.33
CA THR D 42 2.60 14.93 21.75
C THR D 42 1.72 13.88 22.43
N SER D 43 1.98 13.61 23.71
CA SER D 43 1.19 12.65 24.49
C SER D 43 1.28 11.26 23.88
N ALA D 44 2.45 10.91 23.38
CA ALA D 44 2.60 9.67 22.66
C ALA D 44 3.94 9.02 22.94
N ARG D 45 4.27 7.98 22.18
CA ARG D 45 5.49 7.21 22.39
C ARG D 45 6.72 7.94 21.85
N GLY A 7 -2.20 -22.12 -20.74
CA GLY A 7 -3.39 -21.43 -21.27
C GLY A 7 -3.04 -20.11 -21.93
N SER A 8 -4.05 -19.41 -22.43
CA SER A 8 -3.85 -18.13 -23.07
C SER A 8 -3.33 -17.10 -22.07
N THR A 9 -3.95 -17.07 -20.90
CA THR A 9 -3.56 -16.21 -19.79
C THR A 9 -3.31 -14.75 -20.22
N ASN A 10 -2.44 -14.05 -19.49
CA ASN A 10 -2.17 -12.63 -19.67
C ASN A 10 -3.29 -11.80 -19.08
N ASP A 11 -4.47 -11.88 -19.66
CA ASP A 11 -5.62 -11.12 -19.19
C ASP A 11 -6.07 -11.60 -17.82
N ASN A 12 -5.63 -12.80 -17.46
CA ASN A 12 -5.87 -13.33 -16.13
C ASN A 12 -4.99 -12.59 -15.13
N ILE A 13 -3.87 -12.08 -15.62
CA ILE A 13 -2.95 -11.31 -14.79
C ILE A 13 -3.40 -9.86 -14.74
N THR A 14 -3.56 -9.29 -15.93
CA THR A 14 -3.98 -7.91 -16.11
C THR A 14 -5.32 -7.63 -15.42
N ALA A 15 -6.03 -8.69 -15.11
CA ALA A 15 -7.32 -8.60 -14.44
C ALA A 15 -7.15 -8.33 -12.95
N ARG A 16 -6.03 -8.77 -12.39
CA ARG A 16 -5.83 -8.68 -10.95
C ARG A 16 -5.09 -7.40 -10.65
N LEU A 17 -4.15 -7.12 -11.52
CA LEU A 17 -3.27 -5.99 -11.37
C LEU A 17 -3.98 -4.71 -11.72
N ASP A 18 -5.07 -4.84 -12.47
CA ASP A 18 -5.87 -3.68 -12.83
C ASP A 18 -6.66 -3.25 -11.62
N ARG A 19 -6.75 -4.18 -10.68
CA ARG A 19 -7.42 -3.95 -9.41
C ARG A 19 -6.43 -3.34 -8.44
N ILE A 20 -5.24 -3.91 -8.40
CA ILE A 20 -4.18 -3.42 -7.53
C ILE A 20 -3.91 -1.94 -7.77
N ASP A 21 -3.75 -1.57 -9.04
CA ASP A 21 -3.54 -0.18 -9.43
C ASP A 21 -4.68 0.69 -8.95
N GLU A 22 -5.89 0.19 -9.13
CA GLU A 22 -7.09 0.84 -8.61
C GLU A 22 -7.00 1.07 -7.10
N LYS A 23 -6.51 0.06 -6.39
CA LYS A 23 -6.41 0.10 -4.94
C LYS A 23 -5.24 0.97 -4.49
N LEU A 24 -4.09 0.82 -5.11
CA LEU A 24 -2.92 1.61 -4.72
C LEU A 24 -3.14 3.09 -4.98
N SER A 25 -3.90 3.40 -6.02
CA SER A 25 -4.28 4.78 -6.29
C SER A 25 -5.20 5.28 -5.19
N GLU A 26 -5.95 4.35 -4.62
CA GLU A 26 -6.86 4.61 -3.55
C GLU A 26 -6.09 4.74 -2.24
N ILE A 27 -5.11 3.87 -2.06
CA ILE A 27 -4.22 3.92 -0.91
C ILE A 27 -3.42 5.21 -0.95
N LEU A 28 -2.77 5.44 -2.08
CA LEU A 28 -1.94 6.63 -2.29
C LEU A 28 -2.64 7.89 -1.85
N GLY A 29 -3.83 8.11 -2.39
CA GLY A 29 -4.58 9.30 -2.08
C GLY A 29 -5.01 9.31 -0.63
N MET A 30 -5.17 8.13 -0.09
CA MET A 30 -5.58 7.97 1.29
C MET A 30 -4.43 8.23 2.27
N LEU A 31 -3.20 7.88 1.91
CA LEU A 31 -2.08 8.21 2.78
C LEU A 31 -1.73 9.65 2.54
N HIS A 32 -1.95 10.13 1.34
CA HIS A 32 -1.83 11.55 1.04
C HIS A 32 -2.73 12.30 2.00
N THR A 33 -3.90 11.71 2.19
CA THR A 33 -4.89 12.21 3.12
C THR A 33 -4.35 12.13 4.56
N LEU A 34 -3.63 11.05 4.83
CA LEU A 34 -3.03 10.83 6.12
C LEU A 34 -1.85 11.75 6.35
N VAL A 35 -0.93 11.81 5.39
CA VAL A 35 0.16 12.79 5.42
C VAL A 35 -0.37 14.21 5.65
N VAL A 36 -1.61 14.46 5.27
CA VAL A 36 -2.22 15.76 5.53
C VAL A 36 -2.73 15.85 6.96
N ALA A 37 -3.53 14.88 7.37
CA ALA A 37 -4.11 14.86 8.71
C ALA A 37 -3.03 14.67 9.76
N SER A 38 -2.05 13.86 9.44
CA SER A 38 -0.96 13.53 10.34
C SER A 38 0.10 14.64 10.31
N ALA A 39 -0.01 15.54 9.35
CA ALA A 39 0.87 16.70 9.27
C ALA A 39 0.48 17.76 10.31
N GLY A 40 -0.48 17.40 11.14
CA GLY A 40 -1.00 18.31 12.14
C GLY A 40 -0.58 18.00 13.58
N PRO A 41 -1.03 16.86 14.16
CA PRO A 41 -0.95 16.52 15.59
C PRO A 41 0.19 17.20 16.37
N THR A 42 1.38 16.65 16.29
CA THR A 42 2.53 17.20 17.00
C THR A 42 3.37 18.01 16.05
N SER A 43 2.71 18.62 15.08
CA SER A 43 3.37 19.34 14.02
C SER A 43 3.16 20.84 14.16
N ALA A 44 3.50 21.59 13.12
CA ALA A 44 3.32 23.04 13.09
C ALA A 44 4.16 23.71 14.17
N ARG A 45 5.42 23.29 14.27
CA ARG A 45 6.34 23.85 15.25
C ARG A 45 7.74 24.02 14.65
N GLY B 7 7.74 -22.35 -19.11
CA GLY B 7 6.87 -23.26 -18.33
C GLY B 7 5.42 -22.89 -18.47
N SER B 8 4.55 -23.66 -17.81
CA SER B 8 3.12 -23.40 -17.86
C SER B 8 2.78 -22.04 -17.25
N THR B 9 3.38 -21.77 -16.09
CA THR B 9 3.23 -20.50 -15.37
C THR B 9 1.77 -20.03 -15.29
N ASN B 10 1.58 -18.72 -15.20
CA ASN B 10 0.26 -18.09 -14.98
C ASN B 10 -0.12 -18.20 -13.52
N ASP B 11 -0.37 -19.44 -13.07
CA ASP B 11 -0.78 -19.66 -11.69
C ASP B 11 0.35 -19.35 -10.73
N ASN B 12 1.56 -19.27 -11.26
CA ASN B 12 2.71 -18.84 -10.48
C ASN B 12 2.63 -17.34 -10.23
N ILE B 13 1.93 -16.65 -11.13
CA ILE B 13 1.71 -15.21 -11.00
C ILE B 13 0.51 -14.96 -10.12
N THR B 14 -0.60 -15.58 -10.50
CA THR B 14 -1.87 -15.44 -9.80
C THR B 14 -1.76 -15.90 -8.35
N ALA B 15 -0.66 -16.58 -8.03
CA ALA B 15 -0.40 -17.07 -6.70
C ALA B 15 0.17 -15.97 -5.82
N ARG B 16 0.80 -14.97 -6.43
CA ARG B 16 1.50 -13.95 -5.69
C ARG B 16 0.60 -12.75 -5.56
N LEU B 17 -0.10 -12.51 -6.65
CA LEU B 17 -0.98 -11.37 -6.75
C LEU B 17 -2.25 -11.60 -5.98
N ASP B 18 -2.55 -12.87 -5.72
CA ASP B 18 -3.74 -13.21 -4.94
C ASP B 18 -3.45 -12.89 -3.49
N ARG B 19 -2.17 -12.72 -3.21
CA ARG B 19 -1.70 -12.35 -1.89
C ARG B 19 -1.70 -10.84 -1.77
N ILE B 20 -1.18 -10.19 -2.80
CA ILE B 20 -1.13 -8.74 -2.86
C ILE B 20 -2.52 -8.14 -2.65
N ASP B 21 -3.49 -8.65 -3.39
CA ASP B 21 -4.87 -8.20 -3.26
C ASP B 21 -5.36 -8.38 -1.83
N GLU B 22 -5.05 -9.53 -1.26
CA GLU B 22 -5.34 -9.82 0.13
C GLU B 22 -4.73 -8.78 1.05
N LYS B 23 -3.50 -8.38 0.76
CA LYS B 23 -2.77 -7.44 1.58
C LYS B 23 -3.24 -6.01 1.35
N LEU B 24 -3.45 -5.63 0.10
CA LEU B 24 -3.89 -4.26 -0.19
C LEU B 24 -5.29 -4.02 0.34
N SER B 25 -6.12 -5.05 0.37
CA SER B 25 -7.42 -4.96 0.99
C SER B 25 -7.27 -4.76 2.49
N GLU B 26 -6.19 -5.30 3.02
CA GLU B 26 -5.86 -5.21 4.41
C GLU B 26 -5.27 -3.83 4.70
N ILE B 27 -4.43 -3.36 3.78
CA ILE B 27 -3.85 -2.03 3.86
C ILE B 27 -4.96 -0.98 3.75
N LEU B 28 -5.76 -1.12 2.69
CA LEU B 28 -6.86 -0.21 2.41
C LEU B 28 -7.71 0.03 3.64
N GLY B 29 -8.18 -1.04 4.24
CA GLY B 29 -9.04 -0.94 5.41
C GLY B 29 -8.29 -0.36 6.58
N MET B 30 -6.99 -0.60 6.58
CA MET B 30 -6.13 -0.13 7.64
C MET B 30 -5.82 1.36 7.52
N LEU B 31 -5.71 1.88 6.30
CA LEU B 31 -5.52 3.32 6.14
C LEU B 31 -6.86 3.99 6.29
N HIS B 32 -7.90 3.28 5.90
CA HIS B 32 -9.26 3.73 6.16
C HIS B 32 -9.40 3.95 7.65
N THR B 33 -8.82 3.02 8.37
CA THR B 33 -8.76 3.07 9.82
C THR B 33 -7.92 4.27 10.27
N LEU B 34 -6.86 4.53 9.52
CA LEU B 34 -5.98 5.65 9.81
C LEU B 34 -6.63 6.97 9.43
N VAL B 35 -7.19 7.06 8.23
CA VAL B 35 -8.00 8.22 7.85
C VAL B 35 -9.07 8.53 8.88
N VAL B 36 -9.50 7.52 9.62
CA VAL B 36 -10.47 7.74 10.70
C VAL B 36 -9.79 8.27 11.95
N ALA B 37 -8.75 7.57 12.40
CA ALA B 37 -8.03 7.97 13.60
C ALA B 37 -7.30 9.28 13.41
N SER B 38 -6.78 9.48 12.21
CA SER B 38 -6.02 10.65 11.86
C SER B 38 -6.96 11.81 11.50
N ALA B 39 -8.25 11.50 11.34
CA ALA B 39 -9.27 12.51 11.10
C ALA B 39 -9.61 13.25 12.38
N GLY B 40 -8.88 12.94 13.44
CA GLY B 40 -9.13 13.52 14.74
C GLY B 40 -8.10 14.56 15.20
N PRO B 41 -6.82 14.16 15.44
CA PRO B 41 -5.79 14.95 16.11
C PRO B 41 -5.94 16.47 16.03
N THR B 42 -5.49 17.06 14.94
CA THR B 42 -5.58 18.50 14.76
C THR B 42 -6.76 18.85 13.88
N SER B 43 -7.80 18.03 13.99
CA SER B 43 -8.97 18.12 13.15
C SER B 43 -10.16 18.63 13.94
N ALA B 44 -11.35 18.54 13.34
CA ALA B 44 -12.60 18.94 13.98
C ALA B 44 -12.59 20.44 14.28
N ARG B 45 -12.17 21.22 13.30
CA ARG B 45 -12.12 22.67 13.44
C ARG B 45 -12.57 23.35 12.16
N GLY C 7 8.95 -14.41 -25.21
CA GLY C 7 10.12 -14.92 -24.45
C GLY C 7 9.71 -15.91 -23.38
N SER C 8 10.68 -16.42 -22.63
CA SER C 8 10.41 -17.37 -21.56
C SER C 8 9.58 -16.72 -20.46
N THR C 9 9.97 -15.51 -20.08
CA THR C 9 9.27 -14.70 -19.08
C THR C 9 8.91 -15.50 -17.83
N ASN C 10 7.83 -15.08 -17.15
CA ASN C 10 7.39 -15.63 -15.87
C ASN C 10 8.26 -15.09 -14.74
N ASP C 11 9.53 -15.47 -14.74
CA ASP C 11 10.45 -15.03 -13.69
C ASP C 11 10.71 -13.55 -13.80
N ASN C 12 10.39 -12.98 -14.96
CA ASN C 12 10.46 -11.54 -15.14
C ASN C 12 9.32 -10.87 -14.38
N ILE C 13 8.25 -11.61 -14.18
CA ILE C 13 7.10 -11.14 -13.43
C ILE C 13 7.33 -11.36 -11.95
N THR C 14 7.62 -12.62 -11.63
CA THR C 14 7.86 -13.05 -10.25
C THR C 14 9.02 -12.30 -9.61
N ALA C 15 9.78 -11.60 -10.44
CA ALA C 15 10.91 -10.81 -9.99
C ALA C 15 10.46 -9.45 -9.46
N ARG C 16 9.30 -8.99 -9.92
CA ARG C 16 8.84 -7.66 -9.58
C ARG C 16 7.87 -7.77 -8.44
N LEU C 17 7.08 -8.80 -8.51
CA LEU C 17 6.05 -9.05 -7.55
C LEU C 17 6.63 -9.58 -6.25
N ASP C 18 7.83 -10.12 -6.35
CA ASP C 18 8.51 -10.63 -5.17
C ASP C 18 9.02 -9.46 -4.37
N ARG C 19 9.05 -8.31 -5.04
CA ARG C 19 9.44 -7.06 -4.45
C ARG C 19 8.23 -6.40 -3.82
N ILE C 20 7.14 -6.41 -4.58
CA ILE C 20 5.88 -5.83 -4.11
C ILE C 20 5.46 -6.46 -2.79
N ASP C 21 5.48 -7.79 -2.74
CA ASP C 21 5.14 -8.52 -1.52
C ASP C 21 6.05 -8.09 -0.37
N GLU C 22 7.33 -7.97 -0.67
CA GLU C 22 8.30 -7.46 0.28
C GLU C 22 7.91 -6.08 0.78
N LYS C 23 7.46 -5.23 -0.13
CA LYS C 23 7.09 -3.86 0.21
C LYS C 23 5.77 -3.79 0.92
N LEU C 24 4.77 -4.52 0.45
CA LEU C 24 3.45 -4.49 1.08
C LEU C 24 3.50 -5.06 2.48
N SER C 25 4.37 -6.02 2.71
CA SER C 25 4.60 -6.55 4.05
C SER C 25 5.24 -5.49 4.92
N GLU C 26 5.99 -4.61 4.28
CA GLU C 26 6.65 -3.52 4.92
C GLU C 26 5.65 -2.40 5.18
N ILE C 27 4.78 -2.16 4.20
CA ILE C 27 3.71 -1.19 4.34
C ILE C 27 2.75 -1.64 5.42
N LEU C 28 2.28 -2.87 5.30
CA LEU C 28 1.35 -3.48 6.24
C LEU C 28 1.77 -3.25 7.68
N GLY C 29 3.00 -3.65 7.99
CA GLY C 29 3.50 -3.53 9.33
C GLY C 29 3.66 -2.09 9.72
N MET C 30 3.89 -1.25 8.72
CA MET C 30 4.07 0.17 8.93
C MET C 30 2.75 0.89 9.18
N LEU C 31 1.66 0.44 8.55
CA LEU C 31 0.37 1.04 8.85
C LEU C 31 -0.15 0.44 10.12
N HIS C 32 0.22 -0.80 10.37
CA HIS C 32 -0.05 -1.44 11.65
C HIS C 32 0.55 -0.57 12.72
N THR C 33 1.74 -0.09 12.42
CA THR C 33 2.46 0.82 13.27
C THR C 33 1.70 2.14 13.39
N LEU C 34 1.11 2.56 12.29
CA LEU C 34 0.32 3.78 12.24
C LEU C 34 -1.00 3.61 12.96
N VAL C 35 -1.74 2.54 12.66
CA VAL C 35 -2.94 2.19 13.41
C VAL C 35 -2.67 2.16 14.92
N VAL C 36 -1.43 1.90 15.31
CA VAL C 36 -1.06 1.94 16.72
C VAL C 36 -0.84 3.37 17.19
N ALA C 37 0.01 4.09 16.48
CA ALA C 37 0.33 5.47 16.85
C ALA C 37 -0.87 6.38 16.69
N SER C 38 -1.66 6.12 15.66
CA SER C 38 -2.83 6.90 15.35
C SER C 38 -4.01 6.47 16.21
N ALA C 39 -3.87 5.35 16.90
CA ALA C 39 -4.87 4.87 17.85
C ALA C 39 -4.82 5.67 19.15
N GLY C 40 -3.99 6.69 19.14
CA GLY C 40 -3.79 7.51 20.33
C GLY C 40 -4.41 8.91 20.27
N PRO C 41 -3.91 9.81 19.36
CA PRO C 41 -4.20 11.25 19.32
C PRO C 41 -5.54 11.69 19.93
N THR C 42 -6.61 11.57 19.17
CA THR C 42 -7.93 11.97 19.65
C THR C 42 -8.70 10.73 20.09
N SER C 43 -7.96 9.75 20.58
CA SER C 43 -8.52 8.47 20.93
C SER C 43 -8.54 8.28 22.45
N ALA C 44 -8.81 7.05 22.88
CA ALA C 44 -8.85 6.70 24.30
C ALA C 44 -9.95 7.46 25.02
N ARG C 45 -11.13 7.48 24.41
CA ARG C 45 -12.27 8.17 24.98
C ARG C 45 -13.55 7.35 24.77
N GLY D 7 -0.96 -14.15 -26.89
CA GLY D 7 -0.11 -13.07 -27.44
C GLY D 7 1.28 -13.10 -26.86
N SER D 8 2.12 -12.17 -27.28
CA SER D 8 3.49 -12.09 -26.79
C SER D 8 3.51 -11.78 -25.30
N THR D 9 2.70 -10.80 -24.91
CA THR D 9 2.52 -10.39 -23.51
C THR D 9 3.87 -10.21 -22.76
N ASN D 10 3.85 -10.41 -21.45
CA ASN D 10 4.99 -10.17 -20.57
C ASN D 10 5.13 -8.69 -20.30
N ASP D 11 5.47 -7.93 -21.33
CA ASP D 11 5.67 -6.49 -21.20
C ASP D 11 4.36 -5.80 -20.90
N ASN D 12 3.26 -6.49 -21.17
CA ASN D 12 1.94 -6.00 -20.79
C ASN D 12 1.75 -6.10 -19.29
N ILE D 13 2.48 -7.03 -18.68
CA ILE D 13 2.46 -7.22 -17.24
C ILE D 13 3.43 -6.26 -16.59
N THR D 14 4.68 -6.34 -17.06
CA THR D 14 5.77 -5.52 -16.55
C THR D 14 5.48 -4.03 -16.71
N ALA D 15 4.47 -3.72 -17.49
CA ALA D 15 4.05 -2.34 -17.74
C ALA D 15 3.17 -1.83 -16.59
N ARG D 16 2.52 -2.75 -15.89
CA ARG D 16 1.56 -2.36 -14.87
C ARG D 16 2.24 -2.41 -13.53
N LEU D 17 3.07 -3.41 -13.40
CA LEU D 17 3.77 -3.67 -12.17
C LEU D 17 4.92 -2.70 -11.99
N ASP D 18 5.35 -2.09 -13.10
CA ASP D 18 6.42 -1.11 -13.05
C ASP D 18 5.85 0.17 -12.48
N ARG D 19 4.53 0.23 -12.50
CA ARG D 19 3.79 1.35 -11.96
C ARG D 19 3.54 1.11 -10.49
N ILE D 20 3.12 -0.12 -10.17
CA ILE D 20 2.86 -0.51 -8.80
C ILE D 20 4.09 -0.26 -7.93
N ASP D 21 5.24 -0.71 -8.40
CA ASP D 21 6.50 -0.51 -7.68
C ASP D 21 6.76 0.97 -7.47
N GLU D 22 6.52 1.74 -8.51
CA GLU D 22 6.60 3.20 -8.45
C GLU D 22 5.69 3.75 -7.35
N LYS D 23 4.48 3.21 -7.27
CA LYS D 23 3.49 3.67 -6.31
C LYS D 23 3.79 3.18 -4.91
N LEU D 24 4.15 1.92 -4.76
CA LEU D 24 4.44 1.37 -3.44
C LEU D 24 5.66 2.03 -2.83
N SER D 25 6.61 2.41 -3.67
CA SER D 25 7.77 3.16 -3.21
C SER D 25 7.33 4.54 -2.74
N GLU D 26 6.26 5.03 -3.35
CA GLU D 26 5.68 6.29 -3.03
C GLU D 26 4.85 6.16 -1.75
N ILE D 27 4.13 5.06 -1.64
CA ILE D 27 3.36 4.75 -0.44
C ILE D 27 4.30 4.54 0.72
N LEU D 28 5.28 3.66 0.53
CA LEU D 28 6.28 3.34 1.54
C LEU D 28 6.85 4.58 2.20
N GLY D 29 7.37 5.47 1.36
CA GLY D 29 7.98 6.68 1.87
C GLY D 29 6.96 7.57 2.53
N MET D 30 5.73 7.46 2.06
CA MET D 30 4.64 8.25 2.59
C MET D 30 4.15 7.74 3.93
N LEU D 31 4.16 6.42 4.16
CA LEU D 31 3.80 5.92 5.47
C LEU D 31 4.98 6.08 6.37
N HIS D 32 6.18 6.02 5.81
CA HIS D 32 7.39 6.35 6.56
C HIS D 32 7.22 7.74 7.10
N THR D 33 6.67 8.58 6.24
CA THR D 33 6.35 9.95 6.59
C THR D 33 5.28 9.99 7.68
N LEU D 34 4.34 9.07 7.59
CA LEU D 34 3.26 8.95 8.56
C LEU D 34 3.78 8.38 9.87
N VAL D 35 4.52 7.28 9.81
CA VAL D 35 5.19 6.73 10.99
C VAL D 35 6.01 7.81 11.70
N VAL D 36 6.46 8.82 10.96
CA VAL D 36 7.18 9.93 11.57
C VAL D 36 6.22 10.92 12.22
N ALA D 37 5.23 11.37 11.46
CA ALA D 37 4.26 12.34 11.95
C ALA D 37 3.39 11.75 13.05
N SER D 38 3.07 10.48 12.88
CA SER D 38 2.21 9.75 13.81
C SER D 38 3.02 9.28 15.01
N ALA D 39 4.35 9.36 14.91
CA ALA D 39 5.24 9.04 16.02
C ALA D 39 5.25 10.15 17.06
N GLY D 40 4.39 11.13 16.85
CA GLY D 40 4.32 12.28 17.72
C GLY D 40 3.10 12.35 18.64
N PRO D 41 1.86 12.49 18.07
CA PRO D 41 0.62 12.81 18.77
C PRO D 41 0.56 12.40 20.25
N THR D 42 0.23 11.14 20.51
CA THR D 42 0.13 10.65 21.87
C THR D 42 1.39 9.88 22.23
N SER D 43 2.50 10.33 21.65
CA SER D 43 3.76 9.65 21.78
C SER D 43 4.72 10.47 22.65
N ALA D 44 6.00 10.07 22.64
CA ALA D 44 7.04 10.76 23.41
C ALA D 44 6.76 10.69 24.91
N ARG D 45 6.40 9.51 25.37
CA ARG D 45 6.12 9.29 26.77
C ARG D 45 6.66 7.94 27.25
N GLY A 7 -5.43 -20.34 -21.60
CA GLY A 7 -4.81 -19.93 -22.89
C GLY A 7 -5.09 -18.47 -23.18
N SER A 8 -4.16 -17.83 -23.90
CA SER A 8 -4.27 -16.42 -24.25
C SER A 8 -4.39 -15.57 -22.99
N THR A 9 -3.27 -15.39 -22.31
CA THR A 9 -3.25 -14.68 -21.05
C THR A 9 -2.62 -13.30 -21.21
N ASN A 10 -1.85 -12.87 -20.20
CA ASN A 10 -1.26 -11.53 -20.13
C ASN A 10 -2.28 -10.54 -19.63
N ASP A 11 -3.33 -10.32 -20.41
CA ASP A 11 -4.39 -9.41 -20.00
C ASP A 11 -5.18 -10.03 -18.85
N ASN A 12 -5.02 -11.33 -18.66
CA ASN A 12 -5.61 -12.01 -17.51
C ASN A 12 -4.82 -11.67 -16.25
N ILE A 13 -3.57 -11.25 -16.43
CA ILE A 13 -2.76 -10.77 -15.33
C ILE A 13 -3.06 -9.31 -15.09
N THR A 14 -2.94 -8.55 -16.16
CA THR A 14 -3.12 -7.11 -16.12
C THR A 14 -4.52 -6.73 -15.62
N ALA A 15 -5.44 -7.68 -15.73
CA ALA A 15 -6.81 -7.50 -15.25
C ALA A 15 -6.86 -7.59 -13.73
N ARG A 16 -5.91 -8.31 -13.14
CA ARG A 16 -5.89 -8.52 -11.71
C ARG A 16 -5.04 -7.46 -11.05
N LEU A 17 -3.98 -7.11 -11.75
CA LEU A 17 -3.07 -6.08 -11.30
C LEU A 17 -3.70 -4.72 -11.51
N ASP A 18 -4.72 -4.68 -12.37
CA ASP A 18 -5.49 -3.46 -12.57
C ASP A 18 -6.25 -3.18 -11.31
N ARG A 19 -6.58 -4.26 -10.61
CA ARG A 19 -7.32 -4.20 -9.39
C ARG A 19 -6.41 -3.67 -8.30
N ILE A 20 -5.23 -4.24 -8.24
CA ILE A 20 -4.18 -3.77 -7.34
C ILE A 20 -3.99 -2.28 -7.48
N ASP A 21 -3.77 -1.84 -8.71
CA ASP A 21 -3.50 -0.44 -9.01
C ASP A 21 -4.68 0.43 -8.66
N GLU A 22 -5.86 -0.08 -8.93
CA GLU A 22 -7.09 0.55 -8.47
C GLU A 22 -7.10 0.70 -6.95
N LYS A 23 -6.57 -0.30 -6.26
CA LYS A 23 -6.47 -0.26 -4.81
C LYS A 23 -5.38 0.72 -4.37
N LEU A 24 -4.26 0.72 -5.10
CA LEU A 24 -3.18 1.66 -4.86
C LEU A 24 -3.73 3.06 -4.89
N SER A 25 -4.53 3.31 -5.91
CA SER A 25 -5.17 4.60 -6.11
C SER A 25 -5.98 5.01 -4.88
N GLU A 26 -6.45 4.03 -4.13
CA GLU A 26 -7.17 4.31 -2.89
C GLU A 26 -6.18 4.63 -1.81
N ILE A 27 -5.22 3.72 -1.65
CA ILE A 27 -4.20 3.84 -0.62
C ILE A 27 -3.44 5.15 -0.79
N LEU A 28 -2.92 5.35 -1.99
CA LEU A 28 -2.17 6.56 -2.33
C LEU A 28 -2.91 7.81 -1.88
N GLY A 29 -4.21 7.85 -2.17
CA GLY A 29 -5.00 9.03 -1.85
C GLY A 29 -5.31 9.10 -0.38
N MET A 30 -5.39 7.95 0.26
CA MET A 30 -5.69 7.87 1.68
C MET A 30 -4.47 8.26 2.50
N LEU A 31 -3.27 7.93 2.03
CA LEU A 31 -2.08 8.35 2.75
C LEU A 31 -1.83 9.79 2.44
N HIS A 32 -2.18 10.21 1.23
CA HIS A 32 -2.15 11.63 0.88
C HIS A 32 -2.94 12.37 1.93
N THR A 33 -4.05 11.75 2.27
CA THR A 33 -4.95 12.26 3.28
C THR A 33 -4.32 12.20 4.67
N LEU A 34 -3.61 11.11 4.93
CA LEU A 34 -2.93 10.89 6.20
C LEU A 34 -1.71 11.77 6.33
N VAL A 35 -0.86 11.78 5.32
CA VAL A 35 0.25 12.70 5.23
C VAL A 35 -0.20 14.17 5.40
N VAL A 36 -1.48 14.43 5.14
CA VAL A 36 -2.03 15.74 5.45
C VAL A 36 -2.45 15.83 6.93
N ALA A 37 -3.26 14.88 7.35
CA ALA A 37 -3.80 14.86 8.71
C ALA A 37 -2.69 14.68 9.74
N SER A 38 -1.87 13.68 9.51
CA SER A 38 -0.76 13.35 10.38
C SER A 38 0.35 14.39 10.29
N ALA A 39 0.36 15.16 9.20
CA ALA A 39 1.35 16.23 9.00
C ALA A 39 1.36 17.20 10.19
N GLY A 40 0.31 17.17 10.97
CA GLY A 40 0.25 17.97 12.16
C GLY A 40 -1.17 18.33 12.57
N PRO A 41 -1.86 17.44 13.29
CA PRO A 41 -3.18 17.73 13.84
C PRO A 41 -3.17 19.02 14.65
N THR A 42 -2.27 19.06 15.62
CA THR A 42 -2.03 20.25 16.40
C THR A 42 -0.56 20.66 16.30
N SER A 43 0.30 19.73 16.67
CA SER A 43 1.74 19.88 16.54
C SER A 43 2.32 18.58 16.04
N ALA A 44 3.49 18.64 15.41
CA ALA A 44 4.22 17.45 14.99
C ALA A 44 5.41 17.79 14.11
N ARG A 45 6.43 16.95 14.17
CA ARG A 45 7.61 17.12 13.34
C ARG A 45 8.18 15.76 12.96
N GLY B 7 5.76 -24.46 -16.70
CA GLY B 7 4.73 -24.63 -17.74
C GLY B 7 3.33 -24.45 -17.19
N SER B 8 2.42 -23.99 -18.04
CA SER B 8 1.03 -23.73 -17.66
C SER B 8 0.98 -22.75 -16.49
N THR B 9 1.19 -21.49 -16.82
CA THR B 9 1.27 -20.46 -15.82
C THR B 9 0.01 -19.58 -15.83
N ASN B 10 0.18 -18.27 -15.63
CA ASN B 10 -0.91 -17.29 -15.50
C ASN B 10 -1.50 -17.35 -14.10
N ASP B 11 -2.10 -18.47 -13.75
CA ASP B 11 -2.65 -18.64 -12.41
C ASP B 11 -1.53 -18.75 -11.40
N ASN B 12 -0.33 -19.00 -11.88
CA ASN B 12 0.85 -18.98 -11.02
C ASN B 12 1.24 -17.54 -10.70
N ILE B 13 0.79 -16.60 -11.54
CA ILE B 13 0.98 -15.19 -11.28
C ILE B 13 -0.13 -14.70 -10.38
N THR B 14 -1.35 -14.99 -10.82
CA THR B 14 -2.55 -14.55 -10.14
C THR B 14 -2.61 -15.09 -8.71
N ALA B 15 -1.86 -16.16 -8.47
CA ALA B 15 -1.77 -16.77 -7.16
C ALA B 15 -0.87 -15.95 -6.24
N ARG B 16 0.01 -15.15 -6.82
CA ARG B 16 0.97 -14.38 -6.03
C ARG B 16 0.44 -12.97 -5.88
N LEU B 17 -0.24 -12.52 -6.91
CA LEU B 17 -0.86 -11.22 -6.91
C LEU B 17 -2.15 -11.28 -6.09
N ASP B 18 -2.62 -12.50 -5.85
CA ASP B 18 -3.76 -12.70 -4.99
C ASP B 18 -3.35 -12.37 -3.57
N ARG B 19 -2.07 -12.59 -3.33
CA ARG B 19 -1.47 -12.36 -2.04
C ARG B 19 -1.35 -10.87 -1.83
N ILE B 20 -0.82 -10.20 -2.86
CA ILE B 20 -0.74 -8.76 -2.88
C ILE B 20 -2.08 -8.14 -2.55
N ASP B 21 -3.10 -8.55 -3.28
CA ASP B 21 -4.45 -8.01 -3.13
C ASP B 21 -5.01 -8.31 -1.75
N GLU B 22 -4.72 -9.49 -1.28
CA GLU B 22 -5.01 -9.86 0.10
C GLU B 22 -4.34 -8.90 1.08
N LYS B 23 -3.12 -8.48 0.75
CA LYS B 23 -2.39 -7.53 1.56
C LYS B 23 -2.99 -6.13 1.42
N LEU B 24 -3.36 -5.78 0.18
CA LEU B 24 -4.03 -4.50 -0.09
C LEU B 24 -5.24 -4.38 0.79
N SER B 25 -5.98 -5.47 0.86
CA SER B 25 -7.20 -5.55 1.66
C SER B 25 -6.91 -5.23 3.13
N GLU B 26 -5.66 -5.48 3.55
CA GLU B 26 -5.26 -5.14 4.90
C GLU B 26 -4.94 -3.67 4.96
N ILE B 27 -4.08 -3.24 4.05
CA ILE B 27 -3.65 -1.85 3.99
C ILE B 27 -4.84 -0.94 3.83
N LEU B 28 -5.65 -1.21 2.81
CA LEU B 28 -6.84 -0.43 2.52
C LEU B 28 -7.67 -0.20 3.78
N GLY B 29 -7.87 -1.27 4.54
CA GLY B 29 -8.70 -1.19 5.73
C GLY B 29 -7.98 -0.50 6.86
N MET B 30 -6.66 -0.62 6.88
CA MET B 30 -5.84 0.00 7.90
C MET B 30 -5.73 1.49 7.68
N LEU B 31 -5.70 1.93 6.43
CA LEU B 31 -5.67 3.36 6.18
C LEU B 31 -7.06 3.90 6.34
N HIS B 32 -8.05 3.08 6.02
CA HIS B 32 -9.44 3.44 6.32
C HIS B 32 -9.51 3.78 7.78
N THR B 33 -8.82 2.97 8.54
CA THR B 33 -8.72 3.12 9.97
C THR B 33 -7.92 4.39 10.33
N LEU B 34 -6.86 4.63 9.58
CA LEU B 34 -6.00 5.79 9.79
C LEU B 34 -6.67 7.07 9.32
N VAL B 35 -7.23 7.05 8.12
CA VAL B 35 -8.05 8.16 7.62
C VAL B 35 -9.20 8.47 8.57
N VAL B 36 -9.56 7.53 9.44
CA VAL B 36 -10.51 7.81 10.51
C VAL B 36 -9.81 8.44 11.71
N ALA B 37 -8.78 7.75 12.20
CA ALA B 37 -8.05 8.19 13.39
C ALA B 37 -7.34 9.52 13.14
N SER B 38 -6.60 9.58 12.05
CA SER B 38 -5.85 10.76 11.66
C SER B 38 -6.79 11.87 11.21
N ALA B 39 -8.02 11.52 10.84
CA ALA B 39 -9.02 12.51 10.42
C ALA B 39 -9.22 13.60 11.47
N GLY B 40 -8.78 13.31 12.68
CA GLY B 40 -8.83 14.29 13.73
C GLY B 40 -8.93 13.67 15.11
N PRO B 41 -7.79 13.28 15.71
CA PRO B 41 -7.76 12.78 17.09
C PRO B 41 -8.42 13.76 18.04
N THR B 42 -7.95 15.00 17.99
CA THR B 42 -8.55 16.09 18.73
C THR B 42 -8.93 17.21 17.78
N SER B 43 -7.94 17.70 17.05
CA SER B 43 -8.13 18.69 16.00
C SER B 43 -7.30 18.31 14.82
N ALA B 44 -7.68 18.78 13.62
CA ALA B 44 -6.88 18.57 12.42
C ALA B 44 -7.63 19.03 11.18
N ARG B 45 -6.89 19.47 10.18
CA ARG B 45 -7.46 19.87 8.91
C ARG B 45 -6.50 19.54 7.78
N GLY C 7 12.03 -15.25 -23.12
CA GLY C 7 11.61 -16.67 -23.09
C GLY C 7 11.72 -17.26 -21.70
N SER C 8 10.86 -18.23 -21.41
CA SER C 8 10.83 -18.88 -20.10
C SER C 8 10.60 -17.84 -19.00
N THR C 9 9.36 -17.40 -18.89
CA THR C 9 9.02 -16.35 -17.96
C THR C 9 8.24 -16.92 -16.76
N ASN C 10 7.24 -16.16 -16.27
CA ASN C 10 6.47 -16.48 -15.07
C ASN C 10 7.23 -16.09 -13.83
N ASP C 11 8.37 -16.74 -13.60
CA ASP C 11 9.20 -16.40 -12.46
C ASP C 11 9.86 -15.06 -12.66
N ASN C 12 9.84 -14.59 -13.90
CA ASN C 12 10.31 -13.25 -14.21
C ASN C 12 9.26 -12.22 -13.77
N ILE C 13 8.02 -12.67 -13.62
CA ILE C 13 6.96 -11.83 -13.08
C ILE C 13 7.00 -11.90 -11.57
N THR C 14 6.97 -13.13 -11.08
CA THR C 14 6.95 -13.41 -9.66
C THR C 14 8.15 -12.81 -8.95
N ALA C 15 9.21 -12.56 -9.72
CA ALA C 15 10.43 -11.95 -9.21
C ALA C 15 10.23 -10.45 -8.98
N ARG C 16 9.27 -9.87 -9.67
CA ARG C 16 9.04 -8.43 -9.59
C ARG C 16 7.92 -8.16 -8.61
N LEU C 17 6.98 -9.08 -8.60
CA LEU C 17 5.87 -9.01 -7.68
C LEU C 17 6.32 -9.47 -6.30
N ASP C 18 7.47 -10.12 -6.26
CA ASP C 18 8.09 -10.50 -4.99
C ASP C 18 8.56 -9.24 -4.32
N ARG C 19 8.90 -8.28 -5.16
CA ARG C 19 9.41 -7.01 -4.71
C ARG C 19 8.26 -6.21 -4.14
N ILE C 20 7.16 -6.20 -4.88
CA ILE C 20 5.92 -5.60 -4.43
C ILE C 20 5.54 -6.11 -3.05
N ASP C 21 5.49 -7.42 -2.93
CA ASP C 21 5.08 -8.07 -1.70
C ASP C 21 6.04 -7.77 -0.57
N GLU C 22 7.31 -7.74 -0.91
CA GLU C 22 8.34 -7.28 0.00
C GLU C 22 8.06 -5.85 0.46
N LYS C 23 7.56 -5.02 -0.44
CA LYS C 23 7.20 -3.65 -0.12
C LYS C 23 5.92 -3.63 0.71
N LEU C 24 4.96 -4.48 0.36
CA LEU C 24 3.72 -4.62 1.13
C LEU C 24 4.07 -4.91 2.57
N SER C 25 5.01 -5.82 2.74
CA SER C 25 5.47 -6.24 4.06
C SER C 25 5.99 -5.03 4.85
N GLU C 26 6.44 -4.01 4.15
CA GLU C 26 6.88 -2.78 4.79
C GLU C 26 5.67 -1.96 5.15
N ILE C 27 4.84 -1.72 4.14
CA ILE C 27 3.65 -0.91 4.29
C ILE C 27 2.76 -1.49 5.37
N LEU C 28 2.43 -2.77 5.23
CA LEU C 28 1.60 -3.48 6.19
C LEU C 28 2.06 -3.24 7.62
N GLY C 29 3.36 -3.35 7.83
CA GLY C 29 3.91 -3.19 9.17
C GLY C 29 3.93 -1.75 9.60
N MET C 30 4.07 -0.86 8.63
CA MET C 30 4.11 0.57 8.90
C MET C 30 2.73 1.10 9.23
N LEU C 31 1.70 0.55 8.62
CA LEU C 31 0.35 0.97 8.96
C LEU C 31 -0.05 0.29 10.22
N HIS C 32 0.45 -0.92 10.44
CA HIS C 32 0.29 -1.59 11.73
C HIS C 32 0.76 -0.64 12.80
N THR C 33 1.87 -0.01 12.48
CA THR C 33 2.50 0.96 13.33
C THR C 33 1.63 2.23 13.45
N LEU C 34 1.05 2.63 12.33
CA LEU C 34 0.19 3.82 12.26
C LEU C 34 -1.15 3.55 12.92
N VAL C 35 -1.79 2.44 12.57
CA VAL C 35 -3.00 1.99 13.25
C VAL C 35 -2.78 1.87 14.75
N VAL C 36 -1.54 1.76 15.19
CA VAL C 36 -1.23 1.82 16.62
C VAL C 36 -1.11 3.28 17.09
N ALA C 37 -0.25 4.02 16.41
CA ALA C 37 0.02 5.42 16.76
C ALA C 37 -1.22 6.29 16.60
N SER C 38 -1.83 6.19 15.43
CA SER C 38 -3.02 6.95 15.10
C SER C 38 -4.23 6.45 15.89
N ALA C 39 -4.15 5.22 16.40
CA ALA C 39 -5.23 4.64 17.22
C ALA C 39 -5.60 5.54 18.40
N GLY C 40 -4.71 6.46 18.71
CA GLY C 40 -4.98 7.43 19.75
C GLY C 40 -3.72 7.92 20.43
N PRO C 41 -3.05 8.94 19.84
CA PRO C 41 -1.90 9.58 20.48
C PRO C 41 -2.24 10.07 21.88
N THR C 42 -3.31 10.85 21.95
CA THR C 42 -3.85 11.29 23.23
C THR C 42 -5.32 10.88 23.33
N SER C 43 -6.08 11.34 22.36
CA SER C 43 -7.49 10.97 22.23
C SER C 43 -7.78 10.71 20.77
N ALA C 44 -8.82 9.92 20.49
CA ALA C 44 -9.27 9.69 19.13
C ALA C 44 -10.33 8.60 19.06
N ARG C 45 -11.21 8.71 18.08
CA ARG C 45 -12.24 7.70 17.86
C ARG C 45 -12.53 7.59 16.37
N GLY D 7 0.88 -11.12 -28.04
CA GLY D 7 2.10 -11.94 -28.24
C GLY D 7 3.33 -11.25 -27.70
N SER D 8 4.30 -12.05 -27.27
CA SER D 8 5.54 -11.54 -26.69
C SER D 8 5.24 -10.65 -25.49
N THR D 9 4.92 -11.28 -24.39
CA THR D 9 4.52 -10.57 -23.19
C THR D 9 5.63 -10.63 -22.12
N ASN D 10 5.22 -10.75 -20.86
CA ASN D 10 6.13 -10.71 -19.70
C ASN D 10 6.45 -9.27 -19.34
N ASP D 11 7.14 -8.57 -20.25
CA ASP D 11 7.46 -7.18 -20.02
C ASP D 11 6.21 -6.33 -20.12
N ASN D 12 5.16 -6.91 -20.68
CA ASN D 12 3.86 -6.25 -20.70
C ASN D 12 3.21 -6.33 -19.32
N ILE D 13 3.67 -7.29 -18.52
CA ILE D 13 3.23 -7.41 -17.13
C ILE D 13 4.09 -6.50 -16.28
N THR D 14 5.39 -6.68 -16.42
CA THR D 14 6.38 -5.96 -15.64
C THR D 14 6.25 -4.46 -15.85
N ALA D 15 5.65 -4.08 -16.96
CA ALA D 15 5.40 -2.68 -17.30
C ALA D 15 4.26 -2.12 -16.46
N ARG D 16 3.37 -3.00 -15.99
CA ARG D 16 2.20 -2.56 -15.26
C ARG D 16 2.49 -2.66 -13.78
N LEU D 17 3.27 -3.66 -13.43
CA LEU D 17 3.68 -3.87 -12.06
C LEU D 17 4.80 -2.90 -11.73
N ASP D 18 5.38 -2.31 -12.76
CA ASP D 18 6.38 -1.27 -12.56
C ASP D 18 5.67 -0.05 -12.03
N ARG D 19 4.42 0.06 -12.43
CA ARG D 19 3.57 1.16 -12.05
C ARG D 19 3.19 0.99 -10.59
N ILE D 20 2.77 -0.22 -10.26
CA ILE D 20 2.48 -0.61 -8.89
C ILE D 20 3.65 -0.24 -7.98
N ASP D 21 4.82 -0.70 -8.35
CA ASP D 21 6.03 -0.49 -7.56
C ASP D 21 6.38 0.97 -7.45
N GLU D 22 6.18 1.67 -8.54
CA GLU D 22 6.28 3.12 -8.56
C GLU D 22 5.31 3.74 -7.55
N LYS D 23 4.12 3.15 -7.44
CA LYS D 23 3.14 3.61 -6.48
C LYS D 23 3.54 3.22 -5.07
N LEU D 24 4.06 2.01 -4.91
CA LEU D 24 4.58 1.54 -3.62
C LEU D 24 5.59 2.54 -3.10
N SER D 25 6.47 2.95 -4.00
CA SER D 25 7.51 3.92 -3.69
C SER D 25 6.92 5.21 -3.12
N GLU D 26 5.68 5.51 -3.50
CA GLU D 26 4.98 6.67 -2.98
C GLU D 26 4.46 6.34 -1.59
N ILE D 27 3.71 5.24 -1.53
CA ILE D 27 3.10 4.79 -0.30
C ILE D 27 4.16 4.59 0.77
N LEU D 28 5.16 3.79 0.44
CA LEU D 28 6.26 3.50 1.35
C LEU D 28 6.82 4.76 1.98
N GLY D 29 7.03 5.78 1.14
CA GLY D 29 7.61 7.02 1.61
C GLY D 29 6.61 7.84 2.38
N MET D 30 5.35 7.70 2.04
CA MET D 30 4.28 8.43 2.69
C MET D 30 4.00 7.85 4.07
N LEU D 31 4.12 6.54 4.23
CA LEU D 31 3.94 5.95 5.54
C LEU D 31 5.18 6.18 6.33
N HIS D 32 6.33 6.20 5.67
CA HIS D 32 7.57 6.60 6.32
C HIS D 32 7.33 7.94 6.97
N THR D 33 6.63 8.76 6.22
CA THR D 33 6.26 10.09 6.66
C THR D 33 5.24 10.03 7.80
N LEU D 34 4.30 9.09 7.69
CA LEU D 34 3.27 8.91 8.69
C LEU D 34 3.81 8.25 9.95
N VAL D 35 4.57 7.17 9.77
CA VAL D 35 5.29 6.55 10.88
C VAL D 35 6.21 7.55 11.58
N VAL D 36 6.54 8.65 10.93
CA VAL D 36 7.23 9.74 11.59
C VAL D 36 6.25 10.66 12.33
N ALA D 37 5.26 11.15 11.58
CA ALA D 37 4.28 12.08 12.12
C ALA D 37 3.44 11.44 13.21
N SER D 38 2.90 10.26 12.91
CA SER D 38 2.08 9.52 13.83
C SER D 38 2.90 8.94 14.98
N ALA D 39 4.22 8.84 14.79
CA ALA D 39 5.12 8.35 15.83
C ALA D 39 4.98 9.13 17.13
N GLY D 40 4.38 10.31 17.02
CA GLY D 40 4.09 11.10 18.19
C GLY D 40 4.04 12.58 17.90
N PRO D 41 2.88 13.09 17.44
CA PRO D 41 2.67 14.52 17.24
C PRO D 41 3.00 15.30 18.52
N THR D 42 2.38 14.90 19.60
CA THR D 42 2.67 15.44 20.91
C THR D 42 3.04 14.31 21.86
N SER D 43 2.14 13.36 22.00
CA SER D 43 2.38 12.15 22.77
C SER D 43 1.82 10.98 22.01
N ALA D 44 2.34 9.77 22.27
CA ALA D 44 1.81 8.55 21.69
C ALA D 44 2.70 7.36 21.99
N ARG D 45 2.09 6.19 22.07
CA ARG D 45 2.81 4.95 22.30
C ARG D 45 2.14 3.81 21.56
N GLY A 7 -4.92 -21.46 -22.56
CA GLY A 7 -5.17 -20.26 -23.40
C GLY A 7 -3.90 -19.45 -23.58
N SER A 8 -4.05 -18.27 -24.16
CA SER A 8 -2.92 -17.37 -24.36
C SER A 8 -2.59 -16.63 -23.09
N THR A 9 -3.58 -15.92 -22.54
CA THR A 9 -3.47 -15.21 -21.27
C THR A 9 -2.47 -14.05 -21.34
N ASN A 10 -2.87 -12.94 -20.75
CA ASN A 10 -2.03 -11.75 -20.61
C ASN A 10 -2.83 -10.64 -19.97
N ASP A 11 -3.93 -10.28 -20.60
CA ASP A 11 -4.85 -9.32 -20.02
C ASP A 11 -5.54 -9.95 -18.82
N ASN A 12 -5.57 -11.27 -18.82
CA ASN A 12 -6.02 -12.03 -17.66
C ASN A 12 -5.15 -11.70 -16.45
N ILE A 13 -3.89 -11.39 -16.70
CA ILE A 13 -2.96 -11.01 -15.65
C ILE A 13 -3.16 -9.55 -15.29
N THR A 14 -3.07 -8.70 -16.30
CA THR A 14 -3.20 -7.27 -16.13
C THR A 14 -4.56 -6.88 -15.56
N ALA A 15 -5.54 -7.77 -15.71
CA ALA A 15 -6.88 -7.56 -15.16
C ALA A 15 -6.86 -7.61 -13.64
N ARG A 16 -5.92 -8.39 -13.11
CA ARG A 16 -5.87 -8.65 -11.68
C ARG A 16 -4.99 -7.60 -11.03
N LEU A 17 -3.98 -7.21 -11.78
CA LEU A 17 -3.02 -6.23 -11.33
C LEU A 17 -3.57 -4.83 -11.57
N ASP A 18 -4.56 -4.74 -12.45
CA ASP A 18 -5.25 -3.47 -12.68
C ASP A 18 -6.04 -3.15 -11.44
N ARG A 19 -6.40 -4.20 -10.74
CA ARG A 19 -7.19 -4.11 -9.53
C ARG A 19 -6.31 -3.58 -8.42
N ILE A 20 -5.12 -4.15 -8.32
CA ILE A 20 -4.11 -3.71 -7.37
C ILE A 20 -3.79 -2.23 -7.58
N ASP A 21 -3.59 -1.86 -8.83
CA ASP A 21 -3.35 -0.46 -9.20
C ASP A 21 -4.55 0.40 -8.80
N GLU A 22 -5.74 -0.10 -9.09
CA GLU A 22 -6.96 0.57 -8.68
C GLU A 22 -7.02 0.76 -7.16
N LYS A 23 -6.44 -0.18 -6.43
CA LYS A 23 -6.47 -0.14 -4.97
C LYS A 23 -5.47 0.87 -4.42
N LEU A 24 -4.26 0.89 -4.97
CA LEU A 24 -3.27 1.86 -4.53
C LEU A 24 -3.68 3.26 -4.91
N SER A 25 -4.49 3.39 -5.94
CA SER A 25 -5.07 4.68 -6.27
C SER A 25 -5.95 5.17 -5.12
N GLU A 26 -6.38 4.23 -4.28
CA GLU A 26 -7.11 4.58 -3.07
C GLU A 26 -6.12 4.86 -1.97
N ILE A 27 -5.16 3.95 -1.81
CA ILE A 27 -4.18 4.04 -0.74
C ILE A 27 -3.34 5.30 -0.88
N LEU A 28 -2.81 5.49 -2.08
CA LEU A 28 -1.99 6.66 -2.39
C LEU A 28 -2.66 7.95 -1.93
N GLY A 29 -3.92 8.11 -2.32
CA GLY A 29 -4.66 9.30 -1.97
C GLY A 29 -5.04 9.30 -0.51
N MET A 30 -5.15 8.10 0.03
CA MET A 30 -5.46 7.88 1.43
C MET A 30 -4.30 8.32 2.31
N LEU A 31 -3.08 8.03 1.88
CA LEU A 31 -1.93 8.42 2.67
C LEU A 31 -1.68 9.87 2.41
N HIS A 32 -1.99 10.32 1.22
CA HIS A 32 -1.96 11.75 0.94
C HIS A 32 -2.81 12.45 1.98
N THR A 33 -3.94 11.83 2.20
CA THR A 33 -4.90 12.28 3.19
C THR A 33 -4.33 12.17 4.60
N LEU A 34 -3.60 11.09 4.84
CA LEU A 34 -2.97 10.83 6.13
C LEU A 34 -1.76 11.73 6.35
N VAL A 35 -0.89 11.82 5.36
CA VAL A 35 0.22 12.79 5.38
C VAL A 35 -0.30 14.20 5.65
N VAL A 36 -1.54 14.47 5.30
CA VAL A 36 -2.16 15.76 5.63
C VAL A 36 -2.64 15.77 7.08
N ALA A 37 -3.44 14.79 7.44
CA ALA A 37 -4.00 14.70 8.78
C ALA A 37 -2.90 14.52 9.82
N SER A 38 -1.97 13.64 9.53
CA SER A 38 -0.85 13.36 10.41
C SER A 38 0.11 14.55 10.46
N ALA A 39 0.05 15.40 9.44
CA ALA A 39 0.86 16.62 9.40
C ALA A 39 0.37 17.63 10.43
N GLY A 40 -0.78 17.35 11.02
CA GLY A 40 -1.35 18.24 12.00
C GLY A 40 -2.86 18.37 11.83
N PRO A 41 -3.64 17.54 12.54
CA PRO A 41 -5.09 17.49 12.37
C PRO A 41 -5.81 18.64 13.07
N THR A 42 -5.48 18.86 14.33
CA THR A 42 -6.17 19.85 15.14
C THR A 42 -5.17 20.67 15.94
N SER A 43 -3.94 20.71 15.44
CA SER A 43 -2.85 21.36 16.14
C SER A 43 -1.65 21.49 15.20
N ALA A 44 -0.45 21.62 15.77
CA ALA A 44 0.80 21.76 15.01
C ALA A 44 0.92 23.14 14.40
N ARG A 45 2.03 23.38 13.72
CA ARG A 45 2.31 24.67 13.11
C ARG A 45 1.35 24.96 11.96
N GLY B 7 6.29 -25.06 -18.01
CA GLY B 7 4.83 -25.29 -17.93
C GLY B 7 4.06 -24.20 -18.63
N SER B 8 2.74 -24.18 -18.45
CA SER B 8 1.90 -23.17 -19.05
C SER B 8 1.95 -21.89 -18.23
N THR B 9 1.62 -22.00 -16.94
CA THR B 9 1.68 -20.89 -15.99
C THR B 9 0.67 -19.78 -16.32
N ASN B 10 0.03 -19.29 -15.27
CA ASN B 10 -0.89 -18.16 -15.35
C ASN B 10 -1.51 -17.93 -13.99
N ASP B 11 -2.16 -18.94 -13.47
CA ASP B 11 -2.70 -18.88 -12.12
C ASP B 11 -1.55 -18.90 -11.14
N ASN B 12 -0.42 -19.42 -11.59
CA ASN B 12 0.83 -19.34 -10.84
C ASN B 12 1.20 -17.88 -10.59
N ILE B 13 0.83 -17.01 -11.52
CA ILE B 13 1.07 -15.59 -11.41
C ILE B 13 0.02 -14.95 -10.52
N THR B 14 -1.23 -15.18 -10.88
CA THR B 14 -2.37 -14.61 -10.18
C THR B 14 -2.42 -15.10 -8.72
N ALA B 15 -1.76 -16.22 -8.45
CA ALA B 15 -1.67 -16.76 -7.10
C ALA B 15 -0.81 -15.87 -6.21
N ARG B 16 0.13 -15.17 -6.82
CA ARG B 16 1.10 -14.39 -6.07
C ARG B 16 0.57 -12.98 -5.93
N LEU B 17 -0.14 -12.56 -6.95
CA LEU B 17 -0.71 -11.24 -6.99
C LEU B 17 -2.04 -11.23 -6.25
N ASP B 18 -2.59 -12.42 -6.04
CA ASP B 18 -3.81 -12.57 -5.25
C ASP B 18 -3.45 -12.26 -3.81
N ARG B 19 -2.19 -12.52 -3.51
CA ARG B 19 -1.64 -12.33 -2.19
C ARG B 19 -1.49 -10.83 -1.94
N ILE B 20 -0.94 -10.15 -2.93
CA ILE B 20 -0.79 -8.70 -2.90
C ILE B 20 -2.15 -8.03 -2.72
N ASP B 21 -3.13 -8.50 -3.49
CA ASP B 21 -4.50 -8.01 -3.38
C ASP B 21 -5.05 -8.29 -1.98
N GLU B 22 -4.80 -9.50 -1.49
CA GLU B 22 -5.17 -9.86 -0.14
C GLU B 22 -4.53 -8.93 0.89
N LYS B 23 -3.34 -8.44 0.60
CA LYS B 23 -2.60 -7.59 1.52
C LYS B 23 -3.16 -6.17 1.51
N LEU B 24 -3.44 -5.63 0.33
CA LEU B 24 -4.01 -4.29 0.25
C LEU B 24 -5.42 -4.27 0.82
N SER B 25 -6.07 -5.42 0.81
CA SER B 25 -7.37 -5.52 1.48
C SER B 25 -7.19 -5.28 2.97
N GLU B 26 -5.96 -5.45 3.46
CA GLU B 26 -5.64 -5.11 4.83
C GLU B 26 -5.27 -3.64 4.91
N ILE B 27 -4.40 -3.22 4.00
CA ILE B 27 -3.89 -1.86 3.98
C ILE B 27 -5.02 -0.88 3.77
N LEU B 28 -5.81 -1.11 2.73
CA LEU B 28 -6.94 -0.27 2.39
C LEU B 28 -7.82 0.00 3.61
N GLY B 29 -8.17 -1.06 4.32
CA GLY B 29 -9.02 -0.91 5.49
C GLY B 29 -8.26 -0.32 6.65
N MET B 30 -6.96 -0.54 6.62
CA MET B 30 -6.04 -0.01 7.61
C MET B 30 -5.93 1.50 7.49
N LEU B 31 -5.87 2.00 6.26
CA LEU B 31 -5.78 3.42 6.06
C LEU B 31 -7.14 4.01 6.27
N HIS B 32 -8.17 3.25 5.92
CA HIS B 32 -9.53 3.66 6.24
C HIS B 32 -9.58 3.93 7.73
N THR B 33 -8.96 3.03 8.45
CA THR B 33 -8.84 3.10 9.88
C THR B 33 -8.00 4.32 10.29
N LEU B 34 -6.94 4.56 9.53
CA LEU B 34 -6.03 5.67 9.79
C LEU B 34 -6.66 7.00 9.40
N VAL B 35 -7.24 7.08 8.21
CA VAL B 35 -8.01 8.23 7.79
C VAL B 35 -9.09 8.58 8.83
N VAL B 36 -9.53 7.58 9.59
CA VAL B 36 -10.46 7.83 10.69
C VAL B 36 -9.73 8.36 11.91
N ALA B 37 -8.71 7.62 12.35
CA ALA B 37 -7.93 7.99 13.53
C ALA B 37 -7.23 9.33 13.32
N SER B 38 -6.60 9.48 12.16
CA SER B 38 -5.89 10.69 11.81
C SER B 38 -6.86 11.85 11.59
N ALA B 39 -8.12 11.53 11.32
CA ALA B 39 -9.16 12.53 11.16
C ALA B 39 -9.49 13.19 12.51
N GLY B 40 -8.96 12.62 13.58
CA GLY B 40 -9.21 13.13 14.90
C GLY B 40 -9.43 12.02 15.91
N PRO B 41 -8.37 11.57 16.59
CA PRO B 41 -8.45 10.41 17.49
C PRO B 41 -9.06 10.75 18.84
N THR B 42 -8.58 11.83 19.45
CA THR B 42 -9.01 12.19 20.79
C THR B 42 -9.26 13.69 20.87
N SER B 43 -9.55 14.29 19.72
CA SER B 43 -9.70 15.73 19.61
C SER B 43 -10.30 16.06 18.25
N ALA B 44 -10.08 17.30 17.80
CA ALA B 44 -10.57 17.78 16.50
C ALA B 44 -12.08 18.03 16.55
N ARG B 45 -12.62 18.50 15.44
CA ARG B 45 -14.03 18.83 15.33
C ARG B 45 -14.89 17.58 15.41
N GLY C 7 11.83 -15.97 -24.47
CA GLY C 7 12.06 -17.01 -23.45
C GLY C 7 10.74 -17.56 -22.92
N SER C 8 10.82 -18.38 -21.88
CA SER C 8 9.65 -18.95 -21.27
C SER C 8 8.98 -17.93 -20.34
N THR C 9 9.76 -17.43 -19.38
CA THR C 9 9.32 -16.40 -18.44
C THR C 9 8.19 -16.88 -17.51
N ASN C 10 8.33 -16.51 -16.25
CA ASN C 10 7.32 -16.79 -15.23
C ASN C 10 7.82 -16.31 -13.89
N ASP C 11 8.96 -16.84 -13.48
CA ASP C 11 9.63 -16.38 -12.27
C ASP C 11 10.16 -14.98 -12.50
N ASN C 12 10.36 -14.67 -13.77
CA ASN C 12 10.70 -13.30 -14.17
C ASN C 12 9.59 -12.34 -13.76
N ILE C 13 8.37 -12.83 -13.74
CA ILE C 13 7.21 -12.05 -13.32
C ILE C 13 7.14 -12.01 -11.81
N THR C 14 7.13 -13.20 -11.22
CA THR C 14 7.02 -13.36 -9.78
C THR C 14 8.19 -12.71 -9.05
N ALA C 15 9.29 -12.50 -9.76
CA ALA C 15 10.47 -11.83 -9.22
C ALA C 15 10.19 -10.35 -8.96
N ARG C 16 9.28 -9.80 -9.74
CA ARG C 16 9.01 -8.37 -9.70
C ARG C 16 7.89 -8.12 -8.72
N LEU C 17 6.98 -9.08 -8.68
CA LEU C 17 5.84 -9.00 -7.81
C LEU C 17 6.21 -9.49 -6.42
N ASP C 18 7.33 -10.20 -6.34
CA ASP C 18 7.86 -10.62 -5.04
C ASP C 18 8.36 -9.39 -4.33
N ARG C 19 8.74 -8.42 -5.15
CA ARG C 19 9.27 -7.17 -4.67
C ARG C 19 8.15 -6.36 -4.08
N ILE C 20 7.04 -6.30 -4.82
CA ILE C 20 5.83 -5.63 -4.37
C ILE C 20 5.36 -6.23 -3.05
N ASP C 21 5.34 -7.55 -3.00
CA ASP C 21 4.97 -8.27 -1.76
C ASP C 21 5.93 -7.91 -0.64
N GLU C 22 7.22 -7.89 -0.97
CA GLU C 22 8.25 -7.48 -0.03
C GLU C 22 8.00 -6.06 0.48
N LYS C 23 7.43 -5.22 -0.37
CA LYS C 23 7.20 -3.82 -0.03
C LYS C 23 5.99 -3.67 0.88
N LEU C 24 4.90 -4.38 0.58
CA LEU C 24 3.72 -4.33 1.43
C LEU C 24 3.99 -4.96 2.77
N SER C 25 4.96 -5.86 2.82
CA SER C 25 5.40 -6.42 4.10
C SER C 25 5.97 -5.29 4.96
N GLU C 26 6.38 -4.19 4.31
CA GLU C 26 6.82 -3.01 5.03
C GLU C 26 5.61 -2.16 5.36
N ILE C 27 4.79 -1.93 4.34
CA ILE C 27 3.62 -1.07 4.47
C ILE C 27 2.66 -1.62 5.50
N LEU C 28 2.32 -2.89 5.36
CA LEU C 28 1.42 -3.58 6.27
C LEU C 28 1.81 -3.34 7.72
N GLY C 29 3.08 -3.58 8.01
CA GLY C 29 3.57 -3.41 9.37
C GLY C 29 3.68 -1.95 9.74
N MET C 30 3.86 -1.13 8.72
CA MET C 30 3.93 0.30 8.85
C MET C 30 2.60 0.88 9.24
N LEU C 31 1.53 0.36 8.66
CA LEU C 31 0.21 0.85 8.99
C LEU C 31 -0.19 0.24 10.29
N HIS C 32 0.26 -0.97 10.54
CA HIS C 32 0.09 -1.58 11.86
C HIS C 32 0.63 -0.63 12.89
N THR C 33 1.77 -0.09 12.54
CA THR C 33 2.47 0.89 13.35
C THR C 33 1.67 2.18 13.43
N LEU C 34 1.06 2.55 12.31
CA LEU C 34 0.26 3.77 12.23
C LEU C 34 -1.07 3.59 12.92
N VAL C 35 -1.77 2.50 12.65
CA VAL C 35 -2.98 2.13 13.39
C VAL C 35 -2.73 2.14 14.89
N VAL C 36 -1.49 1.91 15.30
CA VAL C 36 -1.12 2.01 16.71
C VAL C 36 -0.93 3.47 17.11
N ALA C 37 -0.06 4.17 16.38
CA ALA C 37 0.24 5.56 16.67
C ALA C 37 -0.99 6.44 16.54
N SER C 38 -1.73 6.24 15.46
CA SER C 38 -2.94 6.99 15.18
C SER C 38 -4.05 6.61 16.16
N ALA C 39 -3.92 5.44 16.78
CA ALA C 39 -4.87 5.00 17.80
C ALA C 39 -4.72 5.82 19.08
N GLY C 40 -3.67 6.63 19.12
CA GLY C 40 -3.41 7.44 20.29
C GLY C 40 -1.93 7.48 20.64
N PRO C 41 -1.18 8.46 20.13
CA PRO C 41 0.26 8.51 20.30
C PRO C 41 0.68 9.03 21.67
N THR C 42 0.10 10.14 22.09
CA THR C 42 0.49 10.78 23.33
C THR C 42 -0.75 11.22 24.11
N SER C 43 -1.86 10.55 23.85
CA SER C 43 -3.14 10.92 24.42
C SER C 43 -4.15 9.80 24.14
N ALA C 44 -5.44 10.16 24.17
CA ALA C 44 -6.53 9.22 23.93
C ALA C 44 -6.74 8.28 25.11
N ARG C 45 -7.72 7.41 24.99
CA ARG C 45 -8.06 6.47 26.07
C ARG C 45 -6.95 5.44 26.28
N GLY D 7 0.70 -12.29 -29.00
CA GLY D 7 2.14 -11.95 -28.93
C GLY D 7 2.86 -12.76 -27.88
N SER D 8 4.10 -12.41 -27.60
CA SER D 8 4.89 -13.10 -26.60
C SER D 8 4.51 -12.63 -25.21
N THR D 9 4.61 -11.32 -24.99
CA THR D 9 4.22 -10.67 -23.73
C THR D 9 5.10 -11.11 -22.55
N ASN D 10 5.47 -10.12 -21.74
CA ASN D 10 6.22 -10.34 -20.51
C ASN D 10 6.55 -9.00 -19.89
N ASP D 11 7.24 -8.16 -20.63
CA ASP D 11 7.50 -6.81 -20.21
C ASP D 11 6.21 -6.02 -20.22
N ASN D 12 5.27 -6.50 -21.02
CA ASN D 12 3.91 -5.97 -21.02
C ASN D 12 3.28 -6.13 -19.63
N ILE D 13 3.70 -7.17 -18.93
CA ILE D 13 3.24 -7.44 -17.57
C ILE D 13 4.01 -6.58 -16.58
N THR D 14 5.32 -6.71 -16.65
CA THR D 14 6.22 -5.99 -15.76
C THR D 14 6.07 -4.48 -15.90
N ALA D 15 5.54 -4.04 -17.05
CA ALA D 15 5.30 -2.63 -17.30
C ALA D 15 4.18 -2.10 -16.41
N ARG D 16 3.28 -2.99 -16.03
CA ARG D 16 2.09 -2.60 -15.30
C ARG D 16 2.37 -2.72 -13.82
N LEU D 17 3.18 -3.70 -13.50
CA LEU D 17 3.56 -3.96 -12.14
C LEU D 17 4.72 -3.07 -11.75
N ASP D 18 5.39 -2.50 -12.75
CA ASP D 18 6.45 -1.53 -12.50
C ASP D 18 5.80 -0.28 -11.98
N ARG D 19 4.56 -0.11 -12.38
CA ARG D 19 3.76 1.04 -12.01
C ARG D 19 3.36 0.90 -10.55
N ILE D 20 2.89 -0.28 -10.20
CA ILE D 20 2.54 -0.62 -8.83
C ILE D 20 3.73 -0.41 -7.91
N ASP D 21 4.89 -0.90 -8.34
CA ASP D 21 6.14 -0.72 -7.59
C ASP D 21 6.46 0.77 -7.47
N GLU D 22 6.29 1.49 -8.58
CA GLU D 22 6.47 2.94 -8.58
C GLU D 22 5.53 3.62 -7.58
N LYS D 23 4.35 3.04 -7.40
CA LYS D 23 3.35 3.62 -6.51
C LYS D 23 3.68 3.36 -5.05
N LEU D 24 4.10 2.15 -4.73
CA LEU D 24 4.48 1.83 -3.36
C LEU D 24 5.74 2.57 -2.96
N SER D 25 6.55 2.92 -3.94
CA SER D 25 7.70 3.78 -3.68
C SER D 25 7.21 5.14 -3.15
N GLU D 26 5.96 5.46 -3.44
CA GLU D 26 5.34 6.65 -2.89
C GLU D 26 4.77 6.34 -1.53
N ILE D 27 4.02 5.23 -1.47
CA ILE D 27 3.34 4.82 -0.25
C ILE D 27 4.34 4.54 0.85
N LEU D 28 5.33 3.72 0.55
CA LEU D 28 6.38 3.35 1.48
C LEU D 28 6.96 4.59 2.16
N GLY D 29 7.34 5.56 1.35
CA GLY D 29 7.93 6.78 1.89
C GLY D 29 6.89 7.64 2.57
N MET D 30 5.66 7.47 2.12
CA MET D 30 4.52 8.17 2.68
C MET D 30 4.21 7.68 4.08
N LEU D 31 4.32 6.38 4.29
CA LEU D 31 4.05 5.84 5.60
C LEU D 31 5.26 6.08 6.45
N HIS D 32 6.42 6.08 5.84
CA HIS D 32 7.64 6.50 6.53
C HIS D 32 7.39 7.86 7.12
N THR D 33 6.78 8.67 6.29
CA THR D 33 6.39 10.02 6.64
C THR D 33 5.31 10.01 7.74
N LEU D 34 4.40 9.07 7.62
CA LEU D 34 3.31 8.93 8.58
C LEU D 34 3.80 8.32 9.89
N VAL D 35 4.57 7.24 9.81
CA VAL D 35 5.23 6.69 10.98
C VAL D 35 6.04 7.76 11.72
N VAL D 36 6.48 8.79 11.00
CA VAL D 36 7.15 9.91 11.64
C VAL D 36 6.14 10.86 12.28
N ALA D 37 5.18 11.30 11.48
CA ALA D 37 4.16 12.24 11.94
C ALA D 37 3.31 11.63 13.05
N SER D 38 2.89 10.39 12.84
CA SER D 38 2.09 9.67 13.81
C SER D 38 2.91 9.31 15.04
N ALA D 39 4.23 9.31 14.91
CA ALA D 39 5.12 9.08 16.04
C ALA D 39 5.12 10.26 17.00
N GLY D 40 4.48 11.34 16.58
CA GLY D 40 4.42 12.53 17.40
C GLY D 40 4.61 13.79 16.58
N PRO D 41 3.52 14.41 16.09
CA PRO D 41 3.59 15.55 15.20
C PRO D 41 3.91 16.86 15.93
N THR D 42 3.17 17.13 16.98
CA THR D 42 3.29 18.39 17.69
C THR D 42 3.32 18.15 19.20
N SER D 43 3.71 16.94 19.58
CA SER D 43 3.68 16.53 20.96
C SER D 43 4.45 15.21 21.11
N ALA D 44 4.15 14.46 22.16
CA ALA D 44 4.79 13.17 22.45
C ALA D 44 6.21 13.36 22.96
N ARG D 45 6.87 12.26 23.28
CA ARG D 45 8.22 12.28 23.84
C ARG D 45 9.22 12.79 22.80
N GLY A 7 -7.62 -15.74 -24.36
CA GLY A 7 -6.52 -16.66 -24.74
C GLY A 7 -5.18 -15.95 -24.73
N SER A 8 -4.10 -16.75 -24.70
CA SER A 8 -2.73 -16.23 -24.71
C SER A 8 -2.42 -15.44 -23.42
N THR A 9 -3.34 -15.54 -22.46
CA THR A 9 -3.26 -14.85 -21.17
C THR A 9 -2.69 -13.42 -21.30
N ASN A 10 -1.85 -13.01 -20.34
CA ASN A 10 -1.30 -11.66 -20.25
C ASN A 10 -2.35 -10.69 -19.73
N ASP A 11 -3.43 -10.53 -20.48
CA ASP A 11 -4.52 -9.65 -20.07
C ASP A 11 -5.20 -10.24 -18.84
N ASN A 12 -5.06 -11.54 -18.68
CA ASN A 12 -5.58 -12.21 -17.51
C ASN A 12 -4.78 -11.81 -16.27
N ILE A 13 -3.56 -11.34 -16.49
CA ILE A 13 -2.73 -10.81 -15.42
C ILE A 13 -3.05 -9.34 -15.22
N THR A 14 -2.98 -8.61 -16.32
CA THR A 14 -3.20 -7.18 -16.33
C THR A 14 -4.59 -6.82 -15.82
N ALA A 15 -5.49 -7.80 -15.86
CA ALA A 15 -6.85 -7.64 -15.36
C ALA A 15 -6.86 -7.67 -13.84
N ARG A 16 -5.88 -8.36 -13.27
CA ARG A 16 -5.84 -8.57 -11.84
C ARG A 16 -5.02 -7.49 -11.18
N LEU A 17 -3.97 -7.11 -11.87
CA LEU A 17 -3.11 -6.04 -11.45
C LEU A 17 -3.80 -4.72 -11.68
N ASP A 18 -4.84 -4.76 -12.50
CA ASP A 18 -5.68 -3.59 -12.74
C ASP A 18 -6.39 -3.26 -11.44
N ARG A 19 -6.67 -4.31 -10.71
CA ARG A 19 -7.34 -4.22 -9.44
C ARG A 19 -6.39 -3.67 -8.39
N ILE A 20 -5.18 -4.22 -8.37
CA ILE A 20 -4.15 -3.80 -7.43
C ILE A 20 -3.89 -2.29 -7.56
N ASP A 21 -3.78 -1.83 -8.80
CA ASP A 21 -3.63 -0.39 -9.05
C ASP A 21 -4.86 0.38 -8.57
N GLU A 22 -6.02 -0.16 -8.87
CA GLU A 22 -7.29 0.40 -8.38
C GLU A 22 -7.28 0.51 -6.86
N LYS A 23 -6.63 -0.43 -6.20
CA LYS A 23 -6.57 -0.44 -4.75
C LYS A 23 -5.60 0.61 -4.23
N LEU A 24 -4.39 0.63 -4.77
CA LEU A 24 -3.40 1.61 -4.34
C LEU A 24 -3.82 3.01 -4.72
N SER A 25 -4.64 3.14 -5.74
CA SER A 25 -5.20 4.44 -6.08
C SER A 25 -6.05 4.96 -4.92
N GLU A 26 -6.52 4.05 -4.08
CA GLU A 26 -7.25 4.41 -2.88
C GLU A 26 -6.25 4.71 -1.79
N ILE A 27 -5.30 3.79 -1.64
CA ILE A 27 -4.28 3.89 -0.62
C ILE A 27 -3.50 5.17 -0.77
N LEU A 28 -2.92 5.34 -1.96
CA LEU A 28 -2.15 6.53 -2.31
C LEU A 28 -2.82 7.81 -1.84
N GLY A 29 -4.08 7.95 -2.22
CA GLY A 29 -4.82 9.16 -1.90
C GLY A 29 -5.15 9.23 -0.43
N MET A 30 -5.31 8.07 0.18
CA MET A 30 -5.65 8.00 1.59
C MET A 30 -4.44 8.30 2.47
N LEU A 31 -3.24 7.96 2.02
CA LEU A 31 -2.05 8.30 2.78
C LEU A 31 -1.73 9.74 2.53
N HIS A 32 -2.02 10.22 1.34
CA HIS A 32 -1.90 11.64 1.05
C HIS A 32 -2.75 12.39 2.05
N THR A 33 -3.90 11.81 2.28
CA THR A 33 -4.84 12.31 3.26
C THR A 33 -4.26 12.22 4.67
N LEU A 34 -3.54 11.13 4.91
CA LEU A 34 -2.90 10.88 6.19
C LEU A 34 -1.67 11.76 6.37
N VAL A 35 -0.81 11.82 5.37
CA VAL A 35 0.31 12.78 5.36
C VAL A 35 -0.18 14.21 5.63
N VAL A 36 -1.46 14.47 5.37
CA VAL A 36 -2.05 15.75 5.73
C VAL A 36 -2.54 15.76 7.18
N ALA A 37 -3.37 14.80 7.53
CA ALA A 37 -3.95 14.72 8.87
C ALA A 37 -2.90 14.38 9.92
N SER A 38 -1.99 13.52 9.56
CA SER A 38 -0.92 13.13 10.45
C SER A 38 0.08 14.28 10.56
N ALA A 39 0.08 15.15 9.56
CA ALA A 39 0.88 16.38 9.57
C ALA A 39 0.23 17.46 10.43
N GLY A 40 -0.76 17.07 11.21
CA GLY A 40 -1.48 18.00 12.05
C GLY A 40 -0.68 18.47 13.25
N PRO A 41 -0.75 17.76 14.38
CA PRO A 41 -0.02 18.12 15.58
C PRO A 41 1.43 17.71 15.49
N THR A 42 1.75 17.02 14.41
CA THR A 42 3.08 16.50 14.21
C THR A 42 3.55 16.85 12.80
N SER A 43 4.86 16.92 12.60
CA SER A 43 5.42 17.23 11.29
C SER A 43 5.02 18.64 10.88
N ALA A 44 4.73 19.46 11.87
CA ALA A 44 4.24 20.80 11.63
C ALA A 44 4.87 21.76 12.63
N ARG A 45 6.20 21.78 12.64
CA ARG A 45 6.98 22.60 13.55
C ARG A 45 6.71 22.20 15.00
N GLY B 7 0.36 -25.92 -15.08
CA GLY B 7 0.94 -25.72 -16.44
C GLY B 7 0.38 -24.49 -17.12
N SER B 8 1.08 -24.02 -18.15
CA SER B 8 0.65 -22.85 -18.94
C SER B 8 0.67 -21.58 -18.10
N THR B 9 1.25 -21.68 -16.90
CA THR B 9 1.34 -20.59 -15.93
C THR B 9 0.07 -19.72 -15.88
N ASN B 10 0.25 -18.41 -15.74
CA ASN B 10 -0.85 -17.44 -15.58
C ASN B 10 -1.41 -17.51 -14.17
N ASP B 11 -1.96 -18.65 -13.80
CA ASP B 11 -2.49 -18.84 -12.46
C ASP B 11 -1.36 -18.82 -11.46
N ASN B 12 -0.17 -19.13 -11.94
CA ASN B 12 1.02 -19.04 -11.11
C ASN B 12 1.36 -17.59 -10.79
N ILE B 13 0.82 -16.68 -11.59
CA ILE B 13 0.97 -15.26 -11.34
C ILE B 13 -0.18 -14.79 -10.47
N THR B 14 -1.38 -15.13 -10.90
CA THR B 14 -2.60 -14.74 -10.23
C THR B 14 -2.66 -15.29 -8.81
N ALA B 15 -1.86 -16.32 -8.56
CA ALA B 15 -1.74 -16.93 -7.23
C ALA B 15 -0.89 -16.06 -6.32
N ARG B 16 -0.04 -15.23 -6.91
CA ARG B 16 0.91 -14.45 -6.15
C ARG B 16 0.37 -13.06 -5.95
N LEU B 17 -0.31 -12.59 -6.98
CA LEU B 17 -0.98 -11.32 -6.94
C LEU B 17 -2.24 -11.44 -6.10
N ASP B 18 -2.63 -12.69 -5.86
CA ASP B 18 -3.77 -12.97 -4.99
C ASP B 18 -3.38 -12.58 -3.58
N ARG B 19 -2.10 -12.73 -3.33
CA ARG B 19 -1.50 -12.42 -2.06
C ARG B 19 -1.41 -10.91 -1.89
N ILE B 20 -0.93 -10.26 -2.93
CA ILE B 20 -0.77 -8.81 -2.94
C ILE B 20 -2.11 -8.13 -2.66
N ASP B 21 -3.17 -8.62 -3.31
CA ASP B 21 -4.51 -8.11 -3.05
C ASP B 21 -4.92 -8.39 -1.61
N GLU B 22 -4.63 -9.60 -1.15
CA GLU B 22 -4.88 -9.99 0.23
C GLU B 22 -4.17 -9.03 1.20
N LYS B 23 -3.00 -8.54 0.79
CA LYS B 23 -2.22 -7.64 1.62
C LYS B 23 -2.83 -6.25 1.63
N LEU B 24 -3.12 -5.70 0.46
CA LEU B 24 -3.71 -4.38 0.37
C LEU B 24 -5.10 -4.35 0.95
N SER B 25 -5.77 -5.50 0.97
CA SER B 25 -7.06 -5.61 1.64
C SER B 25 -6.90 -5.32 3.13
N GLU B 26 -5.67 -5.49 3.64
CA GLU B 26 -5.37 -5.15 5.01
C GLU B 26 -5.03 -3.68 5.07
N ILE B 27 -4.16 -3.27 4.15
CA ILE B 27 -3.68 -1.91 4.09
C ILE B 27 -4.84 -0.95 3.90
N LEU B 28 -5.61 -1.19 2.85
CA LEU B 28 -6.80 -0.40 2.51
C LEU B 28 -7.65 -0.11 3.74
N GLY B 29 -7.98 -1.16 4.46
CA GLY B 29 -8.84 -1.03 5.61
C GLY B 29 -8.13 -0.36 6.77
N MET B 30 -6.83 -0.54 6.82
CA MET B 30 -6.02 0.02 7.89
C MET B 30 -5.79 1.51 7.67
N LEU B 31 -5.73 1.95 6.42
CA LEU B 31 -5.60 3.37 6.18
C LEU B 31 -6.95 4.01 6.32
N HIS B 32 -7.99 3.28 5.97
CA HIS B 32 -9.35 3.73 6.24
C HIS B 32 -9.46 4.02 7.71
N THR B 33 -8.87 3.12 8.47
CA THR B 33 -8.79 3.23 9.90
C THR B 33 -7.95 4.44 10.30
N LEU B 34 -6.89 4.67 9.54
CA LEU B 34 -5.99 5.80 9.77
C LEU B 34 -6.63 7.11 9.34
N VAL B 35 -7.21 7.15 8.14
CA VAL B 35 -7.99 8.29 7.70
C VAL B 35 -9.08 8.65 8.72
N VAL B 36 -9.45 7.70 9.58
CA VAL B 36 -10.36 7.98 10.68
C VAL B 36 -9.61 8.51 11.90
N ALA B 37 -8.62 7.76 12.35
CA ALA B 37 -7.86 8.13 13.54
C ALA B 37 -6.99 9.36 13.32
N SER B 38 -6.43 9.46 12.14
CA SER B 38 -5.63 10.60 11.77
C SER B 38 -6.53 11.81 11.54
N ALA B 39 -7.81 11.54 11.26
CA ALA B 39 -8.83 12.57 11.15
C ALA B 39 -9.29 13.04 12.54
N GLY B 40 -8.56 12.66 13.56
CA GLY B 40 -8.91 13.02 14.92
C GLY B 40 -8.67 14.48 15.25
N PRO B 41 -7.46 14.82 15.73
CA PRO B 41 -7.12 16.20 16.06
C PRO B 41 -6.81 17.01 14.82
N THR B 42 -6.81 16.33 13.69
CA THR B 42 -6.45 16.95 12.45
C THR B 42 -7.47 16.57 11.38
N SER B 43 -7.62 17.41 10.36
CA SER B 43 -8.58 17.15 9.28
C SER B 43 -10.01 17.15 9.83
N ALA B 44 -10.17 17.85 10.94
CA ALA B 44 -11.44 17.88 11.64
C ALA B 44 -11.71 19.29 12.16
N ARG B 45 -11.71 20.23 11.23
CA ARG B 45 -11.92 21.65 11.52
C ARG B 45 -10.81 22.15 12.45
N GLY C 7 14.00 -18.59 -18.89
CA GLY C 7 13.14 -18.91 -20.04
C GLY C 7 11.73 -19.25 -19.60
N SER C 8 10.78 -19.18 -20.54
CA SER C 8 9.38 -19.51 -20.29
C SER C 8 8.73 -18.52 -19.32
N THR C 9 9.47 -17.43 -19.05
CA THR C 9 9.06 -16.37 -18.13
C THR C 9 8.32 -16.91 -16.88
N ASN C 10 7.28 -16.20 -16.45
CA ASN C 10 6.54 -16.51 -15.22
C ASN C 10 7.33 -16.09 -14.00
N ASP C 11 8.49 -16.71 -13.80
CA ASP C 11 9.36 -16.36 -12.68
C ASP C 11 9.89 -14.95 -12.87
N ASN C 12 9.90 -14.50 -14.11
CA ASN C 12 10.29 -13.14 -14.43
C ASN C 12 9.23 -12.16 -13.94
N ILE C 13 8.02 -12.67 -13.71
CA ILE C 13 6.95 -11.86 -13.14
C ILE C 13 7.00 -11.98 -11.63
N THR C 14 7.05 -13.22 -11.18
CA THR C 14 7.06 -13.54 -9.76
C THR C 14 8.28 -12.94 -9.05
N ALA C 15 9.29 -12.61 -9.84
CA ALA C 15 10.50 -11.98 -9.35
C ALA C 15 10.27 -10.49 -9.08
N ARG C 16 9.26 -9.94 -9.74
CA ARG C 16 9.01 -8.51 -9.67
C ARG C 16 7.93 -8.24 -8.66
N LEU C 17 6.98 -9.16 -8.63
CA LEU C 17 5.92 -9.13 -7.66
C LEU C 17 6.45 -9.57 -6.31
N ASP C 18 7.65 -10.17 -6.34
CA ASP C 18 8.33 -10.57 -5.11
C ASP C 18 8.73 -9.30 -4.39
N ARG C 19 9.01 -8.31 -5.20
CA ARG C 19 9.41 -7.01 -4.74
C ARG C 19 8.23 -6.28 -4.15
N ILE C 20 7.13 -6.29 -4.89
CA ILE C 20 5.90 -5.64 -4.47
C ILE C 20 5.45 -6.16 -3.09
N ASP C 21 5.51 -7.47 -2.92
CA ASP C 21 5.21 -8.08 -1.62
C ASP C 21 6.21 -7.63 -0.57
N GLU C 22 7.47 -7.62 -0.95
CA GLU C 22 8.53 -7.10 -0.08
C GLU C 22 8.24 -5.66 0.36
N LYS C 23 7.63 -4.90 -0.53
CA LYS C 23 7.30 -3.51 -0.26
C LYS C 23 6.12 -3.39 0.70
N LEU C 24 5.04 -4.09 0.40
CA LEU C 24 3.85 -4.06 1.25
C LEU C 24 4.13 -4.69 2.59
N SER C 25 5.10 -5.59 2.65
CA SER C 25 5.53 -6.15 3.92
C SER C 25 6.06 -5.03 4.82
N GLU C 26 6.51 -3.94 4.20
CA GLU C 26 6.95 -2.77 4.93
C GLU C 26 5.73 -1.93 5.27
N ILE C 27 4.92 -1.71 4.25
CA ILE C 27 3.73 -0.88 4.37
C ILE C 27 2.80 -1.45 5.44
N LEU C 28 2.44 -2.72 5.25
CA LEU C 28 1.58 -3.45 6.17
C LEU C 28 1.97 -3.21 7.62
N GLY C 29 3.25 -3.41 7.91
CA GLY C 29 3.74 -3.29 9.27
C GLY C 29 3.78 -1.85 9.71
N MET C 30 3.99 -0.96 8.75
CA MET C 30 4.07 0.45 9.03
C MET C 30 2.71 1.06 9.29
N LEU C 31 1.67 0.53 8.65
CA LEU C 31 0.33 1.02 8.93
C LEU C 31 -0.15 0.39 10.21
N HIS C 32 0.28 -0.84 10.46
CA HIS C 32 0.02 -1.46 11.75
C HIS C 32 0.56 -0.55 12.83
N THR C 33 1.72 -0.02 12.53
CA THR C 33 2.39 0.93 13.39
C THR C 33 1.57 2.23 13.48
N LEU C 34 0.98 2.60 12.36
CA LEU C 34 0.17 3.80 12.27
C LEU C 34 -1.18 3.59 12.94
N VAL C 35 -1.85 2.50 12.64
CA VAL C 35 -3.06 2.11 13.36
C VAL C 35 -2.84 2.08 14.87
N VAL C 36 -1.58 1.97 15.30
CA VAL C 36 -1.26 2.09 16.71
C VAL C 36 -1.04 3.55 17.11
N ALA C 37 -0.16 4.23 16.41
CA ALA C 37 0.17 5.62 16.73
C ALA C 37 -0.99 6.56 16.43
N SER C 38 -1.69 6.30 15.36
CA SER C 38 -2.84 7.08 14.98
C SER C 38 -3.99 6.77 15.94
N ALA C 39 -3.94 5.59 16.56
CA ALA C 39 -4.88 5.21 17.61
C ALA C 39 -4.56 5.88 18.94
N GLY C 40 -3.68 6.86 18.90
CA GLY C 40 -3.27 7.55 20.10
C GLY C 40 -4.33 8.48 20.66
N PRO C 41 -4.36 9.75 20.23
CA PRO C 41 -5.34 10.72 20.70
C PRO C 41 -6.68 10.51 20.01
N THR C 42 -6.70 9.59 19.08
CA THR C 42 -7.87 9.34 18.30
C THR C 42 -8.13 7.84 18.25
N SER C 43 -9.39 7.44 18.03
CA SER C 43 -9.75 6.02 17.97
C SER C 43 -9.48 5.35 19.31
N ALA C 44 -9.49 6.15 20.36
CA ALA C 44 -9.16 5.68 21.69
C ALA C 44 -10.08 6.32 22.70
N ARG C 45 -11.38 6.15 22.48
CA ARG C 45 -12.43 6.71 23.33
C ARG C 45 -12.36 8.24 23.31
N GLY D 7 6.02 -8.47 -28.11
CA GLY D 7 5.68 -9.91 -28.30
C GLY D 7 6.19 -10.77 -27.17
N SER D 8 5.61 -11.97 -27.04
CA SER D 8 6.01 -12.94 -26.01
C SER D 8 5.67 -12.44 -24.61
N THR D 9 4.90 -11.34 -24.57
CA THR D 9 4.48 -10.67 -23.34
C THR D 9 5.58 -10.65 -22.27
N ASN D 10 5.19 -10.85 -21.01
CA ASN D 10 6.10 -10.77 -19.85
C ASN D 10 6.39 -9.31 -19.52
N ASP D 11 7.03 -8.62 -20.44
CA ASP D 11 7.33 -7.20 -20.25
C ASP D 11 6.05 -6.41 -20.22
N ASN D 12 5.01 -6.96 -20.83
CA ASN D 12 3.70 -6.35 -20.79
C ASN D 12 3.11 -6.44 -19.39
N ILE D 13 3.64 -7.35 -18.58
CA ILE D 13 3.26 -7.46 -17.19
C ILE D 13 4.16 -6.57 -16.35
N THR D 14 5.44 -6.74 -16.56
CA THR D 14 6.47 -6.00 -15.82
C THR D 14 6.33 -4.50 -16.04
N ALA D 15 5.65 -4.13 -17.11
CA ALA D 15 5.39 -2.74 -17.45
C ALA D 15 4.28 -2.18 -16.58
N ARG D 16 3.44 -3.06 -16.06
CA ARG D 16 2.26 -2.66 -15.32
C ARG D 16 2.56 -2.72 -13.85
N LEU D 17 3.33 -3.71 -13.50
CA LEU D 17 3.80 -3.87 -12.14
C LEU D 17 4.91 -2.87 -11.87
N ASP D 18 5.41 -2.27 -12.94
CA ASP D 18 6.41 -1.21 -12.83
C ASP D 18 5.72 -0.01 -12.22
N ARG D 19 4.44 0.08 -12.55
CA ARG D 19 3.60 1.13 -12.07
C ARG D 19 3.27 0.94 -10.62
N ILE D 20 2.88 -0.28 -10.29
CA ILE D 20 2.54 -0.66 -8.93
C ILE D 20 3.69 -0.35 -7.97
N ASP D 21 4.90 -0.70 -8.39
CA ASP D 21 6.09 -0.38 -7.61
C ASP D 21 6.27 1.13 -7.51
N GLU D 22 6.08 1.80 -8.63
CA GLU D 22 6.11 3.27 -8.67
C GLU D 22 5.12 3.87 -7.68
N LYS D 23 3.99 3.19 -7.50
CA LYS D 23 2.96 3.66 -6.59
C LYS D 23 3.35 3.44 -5.15
N LEU D 24 3.77 2.22 -4.82
CA LEU D 24 4.18 1.91 -3.45
C LEU D 24 5.42 2.66 -3.06
N SER D 25 6.23 3.04 -4.04
CA SER D 25 7.38 3.89 -3.77
C SER D 25 6.91 5.24 -3.21
N GLU D 26 5.65 5.60 -3.50
CA GLU D 26 5.07 6.79 -2.93
C GLU D 26 4.51 6.45 -1.56
N ILE D 27 3.78 5.35 -1.52
CA ILE D 27 3.12 4.90 -0.31
C ILE D 27 4.16 4.66 0.78
N LEU D 28 5.13 3.82 0.46
CA LEU D 28 6.22 3.48 1.37
C LEU D 28 6.79 4.71 2.05
N GLY D 29 7.13 5.70 1.25
CA GLY D 29 7.75 6.90 1.77
C GLY D 29 6.76 7.75 2.53
N MET D 30 5.50 7.66 2.13
CA MET D 30 4.45 8.43 2.75
C MET D 30 4.06 7.85 4.10
N LEU D 31 4.15 6.53 4.25
CA LEU D 31 3.87 5.94 5.55
C LEU D 31 5.06 6.13 6.42
N HIS D 32 6.24 6.12 5.84
CA HIS D 32 7.45 6.46 6.57
C HIS D 32 7.26 7.82 7.17
N THR D 33 6.67 8.67 6.36
CA THR D 33 6.32 10.02 6.75
C THR D 33 5.26 9.99 7.86
N LEU D 34 4.33 9.05 7.73
CA LEU D 34 3.26 8.88 8.70
C LEU D 34 3.78 8.25 9.98
N VAL D 35 4.54 7.18 9.87
CA VAL D 35 5.23 6.60 11.02
C VAL D 35 6.04 7.66 11.77
N VAL D 36 6.39 8.75 11.10
CA VAL D 36 7.04 9.87 11.77
C VAL D 36 6.02 10.82 12.40
N ALA D 37 5.06 11.28 11.59
CA ALA D 37 4.06 12.23 12.05
C ALA D 37 3.09 11.59 13.04
N SER D 38 2.75 10.37 12.79
CA SER D 38 1.86 9.63 13.67
C SER D 38 2.61 9.26 14.95
N ALA D 39 3.94 9.22 14.85
CA ALA D 39 4.81 9.02 16.01
C ALA D 39 4.95 10.30 16.84
N GLY D 40 4.11 11.27 16.54
CA GLY D 40 4.15 12.56 17.24
C GLY D 40 3.66 12.50 18.66
N PRO D 41 2.35 12.70 18.88
CA PRO D 41 1.75 12.65 20.22
C PRO D 41 1.56 11.22 20.68
N THR D 42 1.85 10.30 19.80
CA THR D 42 1.64 8.91 20.06
C THR D 42 2.89 8.13 19.66
N SER D 43 3.10 6.96 20.27
CA SER D 43 4.26 6.13 19.96
C SER D 43 5.54 6.86 20.34
N ALA D 44 5.42 7.78 21.28
CA ALA D 44 6.51 8.62 21.68
C ALA D 44 6.49 8.83 23.19
N ARG D 45 6.51 7.71 23.91
CA ARG D 45 6.45 7.71 25.37
C ARG D 45 5.15 8.31 25.85
#